data_3HO8
#
_entry.id   3HO8
#
_cell.length_a   96.586
_cell.length_b   164.466
_cell.length_c   373.346
_cell.angle_alpha   90.000
_cell.angle_beta   90.000
_cell.angle_gamma   90.000
#
_symmetry.space_group_name_H-M   'P 21 21 21'
#
loop_
_entity.id
_entity.type
_entity.pdbx_description
1 polymer 'Pyruvate carboxylase'
2 non-polymer 'COENZYME A'
3 non-polymer 'MANGANESE (II) ION'
4 non-polymer 5-(HEXAHYDRO-2-OXO-1H-THIENO[3,4-D]IMIDAZOL-6-YL)PENTANAL
#
_entity_poly.entity_id   1
_entity_poly.type   'polypeptide(L)'
_entity_poly.pdbx_seq_one_letter_code
;MKQIKKLLVANRGEIAIRIFRAAAELDISTVAIYSNEDKSSLHRYKADESYLVGSDLGPAESYLNIERIIDVAKQANVDA
IHPGYGFLSENEQFARRCAEEGIKFIGPHLEHLDMFGDKVKARTTAIKADLPVIPGTDGPIKSYELAKEFAEEAGFPLMI
KATSGGGGKGMRIVREESELEDAFHRAKSEAEKSFGNSEVYIERYIDNPKHIEVQVIGDEHGNIVHLFERDCSVQRRHQK
VVEVAPSVGLSPTLRQRICDAAIQLMENIKYVNAGTVEFLVSGDEFFFIEVNPRVQVEHTITEMVTGIDIVKTQILVAAG
ADLFGEEINMPQQKDITTLGYAIQCRITTEDPLNDFMPDTGTIIAYRSSGGFGVRLDAGDGFQGAEISPYYDSLLVKLST
HAISFKQAEEKMVRSLREMRIRGVKTNIPFLINVMKNKKFTSGDYTTKFIEETPELFDIQPSLDRGTKTLEYIGNVTING
FPNVEKRPKPDYELASIPTVSSSKIASFSGTKQLLDEVGPKGVAEWVKKQDDVLLTDTTFRDAHQSLLATRVRTKDMINI
ASKTADVFKDGFSLEMWGGATFDVAYNFLKENPWERLERLRKAIPNVLFQMLLRASNAVGYKNYPDNVIHKFVQESAKAG
IDVFRIFDSLNWVDQMKVANEAVQEAGKISEGTICYTGDILNPERSNIYTLEYYVKLAKELEREGFHILAIKDMAGLLKP
KAAYELIGELKSAVDLPIHLHTHDTSGNGLLTYKQAIDAGVDIIDTAVASMSGLTSQPSANSLYYALNGFPRHLRTDIEG
MESLSHYWSTVRTYYSDFESDIKSPNTEIYQHEMPGGQYSNLSQQAKSLGLGERFDEVKDMYRRVNFLFGDIVKVTPSSK
VVGDMALYMVQNDLDEQSVITDGYKLDFPESVVSFFKGEIGQPVNGFNKDLQAVILKGQEALTARPGEYLEPVDFEKVRE
LLEEEQQGPVTEQDIISYVLYPKVYEQYIQTRNQYGNLSLLDTPTFFFGMRNGETVEIEIDKGKRLIIKLETISEPDENG
NRTIYYAMNGQARRIYIKDENVHTNANVKPKADKSNPSHIGAQMPGSVTEVKVSVGETVKANQPLLITEAMKMETTIQAP
FDGVIKQVTVNNGDTIATGDLLIEIEKATD
;
_entity_poly.pdbx_strand_id   A,D,C,B
#
loop_
_chem_comp.id
_chem_comp.type
_chem_comp.name
_chem_comp.formula
BTI non-polymer 5-(HEXAHYDRO-2-OXO-1H-THIENO[3,4-D]IMIDAZOL-6-YL)PENTANAL 'C10 H16 N2 O2 S'
COA non-polymer 'COENZYME A' 'C21 H36 N7 O16 P3 S'
MN non-polymer 'MANGANESE (II) ION' 'Mn 2'
#
# COMPACT_ATOMS: atom_id res chain seq x y z
N GLN A 3 -29.56 -51.76 28.24
CA GLN A 3 -29.08 -51.59 29.65
C GLN A 3 -28.18 -50.37 29.81
N ILE A 4 -27.38 -50.05 28.79
CA ILE A 4 -26.56 -48.82 28.80
C ILE A 4 -26.85 -47.90 27.62
N LYS A 5 -27.78 -46.99 27.84
CA LYS A 5 -28.13 -46.04 26.79
C LYS A 5 -26.95 -45.14 26.47
N LYS A 6 -26.22 -44.70 27.49
CA LYS A 6 -25.18 -43.68 27.28
C LYS A 6 -23.95 -43.75 28.21
N LEU A 7 -22.77 -43.81 27.60
CA LEU A 7 -21.48 -43.97 28.31
C LEU A 7 -20.56 -42.75 28.18
N LEU A 8 -20.07 -42.29 29.33
CA LEU A 8 -19.16 -41.14 29.42
C LEU A 8 -17.74 -41.57 29.81
N VAL A 9 -16.75 -41.14 29.05
CA VAL A 9 -15.36 -41.45 29.38
C VAL A 9 -14.73 -40.32 30.18
N ALA A 10 -14.47 -40.60 31.46
CA ALA A 10 -13.81 -39.65 32.33
C ALA A 10 -12.29 -39.79 32.19
N ASN A 11 -11.83 -39.70 30.95
CA ASN A 11 -10.41 -39.72 30.65
C ASN A 11 -10.08 -38.98 29.36
N ARG A 12 -8.89 -39.25 28.80
CA ARG A 12 -8.40 -38.50 27.65
C ARG A 12 -7.49 -39.36 26.79
N GLY A 13 -6.85 -38.74 25.81
CA GLY A 13 -5.92 -39.43 24.92
C GLY A 13 -6.31 -40.80 24.41
N GLU A 14 -5.33 -41.69 24.36
CA GLU A 14 -5.47 -43.02 23.76
C GLU A 14 -6.54 -43.89 24.41
N ILE A 15 -6.63 -43.83 25.73
CA ILE A 15 -7.56 -44.70 26.43
C ILE A 15 -9.00 -44.33 26.11
N ALA A 16 -9.29 -43.04 26.13
CA ALA A 16 -10.59 -42.51 25.77
C ALA A 16 -11.09 -43.11 24.45
N ILE A 17 -10.21 -43.10 23.45
CA ILE A 17 -10.53 -43.59 22.13
C ILE A 17 -10.75 -45.10 22.17
N ARG A 18 -9.86 -45.80 22.84
CA ARG A 18 -10.00 -47.24 23.00
C ARG A 18 -11.40 -47.55 23.56
N ILE A 19 -11.78 -46.87 24.64
CA ILE A 19 -13.10 -47.03 25.22
C ILE A 19 -14.23 -46.76 24.22
N PHE A 20 -14.18 -45.59 23.57
CA PHE A 20 -15.18 -45.15 22.57
C PHE A 20 -15.43 -46.18 21.47
N ARG A 21 -14.35 -46.65 20.84
CA ARG A 21 -14.38 -47.70 19.82
C ARG A 21 -15.07 -48.96 20.30
N ALA A 22 -14.65 -49.47 21.46
CA ALA A 22 -15.39 -50.56 22.09
C ALA A 22 -16.89 -50.21 22.21
N ALA A 23 -17.22 -49.12 22.89
CA ALA A 23 -18.64 -48.74 23.09
C ALA A 23 -19.43 -48.59 21.80
N ALA A 24 -18.83 -47.98 20.76
CA ALA A 24 -19.52 -47.80 19.47
C ALA A 24 -19.85 -49.14 18.83
N GLU A 25 -19.00 -50.14 19.07
CA GLU A 25 -19.27 -51.49 18.62
C GLU A 25 -20.49 -52.07 19.29
N LEU A 26 -20.77 -51.65 20.52
CA LEU A 26 -22.00 -52.06 21.22
C LEU A 26 -23.18 -51.16 20.89
N ASP A 27 -22.96 -50.27 19.92
CA ASP A 27 -23.92 -49.26 19.53
C ASP A 27 -24.52 -48.58 20.74
N ILE A 28 -23.62 -48.14 21.62
CA ILE A 28 -23.95 -47.33 22.78
C ILE A 28 -23.61 -45.90 22.39
N SER A 29 -24.31 -44.94 23.00
CA SER A 29 -24.05 -43.53 22.71
C SER A 29 -22.88 -43.01 23.56
N THR A 30 -21.97 -42.25 22.96
CA THR A 30 -20.72 -41.87 23.67
C THR A 30 -20.56 -40.37 24.05
N VAL A 31 -20.13 -40.12 25.29
CA VAL A 31 -19.92 -38.76 25.78
C VAL A 31 -18.46 -38.55 26.19
N ALA A 32 -17.88 -37.43 25.77
CA ALA A 32 -16.46 -37.13 26.04
C ALA A 32 -16.31 -35.85 26.84
N ILE A 33 -15.45 -35.88 27.83
CA ILE A 33 -15.13 -34.67 28.58
C ILE A 33 -13.73 -34.15 28.22
N TYR A 34 -13.55 -32.83 28.30
CA TYR A 34 -12.28 -32.21 27.96
C TYR A 34 -11.92 -30.96 28.77
N SER A 35 -10.62 -30.78 28.96
CA SER A 35 -10.03 -29.62 29.59
C SER A 35 -9.82 -28.54 28.56
N ASN A 36 -9.75 -27.29 29.00
CA ASN A 36 -9.45 -26.18 28.10
C ASN A 36 -8.32 -26.56 27.15
N GLU A 37 -7.28 -27.16 27.71
CA GLU A 37 -6.04 -27.50 26.98
C GLU A 37 -6.24 -28.60 25.92
N ASP A 38 -7.16 -29.51 26.20
CA ASP A 38 -7.52 -30.56 25.25
C ASP A 38 -8.54 -30.10 24.19
N LYS A 39 -8.93 -28.83 24.24
CA LYS A 39 -9.78 -28.27 23.19
C LYS A 39 -9.42 -28.79 21.79
N SER A 40 -8.13 -28.97 21.51
CA SER A 40 -7.69 -29.40 20.18
C SER A 40 -7.36 -30.90 20.10
N SER A 41 -7.70 -31.65 21.15
CA SER A 41 -7.48 -33.11 21.21
C SER A 41 -8.13 -33.90 20.06
N LEU A 42 -7.84 -35.20 20.00
CA LEU A 42 -8.48 -36.10 19.04
C LEU A 42 -9.69 -36.78 19.67
N HIS A 43 -9.65 -36.99 20.98
CA HIS A 43 -10.62 -37.89 21.61
C HIS A 43 -12.03 -37.29 21.73
N ARG A 44 -12.13 -35.98 21.62
CA ARG A 44 -13.41 -35.34 21.84
C ARG A 44 -14.40 -35.71 20.75
N TYR A 45 -13.90 -35.84 19.53
CA TYR A 45 -14.76 -36.20 18.41
C TYR A 45 -14.65 -37.67 18.02
N LYS A 46 -14.34 -38.51 19.00
CA LYS A 46 -14.41 -39.94 18.79
C LYS A 46 -15.69 -40.37 19.48
N ALA A 47 -16.29 -39.41 20.16
CA ALA A 47 -17.53 -39.63 20.88
C ALA A 47 -18.67 -38.85 20.24
N ASP A 48 -19.87 -39.40 20.41
CA ASP A 48 -21.10 -38.78 19.93
C ASP A 48 -21.30 -37.38 20.49
N GLU A 49 -20.94 -37.18 21.75
CA GLU A 49 -21.09 -35.88 22.43
C GLU A 49 -19.82 -35.49 23.17
N SER A 50 -19.66 -34.20 23.48
CA SER A 50 -18.40 -33.67 24.05
C SER A 50 -18.59 -32.39 24.88
N TYR A 51 -18.10 -32.38 26.13
CA TYR A 51 -18.27 -31.21 27.02
C TYR A 51 -17.04 -30.72 27.77
N LEU A 52 -16.73 -29.44 27.60
CA LEU A 52 -15.78 -28.76 28.48
C LEU A 52 -16.25 -28.92 29.92
N VAL A 53 -15.36 -29.42 30.76
CA VAL A 53 -15.74 -29.71 32.13
C VAL A 53 -15.91 -28.42 32.92
N GLY A 54 -15.04 -27.45 32.68
CA GLY A 54 -15.17 -26.15 33.31
C GLY A 54 -14.09 -25.18 32.87
N SER A 55 -14.49 -24.10 32.20
CA SER A 55 -13.53 -23.09 31.73
C SER A 55 -12.62 -22.63 32.87
N ASP A 56 -13.12 -22.75 34.09
CA ASP A 56 -12.36 -22.38 35.31
C ASP A 56 -11.45 -23.51 35.78
N LEU A 57 -11.69 -24.72 35.29
CA LEU A 57 -10.84 -25.86 35.59
C LEU A 57 -9.64 -25.94 34.65
N GLY A 58 -8.45 -25.79 35.23
CA GLY A 58 -7.20 -25.91 34.49
C GLY A 58 -6.89 -27.35 34.15
N PRO A 59 -5.87 -27.56 33.30
CA PRO A 59 -5.45 -28.81 32.64
C PRO A 59 -5.73 -30.07 33.44
N ALA A 60 -5.25 -30.09 34.68
CA ALA A 60 -5.35 -31.25 35.53
C ALA A 60 -6.71 -31.31 36.19
N GLU A 61 -7.13 -30.18 36.77
CA GLU A 61 -8.40 -30.09 37.50
C GLU A 61 -9.59 -30.70 36.75
N SER A 62 -9.65 -30.47 35.42
CA SER A 62 -10.75 -30.94 34.57
C SER A 62 -11.06 -32.43 34.70
N TYR A 63 -10.03 -33.26 34.63
CA TYR A 63 -10.24 -34.70 34.65
C TYR A 63 -10.21 -35.28 36.04
N LEU A 64 -10.23 -34.41 37.06
CA LEU A 64 -10.06 -34.83 38.45
C LEU A 64 -11.16 -34.36 39.40
N ASN A 65 -11.95 -33.38 38.98
CA ASN A 65 -12.99 -32.89 39.86
C ASN A 65 -14.19 -33.78 39.82
N ILE A 66 -14.38 -34.52 40.90
CA ILE A 66 -15.45 -35.50 41.02
C ILE A 66 -16.81 -34.88 40.68
N GLU A 67 -17.20 -33.83 41.41
CA GLU A 67 -18.55 -33.30 41.30
C GLU A 67 -18.85 -32.65 39.94
N ARG A 68 -17.85 -31.97 39.39
CA ARG A 68 -18.02 -31.28 38.12
C ARG A 68 -18.07 -32.24 36.93
N ILE A 69 -17.37 -33.38 37.05
CA ILE A 69 -17.44 -34.47 36.08
C ILE A 69 -18.77 -35.25 36.21
N ILE A 70 -19.23 -35.44 37.45
CA ILE A 70 -20.57 -35.98 37.71
C ILE A 70 -21.60 -35.09 37.01
N ASP A 71 -21.50 -33.78 37.24
CA ASP A 71 -22.42 -32.82 36.68
C ASP A 71 -22.70 -33.10 35.20
N VAL A 72 -21.65 -33.17 34.39
CA VAL A 72 -21.80 -33.44 32.94
C VAL A 72 -22.65 -34.68 32.69
N ALA A 73 -22.26 -35.80 33.30
CA ALA A 73 -23.03 -37.05 33.25
C ALA A 73 -24.52 -36.83 33.54
N LYS A 74 -24.80 -36.15 34.64
CA LYS A 74 -26.16 -35.87 35.05
C LYS A 74 -26.90 -35.05 33.99
N GLN A 75 -26.24 -34.01 33.49
CA GLN A 75 -26.82 -33.11 32.49
C GLN A 75 -26.98 -33.77 31.12
N ALA A 76 -26.14 -34.74 30.82
CA ALA A 76 -26.20 -35.43 29.53
C ALA A 76 -26.99 -36.75 29.59
N ASN A 77 -27.70 -36.99 30.69
CA ASN A 77 -28.47 -38.23 30.88
C ASN A 77 -27.62 -39.46 30.64
N VAL A 78 -26.51 -39.55 31.37
CA VAL A 78 -25.52 -40.58 31.17
C VAL A 78 -25.81 -41.79 32.03
N ASP A 79 -25.88 -42.97 31.39
CA ASP A 79 -26.10 -44.26 32.07
C ASP A 79 -24.97 -44.62 33.00
N ALA A 80 -23.75 -44.61 32.46
CA ALA A 80 -22.55 -45.22 33.06
C ALA A 80 -21.25 -44.56 32.63
N ILE A 81 -20.27 -44.54 33.55
CA ILE A 81 -18.96 -43.94 33.30
C ILE A 81 -17.81 -44.98 33.25
N HIS A 82 -16.94 -44.85 32.27
CA HIS A 82 -15.66 -45.59 32.30
C HIS A 82 -14.55 -44.64 32.66
N PRO A 83 -13.78 -44.97 33.71
CA PRO A 83 -12.74 -44.09 34.20
C PRO A 83 -11.39 -44.26 33.47
N GLY A 84 -11.20 -45.37 32.74
CA GLY A 84 -9.97 -45.66 32.04
C GLY A 84 -8.88 -46.00 33.03
N TYR A 85 -7.66 -45.54 32.78
CA TYR A 85 -6.57 -45.72 33.75
C TYR A 85 -6.00 -44.41 34.28
N GLY A 86 -5.36 -44.48 35.45
CA GLY A 86 -4.52 -43.40 36.01
C GLY A 86 -5.06 -41.97 36.05
N PHE A 87 -6.22 -41.79 36.69
CA PHE A 87 -6.79 -40.47 36.98
C PHE A 87 -7.70 -40.68 38.18
N LEU A 88 -9.01 -40.59 37.94
CA LEU A 88 -10.01 -40.98 38.94
C LEU A 88 -10.35 -42.48 38.87
N SER A 89 -9.57 -43.23 38.09
CA SER A 89 -9.83 -44.64 37.83
C SER A 89 -9.71 -45.52 39.07
N GLU A 90 -8.85 -45.10 39.98
CA GLU A 90 -8.54 -45.85 41.18
C GLU A 90 -9.01 -45.02 42.38
N ASN A 91 -10.26 -44.58 42.35
CA ASN A 91 -10.78 -43.65 43.35
C ASN A 91 -12.13 -44.09 43.91
N GLU A 92 -12.16 -44.37 45.21
CA GLU A 92 -13.35 -44.89 45.88
C GLU A 92 -14.44 -43.84 46.00
N GLN A 93 -14.02 -42.59 46.16
CA GLN A 93 -14.92 -41.46 46.37
C GLN A 93 -15.73 -41.14 45.10
N PHE A 94 -15.06 -41.12 43.94
CA PHE A 94 -15.71 -40.84 42.67
C PHE A 94 -16.68 -41.95 42.31
N ALA A 95 -16.21 -43.19 42.31
CA ALA A 95 -17.08 -44.33 42.09
C ALA A 95 -18.27 -44.30 43.04
N ARG A 96 -18.04 -43.85 44.29
CA ARG A 96 -19.08 -43.77 45.33
C ARG A 96 -20.25 -42.90 44.93
N ARG A 97 -19.95 -41.72 44.41
CA ARG A 97 -20.96 -40.75 44.00
C ARG A 97 -21.67 -41.24 42.73
N CYS A 98 -20.92 -41.80 41.79
CA CYS A 98 -21.52 -42.41 40.61
C CYS A 98 -22.73 -43.25 41.03
N ALA A 99 -22.47 -44.27 41.85
CA ALA A 99 -23.50 -45.23 42.23
C ALA A 99 -24.58 -44.55 43.02
N GLU A 100 -24.27 -43.38 43.56
CA GLU A 100 -25.21 -42.63 44.35
C GLU A 100 -26.11 -41.77 43.48
N GLU A 101 -25.59 -41.35 42.32
CA GLU A 101 -26.34 -40.51 41.40
C GLU A 101 -27.00 -41.32 40.30
N GLY A 102 -26.91 -42.65 40.41
CA GLY A 102 -27.54 -43.54 39.43
C GLY A 102 -26.68 -43.91 38.22
N ILE A 103 -25.42 -43.48 38.23
CA ILE A 103 -24.45 -43.89 37.21
C ILE A 103 -23.87 -45.27 37.57
N LYS A 104 -23.24 -45.93 36.60
CA LYS A 104 -22.59 -47.21 36.83
C LYS A 104 -21.11 -47.07 36.52
N PHE A 105 -20.32 -46.97 37.59
CA PHE A 105 -18.88 -46.90 37.49
C PHE A 105 -18.40 -48.19 36.86
N ILE A 106 -17.63 -48.08 35.78
CA ILE A 106 -17.14 -49.26 35.09
C ILE A 106 -15.79 -49.72 35.68
N GLY A 107 -15.88 -50.48 36.76
CA GLY A 107 -14.73 -51.05 37.47
C GLY A 107 -15.23 -52.10 38.44
N PRO A 108 -14.50 -52.36 39.55
CA PRO A 108 -14.98 -53.32 40.55
C PRO A 108 -15.80 -52.65 41.66
N HIS A 109 -16.50 -53.46 42.46
CA HIS A 109 -17.40 -52.96 43.50
C HIS A 109 -16.68 -52.05 44.48
N LEU A 110 -17.44 -51.30 45.26
CA LEU A 110 -16.91 -50.20 46.06
C LEU A 110 -15.69 -50.58 46.90
N GLU A 111 -15.85 -51.58 47.76
CA GLU A 111 -14.83 -52.00 48.72
C GLU A 111 -13.61 -52.62 48.07
N HIS A 112 -13.77 -53.13 46.85
CA HIS A 112 -12.64 -53.57 46.03
C HIS A 112 -11.67 -52.44 45.77
N LEU A 113 -12.23 -51.28 45.35
CA LEU A 113 -11.42 -50.08 45.12
C LEU A 113 -10.61 -49.73 46.34
N ASP A 114 -11.27 -49.75 47.51
CA ASP A 114 -10.63 -49.58 48.84
C ASP A 114 -9.56 -50.62 49.12
N MET A 115 -9.99 -51.84 49.36
CA MET A 115 -9.15 -53.04 49.47
C MET A 115 -7.72 -52.91 48.95
N PHE A 116 -7.57 -52.52 47.68
CA PHE A 116 -6.26 -52.40 47.02
C PHE A 116 -5.80 -50.96 46.76
N GLY A 117 -6.49 -49.99 47.35
CA GLY A 117 -6.18 -48.56 47.15
C GLY A 117 -4.97 -48.10 47.94
N ASP A 118 -4.56 -48.93 48.90
CA ASP A 118 -3.48 -48.62 49.83
C ASP A 118 -2.49 -49.78 49.93
N LYS A 119 -1.20 -49.46 49.91
CA LYS A 119 -0.13 -50.46 49.99
C LYS A 119 -0.28 -51.39 51.19
N VAL A 120 -0.76 -50.85 52.29
CA VAL A 120 -0.88 -51.58 53.55
C VAL A 120 -2.08 -52.55 53.53
N LYS A 121 -3.29 -52.01 53.44
CA LYS A 121 -4.52 -52.82 53.45
C LYS A 121 -4.50 -53.95 52.42
N ALA A 122 -3.97 -53.66 51.23
CA ALA A 122 -3.83 -54.63 50.15
C ALA A 122 -2.91 -55.80 50.52
N ARG A 123 -1.74 -55.47 51.05
CA ARG A 123 -0.78 -56.46 51.54
C ARG A 123 -1.41 -57.44 52.54
N THR A 124 -2.24 -56.90 53.46
CA THR A 124 -2.91 -57.71 54.49
C THR A 124 -4.04 -58.58 53.93
N THR A 125 -4.72 -58.10 52.89
CA THR A 125 -5.73 -58.89 52.18
C THR A 125 -5.09 -59.70 51.04
N ALA A 126 -3.86 -60.15 51.27
CA ALA A 126 -3.10 -60.96 50.33
C ALA A 126 -2.36 -62.06 51.09
N ILE A 127 -1.97 -61.73 52.32
CA ILE A 127 -1.51 -62.73 53.28
C ILE A 127 -2.72 -63.55 53.73
N LYS A 128 -3.87 -62.88 53.77
CA LYS A 128 -5.14 -63.51 54.11
C LYS A 128 -5.59 -64.51 53.03
N ALA A 129 -5.41 -64.14 51.78
CA ALA A 129 -5.78 -65.01 50.66
C ALA A 129 -4.76 -66.12 50.41
N ASP A 130 -3.78 -66.24 51.30
CA ASP A 130 -2.78 -67.33 51.28
C ASP A 130 -1.83 -67.18 50.08
N LEU A 131 -1.12 -66.05 50.04
CA LEU A 131 -0.18 -65.76 48.95
C LEU A 131 1.20 -65.32 49.45
N PRO A 132 2.25 -65.57 48.65
CA PRO A 132 3.59 -65.14 49.01
C PRO A 132 3.75 -63.62 49.01
N VAL A 133 4.17 -63.06 50.14
CA VAL A 133 4.43 -61.63 50.29
C VAL A 133 5.89 -61.41 50.68
N ILE A 134 6.48 -60.32 50.20
CA ILE A 134 7.86 -59.96 50.53
C ILE A 134 7.93 -59.61 52.02
N PRO A 135 8.86 -60.25 52.76
CA PRO A 135 8.95 -60.01 54.21
C PRO A 135 9.45 -58.60 54.59
N GLY A 136 8.69 -57.91 55.43
CA GLY A 136 9.05 -56.59 55.97
C GLY A 136 8.42 -56.32 57.34
N THR A 137 8.27 -55.04 57.69
CA THR A 137 7.63 -54.57 58.95
C THR A 137 6.17 -55.10 59.10
N ASP A 138 5.50 -54.76 60.19
CA ASP A 138 4.12 -55.21 60.38
C ASP A 138 3.09 -54.07 60.52
N ARG A 204 12.83 -58.20 52.80
CA ARG A 204 13.86 -58.93 52.07
C ARG A 204 14.08 -58.28 50.72
N TYR A 205 15.14 -57.49 50.60
CA TYR A 205 15.43 -56.80 49.34
C TYR A 205 15.61 -57.79 48.17
N ILE A 206 14.76 -57.63 47.16
CA ILE A 206 14.77 -58.53 46.01
C ILE A 206 15.98 -58.33 45.10
N ASP A 207 16.63 -59.45 44.78
CA ASP A 207 17.88 -59.47 44.02
C ASP A 207 17.59 -59.66 42.54
N ASN A 208 17.57 -58.54 41.80
CA ASN A 208 17.42 -58.51 40.34
C ASN A 208 16.21 -59.32 39.81
N PRO A 209 14.99 -58.77 39.95
CA PRO A 209 13.74 -59.49 39.65
C PRO A 209 13.15 -59.27 38.26
N LYS A 210 12.19 -60.12 37.88
CA LYS A 210 11.46 -60.02 36.62
C LYS A 210 9.99 -59.60 36.88
N HIS A 211 9.60 -58.46 36.31
CA HIS A 211 8.24 -57.90 36.50
C HIS A 211 7.18 -58.60 35.65
N ILE A 212 6.23 -59.25 36.31
CA ILE A 212 5.23 -60.11 35.67
C ILE A 212 3.80 -59.79 36.16
N GLU A 213 2.87 -59.65 35.23
CA GLU A 213 1.47 -59.35 35.52
C GLU A 213 0.54 -60.38 34.89
N VAL A 214 -0.65 -60.52 35.44
CA VAL A 214 -1.63 -61.52 34.99
C VAL A 214 -3.00 -60.87 34.78
N GLN A 215 -3.48 -60.89 33.54
CA GLN A 215 -4.74 -60.23 33.22
C GLN A 215 -5.92 -60.99 33.81
N VAL A 216 -6.56 -60.36 34.79
CA VAL A 216 -7.75 -60.88 35.40
C VAL A 216 -8.97 -60.10 34.94
N ILE A 217 -10.04 -60.82 34.61
CA ILE A 217 -11.37 -60.24 34.45
C ILE A 217 -12.39 -61.19 35.05
N GLY A 218 -13.19 -60.67 35.98
CA GLY A 218 -14.35 -61.38 36.50
C GLY A 218 -15.62 -60.58 36.28
N ASP A 219 -16.78 -61.17 36.60
CA ASP A 219 -18.03 -60.42 36.44
C ASP A 219 -18.84 -60.26 37.73
N GLU A 220 -20.14 -60.00 37.60
CA GLU A 220 -20.98 -59.66 38.75
C GLU A 220 -21.84 -60.83 39.21
N HIS A 221 -21.32 -62.05 39.00
CA HIS A 221 -22.04 -63.29 39.36
C HIS A 221 -21.07 -64.37 39.81
N GLY A 222 -19.88 -63.95 40.26
CA GLY A 222 -18.86 -64.87 40.80
C GLY A 222 -18.08 -65.70 39.79
N ASN A 223 -17.98 -65.20 38.56
CA ASN A 223 -17.18 -65.86 37.53
C ASN A 223 -15.96 -65.03 37.20
N ILE A 224 -14.78 -65.63 37.32
CA ILE A 224 -13.54 -64.94 36.96
C ILE A 224 -12.67 -65.84 36.09
N VAL A 225 -11.99 -65.24 35.13
CA VAL A 225 -10.90 -65.92 34.41
C VAL A 225 -9.62 -65.06 34.42
N HIS A 226 -8.51 -65.66 34.03
CA HIS A 226 -7.29 -64.92 33.76
C HIS A 226 -6.99 -65.11 32.29
N LEU A 227 -6.36 -64.09 31.69
CA LEU A 227 -5.98 -64.16 30.29
C LEU A 227 -4.45 -64.15 30.19
N PHE A 228 -3.84 -65.03 30.98
CA PHE A 228 -2.40 -65.24 31.00
C PHE A 228 -1.61 -64.00 31.40
N GLU A 229 -0.29 -64.09 31.28
CA GLU A 229 0.62 -63.12 31.87
C GLU A 229 1.18 -62.18 30.83
N ARG A 230 1.77 -61.07 31.29
CA ARG A 230 2.59 -60.23 30.44
C ARG A 230 3.78 -59.69 31.21
N ASP A 231 4.97 -59.96 30.69
CA ASP A 231 6.23 -59.43 31.20
C ASP A 231 6.27 -57.91 31.09
N CYS A 232 6.87 -57.25 32.07
CA CYS A 232 7.07 -55.80 32.04
C CYS A 232 8.44 -55.42 32.62
N SER A 233 9.37 -56.38 32.59
CA SER A 233 10.71 -56.21 33.13
C SER A 233 11.53 -55.13 32.44
N VAL A 234 11.29 -54.91 31.16
CA VAL A 234 11.97 -53.87 30.42
C VAL A 234 11.43 -52.52 30.91
N GLN A 235 11.99 -52.05 32.04
CA GLN A 235 11.57 -50.80 32.68
C GLN A 235 12.77 -50.04 33.23
N ARG A 236 12.61 -48.74 33.46
CA ARG A 236 13.74 -47.90 33.91
C ARG A 236 13.59 -47.27 35.30
N ARG A 237 12.52 -46.51 35.52
CA ARG A 237 12.27 -45.87 36.82
C ARG A 237 11.07 -46.53 37.49
N HIS A 238 9.91 -45.87 37.40
CA HIS A 238 8.61 -46.45 37.72
C HIS A 238 7.85 -46.44 36.40
N GLN A 239 8.62 -46.61 35.34
CA GLN A 239 8.10 -46.48 33.98
C GLN A 239 8.36 -47.76 33.22
N LYS A 240 7.31 -48.53 32.97
CA LYS A 240 7.40 -49.68 32.10
C LYS A 240 7.43 -49.15 30.67
N VAL A 241 8.26 -49.73 29.81
CA VAL A 241 8.37 -49.25 28.42
C VAL A 241 8.10 -50.34 27.38
N VAL A 242 8.57 -51.54 27.64
CA VAL A 242 8.36 -52.64 26.72
C VAL A 242 7.81 -53.88 27.42
N GLU A 243 6.53 -54.14 27.14
CA GLU A 243 5.81 -55.29 27.66
C GLU A 243 5.68 -56.37 26.59
N VAL A 244 5.75 -57.63 27.03
CA VAL A 244 5.60 -58.78 26.15
C VAL A 244 4.56 -59.74 26.71
N ALA A 245 3.65 -60.19 25.84
CA ALA A 245 2.69 -61.18 26.24
C ALA A 245 2.69 -62.35 25.27
N PRO A 246 2.82 -63.59 25.78
CA PRO A 246 3.15 -63.90 27.17
C PRO A 246 4.68 -63.98 27.33
N SER A 247 5.14 -64.48 28.48
CA SER A 247 6.57 -64.64 28.73
C SER A 247 7.23 -65.61 27.75
N VAL A 248 8.55 -65.48 27.60
CA VAL A 248 9.30 -66.35 26.69
C VAL A 248 9.96 -67.53 27.42
N GLY A 249 10.84 -67.23 28.37
CA GLY A 249 11.71 -68.24 28.97
C GLY A 249 11.21 -68.91 30.24
N LEU A 250 10.01 -68.55 30.69
CA LEU A 250 9.45 -69.11 31.93
C LEU A 250 8.79 -70.46 31.74
N SER A 251 9.05 -71.35 32.70
CA SER A 251 8.51 -72.70 32.70
C SER A 251 6.99 -72.63 32.65
N PRO A 252 6.34 -73.53 31.86
CA PRO A 252 4.88 -73.55 31.81
C PRO A 252 4.25 -73.91 33.16
N THR A 253 5.08 -74.45 34.08
CA THR A 253 4.69 -74.68 35.48
C THR A 253 4.88 -73.42 36.32
N LEU A 254 6.09 -72.87 36.29
CA LEU A 254 6.38 -71.60 36.95
C LEU A 254 5.25 -70.65 36.58
N ARG A 255 5.04 -70.50 35.27
CA ARG A 255 3.97 -69.69 34.70
C ARG A 255 2.60 -70.02 35.28
N GLN A 256 2.35 -71.30 35.55
CA GLN A 256 1.07 -71.77 36.08
C GLN A 256 0.82 -71.42 37.55
N ARG A 257 1.88 -71.41 38.36
CA ARG A 257 1.77 -71.03 39.78
C ARG A 257 1.49 -69.53 39.99
N ILE A 258 2.02 -68.71 39.09
CA ILE A 258 1.81 -67.27 39.13
C ILE A 258 0.34 -66.95 38.86
N CYS A 259 -0.21 -67.56 37.81
CA CYS A 259 -1.61 -67.39 37.41
C CYS A 259 -2.55 -67.97 38.44
N ASP A 260 -2.18 -69.13 39.00
CA ASP A 260 -2.94 -69.77 40.06
C ASP A 260 -3.02 -68.84 41.26
N ALA A 261 -1.88 -68.28 41.66
CA ALA A 261 -1.85 -67.29 42.73
C ALA A 261 -2.69 -66.04 42.40
N ALA A 262 -2.69 -65.62 41.14
CA ALA A 262 -3.53 -64.50 40.71
C ALA A 262 -5.02 -64.81 40.82
N ILE A 263 -5.41 -66.04 40.48
CA ILE A 263 -6.80 -66.48 40.61
C ILE A 263 -7.10 -66.85 42.07
N GLN A 264 -6.09 -67.35 42.78
CA GLN A 264 -6.19 -67.61 44.22
C GLN A 264 -6.68 -66.37 44.93
N LEU A 265 -5.96 -65.27 44.71
CA LEU A 265 -6.25 -64.00 45.33
C LEU A 265 -7.61 -63.48 44.91
N MET A 266 -7.78 -63.30 43.61
CA MET A 266 -8.96 -62.63 43.06
C MET A 266 -10.30 -63.27 43.39
N GLU A 267 -10.35 -64.59 43.50
CA GLU A 267 -11.61 -65.26 43.82
C GLU A 267 -11.92 -65.21 45.33
N ASN A 268 -10.86 -65.21 46.13
CA ASN A 268 -10.99 -65.13 47.59
C ASN A 268 -11.73 -63.86 48.04
N ILE A 269 -12.08 -63.01 47.08
CA ILE A 269 -12.73 -61.72 47.37
C ILE A 269 -13.86 -61.37 46.39
N LYS A 270 -14.23 -62.33 45.54
CA LYS A 270 -15.34 -62.18 44.57
C LYS A 270 -15.14 -61.02 43.56
N TYR A 271 -13.89 -60.69 43.29
CA TYR A 271 -13.50 -59.57 42.40
C TYR A 271 -14.31 -59.49 41.09
N VAL A 272 -14.47 -58.26 40.59
CA VAL A 272 -15.46 -57.92 39.57
C VAL A 272 -14.84 -57.01 38.51
N ASN A 273 -15.25 -57.22 37.26
CA ASN A 273 -14.74 -56.47 36.10
C ASN A 273 -13.28 -56.86 35.80
N ALA A 274 -12.49 -55.94 35.25
CA ALA A 274 -11.06 -56.21 34.97
C ALA A 274 -10.21 -56.17 36.26
N GLY A 275 -8.94 -55.78 36.13
CA GLY A 275 -8.00 -55.80 37.23
C GLY A 275 -6.65 -56.25 36.72
N THR A 276 -5.67 -56.36 37.61
CA THR A 276 -4.37 -56.95 37.32
C THR A 276 -3.60 -57.23 38.62
N VAL A 277 -3.21 -58.49 38.80
CA VAL A 277 -2.35 -58.88 39.90
C VAL A 277 -0.88 -58.76 39.48
N GLU A 278 -0.15 -57.86 40.15
CA GLU A 278 1.26 -57.63 39.83
C GLU A 278 2.13 -58.56 40.66
N PHE A 279 3.01 -59.28 39.97
CA PHE A 279 3.89 -60.22 40.64
C PHE A 279 5.36 -59.87 40.39
N LEU A 280 6.20 -60.18 41.38
CA LEU A 280 7.65 -60.09 41.24
C LEU A 280 8.25 -61.48 41.38
N VAL A 281 9.03 -61.86 40.39
CA VAL A 281 9.54 -63.22 40.27
C VAL A 281 11.05 -63.24 40.13
N SER A 282 11.70 -63.94 41.05
CA SER A 282 13.15 -64.12 41.04
C SER A 282 13.47 -65.62 41.13
N GLY A 283 13.71 -66.22 39.97
CA GLY A 283 14.00 -67.65 39.89
C GLY A 283 12.72 -68.47 39.90
N ASP A 284 12.59 -69.31 40.93
CA ASP A 284 11.41 -70.16 41.11
C ASP A 284 10.48 -69.53 42.15
N GLU A 285 11.07 -69.07 43.25
CA GLU A 285 10.39 -68.33 44.31
C GLU A 285 9.78 -67.06 43.68
N PHE A 286 8.54 -66.76 44.02
CA PHE A 286 7.87 -65.54 43.50
C PHE A 286 7.05 -64.85 44.59
N PHE A 287 6.79 -63.55 44.41
CA PHE A 287 6.09 -62.77 45.43
C PHE A 287 5.03 -61.84 44.82
N PHE A 288 4.02 -61.52 45.63
CA PHE A 288 2.95 -60.61 45.23
C PHE A 288 3.28 -59.15 45.54
N ILE A 289 3.14 -58.28 44.54
CA ILE A 289 3.44 -56.84 44.66
C ILE A 289 2.19 -56.02 45.04
N GLU A 290 1.27 -55.88 44.09
CA GLU A 290 0.05 -55.08 44.26
C GLU A 290 -1.05 -55.53 43.29
N VAL A 291 -2.25 -54.97 43.46
CA VAL A 291 -3.39 -55.27 42.60
C VAL A 291 -4.06 -53.97 42.14
N ASN A 292 -3.90 -53.66 40.86
CA ASN A 292 -4.44 -52.43 40.30
C ASN A 292 -5.77 -52.67 39.56
N PRO A 293 -6.90 -52.24 40.18
CA PRO A 293 -8.26 -52.66 39.85
C PRO A 293 -8.92 -51.85 38.74
N ARG A 294 -8.32 -51.89 37.55
CA ARG A 294 -8.79 -51.18 36.36
C ARG A 294 -7.97 -51.61 35.17
N VAL A 295 -8.30 -51.08 33.97
CA VAL A 295 -7.52 -51.35 32.76
C VAL A 295 -6.14 -50.75 32.83
N GLN A 296 -5.20 -51.38 32.14
CA GLN A 296 -3.87 -50.80 32.01
C GLN A 296 -3.56 -50.49 30.57
N VAL A 297 -2.55 -49.64 30.38
CA VAL A 297 -2.05 -49.26 29.07
C VAL A 297 -1.72 -50.50 28.27
N GLU A 298 -1.12 -51.50 28.92
CA GLU A 298 -0.57 -52.66 28.21
C GLU A 298 -1.52 -53.84 27.94
N HIS A 299 -2.81 -53.63 28.12
CA HIS A 299 -3.82 -54.68 27.89
C HIS A 299 -3.91 -55.11 26.43
N THR A 300 -3.64 -54.15 25.54
CA THR A 300 -3.68 -54.32 24.09
C THR A 300 -3.06 -55.63 23.64
N ILE A 301 -1.93 -55.90 24.28
CA ILE A 301 -1.06 -57.02 23.97
C ILE A 301 -1.72 -58.36 24.32
N THR A 302 -2.47 -58.38 25.43
CA THR A 302 -3.16 -59.58 25.91
C THR A 302 -4.32 -59.89 24.98
N GLU A 303 -5.01 -58.83 24.55
CA GLU A 303 -6.08 -58.94 23.57
C GLU A 303 -5.64 -59.76 22.37
N MET A 304 -4.51 -59.39 21.77
CA MET A 304 -4.00 -60.04 20.56
C MET A 304 -3.74 -61.53 20.79
N VAL A 305 -2.95 -61.85 21.81
CA VAL A 305 -2.57 -63.23 22.09
C VAL A 305 -3.71 -64.21 22.42
N THR A 306 -4.81 -63.71 22.99
CA THR A 306 -5.96 -64.57 23.36
C THR A 306 -7.25 -64.33 22.56
N GLY A 307 -7.36 -63.18 21.91
CA GLY A 307 -8.52 -62.86 21.08
C GLY A 307 -9.75 -62.45 21.88
N ILE A 308 -9.53 -62.04 23.13
CA ILE A 308 -10.61 -61.50 23.97
C ILE A 308 -10.59 -59.97 24.02
N ASP A 309 -11.77 -59.37 23.86
CA ASP A 309 -11.90 -57.93 23.96
C ASP A 309 -12.03 -57.50 25.42
N ILE A 310 -10.91 -57.08 26.00
CA ILE A 310 -10.84 -56.72 27.41
C ILE A 310 -11.72 -55.51 27.72
N VAL A 311 -11.71 -54.52 26.83
CA VAL A 311 -12.42 -53.27 27.09
C VAL A 311 -13.90 -53.40 26.80
N LYS A 312 -14.26 -54.16 25.78
CA LYS A 312 -15.67 -54.47 25.54
C LYS A 312 -16.28 -55.24 26.72
N THR A 313 -15.51 -56.16 27.30
CA THR A 313 -15.96 -56.98 28.42
C THR A 313 -16.16 -56.14 29.67
N GLN A 314 -15.24 -55.21 29.91
CA GLN A 314 -15.36 -54.23 30.99
C GLN A 314 -16.73 -53.58 30.98
N ILE A 315 -17.18 -53.21 29.77
CA ILE A 315 -18.49 -52.60 29.54
C ILE A 315 -19.63 -53.62 29.75
N LEU A 316 -19.67 -54.66 28.92
CA LEU A 316 -20.73 -55.66 29.05
C LEU A 316 -20.80 -56.27 30.46
N VAL A 317 -19.66 -56.39 31.14
CA VAL A 317 -19.64 -56.86 32.53
C VAL A 317 -20.29 -55.84 33.47
N ALA A 318 -20.02 -54.56 33.22
CA ALA A 318 -20.59 -53.49 34.02
C ALA A 318 -22.13 -53.41 33.83
N ALA A 319 -22.58 -53.71 32.61
CA ALA A 319 -24.01 -53.85 32.32
C ALA A 319 -24.58 -55.19 32.81
N GLY A 320 -23.78 -55.96 33.55
CA GLY A 320 -24.26 -57.16 34.25
C GLY A 320 -24.45 -58.45 33.45
N ALA A 321 -23.72 -58.60 32.35
CA ALA A 321 -23.82 -59.81 31.53
C ALA A 321 -22.94 -60.93 32.07
N ASP A 322 -23.41 -62.16 31.92
CA ASP A 322 -22.67 -63.38 32.24
C ASP A 322 -21.43 -63.53 31.31
N LEU A 323 -20.25 -63.72 31.91
CA LEU A 323 -19.01 -63.98 31.16
C LEU A 323 -19.14 -65.12 30.16
N PHE A 324 -19.87 -66.16 30.54
CA PHE A 324 -20.03 -67.36 29.71
C PHE A 324 -21.39 -67.41 29.00
N GLY A 325 -22.15 -66.32 29.13
CA GLY A 325 -23.36 -66.12 28.36
C GLY A 325 -23.04 -65.53 27.00
N GLU A 326 -24.05 -65.48 26.13
CA GLU A 326 -23.85 -65.15 24.70
C GLU A 326 -23.26 -63.75 24.34
N GLU A 327 -23.36 -62.76 25.23
CA GLU A 327 -22.83 -61.43 24.92
C GLU A 327 -21.30 -61.38 24.99
N ILE A 328 -20.74 -61.65 26.16
CA ILE A 328 -19.29 -61.73 26.37
C ILE A 328 -18.69 -63.02 25.77
N ASN A 329 -19.40 -64.13 25.99
CA ASN A 329 -19.08 -65.45 25.44
C ASN A 329 -17.64 -65.93 25.68
N MET A 330 -17.13 -65.69 26.89
CA MET A 330 -15.79 -66.14 27.26
C MET A 330 -15.70 -67.63 27.12
N PRO A 331 -14.52 -68.14 26.75
CA PRO A 331 -14.33 -69.57 26.83
C PRO A 331 -14.17 -69.99 28.30
N GLN A 332 -14.64 -71.18 28.66
CA GLN A 332 -14.40 -71.69 30.00
C GLN A 332 -12.90 -71.59 30.26
N GLN A 333 -12.49 -71.35 31.51
CA GLN A 333 -11.08 -71.08 31.81
C GLN A 333 -10.15 -72.15 31.23
N LYS A 334 -10.52 -73.42 31.42
CA LYS A 334 -9.79 -74.55 30.86
C LYS A 334 -10.05 -74.69 29.35
N ASP A 335 -9.76 -73.60 28.63
CA ASP A 335 -10.07 -73.42 27.20
C ASP A 335 -9.33 -72.22 26.64
N ILE A 336 -9.17 -71.19 27.48
CA ILE A 336 -8.45 -69.98 27.12
C ILE A 336 -6.96 -70.29 27.00
N THR A 337 -6.35 -69.90 25.88
CA THR A 337 -4.92 -70.11 25.66
C THR A 337 -4.29 -68.95 24.85
N THR A 338 -2.99 -69.06 24.57
CA THR A 338 -2.26 -68.06 23.79
C THR A 338 -1.82 -68.59 22.43
N LEU A 339 -1.94 -67.75 21.42
CA LEU A 339 -1.35 -68.03 20.12
C LEU A 339 -0.20 -67.05 19.90
N GLY A 340 1.02 -67.59 19.77
CA GLY A 340 2.23 -66.80 19.54
C GLY A 340 2.58 -65.80 20.62
N TYR A 341 3.28 -64.73 20.23
CA TYR A 341 3.70 -63.68 21.17
C TYR A 341 3.39 -62.27 20.63
N ALA A 342 3.32 -61.30 21.54
CA ALA A 342 3.01 -59.91 21.19
C ALA A 342 3.81 -58.94 22.06
N ILE A 343 4.14 -57.78 21.47
CA ILE A 343 5.00 -56.77 22.12
C ILE A 343 4.41 -55.35 21.95
N GLN A 344 4.56 -54.51 22.97
CA GLN A 344 4.03 -53.14 22.96
C GLN A 344 5.08 -52.11 23.30
N CYS A 345 5.30 -51.17 22.39
CA CYS A 345 6.21 -50.06 22.62
C CYS A 345 5.45 -48.73 22.64
N ARG A 346 5.20 -48.19 23.83
CA ARG A 346 4.54 -46.90 23.90
C ARG A 346 5.48 -45.80 23.43
N ILE A 347 5.20 -45.24 22.26
CA ILE A 347 6.03 -44.18 21.68
C ILE A 347 5.73 -42.86 22.39
N THR A 348 6.75 -42.33 23.07
CA THR A 348 6.62 -41.12 23.90
C THR A 348 7.47 -39.96 23.36
N THR A 349 7.48 -38.83 24.06
CA THR A 349 8.35 -37.70 23.70
C THR A 349 9.50 -37.53 24.68
N GLU A 350 9.76 -38.57 25.46
CA GLU A 350 10.91 -38.58 26.34
C GLU A 350 12.17 -38.58 25.47
N ASP A 351 13.11 -37.72 25.83
CA ASP A 351 14.41 -37.64 25.16
C ASP A 351 15.44 -38.42 25.95
N PRO A 352 15.67 -39.69 25.57
CA PRO A 352 16.52 -40.60 26.33
C PRO A 352 17.98 -40.15 26.39
N LEU A 353 18.32 -39.18 25.55
CA LEU A 353 19.68 -38.64 25.51
C LEU A 353 19.81 -37.56 26.61
N ASN A 354 18.65 -37.12 27.12
CA ASN A 354 18.57 -36.12 28.17
C ASN A 354 17.65 -36.59 29.30
N ASP A 355 18.07 -37.65 29.98
CA ASP A 355 17.38 -38.20 31.15
C ASP A 355 15.84 -38.34 30.99
N PHE A 356 15.44 -38.85 29.82
CA PHE A 356 14.02 -39.06 29.46
C PHE A 356 13.12 -37.87 29.79
N MET A 357 13.69 -36.68 29.67
CA MET A 357 12.97 -35.42 29.81
C MET A 357 11.79 -35.46 28.85
N PRO A 358 10.56 -35.28 29.36
CA PRO A 358 9.43 -35.18 28.43
C PRO A 358 9.61 -33.94 27.55
N ASP A 359 9.70 -34.13 26.24
CA ASP A 359 9.80 -33.00 25.31
C ASP A 359 8.42 -32.45 24.98
N THR A 360 8.38 -31.13 24.73
CA THR A 360 7.14 -30.41 24.44
C THR A 360 7.36 -29.52 23.23
N GLY A 361 6.33 -29.36 22.42
CA GLY A 361 6.38 -28.55 21.19
C GLY A 361 5.25 -28.88 20.24
N THR A 362 5.54 -28.81 18.95
CA THR A 362 4.57 -29.07 17.88
C THR A 362 5.05 -30.21 16.98
N ILE A 363 4.13 -31.12 16.65
CA ILE A 363 4.41 -32.15 15.66
C ILE A 363 4.18 -31.60 14.26
N ILE A 364 5.25 -31.39 13.49
CA ILE A 364 5.10 -30.87 12.12
C ILE A 364 4.84 -31.98 11.10
N ALA A 365 5.33 -33.17 11.43
CA ALA A 365 5.25 -34.33 10.54
C ALA A 365 4.97 -35.58 11.35
N TYR A 366 3.97 -36.33 10.91
CA TYR A 366 3.56 -37.55 11.59
C TYR A 366 3.14 -38.62 10.59
N ARG A 367 3.92 -39.71 10.58
CA ARG A 367 3.65 -40.88 9.74
C ARG A 367 3.55 -42.17 10.58
N SER A 368 2.74 -43.12 10.14
CA SER A 368 2.59 -44.38 10.87
C SER A 368 2.83 -45.60 9.99
N SER A 369 2.80 -46.78 10.59
CA SER A 369 2.99 -48.07 9.89
C SER A 369 1.69 -48.89 9.92
N GLY A 370 1.81 -50.21 9.78
CA GLY A 370 0.63 -51.08 9.73
C GLY A 370 0.85 -52.30 8.87
N GLY A 371 -0.22 -52.75 8.24
CA GLY A 371 -0.20 -54.05 7.57
C GLY A 371 -0.15 -55.19 8.58
N PHE A 372 0.25 -56.35 8.10
CA PHE A 372 0.24 -57.57 8.89
C PHE A 372 0.93 -57.45 10.25
N GLY A 373 0.30 -58.01 11.27
CA GLY A 373 0.86 -58.16 12.61
C GLY A 373 1.00 -56.89 13.44
N VAL A 374 0.40 -55.81 12.95
CA VAL A 374 0.56 -54.47 13.51
C VAL A 374 -0.79 -53.87 13.94
N ARG A 375 -0.82 -53.38 15.18
CA ARG A 375 -2.00 -52.75 15.80
C ARG A 375 -1.63 -51.36 16.34
N LEU A 376 -2.59 -50.43 16.28
CA LEU A 376 -2.35 -49.07 16.72
C LEU A 376 -3.47 -48.53 17.61
N ASP A 377 -3.05 -47.91 18.72
CA ASP A 377 -3.94 -47.16 19.60
C ASP A 377 -3.43 -45.72 19.70
N ALA A 378 -3.91 -44.86 18.80
CA ALA A 378 -3.44 -43.47 18.71
C ALA A 378 -3.85 -42.68 19.94
N GLY A 379 -3.09 -41.62 20.24
CA GLY A 379 -3.41 -40.76 21.36
C GLY A 379 -3.24 -39.29 21.02
N ASP A 380 -2.03 -38.78 21.21
CA ASP A 380 -1.82 -37.36 21.09
C ASP A 380 -0.86 -37.01 19.97
N GLY A 381 -0.51 -38.00 19.15
CA GLY A 381 0.31 -37.74 17.97
C GLY A 381 -0.51 -37.68 16.71
N PHE A 382 -0.40 -36.57 15.97
CA PHE A 382 -0.96 -36.39 14.62
C PHE A 382 -0.34 -35.18 13.87
N GLN A 383 -0.66 -35.00 12.59
CA GLN A 383 0.03 -33.99 11.73
C GLN A 383 0.58 -32.77 12.46
N GLY A 384 -0.28 -32.09 13.20
CA GLY A 384 0.14 -30.92 13.96
C GLY A 384 -0.31 -30.98 15.41
N ALA A 385 -0.53 -29.80 15.98
CA ALA A 385 -1.07 -29.64 17.35
C ALA A 385 -0.18 -30.12 18.52
N GLU A 386 -0.14 -29.23 19.51
CA GLU A 386 0.79 -29.23 20.62
C GLU A 386 0.59 -30.40 21.58
N ILE A 387 1.71 -30.99 21.96
CA ILE A 387 1.80 -31.81 23.15
C ILE A 387 2.17 -30.81 24.24
N SER A 388 1.31 -30.69 25.24
CA SER A 388 1.55 -29.75 26.34
C SER A 388 2.17 -30.45 27.55
N PRO A 389 2.89 -29.69 28.40
CA PRO A 389 3.54 -30.32 29.53
C PRO A 389 2.61 -30.41 30.73
N TYR A 390 1.55 -31.20 30.60
CA TYR A 390 0.56 -31.44 31.67
C TYR A 390 0.14 -32.90 31.75
N TYR A 391 0.24 -33.60 30.62
CA TYR A 391 -0.25 -34.97 30.51
C TYR A 391 0.86 -35.99 30.16
N ASP A 392 0.67 -37.25 30.56
CA ASP A 392 1.53 -38.36 30.13
C ASP A 392 2.06 -38.07 28.73
N SER A 393 3.37 -37.94 28.59
CA SER A 393 3.97 -37.58 27.31
C SER A 393 3.84 -38.67 26.22
N LEU A 394 2.68 -39.32 26.18
CA LEU A 394 2.44 -40.48 25.30
C LEU A 394 1.77 -40.13 23.96
N LEU A 395 2.47 -40.46 22.88
CA LEU A 395 2.09 -40.10 21.50
C LEU A 395 1.26 -41.18 20.79
N VAL A 396 1.79 -42.40 20.75
CA VAL A 396 1.20 -43.50 19.99
C VAL A 396 1.52 -44.82 20.65
N LYS A 397 0.53 -45.71 20.68
CA LYS A 397 0.72 -47.05 21.24
C LYS A 397 0.93 -48.13 20.18
N LEU A 398 2.19 -48.28 19.75
CA LEU A 398 2.58 -49.28 18.75
C LEU A 398 2.73 -50.70 19.33
N SER A 399 1.92 -51.61 18.82
CA SER A 399 1.83 -52.96 19.32
C SER A 399 1.90 -53.90 18.13
N THR A 400 2.74 -54.93 18.25
CA THR A 400 2.89 -55.94 17.21
C THR A 400 2.57 -57.33 17.73
N HIS A 401 2.07 -58.18 16.84
CA HIS A 401 1.73 -59.55 17.18
C HIS A 401 2.08 -60.51 16.05
N ALA A 402 2.28 -61.78 16.40
CA ALA A 402 2.43 -62.89 15.45
C ALA A 402 2.75 -64.16 16.24
N ILE A 403 3.18 -65.22 15.54
CA ILE A 403 3.50 -66.47 16.22
C ILE A 403 4.87 -66.33 16.89
N SER A 404 5.91 -66.80 16.20
CA SER A 404 7.26 -66.83 16.75
C SER A 404 7.65 -65.46 17.27
N PHE A 405 8.42 -65.43 18.36
CA PHE A 405 8.84 -64.18 18.96
C PHE A 405 9.60 -63.31 17.97
N LYS A 406 10.61 -63.91 17.33
CA LYS A 406 11.43 -63.24 16.31
C LYS A 406 10.57 -62.50 15.29
N GLN A 407 9.54 -63.18 14.78
CA GLN A 407 8.62 -62.60 13.82
C GLN A 407 7.99 -61.33 14.39
N ALA A 408 7.33 -61.44 15.54
CA ALA A 408 6.78 -60.26 16.21
C ALA A 408 7.84 -59.18 16.53
N GLU A 409 9.02 -59.62 16.95
CA GLU A 409 10.15 -58.72 17.24
C GLU A 409 10.52 -57.83 16.05
N GLU A 410 10.66 -58.44 14.88
CA GLU A 410 11.11 -57.72 13.70
C GLU A 410 9.99 -56.96 12.99
N LYS A 411 8.75 -57.40 13.20
CA LYS A 411 7.58 -56.58 12.83
C LYS A 411 7.66 -55.30 13.62
N MET A 412 8.00 -55.44 14.90
CA MET A 412 8.22 -54.30 15.79
C MET A 412 9.39 -53.39 15.35
N VAL A 413 10.56 -53.98 15.10
CA VAL A 413 11.73 -53.18 14.79
C VAL A 413 11.53 -52.32 13.54
N ARG A 414 11.11 -52.94 12.43
CA ARG A 414 11.02 -52.17 11.19
C ARG A 414 9.79 -51.26 11.20
N SER A 415 8.77 -51.67 11.94
CA SER A 415 7.58 -50.86 12.19
C SER A 415 7.91 -49.56 12.91
N LEU A 416 8.98 -49.58 13.72
CA LEU A 416 9.45 -48.40 14.44
C LEU A 416 10.21 -47.45 13.52
N ARG A 417 10.93 -48.03 12.55
CA ARG A 417 11.73 -47.26 11.60
C ARG A 417 10.87 -46.62 10.51
N GLU A 418 9.68 -47.18 10.31
CA GLU A 418 8.71 -46.61 9.40
C GLU A 418 8.00 -45.42 10.04
N MET A 419 7.74 -45.53 11.34
CA MET A 419 7.18 -44.45 12.14
C MET A 419 8.04 -43.21 11.97
N ARG A 420 7.42 -42.08 11.63
CA ARG A 420 8.13 -40.83 11.50
C ARG A 420 7.45 -39.67 12.22
N ILE A 421 8.22 -39.04 13.10
CA ILE A 421 7.73 -37.95 13.95
C ILE A 421 8.78 -36.86 14.01
N ARG A 422 8.39 -35.66 13.58
CA ARG A 422 9.26 -34.50 13.62
C ARG A 422 8.70 -33.46 14.57
N GLY A 423 9.45 -32.37 14.74
CA GLY A 423 9.08 -31.27 15.63
C GLY A 423 9.39 -31.58 17.09
N VAL A 424 9.12 -32.82 17.51
CA VAL A 424 9.44 -33.23 18.86
C VAL A 424 10.47 -34.35 18.82
N LYS A 425 11.36 -34.35 19.81
CA LYS A 425 12.26 -35.47 20.04
C LYS A 425 11.41 -36.62 20.57
N THR A 426 11.60 -37.81 20.04
CA THR A 426 10.85 -38.97 20.49
C THR A 426 11.79 -39.94 21.18
N ASN A 427 11.20 -41.00 21.74
CA ASN A 427 11.97 -42.07 22.37
C ASN A 427 12.27 -43.25 21.42
N ILE A 428 11.96 -43.07 20.14
CA ILE A 428 11.93 -44.15 19.14
C ILE A 428 13.27 -44.85 18.87
N PRO A 429 14.35 -44.09 18.61
CA PRO A 429 15.60 -44.83 18.38
C PRO A 429 15.99 -45.68 19.60
N PHE A 430 15.66 -45.21 20.80
CA PHE A 430 15.86 -45.97 22.03
C PHE A 430 15.10 -47.30 21.97
N LEU A 431 13.84 -47.25 21.57
CA LEU A 431 13.01 -48.45 21.40
C LEU A 431 13.63 -49.43 20.40
N ILE A 432 14.13 -48.88 19.28
CA ILE A 432 14.84 -49.67 18.28
C ILE A 432 16.01 -50.43 18.91
N ASN A 433 16.87 -49.73 19.65
CA ASN A 433 18.07 -50.34 20.27
C ASN A 433 17.76 -51.43 21.32
N VAL A 434 16.55 -51.38 21.87
CA VAL A 434 16.07 -52.36 22.85
C VAL A 434 15.59 -53.63 22.12
N MET A 435 14.89 -53.44 21.01
CA MET A 435 14.39 -54.56 20.21
C MET A 435 15.53 -55.37 19.62
N LYS A 436 16.53 -54.69 19.03
CA LYS A 436 17.65 -55.38 18.38
C LYS A 436 18.72 -55.79 19.38
N ASN A 437 18.39 -55.74 20.67
CA ASN A 437 19.30 -56.21 21.71
C ASN A 437 19.09 -57.68 22.04
N LYS A 438 20.20 -58.44 22.00
CA LYS A 438 20.19 -59.88 22.22
C LYS A 438 19.64 -60.25 23.60
N LYS A 439 19.97 -59.43 24.59
CA LYS A 439 19.46 -59.59 25.96
C LYS A 439 17.93 -59.53 26.00
N PHE A 440 17.32 -58.90 24.99
CA PHE A 440 15.86 -58.81 24.92
C PHE A 440 15.22 -60.01 24.21
N THR A 441 15.73 -60.36 23.04
CA THR A 441 15.20 -61.48 22.27
C THR A 441 15.30 -62.82 23.03
N SER A 442 16.29 -62.92 23.92
CA SER A 442 16.52 -64.15 24.68
C SER A 442 15.36 -64.54 25.60
N GLY A 443 14.47 -63.57 25.85
CA GLY A 443 13.25 -63.84 26.61
C GLY A 443 13.41 -63.89 28.12
N ASP A 444 14.61 -63.63 28.61
CA ASP A 444 14.83 -63.43 30.04
C ASP A 444 15.65 -62.19 30.33
N TYR A 445 14.98 -61.25 31.01
CA TYR A 445 15.56 -59.97 31.38
C TYR A 445 14.84 -59.50 32.65
N THR A 446 15.44 -58.54 33.35
CA THR A 446 14.92 -58.12 34.66
C THR A 446 14.71 -56.60 34.77
N THR A 447 14.13 -56.13 35.88
CA THR A 447 13.88 -54.68 36.07
C THR A 447 15.13 -53.86 35.77
N LYS A 448 16.24 -54.23 36.42
CA LYS A 448 17.53 -53.72 36.02
C LYS A 448 17.86 -54.38 34.68
N PHE A 449 18.05 -53.55 33.66
CA PHE A 449 18.29 -54.00 32.28
C PHE A 449 18.83 -52.82 31.46
N ILE A 450 18.13 -51.70 31.56
CA ILE A 450 18.54 -50.39 31.01
C ILE A 450 19.81 -49.89 31.70
N GLU A 451 19.98 -50.29 32.96
CA GLU A 451 21.12 -49.91 33.79
C GLU A 451 22.28 -50.85 33.49
N GLU A 452 21.96 -52.09 33.19
CA GLU A 452 22.96 -53.09 32.81
C GLU A 452 23.53 -52.86 31.41
N THR A 453 22.66 -52.54 30.45
CA THR A 453 23.03 -52.41 29.03
C THR A 453 23.33 -50.95 28.65
N PRO A 454 24.60 -50.65 28.31
CA PRO A 454 24.98 -49.30 27.91
C PRO A 454 24.51 -48.93 26.50
N GLU A 455 24.63 -49.87 25.55
CA GLU A 455 24.47 -49.62 24.10
C GLU A 455 23.10 -49.05 23.71
N LEU A 456 22.20 -48.98 24.69
CA LEU A 456 20.86 -48.45 24.51
C LEU A 456 20.84 -46.91 24.43
N PHE A 457 21.89 -46.28 24.99
CA PHE A 457 22.05 -44.82 24.93
C PHE A 457 23.03 -44.39 23.84
N ASP A 458 23.45 -45.37 23.04
CA ASP A 458 24.28 -45.15 21.86
C ASP A 458 23.45 -45.18 20.58
N ILE A 459 22.53 -44.22 20.48
CA ILE A 459 21.88 -43.89 19.22
C ILE A 459 22.76 -42.85 18.53
N GLN A 460 22.76 -42.85 17.20
CA GLN A 460 23.36 -41.73 16.48
C GLN A 460 22.24 -41.02 15.70
N PRO A 461 22.10 -39.69 15.91
CA PRO A 461 20.92 -38.90 15.52
C PRO A 461 20.53 -39.01 14.05
N SER A 462 19.26 -38.78 13.77
CA SER A 462 18.78 -38.81 12.39
C SER A 462 19.19 -37.58 11.61
N LEU A 463 19.77 -37.81 10.45
CA LEU A 463 20.00 -36.79 9.45
C LEU A 463 18.63 -36.29 9.01
N ASP A 464 18.12 -35.25 9.67
CA ASP A 464 16.74 -34.80 9.41
C ASP A 464 16.67 -33.92 8.16
N ARG A 465 17.13 -34.48 7.04
CA ARG A 465 17.42 -33.73 5.81
C ARG A 465 16.22 -33.29 4.98
N GLY A 466 15.01 -33.52 5.51
CA GLY A 466 13.79 -33.05 4.89
C GLY A 466 13.48 -31.70 5.48
N THR A 467 13.15 -31.71 6.77
CA THR A 467 12.91 -30.49 7.53
C THR A 467 14.01 -29.45 7.28
N LYS A 468 15.27 -29.92 7.24
CA LYS A 468 16.46 -29.07 7.08
C LYS A 468 16.51 -28.32 5.74
N THR A 469 16.21 -29.00 4.64
CA THR A 469 16.07 -28.33 3.34
C THR A 469 14.95 -27.26 3.41
N LEU A 470 13.75 -27.67 3.87
CA LEU A 470 12.66 -26.72 4.11
C LEU A 470 13.08 -25.58 5.03
N GLU A 471 13.88 -25.92 6.04
CA GLU A 471 14.43 -24.94 6.98
C GLU A 471 15.31 -23.88 6.31
N TYR A 472 16.24 -24.35 5.47
CA TYR A 472 17.15 -23.47 4.77
C TYR A 472 16.39 -22.55 3.84
N ILE A 473 15.51 -23.14 3.03
CA ILE A 473 14.83 -22.42 1.96
C ILE A 473 14.10 -21.20 2.51
N GLY A 474 13.32 -21.40 3.58
CA GLY A 474 12.49 -20.33 4.17
C GLY A 474 13.28 -19.14 4.70
N ASN A 475 14.34 -19.43 5.46
CA ASN A 475 15.26 -18.40 5.91
C ASN A 475 15.67 -17.52 4.74
N VAL A 476 16.25 -18.13 3.72
CA VAL A 476 16.66 -17.38 2.52
C VAL A 476 15.49 -16.68 1.85
N THR A 477 14.35 -17.37 1.71
CA THR A 477 13.13 -16.78 1.11
C THR A 477 12.68 -15.49 1.83
N ILE A 478 12.73 -15.53 3.17
CA ILE A 478 12.22 -14.43 4.01
C ILE A 478 13.29 -13.38 4.38
N ASN A 479 14.46 -13.84 4.78
CA ASN A 479 15.52 -12.95 5.23
C ASN A 479 16.57 -12.63 4.17
N GLY A 480 16.50 -13.30 3.02
CA GLY A 480 17.41 -13.03 1.91
C GLY A 480 18.84 -13.49 2.16
N PHE A 481 19.63 -13.56 1.08
CA PHE A 481 21.02 -14.04 1.13
C PHE A 481 22.01 -12.88 1.36
N PRO A 482 23.13 -13.15 2.07
CA PRO A 482 24.16 -12.11 2.24
C PRO A 482 24.86 -11.78 0.93
N ASN A 483 25.13 -10.49 0.73
CA ASN A 483 25.78 -9.96 -0.48
C ASN A 483 24.95 -10.16 -1.77
N VAL A 484 23.63 -10.19 -1.61
CA VAL A 484 22.72 -10.45 -2.71
C VAL A 484 21.55 -9.47 -2.61
N GLU A 485 21.18 -8.88 -3.75
CA GLU A 485 20.01 -8.01 -3.81
C GLU A 485 18.76 -8.87 -3.60
N LYS A 486 18.11 -8.68 -2.45
CA LYS A 486 16.92 -9.47 -2.11
C LYS A 486 15.77 -9.12 -3.03
N ARG A 487 15.33 -10.12 -3.77
CA ARG A 487 14.24 -10.00 -4.72
C ARG A 487 13.72 -11.42 -4.96
N PRO A 488 12.49 -11.55 -5.48
CA PRO A 488 12.00 -12.89 -5.83
C PRO A 488 12.88 -13.61 -6.85
N LYS A 489 12.93 -14.93 -6.72
CA LYS A 489 13.69 -15.85 -7.58
C LYS A 489 13.51 -15.49 -9.06
N PRO A 490 14.58 -14.99 -9.71
CA PRO A 490 14.39 -14.48 -11.06
C PRO A 490 13.94 -15.56 -12.05
N ASP A 491 13.08 -15.13 -12.98
CA ASP A 491 12.62 -15.94 -14.09
C ASP A 491 13.81 -16.22 -15.04
N TYR A 492 14.68 -17.15 -14.63
CA TYR A 492 15.91 -17.46 -15.35
C TYR A 492 15.70 -18.23 -16.67
N GLU A 493 16.81 -18.55 -17.35
CA GLU A 493 16.80 -19.21 -18.66
C GLU A 493 17.05 -20.74 -18.57
N LEU A 494 16.53 -21.49 -19.55
CA LEU A 494 16.49 -22.98 -19.53
C LEU A 494 17.83 -23.73 -19.32
N ALA A 495 18.77 -23.57 -20.25
CA ALA A 495 20.11 -24.17 -20.17
C ALA A 495 20.11 -25.70 -20.02
N SER A 496 19.42 -26.37 -20.95
CA SER A 496 19.43 -27.84 -21.03
C SER A 496 20.87 -28.37 -21.02
N ILE A 497 21.12 -29.40 -20.22
CA ILE A 497 22.46 -29.88 -19.93
C ILE A 497 22.90 -30.94 -20.95
N PRO A 498 23.88 -30.61 -21.81
CA PRO A 498 24.40 -31.63 -22.72
C PRO A 498 25.09 -32.75 -21.93
N THR A 499 24.79 -33.99 -22.32
CA THR A 499 25.18 -35.18 -21.53
C THR A 499 25.92 -36.20 -22.39
N VAL A 500 27.05 -36.69 -21.87
CA VAL A 500 27.76 -37.85 -22.43
C VAL A 500 27.69 -39.01 -21.43
N SER A 501 27.38 -40.20 -21.92
CA SER A 501 27.10 -41.37 -21.06
C SER A 501 28.33 -41.84 -20.29
N SER A 502 28.14 -42.11 -19.01
CA SER A 502 29.24 -42.46 -18.09
C SER A 502 30.09 -43.64 -18.56
N SER A 503 29.44 -44.67 -19.08
CA SER A 503 30.13 -45.88 -19.56
C SER A 503 30.88 -45.68 -20.89
N LYS A 504 30.56 -44.59 -21.59
CA LYS A 504 31.30 -44.15 -22.77
C LYS A 504 32.49 -43.31 -22.34
N ILE A 505 32.30 -42.51 -21.29
CA ILE A 505 33.38 -41.67 -20.75
C ILE A 505 34.47 -42.53 -20.13
N ALA A 506 34.08 -43.63 -19.49
CA ALA A 506 35.04 -44.57 -18.90
C ALA A 506 35.89 -45.29 -19.98
N SER A 507 35.49 -45.14 -21.25
CA SER A 507 36.24 -45.71 -22.37
C SER A 507 37.35 -44.76 -22.84
N PHE A 508 37.13 -43.47 -22.64
CA PHE A 508 38.13 -42.43 -22.98
C PHE A 508 39.45 -42.70 -22.26
N SER A 509 40.56 -42.47 -22.97
CA SER A 509 41.87 -42.45 -22.34
C SER A 509 42.52 -41.10 -22.63
N GLY A 510 42.87 -40.38 -21.58
CA GLY A 510 43.47 -39.07 -21.73
C GLY A 510 44.80 -38.97 -20.99
N THR A 511 45.18 -37.74 -20.68
CA THR A 511 46.45 -37.46 -20.00
C THR A 511 46.52 -37.98 -18.56
N LYS A 512 45.37 -38.24 -17.94
CA LYS A 512 45.32 -38.83 -16.60
C LYS A 512 45.85 -40.25 -16.67
N GLN A 513 45.38 -41.00 -17.68
CA GLN A 513 45.87 -42.36 -17.96
C GLN A 513 47.31 -42.35 -18.45
N LEU A 514 47.77 -41.20 -18.93
CA LEU A 514 49.13 -41.04 -19.42
C LEU A 514 50.12 -40.97 -18.26
N LEU A 515 49.71 -40.33 -17.17
CA LEU A 515 50.44 -40.40 -15.91
C LEU A 515 50.29 -41.81 -15.30
N ASP A 516 49.22 -42.49 -15.68
CA ASP A 516 48.92 -43.84 -15.21
C ASP A 516 49.58 -44.94 -16.06
N GLU A 517 50.67 -44.59 -16.74
CA GLU A 517 51.45 -45.54 -17.53
C GLU A 517 52.93 -45.27 -17.39
N VAL A 518 53.28 -43.98 -17.29
CA VAL A 518 54.67 -43.55 -17.12
C VAL A 518 54.79 -42.48 -16.02
N GLY A 519 55.94 -41.83 -15.94
CA GLY A 519 56.20 -40.85 -14.89
C GLY A 519 55.46 -39.52 -15.05
N PRO A 520 55.57 -38.63 -14.06
CA PRO A 520 55.23 -37.23 -14.29
C PRO A 520 56.19 -36.62 -15.30
N LYS A 521 57.49 -36.89 -15.14
CA LYS A 521 58.52 -36.54 -16.13
C LYS A 521 58.37 -37.46 -17.36
N GLY A 522 57.46 -38.43 -17.25
CA GLY A 522 57.07 -39.27 -18.38
C GLY A 522 55.84 -38.74 -19.10
N VAL A 523 55.37 -37.56 -18.68
CA VAL A 523 54.30 -36.84 -19.35
C VAL A 523 54.86 -35.57 -19.99
N ALA A 524 55.74 -34.90 -19.25
CA ALA A 524 56.36 -33.66 -19.69
C ALA A 524 57.29 -33.88 -20.88
N GLU A 525 57.95 -35.04 -20.89
CA GLU A 525 58.77 -35.45 -22.03
C GLU A 525 57.92 -36.05 -23.16
N TRP A 526 56.61 -35.98 -23.00
CA TRP A 526 55.68 -36.32 -24.08
C TRP A 526 55.02 -35.06 -24.64
N VAL A 527 54.86 -34.04 -23.80
CA VAL A 527 54.36 -32.74 -24.23
C VAL A 527 55.31 -32.06 -25.23
N LYS A 528 56.59 -32.48 -25.22
CA LYS A 528 57.64 -31.82 -26.00
C LYS A 528 57.41 -31.81 -27.52
N LYS A 529 57.09 -32.97 -28.09
CA LYS A 529 57.04 -33.13 -29.56
C LYS A 529 55.63 -32.93 -30.14
N GLN A 530 54.63 -32.82 -29.27
CA GLN A 530 53.24 -32.59 -29.70
C GLN A 530 53.13 -31.29 -30.51
N ASP A 531 52.92 -31.46 -31.82
CA ASP A 531 52.92 -30.32 -32.75
C ASP A 531 51.73 -29.40 -32.51
N ASP A 532 50.60 -29.98 -32.16
CA ASP A 532 49.43 -29.20 -31.78
C ASP A 532 49.66 -28.43 -30.49
N VAL A 533 49.02 -27.27 -30.39
CA VAL A 533 48.98 -26.53 -29.14
C VAL A 533 47.97 -27.23 -28.23
N LEU A 534 48.40 -27.46 -26.98
CA LEU A 534 47.53 -28.09 -26.00
C LEU A 534 46.67 -27.04 -25.31
N LEU A 535 45.87 -27.44 -24.33
CA LEU A 535 45.14 -26.45 -23.55
C LEU A 535 44.74 -26.94 -22.15
N THR A 536 44.85 -26.03 -21.19
CA THR A 536 44.36 -26.23 -19.85
C THR A 536 43.18 -25.28 -19.64
N ASP A 537 42.06 -25.80 -19.13
CA ASP A 537 40.85 -25.00 -18.94
C ASP A 537 40.71 -24.47 -17.50
N THR A 538 40.54 -23.16 -17.38
CA THR A 538 40.48 -22.48 -16.08
C THR A 538 39.05 -22.17 -15.60
N THR A 539 38.06 -22.70 -16.33
CA THR A 539 36.64 -22.37 -16.13
C THR A 539 36.13 -22.74 -14.74
N PHE A 540 36.50 -23.93 -14.25
CA PHE A 540 36.14 -24.37 -12.91
C PHE A 540 36.92 -23.64 -11.81
N ARG A 541 37.77 -22.69 -12.18
CA ARG A 541 38.56 -21.95 -11.18
C ARG A 541 38.79 -20.48 -11.53
N ASP A 542 39.95 -20.17 -12.10
CA ASP A 542 40.40 -18.77 -12.27
C ASP A 542 39.37 -17.84 -12.97
N ALA A 543 38.60 -18.42 -13.90
CA ALA A 543 37.62 -17.68 -14.69
C ALA A 543 36.56 -17.07 -13.79
N HIS A 544 36.01 -17.85 -12.86
CA HIS A 544 35.05 -17.29 -11.92
C HIS A 544 35.71 -16.65 -10.72
N GLN A 545 36.98 -16.99 -10.48
CA GLN A 545 37.76 -16.24 -9.50
C GLN A 545 37.98 -14.82 -10.02
N SER A 546 38.01 -14.67 -11.34
CA SER A 546 38.18 -13.37 -11.97
C SER A 546 36.88 -12.58 -12.14
N LEU A 547 35.80 -13.25 -12.55
CA LEU A 547 34.55 -12.54 -12.92
C LEU A 547 33.40 -12.68 -11.91
N LEU A 548 33.34 -13.80 -11.19
CA LEU A 548 32.19 -14.09 -10.35
C LEU A 548 32.55 -14.27 -8.88
N ALA A 549 33.50 -13.48 -8.40
CA ALA A 549 33.89 -13.46 -6.98
C ALA A 549 34.16 -14.86 -6.40
N THR A 550 34.60 -15.76 -7.29
CA THR A 550 34.88 -17.17 -6.97
C THR A 550 33.66 -17.96 -6.46
N ARG A 551 32.46 -17.42 -6.68
CA ARG A 551 31.22 -17.98 -6.09
C ARG A 551 30.56 -19.15 -6.82
N VAL A 552 31.14 -19.62 -7.92
CA VAL A 552 30.56 -20.73 -8.66
C VAL A 552 30.50 -22.00 -7.82
N ARG A 553 29.33 -22.63 -7.76
CA ARG A 553 29.05 -23.71 -6.82
C ARG A 553 29.33 -25.09 -7.39
N THR A 554 29.56 -26.07 -6.50
CA THR A 554 29.88 -27.45 -6.92
C THR A 554 28.88 -27.95 -7.94
N LYS A 555 27.60 -27.92 -7.55
CA LYS A 555 26.47 -28.31 -8.39
C LYS A 555 26.73 -28.05 -9.88
N ASP A 556 26.91 -26.78 -10.25
CA ASP A 556 27.04 -26.37 -11.66
C ASP A 556 28.24 -26.95 -12.38
N MET A 557 29.32 -27.21 -11.65
CA MET A 557 30.51 -27.80 -12.25
C MET A 557 30.26 -29.27 -12.57
N ILE A 558 29.72 -30.02 -11.60
CA ILE A 558 29.44 -31.46 -11.82
C ILE A 558 28.35 -31.74 -12.84
N ASN A 559 27.50 -30.74 -13.13
CA ASN A 559 26.41 -30.91 -14.09
C ASN A 559 26.90 -31.12 -15.53
N ILE A 560 27.87 -30.31 -15.96
CA ILE A 560 28.53 -30.54 -17.26
C ILE A 560 29.77 -31.44 -17.18
N ALA A 561 30.06 -32.00 -16.01
CA ALA A 561 31.21 -32.90 -15.86
C ALA A 561 31.24 -34.04 -16.91
N SER A 562 30.04 -34.53 -17.24
CA SER A 562 29.84 -35.47 -18.34
C SER A 562 30.35 -34.86 -19.64
N LYS A 563 29.68 -33.81 -20.10
CA LYS A 563 30.00 -33.14 -21.35
C LYS A 563 31.41 -32.55 -21.38
N THR A 564 31.86 -32.01 -20.24
CA THR A 564 33.20 -31.43 -20.11
C THR A 564 34.32 -32.40 -20.53
N ALA A 565 34.11 -33.68 -20.23
CA ALA A 565 35.07 -34.74 -20.55
C ALA A 565 35.26 -34.96 -22.05
N ASP A 566 34.16 -34.93 -22.81
CA ASP A 566 34.18 -35.21 -24.26
C ASP A 566 34.84 -34.08 -25.02
N VAL A 567 34.76 -32.87 -24.47
CA VAL A 567 35.33 -31.70 -25.12
C VAL A 567 36.85 -31.63 -24.91
N PHE A 568 37.27 -31.62 -23.65
CA PHE A 568 38.69 -31.49 -23.31
C PHE A 568 39.40 -32.84 -23.08
N LYS A 569 38.91 -33.87 -23.77
CA LYS A 569 39.54 -35.20 -23.74
C LYS A 569 41.01 -35.15 -24.16
N ASP A 570 41.30 -34.33 -25.17
CA ASP A 570 42.69 -34.10 -25.61
C ASP A 570 43.30 -32.88 -24.91
N GLY A 571 42.62 -32.37 -23.87
CA GLY A 571 43.16 -31.30 -23.02
C GLY A 571 44.30 -31.81 -22.16
N PHE A 572 45.24 -30.93 -21.79
CA PHE A 572 46.37 -31.33 -20.96
C PHE A 572 45.97 -31.49 -19.50
N SER A 573 45.15 -30.56 -19.01
CA SER A 573 44.59 -30.61 -17.66
C SER A 573 43.35 -29.71 -17.56
N LEU A 574 42.61 -29.84 -16.45
CA LEU A 574 41.57 -28.87 -16.11
C LEU A 574 41.90 -28.28 -14.76
N GLU A 575 42.25 -27.00 -14.76
CA GLU A 575 42.48 -26.28 -13.51
C GLU A 575 41.13 -26.05 -12.84
N MET A 576 40.97 -26.58 -11.63
CA MET A 576 39.69 -26.51 -10.93
C MET A 576 39.76 -26.56 -9.39
N TRP A 577 40.93 -26.26 -8.83
CA TRP A 577 41.11 -26.29 -7.38
C TRP A 577 42.22 -25.32 -6.94
N GLY A 578 42.19 -24.94 -5.66
CA GLY A 578 43.17 -24.00 -5.12
C GLY A 578 42.86 -22.55 -5.45
N GLY A 579 43.83 -21.67 -5.24
CA GLY A 579 43.63 -20.23 -5.39
C GLY A 579 42.89 -19.69 -4.19
N ALA A 580 41.58 -19.57 -4.33
CA ALA A 580 40.70 -19.14 -3.22
C ALA A 580 39.46 -20.01 -3.18
N THR A 581 39.33 -20.94 -4.12
CA THR A 581 38.21 -21.87 -4.17
C THR A 581 38.07 -22.65 -2.86
N PHE A 582 39.19 -23.08 -2.30
CA PHE A 582 39.18 -23.76 -1.01
C PHE A 582 38.55 -22.87 0.07
N ASP A 583 39.02 -21.62 0.14
CA ASP A 583 38.54 -20.65 1.12
C ASP A 583 37.06 -20.28 0.94
N VAL A 584 36.69 -19.98 -0.30
CA VAL A 584 35.38 -19.42 -0.62
C VAL A 584 34.28 -20.48 -0.55
N ALA A 585 34.64 -21.74 -0.87
CA ALA A 585 33.68 -22.84 -0.79
C ALA A 585 33.30 -23.15 0.65
N TYR A 586 34.29 -23.36 1.52
CA TYR A 586 34.03 -23.57 2.96
C TYR A 586 33.22 -22.43 3.58
N ASN A 587 33.68 -21.20 3.32
CA ASN A 587 33.15 -20.02 3.99
C ASN A 587 31.86 -19.45 3.41
N PHE A 588 31.93 -18.87 2.21
CA PHE A 588 30.78 -18.18 1.63
C PHE A 588 29.71 -19.14 1.10
N LEU A 589 30.16 -20.23 0.47
CA LEU A 589 29.26 -21.17 -0.20
C LEU A 589 28.77 -22.33 0.68
N LYS A 590 29.23 -22.37 1.93
CA LYS A 590 29.03 -23.51 2.84
C LYS A 590 28.78 -24.85 2.15
N GLU A 591 29.75 -25.24 1.32
CA GLU A 591 29.86 -26.59 0.78
C GLU A 591 31.33 -26.97 0.92
N ASN A 592 31.68 -28.21 0.60
CA ASN A 592 33.04 -28.69 0.87
C ASN A 592 33.85 -28.84 -0.42
N PRO A 593 35.02 -28.16 -0.50
CA PRO A 593 35.91 -28.26 -1.65
C PRO A 593 36.32 -29.69 -1.93
N TRP A 594 36.63 -30.45 -0.86
CA TRP A 594 37.11 -31.83 -0.99
C TRP A 594 36.12 -32.69 -1.73
N GLU A 595 34.85 -32.60 -1.31
CA GLU A 595 33.72 -33.20 -2.01
C GLU A 595 33.70 -32.81 -3.49
N ARG A 596 33.85 -31.52 -3.77
CA ARG A 596 33.94 -31.02 -5.14
C ARG A 596 35.14 -31.62 -5.90
N LEU A 597 36.24 -31.88 -5.19
CA LEU A 597 37.42 -32.51 -5.77
C LEU A 597 37.17 -33.98 -6.12
N GLU A 598 36.19 -34.57 -5.45
CA GLU A 598 35.95 -35.99 -5.61
C GLU A 598 34.83 -36.27 -6.61
N ARG A 599 33.74 -35.50 -6.51
CA ARG A 599 32.61 -35.65 -7.44
C ARG A 599 33.02 -35.23 -8.85
N LEU A 600 33.71 -34.09 -8.96
CA LEU A 600 34.28 -33.65 -10.24
C LEU A 600 35.31 -34.65 -10.80
N ARG A 601 36.03 -35.31 -9.90
CA ARG A 601 37.05 -36.29 -10.28
C ARG A 601 36.40 -37.62 -10.73
N LYS A 602 35.58 -38.22 -9.88
CA LYS A 602 34.82 -39.42 -10.22
C LYS A 602 34.18 -39.33 -11.62
N ALA A 603 33.84 -38.11 -12.00
CA ALA A 603 33.12 -37.85 -13.25
C ALA A 603 34.04 -37.61 -14.45
N ILE A 604 35.23 -37.07 -14.22
CA ILE A 604 36.18 -36.84 -15.29
C ILE A 604 37.45 -37.71 -15.09
N PRO A 605 37.41 -38.98 -15.56
CA PRO A 605 38.50 -39.92 -15.30
C PRO A 605 39.63 -39.89 -16.32
N ASN A 606 39.51 -39.01 -17.32
CA ASN A 606 40.45 -38.99 -18.45
C ASN A 606 41.40 -37.79 -18.46
N VAL A 607 40.91 -36.63 -18.04
CA VAL A 607 41.70 -35.40 -18.09
C VAL A 607 42.43 -35.18 -16.76
N LEU A 608 43.58 -34.51 -16.82
CA LEU A 608 44.37 -34.21 -15.62
C LEU A 608 43.71 -33.10 -14.81
N PHE A 609 43.84 -33.20 -13.49
CA PHE A 609 43.34 -32.18 -12.57
C PHE A 609 44.49 -31.33 -12.04
N GLN A 610 44.46 -30.04 -12.35
CA GLN A 610 45.53 -29.09 -11.99
C GLN A 610 45.04 -28.12 -10.93
N MET A 611 45.93 -27.70 -10.04
CA MET A 611 45.56 -26.72 -9.02
C MET A 611 46.59 -25.61 -8.89
N LEU A 612 46.17 -24.47 -8.36
CA LEU A 612 47.10 -23.36 -8.09
C LEU A 612 47.52 -23.40 -6.64
N LEU A 613 48.84 -23.38 -6.40
CA LEU A 613 49.39 -23.59 -5.06
C LEU A 613 50.51 -22.61 -4.68
N ARG A 614 50.21 -21.74 -3.71
CA ARG A 614 51.18 -20.79 -3.13
C ARG A 614 52.22 -21.58 -2.36
N ALA A 615 53.46 -21.09 -2.31
CA ALA A 615 54.53 -21.84 -1.66
C ALA A 615 54.44 -21.77 -0.13
N SER A 616 54.27 -20.56 0.39
CA SER A 616 54.28 -20.32 1.83
C SER A 616 53.19 -21.09 2.59
N ASN A 617 52.00 -21.17 2.00
CA ASN A 617 50.81 -21.60 2.71
C ASN A 617 49.81 -22.43 1.88
N ALA A 618 50.24 -22.81 0.68
CA ALA A 618 49.41 -23.57 -0.27
C ALA A 618 48.14 -22.83 -0.72
N VAL A 619 47.12 -22.82 0.13
CA VAL A 619 45.85 -22.16 -0.19
C VAL A 619 45.21 -21.49 1.04
N GLY A 620 45.95 -21.52 2.15
CA GLY A 620 45.51 -20.95 3.43
C GLY A 620 45.61 -19.44 3.54
N TYR A 621 45.41 -18.94 4.75
CA TYR A 621 45.35 -17.52 4.99
C TYR A 621 46.61 -17.02 5.70
N LYS A 622 47.02 -17.71 6.77
CA LYS A 622 48.21 -17.33 7.54
C LYS A 622 49.47 -18.02 6.98
N ASN A 623 50.52 -18.11 7.79
CA ASN A 623 51.73 -18.85 7.40
C ASN A 623 51.84 -20.14 8.22
N TYR A 624 52.31 -21.21 7.58
CA TYR A 624 52.22 -22.57 8.17
C TYR A 624 53.56 -23.33 8.16
N PRO A 625 53.74 -24.26 9.12
CA PRO A 625 54.99 -25.02 9.21
C PRO A 625 55.11 -26.08 8.11
N ASP A 626 56.30 -26.66 7.97
CA ASP A 626 56.55 -27.72 6.97
C ASP A 626 55.64 -28.93 7.15
N ASN A 627 55.07 -29.06 8.33
CA ASN A 627 54.12 -30.12 8.66
C ASN A 627 52.89 -30.12 7.76
N VAL A 628 52.15 -29.03 7.79
CA VAL A 628 50.84 -28.97 7.14
C VAL A 628 50.85 -28.73 5.64
N ILE A 629 52.00 -28.33 5.08
CA ILE A 629 52.14 -28.27 3.61
C ILE A 629 52.13 -29.69 3.07
N HIS A 630 52.94 -30.56 3.67
CA HIS A 630 52.96 -31.97 3.31
C HIS A 630 51.57 -32.58 3.30
N LYS A 631 50.97 -32.69 4.49
CA LYS A 631 49.70 -33.42 4.64
C LYS A 631 48.57 -32.94 3.73
N PHE A 632 48.49 -31.62 3.52
CA PHE A 632 47.56 -31.06 2.53
C PHE A 632 47.85 -31.63 1.15
N VAL A 633 49.09 -31.43 0.67
CA VAL A 633 49.53 -31.95 -0.64
C VAL A 633 49.21 -33.45 -0.77
N GLN A 634 49.61 -34.24 0.24
CA GLN A 634 49.48 -35.72 0.20
C GLN A 634 48.03 -36.18 0.05
N GLU A 635 47.12 -35.57 0.81
CA GLU A 635 45.70 -35.90 0.70
C GLU A 635 45.13 -35.28 -0.56
N SER A 636 45.59 -34.09 -0.91
CA SER A 636 45.14 -33.39 -2.13
C SER A 636 45.34 -34.21 -3.39
N ALA A 637 46.50 -34.86 -3.47
CA ALA A 637 46.85 -35.71 -4.60
C ALA A 637 46.27 -37.12 -4.46
N LYS A 638 46.01 -37.53 -3.21
CA LYS A 638 45.43 -38.85 -2.92
C LYS A 638 43.93 -38.85 -3.18
N ALA A 639 43.35 -37.66 -3.35
CA ALA A 639 41.91 -37.53 -3.62
C ALA A 639 41.57 -36.99 -5.03
N GLY A 640 42.58 -36.72 -5.86
CA GLY A 640 42.34 -36.27 -7.23
C GLY A 640 43.45 -35.60 -8.04
N ILE A 641 44.04 -34.52 -7.50
CA ILE A 641 44.96 -33.60 -8.21
C ILE A 641 46.25 -34.21 -8.80
N ASP A 642 46.60 -33.81 -10.02
CA ASP A 642 47.82 -34.32 -10.66
C ASP A 642 48.66 -33.32 -11.47
N VAL A 643 48.55 -32.02 -11.23
CA VAL A 643 49.45 -31.04 -11.90
C VAL A 643 49.91 -29.86 -11.01
N PHE A 644 49.51 -29.87 -9.73
CA PHE A 644 50.08 -28.98 -8.69
C PHE A 644 50.95 -27.79 -9.17
N ARG A 645 50.33 -26.74 -9.71
CA ARG A 645 51.08 -25.54 -10.13
C ARG A 645 51.53 -24.68 -8.96
N ILE A 646 52.83 -24.74 -8.68
CA ILE A 646 53.42 -24.08 -7.51
C ILE A 646 53.99 -22.71 -7.87
N PHE A 647 53.64 -21.70 -7.07
CA PHE A 647 54.12 -20.31 -7.23
C PHE A 647 54.43 -19.62 -5.90
N ASP A 648 55.19 -18.53 -5.97
CA ASP A 648 55.49 -17.66 -4.83
C ASP A 648 55.13 -16.23 -5.19
N SER A 649 54.41 -15.57 -4.30
CA SER A 649 53.98 -14.19 -4.51
C SER A 649 55.15 -13.24 -4.75
N LEU A 650 56.37 -13.71 -4.50
CA LEU A 650 57.55 -12.85 -4.67
C LEU A 650 58.68 -13.50 -5.49
N ASN A 651 58.36 -14.63 -6.13
CA ASN A 651 59.31 -15.42 -6.92
C ASN A 651 60.61 -15.74 -6.17
N TRP A 652 60.42 -16.17 -4.93
CA TRP A 652 61.49 -16.58 -4.04
C TRP A 652 61.51 -18.12 -4.03
N VAL A 653 62.55 -18.70 -4.66
CA VAL A 653 62.64 -20.14 -4.91
C VAL A 653 62.89 -20.97 -3.65
N ASP A 654 63.42 -20.31 -2.62
CA ASP A 654 63.66 -20.89 -1.31
C ASP A 654 62.39 -21.41 -0.66
N GLN A 655 61.31 -20.64 -0.79
CA GLN A 655 60.01 -20.95 -0.16
C GLN A 655 59.25 -22.02 -0.95
N MET A 656 59.64 -22.21 -2.21
CA MET A 656 59.04 -23.22 -3.08
C MET A 656 59.52 -24.63 -2.75
N LYS A 657 60.57 -24.70 -1.95
CA LYS A 657 61.24 -25.94 -1.56
C LYS A 657 60.28 -27.00 -1.02
N VAL A 658 59.78 -26.80 0.20
CA VAL A 658 58.86 -27.73 0.86
C VAL A 658 57.76 -28.17 -0.10
N ALA A 659 57.09 -27.17 -0.69
CA ALA A 659 56.05 -27.37 -1.69
C ALA A 659 56.49 -28.34 -2.79
N ASN A 660 57.65 -28.09 -3.38
CA ASN A 660 58.19 -28.96 -4.42
C ASN A 660 58.46 -30.37 -3.91
N GLU A 661 59.05 -30.46 -2.71
CA GLU A 661 59.49 -31.72 -2.13
C GLU A 661 58.36 -32.59 -1.58
N ALA A 662 57.23 -31.96 -1.24
CA ALA A 662 56.05 -32.68 -0.81
C ALA A 662 55.26 -33.21 -2.01
N VAL A 663 55.44 -32.60 -3.17
CA VAL A 663 54.83 -33.09 -4.42
C VAL A 663 55.60 -34.28 -4.99
N GLN A 664 56.93 -34.19 -5.01
CA GLN A 664 57.81 -35.26 -5.53
C GLN A 664 57.48 -36.62 -4.88
N GLU A 665 57.30 -36.60 -3.56
CA GLU A 665 56.93 -37.79 -2.79
C GLU A 665 55.52 -38.26 -3.14
N ALA A 666 54.65 -37.31 -3.48
CA ALA A 666 53.26 -37.59 -3.85
C ALA A 666 53.13 -38.24 -5.23
N GLY A 667 54.24 -38.27 -5.96
CA GLY A 667 54.32 -38.96 -7.25
C GLY A 667 53.56 -38.29 -8.38
N LYS A 668 53.16 -37.03 -8.17
CA LYS A 668 52.41 -36.29 -9.16
C LYS A 668 53.23 -35.15 -9.79
N ILE A 669 52.68 -34.54 -10.84
CA ILE A 669 53.36 -33.48 -11.58
C ILE A 669 53.47 -32.22 -10.74
N SER A 670 54.60 -31.52 -10.86
CA SER A 670 54.87 -30.24 -10.18
C SER A 670 55.16 -29.15 -11.21
N GLU A 671 54.26 -28.18 -11.32
CA GLU A 671 54.46 -27.08 -12.26
C GLU A 671 55.18 -25.87 -11.64
N GLY A 672 56.46 -25.73 -11.98
CA GLY A 672 57.28 -24.61 -11.52
C GLY A 672 56.97 -23.33 -12.25
N THR A 673 56.64 -22.29 -11.48
CA THR A 673 56.14 -21.05 -12.07
C THR A 673 56.98 -19.85 -11.70
N ILE A 674 57.12 -18.96 -12.66
CA ILE A 674 57.64 -17.61 -12.47
C ILE A 674 56.50 -16.62 -12.64
N CYS A 675 56.38 -15.68 -11.70
CA CYS A 675 55.44 -14.58 -11.87
C CYS A 675 56.05 -13.50 -12.74
N TYR A 676 55.27 -12.96 -13.66
CA TYR A 676 55.75 -11.97 -14.61
C TYR A 676 55.44 -10.57 -14.11
N THR A 677 56.51 -9.81 -13.82
CA THR A 677 56.39 -8.41 -13.43
C THR A 677 57.28 -7.56 -14.31
N GLY A 678 56.90 -6.29 -14.47
CA GLY A 678 57.70 -5.33 -15.23
C GLY A 678 57.35 -5.28 -16.69
N ASP A 679 58.38 -5.07 -17.52
CA ASP A 679 58.24 -5.05 -18.97
C ASP A 679 59.62 -5.20 -19.59
N ILE A 680 59.79 -6.27 -20.34
CA ILE A 680 61.08 -6.63 -20.92
C ILE A 680 61.39 -5.84 -22.18
N LEU A 681 60.35 -5.29 -22.80
CA LEU A 681 60.51 -4.50 -24.03
C LEU A 681 61.15 -3.14 -23.78
N ASN A 682 60.84 -2.56 -22.62
CA ASN A 682 61.36 -1.25 -22.22
C ASN A 682 62.64 -1.43 -21.41
N PRO A 683 63.81 -1.16 -22.04
CA PRO A 683 65.11 -1.51 -21.45
C PRO A 683 65.35 -0.98 -20.03
N GLU A 684 64.60 0.05 -19.63
CA GLU A 684 64.71 0.66 -18.29
C GLU A 684 63.37 0.98 -17.61
N ARG A 685 62.49 -0.01 -17.61
CA ARG A 685 61.33 0.00 -16.73
C ARG A 685 61.87 -0.30 -15.34
N SER A 686 62.59 -1.41 -15.23
CA SER A 686 63.39 -1.74 -14.06
C SER A 686 64.79 -2.16 -14.52
N ASN A 687 65.77 -2.03 -13.62
CA ASN A 687 67.11 -2.57 -13.87
C ASN A 687 67.26 -3.94 -13.22
N ILE A 688 66.11 -4.58 -12.96
CA ILE A 688 66.03 -5.83 -12.19
C ILE A 688 65.24 -6.93 -12.91
N TYR A 689 64.05 -6.59 -13.41
CA TYR A 689 63.13 -7.60 -13.98
C TYR A 689 63.24 -7.73 -15.51
N THR A 690 64.44 -8.11 -15.96
CA THR A 690 64.79 -8.19 -17.38
C THR A 690 64.56 -9.57 -18.02
N LEU A 691 64.98 -9.71 -19.28
CA LEU A 691 64.95 -10.98 -19.99
C LEU A 691 66.07 -11.88 -19.48
N GLU A 692 67.21 -11.28 -19.15
CA GLU A 692 68.33 -12.00 -18.54
C GLU A 692 67.93 -12.52 -17.14
N TYR A 693 66.92 -11.87 -16.56
CA TYR A 693 66.39 -12.18 -15.23
C TYR A 693 65.53 -13.45 -15.14
N TYR A 694 64.62 -13.63 -16.10
CA TYR A 694 63.69 -14.77 -16.09
C TYR A 694 64.37 -16.12 -16.43
N VAL A 695 65.30 -16.11 -17.38
CA VAL A 695 66.09 -17.28 -17.75
C VAL A 695 66.83 -17.89 -16.54
N LYS A 696 67.46 -17.03 -15.75
CA LYS A 696 68.19 -17.46 -14.54
C LYS A 696 67.24 -18.10 -13.51
N LEU A 697 66.04 -17.53 -13.36
CA LEU A 697 65.00 -18.14 -12.51
C LEU A 697 64.54 -19.49 -13.06
N ALA A 698 64.51 -19.62 -14.39
CA ALA A 698 64.11 -20.85 -15.07
C ALA A 698 65.17 -21.97 -14.98
N LYS A 699 66.44 -21.63 -15.20
CA LYS A 699 67.52 -22.62 -15.09
C LYS A 699 67.59 -23.20 -13.67
N GLU A 700 67.11 -22.45 -12.70
CA GLU A 700 67.13 -22.84 -11.28
C GLU A 700 66.05 -23.87 -10.98
N LEU A 701 64.83 -23.62 -11.48
CA LEU A 701 63.69 -24.50 -11.23
C LEU A 701 63.89 -25.91 -11.78
N GLU A 702 64.67 -26.04 -12.86
CA GLU A 702 65.04 -27.35 -13.39
C GLU A 702 66.02 -28.05 -12.47
N ARG A 703 67.00 -27.31 -11.95
CA ARG A 703 67.99 -27.85 -11.00
C ARG A 703 67.35 -28.23 -9.66
N GLU A 704 66.29 -27.48 -9.28
CA GLU A 704 65.49 -27.85 -8.12
C GLU A 704 64.42 -28.86 -8.53
N GLY A 705 64.52 -29.35 -9.77
CA GLY A 705 63.82 -30.55 -10.24
C GLY A 705 62.36 -30.44 -10.63
N PHE A 706 61.95 -29.30 -11.17
CA PHE A 706 60.54 -29.12 -11.54
C PHE A 706 60.24 -29.70 -12.92
N HIS A 707 59.01 -30.22 -13.05
CA HIS A 707 58.60 -30.97 -14.22
C HIS A 707 58.22 -30.06 -15.40
N ILE A 708 57.52 -28.97 -15.09
CA ILE A 708 56.97 -28.07 -16.11
C ILE A 708 57.17 -26.60 -15.73
N LEU A 709 57.73 -25.84 -16.67
CA LEU A 709 57.87 -24.39 -16.50
C LEU A 709 56.60 -23.68 -16.93
N ALA A 710 56.05 -22.87 -16.02
CA ALA A 710 54.89 -22.04 -16.32
C ALA A 710 55.25 -20.56 -16.16
N ILE A 711 54.55 -19.70 -16.91
CA ILE A 711 54.65 -18.25 -16.72
C ILE A 711 53.28 -17.72 -16.31
N LYS A 712 53.20 -17.19 -15.08
CA LYS A 712 51.97 -16.56 -14.60
C LYS A 712 52.01 -15.05 -14.86
N ASP A 713 50.95 -14.54 -15.50
CA ASP A 713 50.85 -13.11 -15.81
C ASP A 713 49.54 -12.56 -15.25
N MET A 714 49.58 -12.21 -13.96
CA MET A 714 48.39 -11.89 -13.16
C MET A 714 47.66 -10.61 -13.58
N ALA A 715 48.39 -9.69 -14.21
CA ALA A 715 47.84 -8.41 -14.64
C ALA A 715 47.79 -8.25 -16.16
N GLY A 716 48.05 -9.33 -16.90
CA GLY A 716 48.03 -9.31 -18.36
C GLY A 716 49.03 -8.30 -18.89
N LEU A 717 50.24 -8.35 -18.34
CA LEU A 717 51.30 -7.39 -18.64
C LEU A 717 52.29 -7.88 -19.71
N LEU A 718 52.22 -9.19 -20.02
CA LEU A 718 53.07 -9.79 -21.03
C LEU A 718 52.57 -9.43 -22.42
N LYS A 719 53.12 -8.34 -22.96
CA LYS A 719 52.74 -7.82 -24.27
C LYS A 719 53.12 -8.80 -25.39
N PRO A 720 52.33 -8.84 -26.48
CA PRO A 720 52.58 -9.68 -27.67
C PRO A 720 54.04 -9.85 -28.16
N LYS A 721 54.72 -8.77 -28.57
CA LYS A 721 56.09 -8.91 -29.08
C LYS A 721 57.12 -9.10 -27.94
N ALA A 722 56.62 -9.30 -26.73
CA ALA A 722 57.45 -9.71 -25.61
C ALA A 722 57.23 -11.19 -25.34
N ALA A 723 55.97 -11.62 -25.52
CA ALA A 723 55.57 -13.01 -25.37
C ALA A 723 56.29 -13.90 -26.39
N TYR A 724 56.45 -13.39 -27.60
CA TYR A 724 57.23 -14.08 -28.64
C TYR A 724 58.72 -14.16 -28.27
N GLU A 725 59.19 -13.22 -27.44
CA GLU A 725 60.60 -13.16 -27.04
C GLU A 725 60.89 -13.69 -25.64
N LEU A 726 59.84 -14.02 -24.88
CA LEU A 726 60.01 -14.72 -23.61
C LEU A 726 60.06 -16.23 -23.87
N ILE A 727 59.05 -16.73 -24.59
CA ILE A 727 58.88 -18.14 -24.89
C ILE A 727 60.07 -18.74 -25.62
N GLY A 728 60.65 -17.98 -26.56
CA GLY A 728 61.82 -18.42 -27.32
C GLY A 728 63.10 -18.55 -26.51
N GLU A 729 63.40 -17.53 -25.69
CA GLU A 729 64.61 -17.49 -24.86
C GLU A 729 64.58 -18.53 -23.72
N LEU A 730 63.43 -19.16 -23.52
CA LEU A 730 63.29 -20.24 -22.54
C LEU A 730 63.30 -21.60 -23.23
N LYS A 731 62.73 -21.66 -24.44
CA LYS A 731 62.80 -22.85 -25.28
C LYS A 731 64.19 -23.06 -25.91
N SER A 732 65.22 -22.93 -25.07
CA SER A 732 66.62 -23.17 -25.44
C SER A 732 67.48 -23.17 -24.18
N ALA A 733 67.07 -22.37 -23.19
CA ALA A 733 67.75 -22.30 -21.90
C ALA A 733 67.33 -23.45 -21.02
N VAL A 734 66.06 -23.86 -21.13
CA VAL A 734 65.56 -25.01 -20.38
C VAL A 734 64.88 -26.05 -21.29
N ASP A 735 65.00 -27.33 -20.91
CA ASP A 735 64.39 -28.44 -21.64
C ASP A 735 62.92 -28.63 -21.30
N LEU A 736 62.49 -28.07 -20.17
CA LEU A 736 61.12 -28.24 -19.70
C LEU A 736 60.11 -27.50 -20.57
N PRO A 737 59.02 -28.20 -20.96
CA PRO A 737 57.91 -27.59 -21.71
C PRO A 737 57.43 -26.30 -21.08
N ILE A 738 56.73 -25.49 -21.87
CA ILE A 738 56.21 -24.24 -21.35
C ILE A 738 54.69 -24.24 -21.26
N HIS A 739 54.19 -23.61 -20.19
CA HIS A 739 52.78 -23.48 -19.88
C HIS A 739 52.52 -21.99 -19.60
N LEU A 740 51.79 -21.31 -20.49
CA LEU A 740 51.54 -19.88 -20.29
C LEU A 740 50.14 -19.61 -19.71
N HIS A 741 50.05 -18.62 -18.83
CA HIS A 741 48.82 -18.29 -18.09
C HIS A 741 48.70 -16.78 -17.94
N THR A 742 47.83 -16.17 -18.74
CA THR A 742 47.68 -14.71 -18.69
C THR A 742 46.23 -14.23 -18.51
N HIS A 743 46.07 -12.96 -18.17
CA HIS A 743 44.76 -12.34 -18.11
C HIS A 743 44.55 -11.40 -19.29
N ASP A 744 43.29 -11.31 -19.73
CA ASP A 744 42.92 -10.61 -20.96
C ASP A 744 42.62 -9.13 -20.68
N THR A 745 43.04 -8.64 -19.51
CA THR A 745 42.65 -7.29 -18.99
C THR A 745 42.89 -6.13 -19.96
N SER A 746 43.90 -6.28 -20.82
CA SER A 746 44.24 -5.25 -21.82
C SER A 746 43.59 -5.49 -23.19
N GLY A 747 42.96 -6.65 -23.35
CA GLY A 747 42.32 -7.02 -24.62
C GLY A 747 43.31 -7.50 -25.66
N ASN A 748 44.45 -8.00 -25.19
CA ASN A 748 45.53 -8.47 -26.04
C ASN A 748 45.91 -9.92 -25.74
N GLY A 749 45.18 -10.52 -24.80
CA GLY A 749 45.41 -11.90 -24.35
C GLY A 749 45.43 -12.91 -25.48
N LEU A 750 44.65 -12.64 -26.52
CA LEU A 750 44.66 -13.45 -27.73
C LEU A 750 46.00 -13.31 -28.46
N LEU A 751 46.28 -12.12 -28.99
CA LEU A 751 47.54 -11.81 -29.70
C LEU A 751 48.80 -12.30 -29.00
N THR A 752 48.75 -12.37 -27.68
CA THR A 752 49.85 -12.90 -26.87
C THR A 752 50.02 -14.41 -27.12
N TYR A 753 48.92 -15.16 -27.03
CA TYR A 753 48.98 -16.61 -27.27
C TYR A 753 49.39 -16.98 -28.70
N LYS A 754 48.91 -16.23 -29.70
CA LYS A 754 49.33 -16.46 -31.09
C LYS A 754 50.85 -16.34 -31.24
N GLN A 755 51.42 -15.33 -30.58
CA GLN A 755 52.86 -15.09 -30.58
C GLN A 755 53.61 -16.12 -29.76
N ALA A 756 53.07 -16.48 -28.59
CA ALA A 756 53.60 -17.59 -27.81
C ALA A 756 53.65 -18.86 -28.67
N ILE A 757 52.53 -19.11 -29.36
CA ILE A 757 52.38 -20.26 -30.24
C ILE A 757 53.38 -20.22 -31.41
N ASP A 758 53.63 -19.02 -31.94
CA ASP A 758 54.60 -18.86 -33.02
C ASP A 758 56.04 -19.00 -32.53
N ALA A 759 56.19 -18.99 -31.20
CA ALA A 759 57.48 -19.16 -30.55
C ALA A 759 57.53 -20.50 -29.83
N GLY A 760 56.58 -21.37 -30.16
CA GLY A 760 56.64 -22.78 -29.79
C GLY A 760 56.02 -23.28 -28.49
N VAL A 761 55.22 -22.45 -27.81
CA VAL A 761 54.62 -22.84 -26.52
C VAL A 761 53.85 -24.17 -26.59
N ASP A 762 53.88 -24.93 -25.50
CA ASP A 762 53.22 -26.24 -25.45
C ASP A 762 51.77 -26.07 -25.07
N ILE A 763 51.53 -25.72 -23.80
CA ILE A 763 50.17 -25.58 -23.26
C ILE A 763 49.88 -24.12 -22.93
N ILE A 764 48.61 -23.76 -22.95
CA ILE A 764 48.16 -22.42 -22.54
C ILE A 764 46.92 -22.55 -21.64
N ASP A 765 46.73 -21.58 -20.74
CA ASP A 765 45.55 -21.55 -19.89
C ASP A 765 44.47 -20.73 -20.56
N THR A 766 43.30 -21.34 -20.75
CA THR A 766 42.17 -20.65 -21.37
C THR A 766 40.85 -20.89 -20.65
N ALA A 767 39.80 -20.33 -21.22
CA ALA A 767 38.45 -20.60 -20.78
C ALA A 767 37.47 -20.57 -21.96
N VAL A 768 36.31 -21.16 -21.73
CA VAL A 768 35.15 -21.09 -22.59
C VAL A 768 34.85 -19.62 -22.95
N ALA A 769 34.12 -19.43 -24.05
CA ALA A 769 33.74 -18.10 -24.56
C ALA A 769 32.97 -17.25 -23.53
N SER A 770 31.94 -17.83 -22.93
CA SER A 770 31.07 -17.10 -22.00
C SER A 770 31.76 -16.71 -20.68
N MET A 771 32.90 -17.35 -20.42
CA MET A 771 33.69 -17.12 -19.20
C MET A 771 35.10 -16.58 -19.53
N SER A 772 35.23 -15.99 -20.72
CA SER A 772 36.51 -15.43 -21.19
C SER A 772 36.52 -13.91 -21.13
N GLY A 773 37.41 -13.30 -21.92
CA GLY A 773 37.51 -11.84 -22.09
C GLY A 773 37.95 -11.04 -20.88
N LEU A 774 38.12 -9.72 -21.05
CA LEU A 774 38.24 -8.79 -19.94
C LEU A 774 39.28 -9.25 -18.88
N THR A 775 38.90 -9.18 -17.61
CA THR A 775 39.72 -9.65 -16.48
C THR A 775 40.07 -11.15 -16.47
N SER A 776 39.31 -11.95 -17.22
CA SER A 776 39.41 -13.41 -17.21
C SER A 776 40.61 -13.97 -17.99
N GLN A 777 40.66 -15.30 -18.12
CA GLN A 777 41.57 -15.96 -19.08
C GLN A 777 41.15 -15.66 -20.51
N PRO A 778 42.08 -15.83 -21.47
CA PRO A 778 41.78 -15.62 -22.89
C PRO A 778 40.84 -16.67 -23.50
N SER A 779 40.05 -16.23 -24.49
CA SER A 779 38.94 -17.01 -25.07
C SER A 779 39.37 -18.24 -25.87
N ALA A 780 39.19 -19.42 -25.28
CA ALA A 780 39.49 -20.71 -25.93
C ALA A 780 38.82 -20.86 -27.28
N ASN A 781 37.53 -20.56 -27.35
CA ASN A 781 36.79 -20.56 -28.59
C ASN A 781 37.48 -19.72 -29.67
N SER A 782 37.65 -18.44 -29.37
CA SER A 782 38.20 -17.46 -30.32
C SER A 782 39.60 -17.84 -30.82
N LEU A 783 40.44 -18.34 -29.92
CA LEU A 783 41.80 -18.73 -30.27
C LEU A 783 41.82 -19.91 -31.25
N TYR A 784 40.74 -20.71 -31.23
CA TYR A 784 40.59 -21.82 -32.17
C TYR A 784 40.50 -21.32 -33.60
N TYR A 785 39.46 -20.52 -33.88
CA TYR A 785 39.24 -19.98 -35.22
C TYR A 785 40.32 -19.01 -35.66
N ALA A 786 41.10 -18.50 -34.71
CA ALA A 786 42.19 -17.58 -35.00
C ALA A 786 43.36 -18.31 -35.64
N LEU A 787 43.65 -19.49 -35.09
CA LEU A 787 44.74 -20.32 -35.58
C LEU A 787 44.48 -20.95 -36.95
N ASN A 788 43.30 -20.67 -37.53
CA ASN A 788 42.93 -21.21 -38.83
C ASN A 788 43.88 -20.77 -39.96
N GLY A 789 44.49 -21.75 -40.62
CA GLY A 789 45.46 -21.50 -41.67
C GLY A 789 46.88 -21.28 -41.18
N PHE A 790 47.05 -21.24 -39.85
CA PHE A 790 48.37 -21.05 -39.22
C PHE A 790 49.06 -22.39 -38.97
N PRO A 791 50.40 -22.42 -39.09
CA PRO A 791 51.17 -23.68 -39.05
C PRO A 791 51.04 -24.43 -37.72
N ARG A 792 50.51 -23.77 -36.71
CA ARG A 792 50.30 -24.38 -35.39
C ARG A 792 48.82 -24.32 -35.03
N HIS A 793 48.27 -25.47 -34.67
CA HIS A 793 46.82 -25.67 -34.59
C HIS A 793 46.38 -25.91 -33.13
N LEU A 794 45.13 -25.56 -32.82
CA LEU A 794 44.56 -25.76 -31.49
C LEU A 794 43.90 -27.13 -31.34
N ARG A 795 44.30 -27.86 -30.30
CA ARG A 795 43.81 -29.22 -30.09
C ARG A 795 42.71 -29.30 -29.03
N THR A 796 41.50 -29.55 -29.50
CA THR A 796 40.30 -29.60 -28.66
C THR A 796 39.03 -29.69 -29.53
N ASP A 797 37.87 -29.65 -28.89
CA ASP A 797 36.59 -29.77 -29.55
C ASP A 797 35.84 -28.42 -29.57
N ILE A 798 35.69 -27.84 -30.75
CA ILE A 798 34.89 -26.62 -30.95
C ILE A 798 33.40 -26.85 -30.70
N GLU A 799 32.82 -27.77 -31.46
CA GLU A 799 31.44 -28.23 -31.30
C GLU A 799 31.03 -28.32 -29.81
N GLY A 800 31.87 -28.99 -29.03
CA GLY A 800 31.63 -29.18 -27.61
C GLY A 800 31.83 -27.89 -26.84
N MET A 801 32.83 -27.11 -27.25
CA MET A 801 33.11 -25.81 -26.64
C MET A 801 32.01 -24.80 -26.87
N GLU A 802 31.28 -24.92 -27.97
CA GLU A 802 30.14 -24.05 -28.24
C GLU A 802 28.97 -24.41 -27.34
N SER A 803 28.83 -25.70 -27.06
CA SER A 803 27.87 -26.20 -26.08
C SER A 803 28.28 -25.80 -24.66
N LEU A 804 29.57 -25.95 -24.37
CA LEU A 804 30.16 -25.46 -23.12
C LEU A 804 30.03 -23.94 -23.01
N SER A 805 30.04 -23.24 -24.14
CA SER A 805 29.82 -21.79 -24.17
C SER A 805 28.36 -21.45 -23.93
N HIS A 806 27.44 -22.29 -24.40
CA HIS A 806 26.02 -22.00 -24.22
C HIS A 806 25.48 -22.44 -22.87
N TYR A 807 26.10 -23.47 -22.30
CA TYR A 807 25.77 -23.91 -20.94
C TYR A 807 26.15 -22.82 -19.90
N TRP A 808 27.40 -22.39 -19.90
CA TRP A 808 27.86 -21.34 -18.99
C TRP A 808 27.29 -19.97 -19.35
N SER A 809 26.88 -19.79 -20.60
CA SER A 809 26.17 -18.58 -21.02
C SER A 809 25.01 -18.37 -20.08
N THR A 810 24.18 -19.39 -19.89
CA THR A 810 23.05 -19.28 -19.00
C THR A 810 23.43 -19.47 -17.52
N VAL A 811 24.37 -20.36 -17.23
CA VAL A 811 24.76 -20.62 -15.84
C VAL A 811 25.42 -19.41 -15.16
N ARG A 812 26.04 -18.53 -15.95
CA ARG A 812 26.69 -17.33 -15.38
C ARG A 812 25.66 -16.34 -14.82
N THR A 813 24.45 -16.37 -15.37
CA THR A 813 23.38 -15.46 -14.99
C THR A 813 22.92 -15.67 -13.55
N TYR A 814 23.09 -16.89 -13.02
CA TYR A 814 22.78 -17.18 -11.63
C TYR A 814 23.61 -16.30 -10.68
N TYR A 815 24.76 -15.84 -11.16
CA TYR A 815 25.77 -15.20 -10.32
C TYR A 815 25.99 -13.70 -10.59
N SER A 816 24.93 -13.00 -11.02
CA SER A 816 25.06 -11.63 -11.51
C SER A 816 25.41 -10.58 -10.45
N ASP A 817 25.03 -10.86 -9.19
CA ASP A 817 25.34 -9.95 -8.07
C ASP A 817 26.84 -9.96 -7.74
N PHE A 818 27.57 -10.84 -8.40
CA PHE A 818 29.00 -11.03 -8.14
C PHE A 818 29.87 -10.45 -9.24
N GLU A 819 29.23 -10.11 -10.36
CA GLU A 819 29.89 -9.44 -11.48
C GLU A 819 30.67 -8.19 -11.06
N SER A 820 31.98 -8.15 -11.37
CA SER A 820 32.80 -6.95 -11.18
C SER A 820 32.40 -5.87 -12.21
N ASP A 821 32.74 -4.60 -11.97
CA ASP A 821 32.23 -3.54 -12.86
C ASP A 821 33.05 -3.23 -14.12
N ILE A 822 34.33 -3.60 -14.15
CA ILE A 822 35.15 -3.58 -15.37
C ILE A 822 34.33 -4.17 -16.53
N LYS A 823 33.84 -3.30 -17.41
CA LYS A 823 32.99 -3.74 -18.53
C LYS A 823 33.78 -3.69 -19.84
N SER A 824 35.07 -3.37 -19.72
CA SER A 824 35.92 -3.12 -20.89
C SER A 824 37.36 -3.57 -20.66
N PRO A 825 38.13 -3.66 -21.75
CA PRO A 825 39.56 -3.88 -21.57
C PRO A 825 40.20 -2.58 -21.12
N ASN A 826 41.07 -2.67 -20.12
CA ASN A 826 41.80 -1.51 -19.61
C ASN A 826 43.30 -1.67 -19.87
N THR A 827 43.89 -0.65 -20.51
CA THR A 827 45.27 -0.77 -20.97
C THR A 827 46.28 -0.03 -20.09
N GLU A 828 45.81 0.88 -19.25
CA GLU A 828 46.72 1.55 -18.30
C GLU A 828 47.07 0.64 -17.12
N ILE A 829 46.92 -0.67 -17.32
CA ILE A 829 47.49 -1.68 -16.43
C ILE A 829 49.01 -1.54 -16.47
N TYR A 830 49.53 -1.16 -17.63
CA TYR A 830 50.96 -1.15 -17.89
C TYR A 830 51.72 -0.11 -17.04
N GLN A 831 50.97 0.61 -16.21
CA GLN A 831 51.53 1.65 -15.34
C GLN A 831 51.56 1.20 -13.89
N HIS A 832 50.39 0.93 -13.32
CA HIS A 832 50.29 0.58 -11.89
C HIS A 832 50.45 -0.91 -11.58
N GLU A 833 50.32 -1.75 -12.61
CA GLU A 833 50.55 -3.20 -12.52
C GLU A 833 49.67 -3.91 -11.48
N MET A 834 48.36 -3.66 -11.54
CA MET A 834 47.41 -4.28 -10.60
C MET A 834 46.84 -5.60 -11.15
N PRO A 835 46.98 -6.70 -10.37
CA PRO A 835 46.64 -8.08 -10.77
C PRO A 835 45.16 -8.43 -10.68
N GLY A 836 44.86 -9.71 -10.96
CA GLY A 836 43.55 -10.35 -10.66
C GLY A 836 42.29 -9.50 -10.73
N GLY A 837 42.07 -8.70 -9.69
CA GLY A 837 41.00 -7.71 -9.64
C GLY A 837 41.35 -6.65 -8.61
N GLN A 838 41.77 -5.47 -9.07
CA GLN A 838 42.37 -4.48 -8.17
C GLN A 838 42.25 -3.00 -8.59
N TYR A 839 41.74 -2.72 -9.79
CA TYR A 839 41.40 -1.32 -10.14
C TYR A 839 39.90 -1.01 -10.09
N SER A 840 39.10 -2.05 -9.81
CA SER A 840 37.68 -1.91 -9.55
C SER A 840 37.38 -2.31 -8.09
N ASN A 841 38.18 -3.24 -7.57
CA ASN A 841 38.04 -3.76 -6.22
C ASN A 841 38.75 -2.89 -5.17
N LEU A 842 39.86 -2.28 -5.56
CA LEU A 842 40.55 -1.28 -4.74
C LEU A 842 39.98 0.13 -5.01
N SER A 843 38.91 0.17 -5.81
CA SER A 843 38.14 1.40 -5.99
C SER A 843 36.90 1.38 -5.10
N GLN A 844 36.80 0.34 -4.25
CA GLN A 844 35.74 0.24 -3.24
C GLN A 844 36.32 0.49 -1.83
N GLN A 845 37.52 -0.04 -1.62
CA GLN A 845 38.27 0.12 -0.36
C GLN A 845 38.80 1.56 -0.20
N ALA A 846 38.58 2.39 -1.21
CA ALA A 846 39.04 3.78 -1.22
C ALA A 846 37.91 4.78 -1.03
N LYS A 847 36.79 4.55 -1.71
CA LYS A 847 35.59 5.39 -1.60
C LYS A 847 35.03 5.42 -0.18
N SER A 848 35.08 4.27 0.50
CA SER A 848 34.71 4.12 1.90
C SER A 848 35.60 4.98 2.81
N LEU A 849 36.83 5.23 2.35
CA LEU A 849 37.78 6.09 3.05
C LEU A 849 37.64 7.58 2.67
N GLY A 850 36.73 7.85 1.72
CA GLY A 850 36.39 9.21 1.32
C GLY A 850 37.31 9.80 0.27
N LEU A 851 37.83 8.95 -0.61
CA LEU A 851 38.79 9.38 -1.62
C LEU A 851 38.49 8.83 -3.02
N GLY A 852 37.23 8.46 -3.26
CA GLY A 852 36.79 7.99 -4.57
C GLY A 852 36.83 9.08 -5.63
N GLU A 853 36.75 10.32 -5.17
CA GLU A 853 36.96 11.49 -6.02
C GLU A 853 38.43 11.65 -6.35
N ARG A 854 39.29 11.38 -5.36
CA ARG A 854 40.75 11.53 -5.52
C ARG A 854 41.44 10.26 -6.05
N PHE A 855 40.73 9.50 -6.89
CA PHE A 855 41.20 8.21 -7.37
C PHE A 855 42.45 8.29 -8.26
N ASP A 856 42.75 9.49 -8.78
CA ASP A 856 43.92 9.65 -9.65
C ASP A 856 45.25 9.35 -8.94
N GLU A 857 45.28 9.60 -7.63
CA GLU A 857 46.49 9.44 -6.82
C GLU A 857 46.50 8.12 -6.04
N VAL A 858 45.51 7.27 -6.33
CA VAL A 858 45.38 5.95 -5.70
C VAL A 858 45.86 4.84 -6.65
N LYS A 859 45.87 5.15 -7.95
CA LYS A 859 46.52 4.32 -8.96
C LYS A 859 47.99 4.72 -8.99
N ASP A 860 48.22 6.04 -8.88
CA ASP A 860 49.55 6.65 -8.95
C ASP A 860 50.44 6.30 -7.77
N MET A 861 49.87 6.37 -6.56
CA MET A 861 50.62 6.04 -5.34
C MET A 861 51.09 4.60 -5.39
N TYR A 862 50.14 3.67 -5.59
CA TYR A 862 50.43 2.26 -5.84
C TYR A 862 51.74 2.07 -6.62
N ARG A 863 51.86 2.76 -7.75
CA ARG A 863 53.06 2.74 -8.60
C ARG A 863 54.29 3.35 -7.92
N ARG A 864 54.10 4.50 -7.26
CA ARG A 864 55.18 5.16 -6.51
C ARG A 864 55.61 4.33 -5.30
N VAL A 865 54.67 3.54 -4.78
CA VAL A 865 54.88 2.68 -3.62
C VAL A 865 55.63 1.39 -3.97
N ASN A 866 55.50 0.95 -5.22
CA ASN A 866 56.28 -0.20 -5.71
C ASN A 866 57.77 0.15 -5.84
N PHE A 867 58.03 1.40 -6.23
CA PHE A 867 59.40 1.94 -6.29
C PHE A 867 59.83 2.57 -4.96
N LEU A 868 59.00 2.35 -3.93
CA LEU A 868 59.36 2.57 -2.55
C LEU A 868 59.73 1.24 -1.89
N PHE A 869 59.10 0.14 -2.32
CA PHE A 869 59.41 -1.22 -1.83
C PHE A 869 60.48 -1.93 -2.67
N GLY A 870 61.24 -1.15 -3.45
CA GLY A 870 62.35 -1.67 -4.25
C GLY A 870 61.95 -2.53 -5.43
N ASP A 871 60.73 -2.34 -5.94
CA ASP A 871 60.20 -3.04 -7.12
C ASP A 871 59.93 -4.51 -6.79
N ILE A 872 58.66 -4.85 -6.65
CA ILE A 872 58.29 -6.19 -6.21
C ILE A 872 57.22 -6.82 -7.09
N VAL A 873 57.20 -8.15 -7.08
CA VAL A 873 56.12 -8.92 -7.67
C VAL A 873 54.82 -8.58 -6.91
N LYS A 874 53.70 -8.62 -7.63
CA LYS A 874 52.40 -8.27 -7.04
C LYS A 874 51.30 -9.32 -7.28
N VAL A 875 51.25 -10.31 -6.39
CA VAL A 875 50.04 -11.11 -6.17
C VAL A 875 49.86 -11.26 -4.66
N THR A 876 48.64 -11.50 -4.21
CA THR A 876 48.37 -11.63 -2.77
C THR A 876 49.23 -12.75 -2.17
N PRO A 877 49.75 -12.51 -0.94
CA PRO A 877 49.46 -11.34 -0.10
C PRO A 877 50.38 -10.12 -0.29
N SER A 878 51.08 -10.02 -1.42
CA SER A 878 51.93 -8.85 -1.70
C SER A 878 51.19 -7.71 -2.45
N SER A 879 50.18 -8.06 -3.25
CA SER A 879 49.34 -7.07 -3.91
C SER A 879 48.42 -6.34 -2.93
N LYS A 880 48.10 -7.00 -1.82
CA LYS A 880 47.35 -6.40 -0.73
C LYS A 880 48.24 -5.46 0.10
N VAL A 881 49.57 -5.60 -0.05
CA VAL A 881 50.53 -4.77 0.69
C VAL A 881 50.83 -3.43 -0.03
N VAL A 882 50.93 -3.48 -1.35
CA VAL A 882 51.17 -2.29 -2.17
C VAL A 882 49.98 -1.33 -2.08
N GLY A 883 48.79 -1.91 -1.99
CA GLY A 883 47.54 -1.15 -1.89
C GLY A 883 47.01 -1.02 -0.48
N ASP A 884 47.92 -1.05 0.49
CA ASP A 884 47.58 -0.71 1.87
C ASP A 884 48.46 0.44 2.36
N MET A 885 49.58 0.65 1.67
CA MET A 885 50.36 1.88 1.81
C MET A 885 49.86 2.94 0.82
N ALA A 886 49.21 2.48 -0.24
CA ALA A 886 48.59 3.35 -1.25
C ALA A 886 47.41 4.11 -0.65
N LEU A 887 46.70 3.47 0.27
CA LEU A 887 45.58 4.09 0.97
C LEU A 887 46.04 4.78 2.26
N TYR A 888 47.36 4.84 2.45
CA TYR A 888 47.94 5.38 3.67
C TYR A 888 48.68 6.71 3.46
N MET A 889 49.31 6.88 2.30
CA MET A 889 49.97 8.14 1.97
C MET A 889 48.97 9.13 1.38
N VAL A 890 47.80 8.61 1.01
CA VAL A 890 46.73 9.43 0.46
C VAL A 890 45.75 9.90 1.58
N GLN A 891 45.24 8.94 2.36
CA GLN A 891 44.28 9.22 3.45
C GLN A 891 44.84 10.12 4.56
N ASN A 892 46.17 10.20 4.66
CA ASN A 892 46.84 11.06 5.65
C ASN A 892 48.15 11.69 5.13
N ASP A 893 48.19 11.90 3.82
CA ASP A 893 49.17 12.76 3.13
C ASP A 893 50.65 12.48 3.43
N LEU A 894 51.31 11.79 2.50
CA LEU A 894 52.75 11.57 2.52
C LEU A 894 53.28 11.49 1.09
N ASP A 895 54.60 11.32 0.91
CA ASP A 895 55.23 11.19 -0.42
C ASP A 895 56.56 10.43 -0.44
N GLU A 896 57.22 10.45 -1.60
CA GLU A 896 58.37 9.57 -1.91
C GLU A 896 59.65 9.74 -1.07
N GLN A 897 59.61 10.66 -0.10
CA GLN A 897 60.73 10.86 0.84
C GLN A 897 60.29 11.28 2.25
N SER A 898 58.97 11.46 2.44
CA SER A 898 58.43 11.98 3.71
C SER A 898 58.17 10.92 4.77
N VAL A 899 57.92 9.68 4.34
CA VAL A 899 57.71 8.55 5.25
C VAL A 899 59.03 8.13 5.93
N ILE A 900 60.16 8.49 5.33
CA ILE A 900 61.48 8.27 5.92
C ILE A 900 61.79 9.34 6.97
N THR A 901 61.32 10.57 6.72
CA THR A 901 61.61 11.73 7.60
C THR A 901 60.81 11.69 8.91
N ASP A 902 59.54 12.09 8.86
CA ASP A 902 58.64 11.92 9.99
C ASP A 902 57.87 10.62 9.84
N GLY A 903 58.54 9.51 10.15
CA GLY A 903 58.01 8.19 9.91
C GLY A 903 57.92 7.29 11.12
N TYR A 904 58.91 7.36 12.00
CA TYR A 904 58.97 6.46 13.16
C TYR A 904 58.00 6.86 14.29
N LYS A 905 57.07 7.77 13.98
CA LYS A 905 56.04 8.19 14.92
C LYS A 905 54.71 7.45 14.69
N LEU A 906 53.71 8.16 14.19
CA LEU A 906 52.30 7.72 14.21
C LEU A 906 51.97 6.42 13.47
N ASP A 907 51.01 5.68 14.03
CA ASP A 907 50.25 4.57 13.40
C ASP A 907 50.95 3.74 12.30
N PHE A 908 50.65 2.43 12.25
CA PHE A 908 51.18 1.54 11.21
C PHE A 908 50.19 0.46 10.71
N PRO A 909 50.15 0.22 9.38
CA PRO A 909 49.20 -0.73 8.79
C PRO A 909 49.62 -2.18 8.98
N GLU A 910 48.63 -3.04 9.23
CA GLU A 910 48.84 -4.46 9.58
C GLU A 910 49.74 -5.23 8.63
N SER A 911 49.35 -5.25 7.36
CA SER A 911 50.01 -6.08 6.34
C SER A 911 51.42 -5.60 5.96
N VAL A 912 51.67 -4.30 6.10
CA VAL A 912 52.97 -3.70 5.75
C VAL A 912 54.09 -4.09 6.73
N VAL A 913 53.87 -3.91 8.03
CA VAL A 913 54.83 -4.39 9.04
C VAL A 913 54.98 -5.92 8.99
N SER A 914 53.91 -6.61 8.57
CA SER A 914 53.94 -8.05 8.37
C SER A 914 54.84 -8.42 7.19
N PHE A 915 54.74 -7.66 6.10
CA PHE A 915 55.60 -7.90 4.94
C PHE A 915 57.07 -7.58 5.26
N PHE A 916 57.29 -6.46 5.95
CA PHE A 916 58.63 -5.96 6.25
C PHE A 916 59.35 -6.72 7.36
N LYS A 917 58.61 -7.55 8.08
CA LYS A 917 59.21 -8.46 9.05
C LYS A 917 59.66 -9.72 8.32
N GLY A 918 59.10 -9.93 7.12
CA GLY A 918 59.46 -11.07 6.28
C GLY A 918 58.51 -12.24 6.42
N GLU A 919 57.30 -11.96 6.90
CA GLU A 919 56.29 -12.98 7.21
C GLU A 919 55.46 -13.41 5.99
N ILE A 920 56.02 -13.17 4.81
CA ILE A 920 55.33 -13.47 3.57
C ILE A 920 56.35 -13.97 2.54
N GLY A 921 57.63 -13.98 2.93
CA GLY A 921 58.71 -14.41 2.06
C GLY A 921 59.51 -13.23 1.53
N GLN A 922 60.84 -13.36 1.57
CA GLN A 922 61.76 -12.28 1.15
C GLN A 922 61.60 -11.88 -0.33
N PRO A 923 61.82 -10.59 -0.65
CA PRO A 923 61.73 -10.12 -2.04
C PRO A 923 63.10 -10.05 -2.74
N VAL A 924 63.09 -9.55 -3.98
CA VAL A 924 64.27 -9.55 -4.85
C VAL A 924 65.38 -8.55 -4.44
N ASN A 925 64.98 -7.33 -4.06
CA ASN A 925 65.94 -6.27 -3.75
C ASN A 925 66.36 -6.17 -2.27
N GLY A 926 65.65 -6.90 -1.42
CA GLY A 926 65.82 -6.75 0.03
C GLY A 926 64.97 -5.60 0.51
N PHE A 927 65.54 -4.76 1.37
CA PHE A 927 64.87 -3.56 1.88
C PHE A 927 65.85 -2.40 1.95
N ASN A 928 65.34 -1.21 2.29
CA ASN A 928 66.20 -0.09 2.66
C ASN A 928 66.29 -0.04 4.18
N LYS A 929 67.52 -0.06 4.70
CA LYS A 929 67.80 -0.09 6.15
C LYS A 929 66.93 0.90 6.94
N ASP A 930 66.99 2.19 6.58
CA ASP A 930 66.25 3.25 7.27
C ASP A 930 64.75 3.10 7.10
N LEU A 931 64.35 2.63 5.93
CA LEU A 931 62.94 2.42 5.58
C LEU A 931 62.31 1.26 6.38
N GLN A 932 63.05 0.16 6.49
CA GLN A 932 62.58 -1.04 7.19
C GLN A 932 62.50 -0.84 8.71
N ALA A 933 63.52 -0.18 9.27
CA ALA A 933 63.65 0.00 10.73
C ALA A 933 62.63 1.00 11.29
N VAL A 934 62.26 1.99 10.47
CA VAL A 934 61.29 3.01 10.85
C VAL A 934 59.86 2.45 10.88
N ILE A 935 59.55 1.58 9.91
CA ILE A 935 58.22 0.98 9.82
C ILE A 935 58.01 -0.13 10.87
N LEU A 936 59.09 -0.85 11.21
CA LEU A 936 58.98 -2.03 12.06
C LEU A 936 58.86 -1.78 13.57
N LYS A 937 59.08 -0.54 14.01
CA LYS A 937 59.14 -0.20 15.44
C LYS A 937 60.23 -1.02 16.15
N GLY A 938 60.87 -1.91 15.39
CA GLY A 938 61.98 -2.73 15.88
C GLY A 938 61.64 -4.13 16.32
N GLN A 939 60.79 -4.82 15.56
CA GLN A 939 60.47 -6.23 15.81
C GLN A 939 61.38 -7.16 15.00
N GLU A 940 61.50 -8.41 15.43
CA GLU A 940 62.40 -9.38 14.79
C GLU A 940 62.03 -9.62 13.34
N ALA A 941 62.77 -8.99 12.43
CA ALA A 941 62.62 -9.24 11.00
C ALA A 941 63.36 -10.53 10.68
N LEU A 942 62.61 -11.61 10.53
CA LEU A 942 63.18 -12.95 10.32
C LEU A 942 63.92 -13.04 8.99
N THR A 943 65.20 -13.38 9.06
CA THR A 943 66.02 -13.59 7.85
C THR A 943 65.51 -14.81 7.09
N ALA A 944 65.29 -15.90 7.82
CA ALA A 944 64.93 -17.18 7.23
C ALA A 944 63.49 -17.26 6.73
N ARG A 945 63.23 -18.29 5.93
CA ARG A 945 61.93 -18.64 5.40
C ARG A 945 60.87 -18.76 6.51
N PRO A 946 59.85 -17.87 6.51
CA PRO A 946 58.79 -17.77 7.52
C PRO A 946 58.26 -19.12 8.04
N GLY A 947 58.09 -20.09 7.14
CA GLY A 947 57.60 -21.42 7.51
C GLY A 947 58.67 -22.43 7.88
N GLU A 948 59.79 -21.95 8.41
CA GLU A 948 60.83 -22.83 8.96
C GLU A 948 60.93 -22.57 10.46
N TYR A 949 60.71 -21.30 10.83
CA TYR A 949 60.65 -20.88 12.23
C TYR A 949 59.38 -21.41 12.89
N LEU A 950 58.34 -21.62 12.09
CA LEU A 950 57.06 -22.15 12.58
C LEU A 950 57.17 -23.63 12.93
N GLU A 951 56.69 -23.97 14.12
CA GLU A 951 56.88 -25.29 14.72
C GLU A 951 55.80 -26.27 14.26
N PRO A 952 56.19 -27.53 13.98
CA PRO A 952 55.30 -28.63 13.59
C PRO A 952 53.98 -28.70 14.37
N VAL A 953 52.90 -28.99 13.65
CA VAL A 953 51.55 -29.08 14.22
C VAL A 953 51.30 -30.47 14.77
N ASP A 954 50.72 -30.55 15.97
CA ASP A 954 50.38 -31.84 16.56
C ASP A 954 49.14 -32.42 15.90
N PHE A 955 49.34 -33.15 14.80
CA PHE A 955 48.25 -33.67 13.97
C PHE A 955 47.24 -34.57 14.70
N GLU A 956 47.76 -35.45 15.57
CA GLU A 956 46.93 -36.37 16.34
C GLU A 956 46.04 -35.64 17.36
N LYS A 957 46.55 -34.55 17.94
CA LYS A 957 45.79 -33.78 18.93
C LYS A 957 44.65 -32.99 18.28
N VAL A 958 44.91 -32.45 17.08
CA VAL A 958 43.86 -31.82 16.29
C VAL A 958 42.79 -32.87 16.00
N ARG A 959 43.20 -34.02 15.48
CA ARG A 959 42.34 -35.17 15.25
C ARG A 959 41.55 -35.58 16.51
N GLU A 960 42.19 -35.45 17.66
CA GLU A 960 41.63 -35.86 18.96
C GLU A 960 40.65 -34.83 19.54
N LEU A 961 40.97 -33.55 19.37
CA LEU A 961 40.11 -32.49 19.86
C LEU A 961 39.09 -32.04 18.80
N LEU A 962 39.17 -32.67 17.62
CA LEU A 962 38.12 -32.51 16.61
C LEU A 962 36.99 -33.53 16.80
N GLU A 963 37.25 -34.56 17.60
CA GLU A 963 36.30 -35.65 17.78
C GLU A 963 35.29 -35.41 18.91
N GLU A 964 35.69 -34.63 19.91
CA GLU A 964 34.76 -34.24 20.97
C GLU A 964 33.75 -33.15 20.53
N GLU A 965 34.09 -32.39 19.50
CA GLU A 965 33.18 -31.39 18.93
C GLU A 965 32.08 -32.06 18.08
N GLN A 966 32.50 -32.91 17.16
CA GLN A 966 31.59 -33.69 16.31
C GLN A 966 31.14 -34.98 17.00
N GLN A 967 30.58 -35.90 16.22
CA GLN A 967 30.03 -37.15 16.74
C GLN A 967 31.11 -38.20 17.06
N GLY A 968 32.12 -38.28 16.20
CA GLY A 968 33.15 -39.31 16.29
C GLY A 968 34.07 -39.37 15.09
N PRO A 969 33.65 -40.07 14.01
CA PRO A 969 34.56 -40.34 12.89
C PRO A 969 35.00 -39.08 12.13
N VAL A 970 36.32 -38.90 12.01
CA VAL A 970 36.88 -37.72 11.37
C VAL A 970 38.01 -38.12 10.40
N THR A 971 37.88 -37.69 9.14
CA THR A 971 38.85 -38.07 8.10
C THR A 971 40.04 -37.12 8.05
N GLU A 972 41.11 -37.56 7.41
CA GLU A 972 42.29 -36.73 7.21
C GLU A 972 41.95 -35.38 6.58
N GLN A 973 40.97 -35.38 5.67
CA GLN A 973 40.49 -34.16 5.02
C GLN A 973 39.99 -33.15 6.04
N ASP A 974 39.07 -33.59 6.91
CA ASP A 974 38.59 -32.79 8.03
C ASP A 974 39.75 -32.18 8.84
N ILE A 975 40.82 -32.96 8.99
CA ILE A 975 41.94 -32.60 9.88
C ILE A 975 42.80 -31.43 9.38
N ILE A 976 43.25 -31.51 8.12
CA ILE A 976 44.02 -30.40 7.56
C ILE A 976 43.17 -29.17 7.35
N SER A 977 41.95 -29.36 6.83
CA SER A 977 41.05 -28.24 6.54
C SER A 977 40.94 -27.33 7.74
N TYR A 978 40.68 -27.91 8.91
CA TYR A 978 40.61 -27.15 10.14
C TYR A 978 41.90 -26.36 10.36
N VAL A 979 43.04 -27.05 10.43
CA VAL A 979 44.31 -26.41 10.72
C VAL A 979 44.52 -25.19 9.82
N LEU A 980 44.32 -25.39 8.52
CA LEU A 980 44.46 -24.35 7.52
C LEU A 980 43.52 -23.17 7.78
N TYR A 981 42.29 -23.48 8.18
CA TYR A 981 41.25 -22.47 8.39
C TYR A 981 40.45 -22.68 9.68
N PRO A 982 41.09 -22.49 10.85
CA PRO A 982 40.46 -22.83 12.14
C PRO A 982 38.98 -22.41 12.27
N LYS A 983 38.71 -21.11 12.40
CA LYS A 983 37.33 -20.66 12.69
C LYS A 983 36.39 -20.80 11.50
N VAL A 984 36.93 -20.68 10.30
CA VAL A 984 36.15 -20.84 9.08
C VAL A 984 35.62 -22.26 9.00
N TYR A 985 36.42 -23.22 9.46
CA TYR A 985 36.03 -24.63 9.48
C TYR A 985 35.00 -24.92 10.57
N GLU A 986 35.26 -24.46 11.80
CA GLU A 986 34.31 -24.57 12.91
C GLU A 986 32.90 -24.14 12.50
N GLN A 987 32.85 -23.16 11.60
CA GLN A 987 31.61 -22.54 11.12
C GLN A 987 30.86 -23.42 10.13
N TYR A 988 31.60 -24.05 9.23
CA TYR A 988 31.03 -24.99 8.28
C TYR A 988 30.34 -26.16 9.00
N ILE A 989 30.91 -26.59 10.13
CA ILE A 989 30.35 -27.69 10.90
C ILE A 989 29.12 -27.22 11.70
N GLN A 990 28.89 -25.92 11.76
CA GLN A 990 27.68 -25.38 12.36
C GLN A 990 26.53 -25.50 11.37
N THR A 991 26.86 -25.30 10.09
CA THR A 991 25.89 -25.20 9.00
C THR A 991 25.50 -26.56 8.38
N ARG A 992 26.43 -27.52 8.42
CA ARG A 992 26.10 -28.87 8.03
C ARG A 992 25.38 -29.56 9.20
N ASN A 993 25.66 -29.12 10.43
CA ASN A 993 24.87 -29.50 11.60
C ASN A 993 23.43 -29.02 11.48
N GLN A 994 23.27 -27.77 11.06
CA GLN A 994 21.97 -27.22 10.74
C GLN A 994 21.46 -27.81 9.43
N TYR A 995 21.67 -27.10 8.32
CA TYR A 995 20.95 -27.34 7.05
C TYR A 995 21.38 -28.53 6.16
N GLY A 996 22.31 -29.35 6.63
CA GLY A 996 22.81 -30.48 5.86
C GLY A 996 23.82 -30.08 4.79
N ASN A 997 23.77 -30.79 3.66
CA ASN A 997 24.71 -30.54 2.57
C ASN A 997 24.10 -29.65 1.49
N LEU A 998 24.36 -28.36 1.61
CA LEU A 998 23.70 -27.34 0.80
C LEU A 998 24.09 -27.37 -0.68
N SER A 999 25.25 -27.97 -0.98
CA SER A 999 25.75 -28.08 -2.35
C SER A 999 24.76 -28.73 -3.31
N LEU A 1000 23.88 -29.57 -2.75
CA LEU A 1000 22.93 -30.37 -3.54
C LEU A 1000 21.77 -29.56 -4.11
N LEU A 1001 21.54 -28.36 -3.55
CA LEU A 1001 20.60 -27.39 -4.12
C LEU A 1001 21.08 -26.92 -5.48
N ASP A 1002 20.15 -26.68 -6.41
CA ASP A 1002 20.47 -25.93 -7.62
C ASP A 1002 20.76 -24.49 -7.19
N THR A 1003 21.70 -23.85 -7.89
CA THR A 1003 22.17 -22.51 -7.55
C THR A 1003 21.08 -21.43 -7.26
N PRO A 1004 20.04 -21.35 -8.11
CA PRO A 1004 18.97 -20.39 -7.84
C PRO A 1004 18.25 -20.59 -6.49
N THR A 1005 18.03 -21.85 -6.11
CA THR A 1005 17.37 -22.14 -4.82
C THR A 1005 18.28 -21.80 -3.64
N PHE A 1006 19.57 -22.11 -3.79
CA PHE A 1006 20.57 -21.78 -2.79
C PHE A 1006 20.62 -20.28 -2.52
N PHE A 1007 20.54 -19.47 -3.58
CA PHE A 1007 20.65 -18.00 -3.47
C PHE A 1007 19.34 -17.27 -3.15
N PHE A 1008 18.22 -17.73 -3.74
CA PHE A 1008 16.96 -16.97 -3.66
C PHE A 1008 15.82 -17.70 -2.97
N GLY A 1009 16.05 -18.98 -2.67
CA GLY A 1009 15.02 -19.83 -2.07
C GLY A 1009 13.99 -20.25 -3.08
N MET A 1010 12.74 -19.84 -2.83
CA MET A 1010 11.61 -20.16 -3.71
C MET A 1010 10.61 -19.02 -3.69
N ARG A 1011 9.98 -18.78 -4.85
CA ARG A 1011 8.86 -17.85 -4.91
C ARG A 1011 7.56 -18.61 -4.61
N ASN A 1012 6.51 -17.89 -4.26
CA ASN A 1012 5.28 -18.54 -3.80
C ASN A 1012 4.58 -19.40 -4.84
N GLY A 1013 4.24 -20.63 -4.46
CA GLY A 1013 3.59 -21.57 -5.37
C GLY A 1013 4.50 -22.13 -6.46
N GLU A 1014 5.78 -22.28 -6.15
CA GLU A 1014 6.76 -22.90 -7.06
C GLU A 1014 6.97 -24.38 -6.71
N THR A 1015 7.44 -25.17 -7.67
CA THR A 1015 7.82 -26.56 -7.41
C THR A 1015 9.30 -26.78 -7.73
N VAL A 1016 10.03 -27.23 -6.72
CA VAL A 1016 11.46 -27.44 -6.80
C VAL A 1016 11.79 -28.89 -6.45
N GLU A 1017 12.85 -29.42 -7.04
CA GLU A 1017 13.28 -30.78 -6.75
C GLU A 1017 14.72 -30.81 -6.27
N ILE A 1018 14.96 -31.50 -5.16
CA ILE A 1018 16.28 -31.57 -4.56
C ILE A 1018 16.68 -33.02 -4.31
N GLU A 1019 17.83 -33.39 -4.85
CA GLU A 1019 18.37 -34.71 -4.68
C GLU A 1019 19.38 -34.68 -3.55
N ILE A 1020 18.98 -35.14 -2.38
CA ILE A 1020 19.84 -35.11 -1.18
C ILE A 1020 20.85 -36.27 -1.13
N ASP A 1021 20.68 -37.21 -2.05
CA ASP A 1021 21.42 -38.48 -2.08
C ASP A 1021 20.90 -39.26 -3.27
N LYS A 1022 21.69 -40.19 -3.79
CA LYS A 1022 21.25 -40.99 -4.94
C LYS A 1022 19.87 -41.59 -4.61
N GLY A 1023 18.88 -41.33 -5.47
CA GLY A 1023 17.54 -41.93 -5.35
C GLY A 1023 16.61 -41.35 -4.29
N LYS A 1024 17.08 -40.30 -3.61
CA LYS A 1024 16.28 -39.55 -2.64
C LYS A 1024 16.10 -38.12 -3.14
N ARG A 1025 15.19 -37.95 -4.10
CA ARG A 1025 14.84 -36.61 -4.57
C ARG A 1025 13.47 -36.19 -4.06
N LEU A 1026 13.48 -35.17 -3.19
CA LEU A 1026 12.25 -34.64 -2.60
C LEU A 1026 11.65 -33.60 -3.51
N ILE A 1027 10.34 -33.66 -3.69
CA ILE A 1027 9.62 -32.66 -4.47
C ILE A 1027 9.00 -31.68 -3.47
N ILE A 1028 9.49 -30.45 -3.52
CA ILE A 1028 9.08 -29.39 -2.57
C ILE A 1028 8.34 -28.24 -3.26
N LYS A 1029 7.11 -28.00 -2.82
CA LYS A 1029 6.29 -26.88 -3.25
C LYS A 1029 5.86 -26.01 -2.05
N LEU A 1030 6.31 -24.75 -2.02
CA LEU A 1030 5.87 -23.76 -1.02
C LEU A 1030 4.63 -23.09 -1.52
N GLU A 1031 3.61 -23.01 -0.67
CA GLU A 1031 2.28 -22.64 -1.10
C GLU A 1031 1.98 -21.18 -0.81
N THR A 1032 2.20 -20.77 0.44
CA THR A 1032 2.29 -19.35 0.83
C THR A 1032 3.01 -19.25 2.16
N ILE A 1033 3.65 -18.11 2.37
CA ILE A 1033 4.20 -17.77 3.67
C ILE A 1033 3.21 -16.80 4.30
N SER A 1034 3.14 -16.81 5.62
CA SER A 1034 2.10 -16.08 6.35
C SER A 1034 2.62 -14.83 7.06
N GLU A 1035 1.90 -14.43 8.10
CA GLU A 1035 2.17 -13.19 8.78
C GLU A 1035 3.32 -13.31 9.77
N PRO A 1036 3.85 -12.17 10.24
CA PRO A 1036 4.70 -12.20 11.44
C PRO A 1036 3.79 -12.35 12.66
N ASP A 1037 4.09 -13.33 13.51
CA ASP A 1037 3.18 -13.65 14.59
C ASP A 1037 3.35 -12.79 15.85
N GLU A 1038 2.70 -13.24 16.93
CA GLU A 1038 2.76 -12.64 18.25
C GLU A 1038 4.20 -12.55 18.79
N ASN A 1039 5.04 -13.51 18.39
CA ASN A 1039 6.46 -13.48 18.74
C ASN A 1039 7.32 -12.77 17.71
N GLY A 1040 7.68 -13.48 16.64
CA GLY A 1040 8.45 -12.93 15.54
C GLY A 1040 8.59 -13.97 14.44
N ASN A 1041 7.66 -14.92 14.44
CA ASN A 1041 7.71 -16.06 13.53
C ASN A 1041 6.69 -15.97 12.42
N ARG A 1042 7.10 -16.40 11.24
CA ARG A 1042 6.20 -16.61 10.13
C ARG A 1042 6.00 -18.11 9.95
N THR A 1043 4.93 -18.49 9.26
CA THR A 1043 4.68 -19.90 8.97
C THR A 1043 4.82 -20.15 7.47
N ILE A 1044 5.63 -21.13 7.11
CA ILE A 1044 5.83 -21.50 5.71
C ILE A 1044 5.02 -22.76 5.42
N TYR A 1045 4.26 -22.74 4.32
CA TYR A 1045 3.40 -23.87 3.97
C TYR A 1045 3.92 -24.73 2.82
N TYR A 1046 4.43 -25.91 3.19
CA TYR A 1046 5.12 -26.79 2.24
C TYR A 1046 4.35 -27.99 1.72
N ALA A 1047 4.87 -28.55 0.62
CA ALA A 1047 4.37 -29.77 0.00
C ALA A 1047 5.57 -30.67 -0.31
N MET A 1048 6.04 -31.39 0.71
CA MET A 1048 7.16 -32.32 0.60
C MET A 1048 6.66 -33.72 0.29
N ASN A 1049 6.88 -34.13 -0.96
CA ASN A 1049 6.34 -35.38 -1.51
C ASN A 1049 4.84 -35.56 -1.29
N GLY A 1050 4.08 -34.52 -1.66
CA GLY A 1050 2.62 -34.53 -1.57
C GLY A 1050 2.07 -34.45 -0.16
N GLN A 1051 2.92 -34.14 0.80
CA GLN A 1051 2.49 -34.03 2.20
C GLN A 1051 2.85 -32.70 2.85
N ALA A 1052 1.95 -32.22 3.71
CA ALA A 1052 1.98 -30.85 4.19
C ALA A 1052 2.86 -30.61 5.42
N ARG A 1053 3.99 -29.97 5.18
CA ARG A 1053 4.84 -29.49 6.28
C ARG A 1053 4.67 -28.01 6.51
N ARG A 1054 5.00 -27.57 7.72
CA ARG A 1054 4.99 -26.16 8.06
C ARG A 1054 6.28 -25.88 8.80
N ILE A 1055 6.96 -24.78 8.47
CA ILE A 1055 8.14 -24.40 9.23
C ILE A 1055 7.91 -23.08 10.00
N TYR A 1056 8.59 -22.95 11.13
CA TYR A 1056 8.63 -21.74 11.95
C TYR A 1056 9.95 -21.03 11.65
N ILE A 1057 9.89 -19.81 11.08
CA ILE A 1057 11.10 -19.01 10.80
C ILE A 1057 11.04 -17.58 11.34
N LYS A 1058 12.13 -17.15 11.96
CA LYS A 1058 12.26 -15.79 12.49
C LYS A 1058 12.48 -14.79 11.37
N ASP A 1059 11.76 -13.66 11.40
CA ASP A 1059 11.92 -12.59 10.42
C ASP A 1059 12.71 -11.41 10.98
N GLU A 1060 13.64 -10.89 10.19
CA GLU A 1060 14.41 -9.69 10.54
C GLU A 1060 14.04 -8.47 9.68
N ASN A 1061 12.91 -7.84 10.01
CA ASN A 1061 12.48 -6.62 9.33
C ASN A 1061 13.20 -5.37 9.88
N GLN B 3 -20.05 63.97 0.82
CA GLN B 3 -20.14 63.35 2.18
C GLN B 3 -19.64 61.90 2.21
N ILE B 4 -19.41 61.32 1.03
CA ILE B 4 -19.50 59.85 0.74
C ILE B 4 -18.80 58.83 1.67
N LYS B 5 -19.61 57.93 2.22
CA LYS B 5 -19.14 56.98 3.24
C LYS B 5 -18.71 55.59 2.75
N LYS B 6 -19.47 55.00 1.82
CA LYS B 6 -19.13 53.69 1.31
C LYS B 6 -19.39 53.65 -0.17
N LEU B 7 -18.33 53.47 -0.93
CA LEU B 7 -18.38 53.45 -2.38
C LEU B 7 -18.33 52.03 -2.89
N LEU B 8 -19.35 51.64 -3.65
CA LEU B 8 -19.40 50.31 -4.27
C LEU B 8 -19.13 50.41 -5.78
N VAL B 9 -18.37 49.45 -6.30
CA VAL B 9 -18.00 49.44 -7.72
C VAL B 9 -18.80 48.36 -8.43
N ALA B 10 -19.73 48.81 -9.27
CA ALA B 10 -20.59 47.91 -10.06
C ALA B 10 -19.86 47.43 -11.32
N ASN B 11 -18.63 46.97 -11.11
CA ASN B 11 -17.78 46.50 -12.18
C ASN B 11 -16.78 45.43 -11.70
N ARG B 12 -15.69 45.23 -12.43
CA ARG B 12 -14.78 44.12 -12.22
C ARG B 12 -13.47 44.35 -12.93
N GLY B 13 -12.47 43.53 -12.61
CA GLY B 13 -11.16 43.62 -13.20
C GLY B 13 -10.56 45.01 -13.10
N GLU B 14 -9.71 45.35 -14.06
CA GLU B 14 -8.89 46.55 -14.00
C GLU B 14 -9.57 47.81 -13.46
N ILE B 15 -10.82 48.06 -13.90
CA ILE B 15 -11.48 49.33 -13.60
C ILE B 15 -11.98 49.39 -12.17
N ALA B 16 -12.43 48.25 -11.65
CA ALA B 16 -12.78 48.16 -10.25
C ALA B 16 -11.55 48.56 -9.44
N ILE B 17 -10.42 47.91 -9.75
CA ILE B 17 -9.16 48.20 -9.10
C ILE B 17 -8.78 49.67 -9.25
N ARG B 18 -8.86 50.21 -10.46
CA ARG B 18 -8.59 51.64 -10.69
C ARG B 18 -9.38 52.55 -9.72
N ILE B 19 -10.69 52.38 -9.67
CA ILE B 19 -11.56 53.15 -8.76
C ILE B 19 -11.25 52.88 -7.29
N PHE B 20 -11.07 51.61 -6.92
CA PHE B 20 -10.82 51.25 -5.52
C PHE B 20 -9.62 52.00 -5.02
N ARG B 21 -8.57 52.03 -5.84
CA ARG B 21 -7.34 52.74 -5.52
C ARG B 21 -7.62 54.22 -5.28
N ALA B 22 -8.51 54.77 -6.10
CA ALA B 22 -8.86 56.18 -6.02
C ALA B 22 -9.78 56.53 -4.85
N ALA B 23 -10.56 55.56 -4.38
CA ALA B 23 -11.42 55.80 -3.23
C ALA B 23 -10.64 55.67 -1.93
N ALA B 24 -9.68 54.74 -1.90
CA ALA B 24 -8.90 54.48 -0.70
C ALA B 24 -7.87 55.58 -0.48
N GLU B 25 -7.64 56.37 -1.53
CA GLU B 25 -6.88 57.61 -1.44
C GLU B 25 -7.68 58.70 -0.76
N LEU B 26 -9.00 58.69 -0.96
CA LEU B 26 -9.90 59.68 -0.39
C LEU B 26 -10.33 59.26 1.00
N ASP B 27 -10.05 58.00 1.33
CA ASP B 27 -10.30 57.41 2.65
C ASP B 27 -11.73 56.87 2.75
N ILE B 28 -12.22 56.29 1.65
CA ILE B 28 -13.59 55.80 1.54
C ILE B 28 -13.64 54.29 1.59
N SER B 29 -14.54 53.75 2.41
CA SER B 29 -14.72 52.29 2.48
C SER B 29 -15.26 51.72 1.16
N THR B 30 -14.74 50.57 0.74
CA THR B 30 -14.98 50.08 -0.60
C THR B 30 -15.69 48.74 -0.64
N VAL B 31 -16.53 48.57 -1.65
CA VAL B 31 -17.32 47.36 -1.83
C VAL B 31 -17.15 46.88 -3.28
N ALA B 32 -16.92 45.58 -3.43
CA ALA B 32 -16.74 44.94 -4.73
C ALA B 32 -17.87 43.94 -4.91
N ILE B 33 -18.11 43.56 -6.16
CA ILE B 33 -19.16 42.60 -6.46
C ILE B 33 -18.65 41.64 -7.52
N TYR B 34 -19.17 40.42 -7.50
CA TYR B 34 -18.65 39.33 -8.33
C TYR B 34 -19.58 38.16 -8.53
N SER B 35 -19.33 37.45 -9.62
CA SER B 35 -20.01 36.22 -9.94
C SER B 35 -19.09 35.06 -9.59
N ASN B 36 -19.60 33.83 -9.77
CA ASN B 36 -18.87 32.60 -9.46
C ASN B 36 -17.57 32.44 -10.25
N GLU B 37 -17.49 33.14 -11.37
CA GLU B 37 -16.36 33.04 -12.31
C GLU B 37 -15.28 34.01 -11.91
N ASP B 38 -15.65 35.00 -11.11
CA ASP B 38 -14.70 35.93 -10.55
C ASP B 38 -14.35 35.57 -9.09
N LYS B 39 -14.89 34.44 -8.62
CA LYS B 39 -14.53 33.89 -7.32
C LYS B 39 -13.02 33.94 -7.11
N SER B 40 -12.28 33.93 -8.22
CA SER B 40 -10.81 33.97 -8.19
C SER B 40 -10.22 35.33 -8.63
N SER B 41 -11.08 36.26 -9.06
CA SER B 41 -10.64 37.56 -9.56
C SER B 41 -9.81 38.40 -8.57
N LEU B 42 -9.02 39.31 -9.12
CA LEU B 42 -8.17 40.20 -8.34
C LEU B 42 -9.00 41.30 -7.68
N HIS B 43 -9.94 41.88 -8.44
CA HIS B 43 -10.75 42.99 -7.97
C HIS B 43 -11.54 42.72 -6.69
N ARG B 44 -11.73 41.45 -6.35
CA ARG B 44 -12.54 41.09 -5.19
C ARG B 44 -11.94 41.63 -3.89
N TYR B 45 -10.66 41.34 -3.66
CA TYR B 45 -10.01 41.67 -2.39
C TYR B 45 -9.29 43.04 -2.40
N LYS B 46 -9.60 43.85 -3.40
CA LYS B 46 -9.04 45.20 -3.52
C LYS B 46 -9.85 46.17 -2.70
N ALA B 47 -11.05 45.74 -2.32
CA ALA B 47 -11.99 46.51 -1.53
C ALA B 47 -12.16 45.94 -0.12
N ASP B 48 -12.64 46.77 0.79
CA ASP B 48 -12.82 46.35 2.16
C ASP B 48 -13.83 45.21 2.19
N GLU B 49 -14.97 45.41 1.54
CA GLU B 49 -15.94 44.33 1.41
C GLU B 49 -16.10 43.92 -0.04
N SER B 50 -16.61 42.70 -0.23
CA SER B 50 -17.01 42.21 -1.54
C SER B 50 -18.02 41.07 -1.33
N TYR B 51 -19.04 41.05 -2.20
CA TYR B 51 -20.14 40.09 -2.08
C TYR B 51 -20.53 39.50 -3.43
N LEU B 52 -20.77 38.20 -3.41
CA LEU B 52 -21.32 37.50 -4.54
C LEU B 52 -22.72 38.03 -4.79
N VAL B 53 -22.86 38.77 -5.89
CA VAL B 53 -24.17 39.14 -6.42
C VAL B 53 -24.82 37.82 -6.76
N GLY B 54 -25.91 37.49 -6.07
CA GLY B 54 -26.69 36.27 -6.33
C GLY B 54 -26.03 35.20 -7.18
N SER B 55 -25.96 33.97 -6.67
CA SER B 55 -25.27 32.87 -7.33
C SER B 55 -26.04 32.33 -8.53
N ASP B 56 -27.37 32.28 -8.38
CA ASP B 56 -28.25 31.78 -9.42
C ASP B 56 -28.12 32.60 -10.72
N LEU B 57 -27.22 33.58 -10.69
CA LEU B 57 -26.94 34.40 -11.86
C LEU B 57 -25.60 34.06 -12.50
N GLY B 58 -25.65 33.68 -13.77
CA GLY B 58 -24.45 33.39 -14.55
C GLY B 58 -23.48 34.55 -14.62
N PRO B 59 -22.40 34.37 -15.39
CA PRO B 59 -21.32 35.36 -15.54
C PRO B 59 -21.78 36.72 -16.05
N ALA B 60 -22.74 36.72 -16.99
CA ALA B 60 -23.15 37.92 -17.69
C ALA B 60 -23.95 38.90 -16.83
N GLU B 61 -25.14 38.47 -16.39
CA GLU B 61 -26.04 39.38 -15.67
C GLU B 61 -25.60 39.71 -14.25
N SER B 62 -24.63 38.95 -13.73
CA SER B 62 -24.07 39.21 -12.41
C SER B 62 -23.38 40.59 -12.31
N TYR B 63 -23.47 41.37 -13.38
CA TYR B 63 -23.06 42.78 -13.38
C TYR B 63 -24.07 43.60 -14.19
N LEU B 64 -25.10 42.94 -14.70
CA LEU B 64 -26.13 43.63 -15.45
C LEU B 64 -27.43 43.75 -14.65
N ASN B 65 -27.56 42.92 -13.61
CA ASN B 65 -28.84 42.79 -12.90
C ASN B 65 -29.13 43.93 -11.95
N ILE B 66 -29.73 44.96 -12.52
CA ILE B 66 -30.10 46.21 -11.86
C ILE B 66 -30.49 46.10 -10.37
N GLU B 67 -31.64 45.48 -10.08
CA GLU B 67 -32.21 45.45 -8.72
C GLU B 67 -31.39 44.65 -7.71
N ARG B 68 -30.82 43.53 -8.17
CA ARG B 68 -30.08 42.60 -7.31
C ARG B 68 -28.73 43.19 -6.92
N ILE B 69 -28.19 44.05 -7.79
CA ILE B 69 -26.98 44.82 -7.48
C ILE B 69 -27.29 45.87 -6.41
N ILE B 70 -28.43 46.55 -6.57
CA ILE B 70 -28.90 47.51 -5.58
C ILE B 70 -29.15 46.87 -4.22
N ASP B 71 -29.67 45.64 -4.20
CA ASP B 71 -29.84 44.89 -2.96
C ASP B 71 -28.53 44.89 -2.18
N VAL B 72 -27.49 44.36 -2.81
CA VAL B 72 -26.13 44.37 -2.26
C VAL B 72 -25.81 45.77 -1.77
N ALA B 73 -25.82 46.74 -2.68
CA ALA B 73 -25.64 48.14 -2.32
C ALA B 73 -26.37 48.50 -1.01
N LYS B 74 -27.62 48.06 -0.90
CA LYS B 74 -28.42 48.40 0.26
C LYS B 74 -28.02 47.64 1.51
N GLN B 75 -27.67 46.36 1.39
CA GLN B 75 -27.29 45.52 2.55
C GLN B 75 -25.91 45.91 3.09
N ALA B 76 -25.19 46.68 2.28
CA ALA B 76 -23.84 47.10 2.63
C ALA B 76 -23.82 48.54 3.06
N ASN B 77 -24.99 49.17 3.02
CA ASN B 77 -25.15 50.57 3.39
C ASN B 77 -24.23 51.42 2.54
N VAL B 78 -24.44 51.30 1.24
CA VAL B 78 -23.67 52.00 0.25
C VAL B 78 -24.42 53.27 -0.12
N ASP B 79 -23.73 54.40 -0.08
CA ASP B 79 -24.35 55.67 -0.46
C ASP B 79 -24.02 56.12 -1.89
N ALA B 80 -22.90 55.61 -2.43
CA ALA B 80 -22.47 55.94 -3.78
C ALA B 80 -22.04 54.70 -4.57
N ILE B 81 -22.38 54.68 -5.86
CA ILE B 81 -21.91 53.62 -6.74
C ILE B 81 -21.19 54.18 -7.97
N HIS B 82 -20.02 53.61 -8.26
CA HIS B 82 -19.28 53.87 -9.50
C HIS B 82 -19.53 52.77 -10.53
N PRO B 83 -20.15 53.12 -11.68
CA PRO B 83 -20.45 52.14 -12.72
C PRO B 83 -19.27 51.74 -13.60
N GLY B 84 -18.23 52.59 -13.62
CA GLY B 84 -17.09 52.36 -14.51
C GLY B 84 -17.54 52.41 -15.95
N TYR B 85 -17.36 51.30 -16.68
CA TYR B 85 -17.71 51.22 -18.11
C TYR B 85 -18.09 49.80 -18.59
N GLY B 86 -18.88 49.76 -19.67
CA GLY B 86 -19.14 48.51 -20.37
C GLY B 86 -20.00 47.48 -19.67
N PHE B 87 -20.71 47.91 -18.61
CA PHE B 87 -21.66 47.03 -17.96
C PHE B 87 -23.00 47.70 -17.72
N LEU B 88 -23.08 48.52 -16.67
CA LEU B 88 -24.29 49.31 -16.42
C LEU B 88 -24.02 50.82 -16.52
N SER B 89 -22.80 51.15 -16.92
CA SER B 89 -22.30 52.54 -17.00
C SER B 89 -23.22 53.53 -17.69
N GLU B 90 -23.76 53.13 -18.83
CA GLU B 90 -24.54 54.01 -19.67
C GLU B 90 -26.04 53.72 -19.51
N ASN B 91 -26.35 52.79 -18.60
CA ASN B 91 -27.73 52.42 -18.33
C ASN B 91 -28.42 53.45 -17.44
N GLU B 92 -29.38 54.15 -18.02
CA GLU B 92 -30.08 55.24 -17.36
C GLU B 92 -31.22 54.77 -16.45
N GLN B 93 -31.67 53.52 -16.64
CA GLN B 93 -32.63 52.90 -15.73
C GLN B 93 -31.93 52.54 -14.41
N PHE B 94 -30.69 52.08 -14.52
CA PHE B 94 -29.86 51.80 -13.35
C PHE B 94 -29.67 53.08 -12.54
N ALA B 95 -29.20 54.12 -13.22
CA ALA B 95 -28.94 55.41 -12.60
C ALA B 95 -30.19 55.97 -11.92
N ARG B 96 -31.35 55.77 -12.55
CA ARG B 96 -32.60 56.24 -11.99
C ARG B 96 -32.95 55.47 -10.73
N ARG B 97 -33.19 54.17 -10.87
CA ARG B 97 -33.49 53.30 -9.73
C ARG B 97 -32.50 53.53 -8.60
N CYS B 98 -31.24 53.79 -8.97
CA CYS B 98 -30.17 54.04 -8.04
C CYS B 98 -30.57 55.10 -7.01
N ALA B 99 -30.84 56.31 -7.51
CA ALA B 99 -31.13 57.47 -6.66
C ALA B 99 -32.41 57.33 -5.83
N GLU B 100 -33.39 56.60 -6.37
CA GLU B 100 -34.64 56.32 -5.65
C GLU B 100 -34.38 55.54 -4.35
N GLU B 101 -33.21 54.90 -4.26
CA GLU B 101 -32.84 54.10 -3.09
C GLU B 101 -31.78 54.77 -2.21
N GLY B 102 -31.60 56.07 -2.39
CA GLY B 102 -30.67 56.86 -1.56
C GLY B 102 -29.22 56.90 -2.01
N ILE B 103 -28.94 56.31 -3.16
CA ILE B 103 -27.57 56.12 -3.65
C ILE B 103 -27.15 57.10 -4.75
N LYS B 104 -26.00 57.74 -4.56
CA LYS B 104 -25.46 58.71 -5.51
C LYS B 104 -24.77 57.96 -6.66
N PHE B 105 -25.37 58.03 -7.84
CA PHE B 105 -24.79 57.45 -9.05
C PHE B 105 -23.65 58.36 -9.52
N ILE B 106 -22.40 57.87 -9.40
CA ILE B 106 -21.24 58.63 -9.86
C ILE B 106 -21.24 58.67 -11.38
N GLY B 107 -21.88 59.68 -11.91
CA GLY B 107 -22.00 59.88 -13.35
C GLY B 107 -22.84 61.10 -13.66
N PRO B 108 -23.10 61.37 -14.94
CA PRO B 108 -23.89 62.53 -15.30
C PRO B 108 -25.30 62.41 -14.75
N HIS B 109 -26.04 63.52 -14.68
CA HIS B 109 -27.43 63.50 -14.24
C HIS B 109 -28.24 62.62 -15.20
N LEU B 110 -29.34 62.05 -14.69
CA LEU B 110 -30.18 61.12 -15.49
C LEU B 110 -30.64 61.67 -16.85
N GLU B 111 -30.71 62.98 -16.98
CA GLU B 111 -31.15 63.62 -18.24
C GLU B 111 -30.09 63.62 -19.34
N HIS B 112 -28.83 63.34 -18.96
CA HIS B 112 -27.71 63.27 -19.92
C HIS B 112 -27.59 61.89 -20.54
N LEU B 113 -27.78 60.85 -19.73
CA LEU B 113 -27.65 59.46 -20.18
C LEU B 113 -28.66 59.14 -21.27
N ASP B 114 -29.89 59.58 -21.05
CA ASP B 114 -31.01 59.48 -22.00
C ASP B 114 -30.72 60.29 -23.26
N MET B 115 -30.09 61.44 -23.05
CA MET B 115 -29.74 62.37 -24.10
C MET B 115 -28.74 61.76 -25.07
N PHE B 116 -27.70 61.14 -24.53
CA PHE B 116 -26.57 60.70 -25.35
C PHE B 116 -26.55 59.20 -25.63
N GLY B 117 -27.69 58.54 -25.48
CA GLY B 117 -27.80 57.13 -25.85
C GLY B 117 -27.92 56.97 -27.35
N ASP B 118 -29.16 56.95 -27.82
CA ASP B 118 -29.53 56.82 -29.24
C ASP B 118 -28.83 57.86 -30.11
N LYS B 119 -28.42 57.45 -31.31
CA LYS B 119 -27.75 58.34 -32.27
C LYS B 119 -28.61 59.53 -32.71
N VAL B 120 -29.94 59.32 -32.80
CA VAL B 120 -30.88 60.36 -33.26
C VAL B 120 -31.10 61.47 -32.22
N LYS B 121 -30.92 61.13 -30.93
CA LYS B 121 -30.91 62.15 -29.89
C LYS B 121 -29.51 62.78 -29.78
N ALA B 122 -28.48 61.94 -29.88
CA ALA B 122 -27.08 62.37 -29.88
C ALA B 122 -26.84 63.46 -30.92
N ARG B 123 -27.35 63.25 -32.12
CA ARG B 123 -27.25 64.23 -33.19
C ARG B 123 -28.11 65.47 -32.92
N THR B 124 -29.26 65.28 -32.28
CA THR B 124 -30.22 66.37 -32.03
C THR B 124 -29.66 67.44 -31.11
N THR B 125 -29.12 67.01 -29.97
CA THR B 125 -28.52 67.94 -29.01
C THR B 125 -27.21 68.55 -29.52
N ALA B 126 -26.56 67.83 -30.43
CA ALA B 126 -25.35 68.32 -31.09
C ALA B 126 -25.64 69.45 -32.10
N ILE B 127 -26.79 69.36 -32.77
CA ILE B 127 -27.20 70.38 -33.74
C ILE B 127 -27.47 71.73 -33.05
N LYS B 128 -28.12 71.66 -31.88
CA LYS B 128 -28.42 72.84 -31.08
C LYS B 128 -27.14 73.54 -30.64
N ALA B 129 -26.11 72.75 -30.33
CA ALA B 129 -24.82 73.25 -29.86
C ALA B 129 -24.15 74.20 -30.84
N ASP B 130 -24.08 73.78 -32.11
CA ASP B 130 -23.37 74.48 -33.20
C ASP B 130 -22.35 73.52 -33.83
N LEU B 131 -22.28 72.32 -33.28
CA LEU B 131 -21.36 71.28 -33.74
C LEU B 131 -21.72 70.73 -35.11
N PRO B 132 -20.71 70.42 -35.94
CA PRO B 132 -20.97 69.88 -37.26
C PRO B 132 -21.23 68.37 -37.21
N VAL B 133 -22.08 67.88 -38.12
CA VAL B 133 -22.42 66.45 -38.18
C VAL B 133 -22.38 65.86 -39.61
N ILE B 134 -22.08 64.56 -39.68
CA ILE B 134 -21.81 63.78 -40.91
C ILE B 134 -22.82 63.93 -42.07
N PRO B 135 -22.37 63.68 -43.34
CA PRO B 135 -23.24 63.79 -44.54
C PRO B 135 -24.59 63.09 -44.38
N ILE B 206 -16.49 58.53 -47.24
CA ILE B 206 -16.02 59.37 -46.14
C ILE B 206 -14.77 58.73 -45.49
N ASP B 207 -13.76 58.48 -46.33
CA ASP B 207 -12.55 57.74 -45.94
C ASP B 207 -11.47 58.63 -45.32
N ASN B 208 -10.40 57.98 -44.84
CA ASN B 208 -9.23 58.63 -44.23
C ASN B 208 -9.46 59.50 -42.98
N PRO B 209 -10.56 59.25 -42.22
CA PRO B 209 -10.82 60.14 -41.08
C PRO B 209 -9.98 59.84 -39.84
N LYS B 210 -9.88 60.83 -38.96
CA LYS B 210 -9.10 60.70 -37.73
C LYS B 210 -10.02 60.65 -36.53
N HIS B 211 -9.78 59.70 -35.63
CA HIS B 211 -10.63 59.56 -34.44
C HIS B 211 -10.03 60.28 -33.25
N ILE B 212 -10.38 61.55 -33.15
CA ILE B 212 -9.97 62.40 -32.03
C ILE B 212 -11.14 62.55 -31.07
N GLU B 213 -10.85 62.48 -29.77
CA GLU B 213 -11.89 62.65 -28.76
C GLU B 213 -11.40 63.54 -27.62
N VAL B 214 -12.29 64.38 -27.08
CA VAL B 214 -11.91 65.29 -26.01
C VAL B 214 -12.49 64.90 -24.66
N GLN B 215 -11.62 64.78 -23.67
CA GLN B 215 -12.01 64.56 -22.28
C GLN B 215 -12.45 65.87 -21.65
N VAL B 216 -13.65 65.89 -21.07
CA VAL B 216 -14.07 66.99 -20.21
C VAL B 216 -14.48 66.47 -18.83
N ILE B 217 -14.57 67.38 -17.86
CA ILE B 217 -15.16 67.12 -16.55
C ILE B 217 -15.97 68.34 -16.15
N GLY B 218 -17.08 68.14 -15.44
CA GLY B 218 -17.88 69.26 -14.96
C GLY B 218 -18.60 68.94 -13.66
N ASP B 219 -18.38 69.74 -12.63
CA ASP B 219 -19.06 69.48 -11.35
C ASP B 219 -20.56 69.75 -11.38
N GLU B 220 -21.26 69.41 -10.30
CA GLU B 220 -22.69 69.67 -10.14
C GLU B 220 -23.04 71.15 -9.88
N HIS B 221 -22.20 72.06 -10.37
CA HIS B 221 -22.43 73.49 -10.22
C HIS B 221 -22.25 74.22 -11.56
N GLY B 222 -22.23 73.47 -12.66
CA GLY B 222 -21.99 74.05 -13.98
C GLY B 222 -20.59 73.77 -14.49
N ASN B 223 -19.62 74.54 -13.95
CA ASN B 223 -18.16 74.43 -14.23
C ASN B 223 -17.67 73.17 -14.96
N ILE B 224 -17.13 73.36 -16.16
CA ILE B 224 -16.60 72.29 -16.99
C ILE B 224 -15.20 72.67 -17.47
N VAL B 225 -14.35 71.67 -17.65
CA VAL B 225 -13.01 71.87 -18.19
C VAL B 225 -12.66 70.69 -19.07
N HIS B 226 -12.07 70.95 -20.23
CA HIS B 226 -11.61 69.86 -21.09
C HIS B 226 -10.20 69.52 -20.71
N LEU B 227 -9.92 68.22 -20.65
CA LEU B 227 -8.56 67.75 -20.42
C LEU B 227 -7.88 67.32 -21.73
N PHE B 228 -8.24 68.01 -22.80
CA PHE B 228 -7.61 67.85 -24.12
C PHE B 228 -7.96 66.54 -24.83
N GLU B 229 -7.49 66.44 -26.07
CA GLU B 229 -7.88 65.34 -26.95
C GLU B 229 -7.12 64.03 -26.72
N ARG B 230 -7.75 62.93 -27.15
CA ARG B 230 -7.09 61.65 -27.27
C ARG B 230 -7.24 61.17 -28.70
N ASP B 231 -6.12 60.81 -29.32
CA ASP B 231 -6.11 60.25 -30.66
C ASP B 231 -6.25 58.72 -30.60
N CYS B 232 -7.39 58.23 -31.10
CA CYS B 232 -7.67 56.81 -31.07
C CYS B 232 -7.68 56.25 -32.50
N SER B 233 -7.07 57.00 -33.42
CA SER B 233 -7.14 56.68 -34.85
C SER B 233 -6.60 55.29 -35.21
N VAL B 234 -6.10 54.57 -34.20
CA VAL B 234 -5.65 53.19 -34.39
C VAL B 234 -6.74 52.26 -33.90
N GLN B 235 -7.59 51.84 -34.83
CA GLN B 235 -8.68 50.91 -34.54
C GLN B 235 -8.98 50.05 -35.78
N ARG B 236 -9.26 48.78 -35.57
CA ARG B 236 -9.51 47.86 -36.69
C ARG B 236 -10.91 48.07 -37.31
N ARG B 237 -11.94 47.89 -36.48
CA ARG B 237 -13.33 48.20 -36.82
C ARG B 237 -13.90 48.77 -35.53
N HIS B 238 -14.29 47.87 -34.63
CA HIS B 238 -14.53 48.22 -33.24
C HIS B 238 -13.13 48.36 -32.59
N GLN B 239 -13.02 48.05 -31.30
CA GLN B 239 -11.72 47.99 -30.58
C GLN B 239 -10.78 49.18 -30.87
N LYS B 240 -10.65 50.07 -29.88
CA LYS B 240 -9.79 51.25 -29.98
C LYS B 240 -8.32 50.91 -29.71
N VAL B 241 -7.80 49.98 -30.52
CA VAL B 241 -6.46 49.37 -30.39
C VAL B 241 -5.36 50.14 -29.64
N VAL B 242 -4.93 51.29 -30.15
CA VAL B 242 -3.87 52.08 -29.51
C VAL B 242 -4.17 53.58 -29.48
N GLU B 243 -3.97 54.19 -28.32
CA GLU B 243 -4.46 55.55 -28.05
C GLU B 243 -3.36 56.51 -27.59
N VAL B 244 -3.39 57.71 -28.14
CA VAL B 244 -2.36 58.71 -27.89
C VAL B 244 -2.94 60.04 -27.42
N ALA B 245 -2.32 60.64 -26.42
CA ALA B 245 -2.63 62.00 -25.96
C ALA B 245 -1.35 62.70 -25.53
N PRO B 246 -1.14 63.96 -25.96
CA PRO B 246 -1.98 64.67 -26.92
C PRO B 246 -1.70 64.14 -28.32
N SER B 247 -2.37 64.70 -29.32
CA SER B 247 -2.15 64.26 -30.71
C SER B 247 -0.79 64.75 -31.20
N VAL B 248 -0.19 63.99 -32.12
CA VAL B 248 0.97 64.48 -32.86
C VAL B 248 0.51 64.72 -34.30
N GLY B 249 1.07 65.75 -34.95
CA GLY B 249 0.70 66.07 -36.33
C GLY B 249 -0.64 66.77 -36.42
N LEU B 250 -0.98 67.53 -35.37
CA LEU B 250 -2.25 68.23 -35.28
C LEU B 250 -2.01 69.64 -34.74
N SER B 251 -1.93 70.61 -35.66
CA SER B 251 -1.63 72.00 -35.33
C SER B 251 -2.58 72.56 -34.28
N PRO B 252 -2.03 73.20 -33.22
CA PRO B 252 -2.78 73.64 -32.02
C PRO B 252 -4.12 74.35 -32.29
N THR B 253 -4.22 75.01 -33.45
CA THR B 253 -5.47 75.68 -33.88
C THR B 253 -6.46 74.66 -34.42
N LEU B 254 -6.07 73.98 -35.50
CA LEU B 254 -6.82 72.88 -36.08
C LEU B 254 -7.57 72.15 -34.96
N ARG B 255 -6.84 71.91 -33.87
CA ARG B 255 -7.24 71.09 -32.71
C ARG B 255 -7.94 71.88 -31.61
N GLN B 256 -7.72 73.19 -31.59
CA GLN B 256 -8.47 74.11 -30.74
C GLN B 256 -9.95 74.11 -31.12
N ARG B 257 -10.22 74.08 -32.43
CA ARG B 257 -11.60 74.01 -32.94
C ARG B 257 -12.35 72.81 -32.37
N ILE B 258 -11.62 71.70 -32.23
CA ILE B 258 -12.15 70.43 -31.73
C ILE B 258 -12.47 70.48 -30.24
N CYS B 259 -11.48 70.89 -29.42
CA CYS B 259 -11.64 71.05 -27.97
C CYS B 259 -12.69 72.09 -27.61
N ASP B 260 -12.67 73.21 -28.33
CA ASP B 260 -13.64 74.30 -28.17
C ASP B 260 -15.08 73.82 -28.44
N ALA B 261 -15.27 73.08 -29.52
CA ALA B 261 -16.58 72.53 -29.87
C ALA B 261 -16.98 71.53 -28.80
N ALA B 262 -16.03 70.66 -28.43
CA ALA B 262 -16.23 69.70 -27.36
C ALA B 262 -16.91 70.36 -26.19
N ILE B 263 -16.30 71.43 -25.69
CA ILE B 263 -16.80 72.15 -24.52
C ILE B 263 -18.09 72.94 -24.79
N GLN B 264 -18.28 73.34 -26.05
CA GLN B 264 -19.46 74.13 -26.46
C GLN B 264 -20.75 73.29 -26.42
N LEU B 265 -20.64 72.01 -26.80
CA LEU B 265 -21.78 71.09 -26.69
C LEU B 265 -22.04 70.69 -25.24
N MET B 266 -20.98 70.71 -24.43
CA MET B 266 -21.07 70.37 -23.01
C MET B 266 -21.59 71.53 -22.16
N GLU B 267 -21.18 72.75 -22.52
CA GLU B 267 -21.63 73.95 -21.82
C GLU B 267 -23.13 74.15 -21.97
N ASN B 268 -23.65 73.88 -23.18
CA ASN B 268 -25.08 74.00 -23.50
C ASN B 268 -26.00 73.21 -22.57
N ILE B 269 -25.75 71.90 -22.49
CA ILE B 269 -26.61 70.97 -21.78
C ILE B 269 -26.23 70.78 -20.29
N LYS B 270 -25.44 71.73 -19.77
CA LYS B 270 -25.09 71.79 -18.34
C LYS B 270 -24.58 70.42 -17.86
N TYR B 271 -23.53 69.93 -18.51
CA TYR B 271 -22.95 68.61 -18.23
C TYR B 271 -22.34 68.51 -16.82
N VAL B 272 -22.39 67.30 -16.29
CA VAL B 272 -21.99 67.00 -14.92
C VAL B 272 -21.18 65.71 -14.94
N ASN B 273 -20.16 65.66 -14.08
CA ASN B 273 -19.19 64.56 -14.01
C ASN B 273 -18.40 64.42 -15.32
N ALA B 274 -17.62 63.36 -15.47
CA ALA B 274 -16.72 63.30 -16.62
C ALA B 274 -17.30 62.50 -17.77
N GLY B 275 -17.15 63.05 -18.98
CA GLY B 275 -17.51 62.34 -20.22
C GLY B 275 -16.56 62.66 -21.35
N THR B 276 -16.74 62.00 -22.50
CA THR B 276 -15.95 62.27 -23.71
C THR B 276 -16.78 62.64 -24.94
N VAL B 277 -16.38 63.71 -25.61
CA VAL B 277 -16.95 64.08 -26.89
C VAL B 277 -16.07 63.53 -28.01
N GLU B 278 -16.63 62.62 -28.81
CA GLU B 278 -15.88 61.99 -29.90
C GLU B 278 -15.99 62.77 -31.21
N PHE B 279 -14.95 62.68 -32.06
CA PHE B 279 -14.90 63.41 -33.34
C PHE B 279 -14.13 62.66 -34.43
N LEU B 280 -14.51 62.92 -35.68
CA LEU B 280 -13.70 62.57 -36.85
C LEU B 280 -13.21 63.85 -37.53
N VAL B 281 -11.93 63.93 -37.86
CA VAL B 281 -11.34 65.15 -38.43
C VAL B 281 -10.72 64.93 -39.82
N SER B 282 -11.06 65.81 -40.78
CA SER B 282 -10.52 65.74 -42.14
C SER B 282 -9.76 67.01 -42.56
N GLY B 283 -8.48 67.09 -42.19
CA GLY B 283 -7.62 68.22 -42.56
C GLY B 283 -7.91 69.49 -41.80
N ASP B 284 -9.14 69.97 -41.90
CA ASP B 284 -9.61 71.12 -41.14
C ASP B 284 -11.04 70.92 -40.62
N GLU B 285 -11.89 70.33 -41.47
CA GLU B 285 -13.28 70.05 -41.10
C GLU B 285 -13.34 68.89 -40.11
N PHE B 286 -14.40 68.86 -39.31
CA PHE B 286 -14.63 67.77 -38.35
C PHE B 286 -16.11 67.55 -38.06
N PHE B 287 -16.44 66.33 -37.63
CA PHE B 287 -17.84 65.95 -37.35
C PHE B 287 -17.98 65.25 -35.99
N PHE B 288 -19.03 65.61 -35.27
CA PHE B 288 -19.39 64.97 -34.00
C PHE B 288 -19.77 63.49 -34.21
N ILE B 289 -19.31 62.63 -33.31
CA ILE B 289 -19.57 61.19 -33.45
C ILE B 289 -20.59 60.69 -32.41
N GLU B 290 -20.20 60.78 -31.14
CA GLU B 290 -21.06 60.40 -30.02
C GLU B 290 -20.53 61.04 -28.74
N VAL B 291 -21.26 60.85 -27.65
CA VAL B 291 -20.80 61.26 -26.33
C VAL B 291 -20.81 60.03 -25.43
N ASN B 292 -19.70 59.79 -24.76
CA ASN B 292 -19.61 58.68 -23.79
C ASN B 292 -19.81 59.20 -22.37
N PRO B 293 -21.05 59.09 -21.84
CA PRO B 293 -21.42 59.75 -20.57
C PRO B 293 -20.86 59.02 -19.35
N ARG B 294 -19.54 58.87 -19.32
CA ARG B 294 -18.83 57.98 -18.39
C ARG B 294 -17.33 58.19 -18.53
N VAL B 295 -16.56 57.37 -17.80
CA VAL B 295 -15.10 57.32 -17.94
C VAL B 295 -14.73 56.56 -19.21
N GLN B 296 -13.45 56.56 -19.54
CA GLN B 296 -12.99 55.72 -20.64
C GLN B 296 -11.78 54.89 -20.28
N VAL B 297 -11.74 53.69 -20.85
CA VAL B 297 -10.57 52.79 -20.80
C VAL B 297 -9.28 53.59 -20.99
N GLU B 298 -9.26 54.41 -22.04
CA GLU B 298 -8.06 55.15 -22.44
C GLU B 298 -7.81 56.42 -21.64
N HIS B 299 -8.59 56.65 -20.58
CA HIS B 299 -8.41 57.83 -19.70
C HIS B 299 -6.99 57.93 -19.16
N THR B 300 -6.42 56.78 -18.82
CA THR B 300 -5.02 56.64 -18.42
C THR B 300 -4.10 57.75 -18.98
N ILE B 301 -4.10 57.84 -20.30
CA ILE B 301 -3.24 58.75 -21.05
C ILE B 301 -3.42 60.21 -20.65
N THR B 302 -4.66 60.71 -20.70
CA THR B 302 -4.94 62.11 -20.38
C THR B 302 -4.48 62.48 -18.96
N GLU B 303 -4.70 61.56 -18.01
CA GLU B 303 -4.23 61.67 -16.62
C GLU B 303 -2.74 61.99 -16.52
N MET B 304 -1.95 61.34 -17.36
CA MET B 304 -0.50 61.40 -17.30
C MET B 304 0.09 62.62 -17.93
N VAL B 305 -0.64 63.18 -18.89
CA VAL B 305 -0.16 64.32 -19.63
C VAL B 305 -0.71 65.62 -19.04
N THR B 306 -1.51 65.49 -17.99
CA THR B 306 -2.05 66.66 -17.29
C THR B 306 -1.82 66.60 -15.77
N GLY B 307 -1.54 65.40 -15.26
CA GLY B 307 -1.27 65.21 -13.83
C GLY B 307 -2.55 65.14 -12.98
N ILE B 308 -3.69 65.27 -13.65
CA ILE B 308 -5.02 65.23 -13.01
C ILE B 308 -5.58 63.81 -12.82
N ASP B 309 -5.98 63.51 -11.59
CA ASP B 309 -6.61 62.24 -11.31
C ASP B 309 -8.06 62.36 -11.76
N ILE B 310 -8.39 61.60 -12.80
CA ILE B 310 -9.70 61.67 -13.40
C ILE B 310 -10.74 60.90 -12.60
N VAL B 311 -10.35 59.74 -12.09
CA VAL B 311 -11.26 58.89 -11.33
C VAL B 311 -11.49 59.46 -9.93
N LYS B 312 -10.46 60.05 -9.35
CA LYS B 312 -10.58 60.77 -8.09
C LYS B 312 -11.62 61.88 -8.26
N THR B 313 -11.40 62.73 -9.27
CA THR B 313 -12.26 63.87 -9.56
C THR B 313 -13.70 63.44 -9.71
N GLN B 314 -13.89 62.29 -10.38
CA GLN B 314 -15.22 61.71 -10.56
C GLN B 314 -15.97 61.60 -9.26
N ILE B 315 -15.45 60.74 -8.37
CA ILE B 315 -16.00 60.52 -7.03
C ILE B 315 -16.27 61.86 -6.33
N LEU B 316 -15.24 62.70 -6.25
CA LEU B 316 -15.38 63.99 -5.57
C LEU B 316 -16.43 64.92 -6.18
N VAL B 317 -16.57 64.88 -7.51
CA VAL B 317 -17.55 65.72 -8.19
C VAL B 317 -18.96 65.27 -7.82
N ALA B 318 -19.11 63.96 -7.60
CA ALA B 318 -20.38 63.39 -7.20
C ALA B 318 -20.74 63.75 -5.76
N ALA B 319 -19.72 63.76 -4.90
CA ALA B 319 -19.90 64.19 -3.51
C ALA B 319 -20.16 65.69 -3.43
N GLY B 320 -20.09 66.34 -4.59
CA GLY B 320 -20.54 67.72 -4.77
C GLY B 320 -19.49 68.80 -4.58
N ALA B 321 -18.23 68.44 -4.82
CA ALA B 321 -17.11 69.35 -4.62
C ALA B 321 -16.86 70.15 -5.86
N ASP B 322 -16.62 71.45 -5.67
CA ASP B 322 -16.30 72.37 -6.74
C ASP B 322 -14.92 72.08 -7.33
N LEU B 323 -14.78 72.19 -8.65
CA LEU B 323 -13.52 71.94 -9.36
C LEU B 323 -12.39 72.80 -8.79
N PHE B 324 -12.55 74.10 -8.95
CA PHE B 324 -11.55 75.08 -8.53
C PHE B 324 -11.49 75.22 -7.01
N GLY B 325 -12.23 74.36 -6.31
CA GLY B 325 -12.19 74.31 -4.86
C GLY B 325 -10.96 73.59 -4.33
N GLU B 326 -10.76 73.67 -3.02
CA GLU B 326 -9.58 73.11 -2.37
C GLU B 326 -9.46 71.57 -2.36
N GLU B 327 -10.43 70.85 -2.92
CA GLU B 327 -10.35 69.40 -2.82
C GLU B 327 -10.02 68.75 -4.14
N ILE B 328 -10.03 69.52 -5.21
CA ILE B 328 -9.57 69.02 -6.50
C ILE B 328 -8.77 70.07 -7.28
N ASN B 329 -8.22 71.03 -6.53
CA ASN B 329 -7.39 72.10 -7.07
C ASN B 329 -7.30 72.05 -8.59
N MET B 330 -8.40 72.41 -9.24
CA MET B 330 -8.46 72.44 -10.68
C MET B 330 -7.85 73.75 -11.11
N PRO B 331 -6.87 73.70 -12.03
CA PRO B 331 -6.52 74.93 -12.72
C PRO B 331 -7.69 75.35 -13.61
N GLN B 332 -7.88 76.66 -13.81
CA GLN B 332 -8.87 77.15 -14.77
C GLN B 332 -8.37 76.82 -16.17
N GLN B 333 -9.22 76.98 -17.18
CA GLN B 333 -8.88 76.47 -18.52
C GLN B 333 -7.45 76.79 -19.00
N LYS B 334 -7.05 78.07 -18.98
CA LYS B 334 -5.74 78.47 -19.54
C LYS B 334 -4.53 77.86 -18.81
N ASP B 335 -4.69 77.55 -17.53
CA ASP B 335 -3.60 77.00 -16.72
C ASP B 335 -3.35 75.52 -17.00
N ILE B 336 -4.36 74.85 -17.57
CA ILE B 336 -4.27 73.43 -17.91
C ILE B 336 -3.54 73.23 -19.23
N THR B 337 -2.43 72.50 -19.19
CA THR B 337 -1.71 72.09 -20.39
C THR B 337 -1.48 70.58 -20.46
N THR B 338 -0.79 70.17 -21.52
CA THR B 338 -0.22 68.84 -21.60
C THR B 338 1.31 68.93 -21.62
N LEU B 339 1.96 68.26 -20.64
CA LEU B 339 3.42 68.07 -20.68
C LEU B 339 3.72 66.69 -21.23
N GLY B 340 4.51 66.65 -22.31
CA GLY B 340 4.92 65.37 -22.90
C GLY B 340 3.84 64.64 -23.68
N TYR B 341 4.06 63.35 -23.91
CA TYR B 341 3.13 62.50 -24.66
C TYR B 341 2.97 61.16 -23.94
N ALA B 342 1.74 60.68 -23.89
CA ALA B 342 1.48 59.35 -23.38
C ALA B 342 0.86 58.43 -24.45
N ILE B 343 1.06 57.12 -24.26
CA ILE B 343 0.44 56.12 -25.12
C ILE B 343 0.10 54.90 -24.29
N GLN B 344 -1.08 54.34 -24.55
CA GLN B 344 -1.55 53.12 -23.86
C GLN B 344 -1.88 52.03 -24.87
N CYS B 345 -1.62 50.79 -24.47
CA CYS B 345 -2.04 49.60 -25.21
C CYS B 345 -2.69 48.59 -24.26
N ARG B 346 -3.84 48.07 -24.65
CA ARG B 346 -4.47 46.99 -23.90
C ARG B 346 -3.85 45.67 -24.31
N ILE B 347 -3.35 44.90 -23.34
CA ILE B 347 -2.85 43.56 -23.63
C ILE B 347 -3.96 42.53 -23.42
N THR B 348 -4.36 41.89 -24.52
CA THR B 348 -5.51 41.02 -24.51
C THR B 348 -5.18 39.64 -25.04
N THR B 349 -6.01 38.68 -24.67
CA THR B 349 -5.96 37.30 -25.14
C THR B 349 -6.28 37.14 -26.65
N GLU B 350 -6.39 38.28 -27.35
CA GLU B 350 -6.73 38.29 -28.77
C GLU B 350 -5.59 37.70 -29.59
N ASP B 351 -5.94 36.77 -30.47
CA ASP B 351 -4.96 36.13 -31.34
C ASP B 351 -4.81 36.93 -32.65
N PRO B 352 -3.70 37.68 -32.77
CA PRO B 352 -3.52 38.53 -33.95
C PRO B 352 -3.24 37.71 -35.21
N LEU B 353 -3.26 36.38 -35.06
CA LEU B 353 -3.12 35.47 -36.19
C LEU B 353 -4.49 34.91 -36.58
N ASN B 354 -5.43 34.88 -35.63
CA ASN B 354 -6.76 34.32 -35.88
C ASN B 354 -7.93 35.30 -35.72
N ASP B 355 -7.98 36.29 -36.63
CA ASP B 355 -9.04 37.32 -36.65
C ASP B 355 -9.40 37.90 -35.26
N PHE B 356 -8.38 38.01 -34.42
CA PHE B 356 -8.47 38.58 -33.06
C PHE B 356 -9.49 37.90 -32.13
N MET B 357 -9.67 36.59 -32.27
CA MET B 357 -10.51 35.81 -31.37
C MET B 357 -9.68 35.49 -30.13
N PRO B 358 -10.23 35.79 -28.92
CA PRO B 358 -9.53 35.64 -27.65
C PRO B 358 -9.28 34.19 -27.28
N ASP B 359 -8.14 33.94 -26.64
CA ASP B 359 -7.86 32.65 -26.03
C ASP B 359 -8.61 32.61 -24.71
N THR B 360 -8.91 31.40 -24.23
CA THR B 360 -9.38 31.19 -22.86
C THR B 360 -8.20 30.62 -22.04
N GLY B 361 -8.41 29.52 -21.32
CA GLY B 361 -7.31 28.79 -20.70
C GLY B 361 -6.59 29.45 -19.52
N THR B 362 -5.66 28.70 -18.95
CA THR B 362 -5.04 29.04 -17.68
C THR B 362 -3.73 29.75 -17.90
N ILE B 363 -3.44 30.75 -17.07
CA ILE B 363 -2.15 31.46 -17.14
C ILE B 363 -1.14 30.76 -16.24
N ILE B 364 0.01 30.41 -16.81
CA ILE B 364 1.04 29.63 -16.11
C ILE B 364 2.26 30.45 -15.70
N ALA B 365 2.45 31.60 -16.35
CA ALA B 365 3.59 32.48 -16.09
C ALA B 365 3.23 33.91 -16.48
N TYR B 366 3.17 34.80 -15.48
CA TYR B 366 2.93 36.24 -15.73
C TYR B 366 4.04 37.09 -15.12
N ARG B 367 4.58 38.02 -15.90
CA ARG B 367 5.75 38.80 -15.51
C ARG B 367 5.69 40.18 -16.19
N SER B 368 5.91 41.25 -15.44
CA SER B 368 5.64 42.57 -16.02
C SER B 368 6.79 43.59 -15.97
N SER B 369 6.52 44.76 -16.56
CA SER B 369 7.50 45.83 -16.75
C SER B 369 7.56 46.74 -15.53
N GLY B 370 7.94 47.99 -15.76
CA GLY B 370 8.12 48.97 -14.70
C GLY B 370 9.21 49.96 -15.09
N GLY B 371 9.68 50.72 -14.10
CA GLY B 371 10.71 51.71 -14.32
C GLY B 371 10.20 53.07 -14.79
N PHE B 372 11.10 53.87 -15.33
CA PHE B 372 10.75 55.25 -15.68
C PHE B 372 9.69 55.35 -16.78
N GLY B 373 8.56 55.97 -16.43
CA GLY B 373 7.54 56.32 -17.39
C GLY B 373 6.60 55.21 -17.75
N VAL B 374 6.62 54.13 -16.97
CA VAL B 374 5.69 53.02 -17.18
C VAL B 374 4.62 53.03 -16.09
N ARG B 375 3.39 52.80 -16.51
CA ARG B 375 2.22 52.81 -15.64
C ARG B 375 1.39 51.57 -15.93
N LEU B 376 1.15 50.75 -14.92
CA LEU B 376 0.34 49.54 -15.10
C LEU B 376 -0.99 49.64 -14.40
N ASP B 377 -2.04 49.24 -15.10
CA ASP B 377 -3.35 49.07 -14.53
C ASP B 377 -3.75 47.59 -14.59
N ALA B 378 -3.29 46.81 -13.60
CA ALA B 378 -3.60 45.39 -13.53
C ALA B 378 -5.09 45.10 -13.72
N GLY B 379 -5.40 43.92 -14.26
CA GLY B 379 -6.78 43.48 -14.44
C GLY B 379 -6.96 42.01 -14.09
N ASP B 380 -7.23 41.20 -15.11
CA ASP B 380 -7.43 39.75 -14.95
C ASP B 380 -6.19 38.93 -15.28
N GLY B 381 -5.06 39.59 -15.48
CA GLY B 381 -3.83 38.93 -15.89
C GLY B 381 -2.84 38.79 -14.74
N PHE B 382 -2.62 37.55 -14.33
CA PHE B 382 -1.67 37.22 -13.28
C PHE B 382 -1.41 35.73 -13.29
N GLN B 383 -0.36 35.33 -12.54
CA GLN B 383 0.19 33.96 -12.49
C GLN B 383 -0.80 32.78 -12.30
N GLY B 384 -2.07 33.07 -12.02
CA GLY B 384 -2.99 31.98 -11.70
C GLY B 384 -4.21 31.73 -12.58
N ALA B 385 -5.38 31.97 -11.99
CA ALA B 385 -6.69 31.59 -12.53
C ALA B 385 -6.93 31.86 -14.02
N GLU B 386 -7.63 30.92 -14.66
CA GLU B 386 -7.95 30.95 -16.08
C GLU B 386 -8.85 32.12 -16.47
N ILE B 387 -8.77 32.49 -17.74
CA ILE B 387 -9.58 33.60 -18.28
C ILE B 387 -10.86 33.04 -18.89
N SER B 388 -12.00 33.60 -18.46
CA SER B 388 -13.29 33.18 -18.95
C SER B 388 -13.55 33.80 -20.33
N PRO B 389 -14.42 33.17 -21.15
CA PRO B 389 -14.78 33.79 -22.42
C PRO B 389 -15.89 34.82 -22.26
N TYR B 390 -16.50 34.84 -21.07
CA TYR B 390 -17.71 35.63 -20.81
C TYR B 390 -17.49 37.13 -20.67
N TYR B 391 -16.32 37.54 -20.19
CA TYR B 391 -16.02 38.96 -20.09
C TYR B 391 -14.98 39.40 -21.11
N ASP B 392 -14.80 40.71 -21.22
CA ASP B 392 -13.89 41.30 -22.21
C ASP B 392 -12.44 40.88 -22.04
N SER B 393 -11.90 40.37 -23.15
CA SER B 393 -10.55 39.84 -23.29
C SER B 393 -9.43 40.50 -22.46
N LEU B 394 -9.61 41.78 -22.13
CA LEU B 394 -8.60 42.62 -21.47
C LEU B 394 -7.87 41.99 -20.28
N LEU B 395 -6.54 41.98 -20.34
CA LEU B 395 -5.70 41.52 -19.23
C LEU B 395 -5.06 42.69 -18.49
N VAL B 396 -4.13 43.35 -19.17
CA VAL B 396 -3.36 44.42 -18.55
C VAL B 396 -3.44 45.66 -19.42
N LYS B 397 -3.50 46.80 -18.74
CA LYS B 397 -3.60 48.11 -19.34
C LYS B 397 -2.27 48.83 -19.09
N LEU B 398 -1.40 48.78 -20.10
CA LEU B 398 -0.03 49.30 -20.05
C LEU B 398 0.10 50.67 -20.72
N SER B 399 0.72 51.61 -20.02
CA SER B 399 0.89 52.97 -20.52
C SER B 399 2.31 53.50 -20.25
N THR B 400 2.77 54.44 -21.08
CA THR B 400 4.13 55.00 -20.95
C THR B 400 4.17 56.55 -21.06
N HIS B 401 5.14 57.19 -20.39
CA HIS B 401 5.24 58.67 -20.42
C HIS B 401 6.66 59.26 -20.58
N ALA B 402 6.76 60.33 -21.38
CA ALA B 402 7.98 61.14 -21.53
C ALA B 402 7.70 62.47 -22.22
N ILE B 403 8.70 63.36 -22.23
CA ILE B 403 8.59 64.65 -22.93
C ILE B 403 8.43 64.39 -24.43
N SER B 404 9.52 63.97 -25.07
CA SER B 404 9.49 63.64 -26.49
C SER B 404 8.58 62.43 -26.73
N PHE B 405 8.03 62.36 -27.94
CA PHE B 405 7.24 61.19 -28.31
C PHE B 405 8.13 59.96 -28.53
N LYS B 406 9.29 60.15 -29.18
CA LYS B 406 10.23 59.04 -29.44
C LYS B 406 10.62 58.28 -28.16
N GLN B 407 10.78 59.01 -27.06
CA GLN B 407 11.05 58.40 -25.77
C GLN B 407 9.87 57.55 -25.28
N ALA B 408 8.65 57.98 -25.57
CA ALA B 408 7.45 57.24 -25.18
C ALA B 408 7.30 55.95 -25.98
N GLU B 409 7.53 56.05 -27.29
CA GLU B 409 7.54 54.92 -28.20
C GLU B 409 8.52 53.82 -27.77
N GLU B 410 9.75 54.24 -27.44
CA GLU B 410 10.83 53.33 -27.08
C GLU B 410 10.50 52.62 -25.78
N LYS B 411 9.67 53.28 -24.97
CA LYS B 411 9.35 52.78 -23.66
C LYS B 411 8.27 51.72 -23.79
N MET B 412 7.33 51.95 -24.71
CA MET B 412 6.28 50.97 -25.01
C MET B 412 6.86 49.67 -25.58
N VAL B 413 7.65 49.78 -26.66
CA VAL B 413 8.30 48.63 -27.32
C VAL B 413 9.05 47.76 -26.32
N ARG B 414 10.05 48.36 -25.67
CA ARG B 414 10.83 47.70 -24.62
C ARG B 414 9.91 47.09 -23.59
N SER B 415 8.99 47.90 -23.07
CA SER B 415 8.04 47.41 -22.08
C SER B 415 7.38 46.15 -22.56
N LEU B 416 6.94 46.16 -23.83
CA LEU B 416 6.16 45.06 -24.40
C LEU B 416 6.91 43.73 -24.47
N ARG B 417 8.22 43.80 -24.75
CA ARG B 417 9.05 42.60 -24.85
C ARG B 417 9.20 42.02 -23.45
N GLU B 418 9.55 42.89 -22.52
CA GLU B 418 9.67 42.55 -21.12
C GLU B 418 8.36 41.98 -20.57
N MET B 419 7.24 42.41 -21.13
CA MET B 419 5.94 41.82 -20.79
C MET B 419 5.95 40.36 -21.16
N ARG B 420 5.57 39.50 -20.22
CA ARG B 420 5.63 38.06 -20.47
C ARG B 420 4.42 37.33 -19.95
N ILE B 421 3.63 36.80 -20.89
CA ILE B 421 2.49 35.96 -20.56
C ILE B 421 2.58 34.66 -21.31
N ARG B 422 2.63 33.57 -20.56
CA ARG B 422 2.68 32.23 -21.10
C ARG B 422 1.40 31.48 -20.71
N GLY B 423 0.93 30.64 -21.62
CA GLY B 423 -0.23 29.77 -21.34
C GLY B 423 -1.44 30.04 -22.22
N VAL B 424 -1.58 31.29 -22.67
CA VAL B 424 -2.65 31.73 -23.57
C VAL B 424 -2.02 32.65 -24.62
N LYS B 425 -2.68 32.80 -25.78
CA LYS B 425 -2.20 33.72 -26.82
C LYS B 425 -2.41 35.20 -26.45
N THR B 426 -1.52 36.07 -26.92
CA THR B 426 -1.64 37.51 -26.65
C THR B 426 -1.54 38.36 -27.91
N ASN B 427 -1.95 39.62 -27.79
CA ASN B 427 -1.84 40.53 -28.92
C ASN B 427 -0.48 41.22 -28.99
N ILE B 428 0.38 40.94 -27.99
CA ILE B 428 1.72 41.55 -27.94
C ILE B 428 2.54 41.55 -29.25
N PRO B 429 2.74 40.38 -29.90
CA PRO B 429 3.61 40.46 -31.09
C PRO B 429 3.10 41.51 -32.08
N PHE B 430 1.79 41.48 -32.37
CA PHE B 430 1.11 42.52 -33.12
C PHE B 430 1.36 43.90 -32.52
N LEU B 431 1.02 44.05 -31.24
CA LEU B 431 1.15 45.32 -30.52
C LEU B 431 2.56 45.90 -30.58
N ILE B 432 3.57 45.02 -30.64
CA ILE B 432 4.94 45.45 -30.92
C ILE B 432 5.01 46.10 -32.30
N ASN B 433 4.60 45.36 -33.33
CA ASN B 433 4.76 45.80 -34.72
C ASN B 433 4.01 47.07 -35.11
N VAL B 434 3.15 47.55 -34.22
CA VAL B 434 2.45 48.82 -34.39
C VAL B 434 3.35 49.97 -33.97
N MET B 435 4.09 49.76 -32.88
CA MET B 435 5.01 50.76 -32.33
C MET B 435 6.24 50.96 -33.20
N LYS B 436 6.88 49.84 -33.59
CA LYS B 436 8.05 49.87 -34.47
C LYS B 436 7.78 50.60 -35.79
N ASN B 437 6.62 50.33 -36.38
CA ASN B 437 6.19 50.93 -37.65
C ASN B 437 6.22 52.46 -37.62
N LYS B 438 7.13 53.05 -38.39
CA LYS B 438 7.39 54.50 -38.33
C LYS B 438 6.25 55.39 -38.89
N LYS B 439 5.36 54.82 -39.70
CA LYS B 439 4.16 55.55 -40.14
C LYS B 439 3.15 55.77 -38.98
N PHE B 440 3.39 55.13 -37.84
CA PHE B 440 2.72 55.47 -36.59
C PHE B 440 3.52 56.55 -35.85
N THR B 441 4.84 56.48 -35.96
CA THR B 441 5.75 57.44 -35.34
C THR B 441 5.54 58.86 -35.89
N SER B 442 5.18 58.94 -37.18
CA SER B 442 4.94 60.22 -37.85
C SER B 442 3.83 61.06 -37.19
N GLY B 443 2.76 60.40 -36.77
CA GLY B 443 1.58 61.09 -36.25
C GLY B 443 0.48 61.20 -37.28
N ASP B 444 0.87 61.33 -38.55
CA ASP B 444 -0.08 61.39 -39.65
C ASP B 444 -0.67 60.00 -39.99
N TYR B 445 -0.96 59.23 -38.95
CA TYR B 445 -1.67 57.95 -39.10
C TYR B 445 -3.17 58.21 -39.16
N THR B 446 -3.94 57.19 -39.52
CA THR B 446 -5.38 57.35 -39.76
C THR B 446 -6.17 56.12 -39.34
N THR B 447 -7.51 56.25 -39.29
CA THR B 447 -8.37 55.15 -38.85
C THR B 447 -8.16 53.91 -39.69
N LYS B 448 -7.78 54.13 -40.94
CA LYS B 448 -7.31 53.07 -41.81
C LYS B 448 -5.78 53.04 -41.75
N PHE B 449 -5.25 52.61 -40.63
CA PHE B 449 -3.82 52.34 -40.50
C PHE B 449 -3.58 50.84 -40.49
N ILE B 450 -4.42 50.13 -39.73
CA ILE B 450 -4.40 48.68 -39.71
C ILE B 450 -4.94 48.15 -41.04
N GLU B 451 -5.87 48.91 -41.62
CA GLU B 451 -6.46 48.61 -42.93
C GLU B 451 -5.40 48.55 -44.04
N GLU B 452 -4.47 49.51 -44.01
CA GLU B 452 -3.50 49.75 -45.08
C GLU B 452 -2.09 49.19 -44.81
N THR B 453 -1.92 48.52 -43.67
CA THR B 453 -0.61 47.98 -43.30
C THR B 453 -0.65 46.44 -43.14
N PRO B 454 -0.09 45.71 -44.11
CA PRO B 454 0.00 44.25 -44.06
C PRO B 454 1.16 43.75 -43.19
N GLU B 455 2.36 44.33 -43.37
CA GLU B 455 3.54 43.99 -42.57
C GLU B 455 3.30 44.21 -41.07
N LEU B 456 2.11 44.72 -40.75
CA LEU B 456 1.64 44.87 -39.38
C LEU B 456 1.35 43.50 -38.78
N PHE B 457 0.90 42.57 -39.62
CA PHE B 457 0.81 41.16 -39.24
C PHE B 457 2.13 40.48 -39.58
N ASP B 458 2.80 39.99 -38.55
CA ASP B 458 4.09 39.32 -38.70
C ASP B 458 4.17 38.00 -37.96
N ILE B 459 4.62 37.00 -38.69
CA ILE B 459 4.81 35.64 -38.20
C ILE B 459 5.57 35.55 -36.86
N GLN B 460 6.71 36.25 -36.76
CA GLN B 460 7.65 36.17 -35.63
C GLN B 460 7.25 35.16 -34.54
N PRO B 461 7.51 33.86 -34.80
CA PRO B 461 6.97 32.72 -34.05
C PRO B 461 7.27 32.72 -32.56
N SER B 462 8.50 33.08 -32.19
CA SER B 462 8.93 33.13 -30.78
C SER B 462 8.74 31.79 -30.06
N LEU B 463 9.68 30.86 -30.30
CA LEU B 463 9.59 29.49 -29.78
C LEU B 463 9.72 29.50 -28.25
N ASP B 464 8.66 29.09 -27.57
CA ASP B 464 8.57 29.11 -26.12
C ASP B 464 9.55 28.10 -25.50
N ARG B 465 10.85 28.34 -25.66
CA ARG B 465 11.89 27.44 -25.15
C ARG B 465 11.77 27.22 -23.64
N GLY B 466 11.21 28.21 -22.93
CA GLY B 466 10.99 28.14 -21.49
C GLY B 466 10.10 26.97 -21.10
N THR B 467 8.81 27.14 -21.36
CA THR B 467 7.78 26.14 -21.05
C THR B 467 8.04 24.78 -21.70
N LYS B 468 8.50 24.78 -22.95
CA LYS B 468 8.68 23.57 -23.74
C LYS B 468 9.69 22.58 -23.15
N THR B 469 10.65 23.07 -22.36
CA THR B 469 11.54 22.21 -21.60
C THR B 469 10.72 21.45 -20.57
N LEU B 470 9.93 22.18 -19.81
CA LEU B 470 9.15 21.60 -18.72
C LEU B 470 8.09 20.65 -19.26
N GLU B 471 7.33 21.16 -20.24
CA GLU B 471 6.28 20.40 -20.94
C GLU B 471 6.78 19.03 -21.39
N TYR B 472 8.06 18.97 -21.73
CA TYR B 472 8.70 17.74 -22.13
C TYR B 472 9.16 16.94 -20.92
N ILE B 473 9.90 17.59 -20.03
CA ILE B 473 10.43 16.92 -18.84
C ILE B 473 9.30 16.16 -18.16
N GLY B 474 8.23 16.88 -17.84
CA GLY B 474 7.09 16.30 -17.11
C GLY B 474 6.49 15.10 -17.80
N ASN B 475 6.24 15.25 -19.11
CA ASN B 475 5.70 14.19 -19.94
C ASN B 475 6.49 12.87 -19.86
N VAL B 476 7.82 12.96 -19.85
CA VAL B 476 8.68 11.78 -19.68
C VAL B 476 8.81 11.36 -18.21
N THR B 477 8.75 12.33 -17.30
CA THR B 477 8.76 12.03 -15.88
C THR B 477 7.58 11.12 -15.50
N ILE B 478 6.46 11.29 -16.20
CA ILE B 478 5.22 10.58 -15.90
C ILE B 478 4.94 9.44 -16.90
N ASN B 479 4.82 9.77 -18.18
CA ASN B 479 4.51 8.76 -19.21
C ASN B 479 5.74 8.10 -19.87
N GLY B 480 6.94 8.59 -19.53
CA GLY B 480 8.19 7.95 -19.95
C GLY B 480 8.57 8.10 -21.41
N PHE B 481 9.49 7.25 -21.85
CA PHE B 481 10.00 7.31 -23.21
C PHE B 481 10.01 5.89 -23.84
N PRO B 482 8.81 5.31 -24.10
CA PRO B 482 8.68 3.91 -24.55
C PRO B 482 9.83 3.39 -25.43
N ASN B 483 10.29 2.18 -25.11
CA ASN B 483 11.56 1.56 -25.58
C ASN B 483 12.59 1.50 -24.44
N VAL B 484 12.30 2.26 -23.39
CA VAL B 484 13.20 2.47 -22.26
C VAL B 484 12.59 1.85 -20.99
N GLU B 485 13.45 1.33 -20.11
CA GLU B 485 13.03 0.75 -18.84
C GLU B 485 12.48 1.83 -17.90
N LYS B 486 11.15 1.92 -17.82
CA LYS B 486 10.46 2.86 -16.93
C LYS B 486 10.82 2.67 -15.44
N ARG B 487 11.61 3.62 -14.92
CA ARG B 487 12.00 3.65 -13.49
C ARG B 487 12.35 5.10 -13.08
N PRO B 488 12.58 5.34 -11.77
CA PRO B 488 13.17 6.61 -11.34
C PRO B 488 14.62 6.83 -11.78
N LYS B 489 14.91 8.06 -12.21
CA LYS B 489 16.20 8.50 -12.77
C LYS B 489 17.44 8.17 -11.90
N PRO B 490 18.23 7.15 -12.29
CA PRO B 490 19.37 6.68 -11.48
C PRO B 490 20.49 7.71 -11.25
N ASP B 491 21.16 7.60 -10.10
CA ASP B 491 22.23 8.52 -9.70
C ASP B 491 23.57 8.11 -10.32
N TYR B 492 23.79 8.52 -11.56
CA TYR B 492 25.01 8.21 -12.30
C TYR B 492 26.21 8.91 -11.67
N GLU B 493 27.40 8.36 -11.91
CA GLU B 493 28.65 8.99 -11.51
C GLU B 493 28.82 10.34 -12.20
N LEU B 494 29.16 11.36 -11.42
CA LEU B 494 29.13 12.74 -11.90
C LEU B 494 30.47 13.12 -12.54
N ALA B 495 30.95 12.21 -13.40
CA ALA B 495 32.33 12.21 -13.93
C ALA B 495 32.78 13.46 -14.68
N SER B 496 34.10 13.58 -14.81
CA SER B 496 34.74 14.74 -15.44
C SER B 496 34.52 14.77 -16.94
N ILE B 497 34.35 15.98 -17.46
CA ILE B 497 34.48 16.24 -18.89
C ILE B 497 35.88 16.79 -19.13
N PRO B 498 36.76 15.98 -19.76
CA PRO B 498 38.07 16.46 -20.17
C PRO B 498 37.94 17.47 -21.30
N THR B 499 38.61 18.62 -21.13
CA THR B 499 38.51 19.72 -22.09
C THR B 499 39.89 20.16 -22.56
N VAL B 500 39.93 20.86 -23.69
CA VAL B 500 41.13 21.59 -24.11
C VAL B 500 40.77 23.04 -24.39
N SER B 501 41.80 23.87 -24.62
CA SER B 501 41.63 25.30 -24.91
C SER B 501 40.87 25.53 -26.23
N SER B 502 40.05 26.58 -26.24
CA SER B 502 39.20 26.92 -27.40
C SER B 502 40.03 27.28 -28.64
N SER B 503 40.90 28.28 -28.50
CA SER B 503 41.70 28.78 -29.62
C SER B 503 42.90 27.88 -29.99
N LYS B 504 43.31 27.00 -29.08
CA LYS B 504 44.50 26.16 -29.28
C LYS B 504 44.30 25.05 -30.31
N ILE B 505 43.05 24.74 -30.61
CA ILE B 505 42.73 23.73 -31.62
C ILE B 505 42.84 24.30 -33.04
N ALA B 506 42.35 25.53 -33.23
CA ALA B 506 42.29 26.16 -34.55
C ALA B 506 43.66 26.55 -35.13
N SER B 507 44.72 26.17 -34.41
CA SER B 507 46.10 26.38 -34.86
C SER B 507 46.75 25.10 -35.35
N PHE B 508 46.35 23.97 -34.76
CA PHE B 508 46.93 22.64 -35.07
C PHE B 508 46.81 22.21 -36.53
N SER B 509 47.96 21.86 -37.14
CA SER B 509 47.99 21.26 -38.47
C SER B 509 47.24 19.93 -38.42
N GLY B 510 46.54 19.61 -39.51
CA GLY B 510 45.72 18.40 -39.55
C GLY B 510 45.38 17.88 -40.93
N THR B 511 44.51 16.87 -40.98
CA THR B 511 44.13 16.22 -42.22
C THR B 511 42.98 16.89 -42.98
N LYS B 512 42.24 17.79 -42.32
CA LYS B 512 41.20 18.54 -43.03
C LYS B 512 41.79 19.65 -43.91
N GLN B 513 42.72 20.45 -43.36
CA GLN B 513 43.48 21.43 -44.17
C GLN B 513 44.54 20.74 -45.06
N LEU B 514 44.62 19.42 -44.92
CA LEU B 514 45.39 18.58 -45.81
C LEU B 514 44.55 18.30 -47.06
N LEU B 515 43.22 18.33 -46.89
CA LEU B 515 42.28 18.18 -48.01
C LEU B 515 42.01 19.53 -48.67
N ASP B 516 42.16 20.60 -47.89
CA ASP B 516 42.07 21.95 -48.42
C ASP B 516 43.28 22.25 -49.31
N GLU B 517 44.45 21.75 -48.92
CA GLU B 517 45.69 21.99 -49.65
C GLU B 517 45.81 21.23 -50.96
N VAL B 518 45.79 19.89 -50.87
CA VAL B 518 46.14 19.03 -52.01
C VAL B 518 45.00 18.18 -52.57
N GLY B 519 43.84 18.22 -51.94
CA GLY B 519 42.65 17.55 -52.47
C GLY B 519 42.63 16.04 -52.21
N PRO B 520 41.52 15.36 -52.62
CA PRO B 520 41.31 13.95 -52.31
C PRO B 520 42.33 13.03 -52.99
N LYS B 521 42.71 13.35 -54.22
CA LYS B 521 43.78 12.65 -54.92
C LYS B 521 45.09 12.91 -54.17
N GLY B 522 45.31 14.17 -53.80
CA GLY B 522 46.48 14.59 -53.01
C GLY B 522 46.52 14.16 -51.54
N VAL B 523 45.38 13.74 -51.00
CA VAL B 523 45.37 13.13 -49.67
C VAL B 523 45.76 11.65 -49.73
N ALA B 524 45.14 10.91 -50.64
CA ALA B 524 45.39 9.46 -50.75
C ALA B 524 46.85 9.12 -51.12
N GLU B 525 47.54 10.05 -51.76
CA GLU B 525 48.98 9.88 -52.06
C GLU B 525 49.85 10.12 -50.82
N TRP B 526 49.44 11.07 -50.00
CA TRP B 526 50.02 11.27 -48.68
C TRP B 526 49.77 10.02 -47.81
N VAL B 527 48.57 9.45 -47.93
CA VAL B 527 48.18 8.24 -47.18
C VAL B 527 49.14 7.07 -47.42
N LYS B 528 49.56 6.87 -48.66
CA LYS B 528 50.57 5.86 -48.97
C LYS B 528 51.85 6.19 -48.22
N LYS B 529 52.50 7.30 -48.58
CA LYS B 529 53.79 7.70 -48.03
C LYS B 529 53.95 7.38 -46.54
N GLN B 530 52.91 7.70 -45.76
CA GLN B 530 52.93 7.52 -44.31
C GLN B 530 53.17 6.07 -43.89
N ASP B 531 54.23 5.88 -43.11
CA ASP B 531 54.69 4.55 -42.75
C ASP B 531 53.92 3.97 -41.56
N ASP B 532 53.60 4.83 -40.59
CA ASP B 532 52.83 4.43 -39.42
C ASP B 532 51.38 4.00 -39.73
N VAL B 533 50.64 3.67 -38.68
CA VAL B 533 49.31 3.12 -38.84
C VAL B 533 48.23 4.17 -38.57
N LEU B 534 47.66 4.70 -39.65
CA LEU B 534 46.60 5.70 -39.61
C LEU B 534 45.30 5.14 -39.05
N LEU B 535 44.57 5.98 -38.33
CA LEU B 535 43.30 5.52 -37.77
C LEU B 535 42.11 6.40 -38.11
N THR B 536 40.98 5.76 -38.40
CA THR B 536 39.70 6.43 -38.57
C THR B 536 38.87 6.04 -37.38
N ASP B 537 38.56 6.98 -36.50
CA ASP B 537 37.76 6.63 -35.32
C ASP B 537 36.26 6.61 -35.58
N THR B 538 35.53 5.80 -34.81
CA THR B 538 34.12 5.57 -35.05
C THR B 538 33.27 5.63 -33.78
N THR B 539 33.74 6.40 -32.80
CA THR B 539 33.04 6.52 -31.53
C THR B 539 31.65 7.11 -31.72
N PHE B 540 31.56 8.09 -32.63
CA PHE B 540 30.34 8.86 -32.86
C PHE B 540 29.47 8.26 -33.98
N ARG B 541 29.80 7.04 -34.41
CA ARG B 541 29.00 6.32 -35.39
C ARG B 541 28.90 4.85 -35.03
N ASP B 542 29.79 4.04 -35.64
CA ASP B 542 29.66 2.59 -35.64
C ASP B 542 29.72 1.96 -34.25
N ALA B 543 30.55 2.54 -33.39
CA ALA B 543 30.73 2.05 -32.02
C ALA B 543 29.39 1.85 -31.32
N HIS B 544 28.66 2.94 -31.13
CA HIS B 544 27.39 2.89 -30.41
C HIS B 544 26.28 2.41 -31.33
N GLN B 545 26.55 2.39 -32.62
CA GLN B 545 25.64 1.77 -33.56
C GLN B 545 25.66 0.27 -33.30
N SER B 546 26.85 -0.25 -33.04
CA SER B 546 27.06 -1.67 -32.82
C SER B 546 26.74 -2.11 -31.39
N LEU B 547 26.83 -1.18 -30.44
CA LEU B 547 26.69 -1.52 -29.01
C LEU B 547 25.41 -1.01 -28.36
N LEU B 548 25.03 0.23 -28.67
CA LEU B 548 23.90 0.89 -28.00
C LEU B 548 22.80 1.31 -28.99
N ALA B 549 22.72 0.62 -30.13
CA ALA B 549 21.67 0.83 -31.16
C ALA B 549 21.57 2.28 -31.65
N THR B 550 22.72 2.90 -31.93
CA THR B 550 22.81 4.25 -32.51
C THR B 550 22.32 5.39 -31.59
N ARG B 551 21.84 5.04 -30.40
CA ARG B 551 21.14 5.99 -29.53
C ARG B 551 21.94 7.17 -28.95
N VAL B 552 23.25 7.24 -29.19
CA VAL B 552 24.01 8.33 -28.58
C VAL B 552 23.54 9.70 -29.10
N ARG B 553 23.21 10.57 -28.17
CA ARG B 553 22.65 11.88 -28.49
C ARG B 553 23.77 12.86 -28.79
N THR B 554 23.42 13.97 -29.45
CA THR B 554 24.39 15.00 -29.88
C THR B 554 25.19 15.60 -28.72
N LYS B 555 24.50 15.90 -27.61
CA LYS B 555 25.11 16.60 -26.47
C LYS B 555 26.31 15.84 -25.91
N ASP B 556 26.18 14.52 -25.80
CA ASP B 556 27.27 13.66 -25.33
C ASP B 556 28.54 13.78 -26.15
N MET B 557 28.39 14.02 -27.45
CA MET B 557 29.51 14.13 -28.39
C MET B 557 30.10 15.54 -28.39
N ILE B 558 29.23 16.55 -28.37
CA ILE B 558 29.69 17.95 -28.30
C ILE B 558 30.52 18.21 -27.03
N ASN B 559 30.10 17.64 -25.92
CA ASN B 559 30.72 17.88 -24.61
C ASN B 559 32.18 17.43 -24.51
N ILE B 560 32.65 16.69 -25.51
CA ILE B 560 34.05 16.30 -25.60
C ILE B 560 34.61 16.54 -27.00
N ALA B 561 33.79 17.10 -27.90
CA ALA B 561 34.22 17.40 -29.26
C ALA B 561 35.56 18.12 -29.29
N SER B 562 35.75 19.00 -28.30
CA SER B 562 36.96 19.80 -28.11
C SER B 562 38.20 18.94 -27.83
N LYS B 563 38.12 18.08 -26.81
CA LYS B 563 39.21 17.15 -26.45
C LYS B 563 39.53 16.18 -27.60
N THR B 564 38.47 15.61 -28.18
CA THR B 564 38.57 14.69 -29.31
C THR B 564 39.38 15.29 -30.47
N ALA B 565 39.16 16.57 -30.76
CA ALA B 565 39.87 17.28 -31.82
C ALA B 565 41.38 17.29 -31.57
N ASP B 566 41.79 17.47 -30.31
CA ASP B 566 43.20 17.46 -29.93
C ASP B 566 43.84 16.06 -29.92
N VAL B 567 43.09 15.07 -29.43
CA VAL B 567 43.58 13.70 -29.22
C VAL B 567 43.80 12.93 -30.52
N PHE B 568 42.87 13.05 -31.46
CA PHE B 568 43.01 12.43 -32.78
C PHE B 568 43.61 13.37 -33.83
N LYS B 569 44.28 14.44 -33.38
CA LYS B 569 44.93 15.41 -34.27
C LYS B 569 45.75 14.75 -35.39
N ASP B 570 46.24 13.54 -35.11
CA ASP B 570 47.01 12.77 -36.07
C ASP B 570 46.29 11.49 -36.53
N GLY B 571 45.00 11.40 -36.22
CA GLY B 571 44.13 10.36 -36.79
C GLY B 571 43.81 10.67 -38.24
N PHE B 572 43.43 9.64 -39.01
CA PHE B 572 43.08 9.86 -40.40
C PHE B 572 41.79 10.64 -40.48
N SER B 573 40.70 10.01 -40.02
CA SER B 573 39.42 10.70 -39.89
C SER B 573 38.67 10.31 -38.61
N LEU B 574 37.40 10.73 -38.57
CA LEU B 574 36.45 10.29 -37.55
C LEU B 574 35.16 9.97 -38.25
N GLU B 575 34.75 8.72 -38.18
CA GLU B 575 33.45 8.34 -38.69
C GLU B 575 32.41 8.72 -37.65
N MET B 576 31.61 9.71 -38.01
CA MET B 576 30.68 10.28 -37.07
C MET B 576 29.37 10.61 -37.77
N TRP B 577 29.16 10.00 -38.95
CA TRP B 577 27.89 10.15 -39.66
C TRP B 577 27.46 8.94 -40.52
N GLY B 578 26.19 8.94 -40.91
CA GLY B 578 25.67 7.99 -41.90
C GLY B 578 25.45 6.61 -41.33
N GLY B 579 24.82 5.75 -42.13
CA GLY B 579 24.37 4.44 -41.66
C GLY B 579 22.98 4.59 -41.07
N ALA B 580 22.85 4.36 -39.77
CA ALA B 580 21.58 4.46 -39.09
C ALA B 580 21.46 5.72 -38.22
N THR B 581 22.54 6.51 -38.15
CA THR B 581 22.51 7.78 -37.41
C THR B 581 21.46 8.70 -38.00
N PHE B 582 21.39 8.76 -39.32
CA PHE B 582 20.48 9.68 -39.99
C PHE B 582 19.00 9.41 -39.71
N ASP B 583 18.61 8.13 -39.69
CA ASP B 583 17.24 7.74 -39.34
C ASP B 583 16.94 7.99 -37.87
N VAL B 584 17.76 7.39 -37.01
CA VAL B 584 17.54 7.40 -35.57
C VAL B 584 17.65 8.82 -35.00
N ALA B 585 18.56 9.63 -35.53
CA ALA B 585 18.61 11.03 -35.12
C ALA B 585 17.19 11.62 -35.18
N TYR B 586 16.64 11.75 -36.39
CA TYR B 586 15.28 12.25 -36.60
C TYR B 586 14.19 11.50 -35.84
N ASN B 587 14.33 10.18 -35.80
CA ASN B 587 13.27 9.25 -35.41
C ASN B 587 13.12 9.04 -33.90
N PHE B 588 14.20 8.61 -33.27
CA PHE B 588 14.15 8.16 -31.90
C PHE B 588 14.73 9.13 -30.90
N LEU B 589 15.65 9.97 -31.37
CA LEU B 589 16.29 10.97 -30.52
C LEU B 589 15.76 12.38 -30.80
N LYS B 590 14.97 12.52 -31.86
CA LYS B 590 14.23 13.75 -32.19
C LYS B 590 15.09 15.03 -32.29
N GLU B 591 16.36 14.85 -32.64
CA GLU B 591 17.27 15.96 -32.87
C GLU B 591 17.74 15.98 -34.33
N ASN B 592 18.35 17.08 -34.76
CA ASN B 592 18.81 17.20 -36.13
C ASN B 592 20.15 16.48 -36.38
N PRO B 593 20.19 15.57 -37.36
CA PRO B 593 21.49 14.98 -37.73
C PRO B 593 22.42 16.04 -38.29
N TRP B 594 21.87 16.92 -39.13
CA TRP B 594 22.61 18.05 -39.69
C TRP B 594 23.26 18.93 -38.62
N GLU B 595 22.48 19.30 -37.59
CA GLU B 595 22.98 20.08 -36.44
C GLU B 595 24.26 19.50 -35.85
N ARG B 596 24.18 18.25 -35.38
CA ARG B 596 25.32 17.50 -34.84
C ARG B 596 26.57 17.68 -35.72
N LEU B 597 26.44 17.29 -36.98
CA LEU B 597 27.52 17.42 -37.94
C LEU B 597 28.17 18.80 -37.86
N GLU B 598 27.34 19.85 -37.86
CA GLU B 598 27.83 21.24 -37.90
C GLU B 598 28.42 21.69 -36.57
N ARG B 599 27.77 21.30 -35.48
CA ARG B 599 28.26 21.56 -34.12
C ARG B 599 29.60 20.85 -33.93
N LEU B 600 29.70 19.62 -34.43
CA LEU B 600 30.95 18.88 -34.41
C LEU B 600 32.00 19.45 -35.38
N ARG B 601 31.54 20.11 -36.44
CA ARG B 601 32.41 20.70 -37.46
C ARG B 601 33.20 21.92 -36.96
N LYS B 602 32.52 22.81 -36.23
CA LYS B 602 33.14 23.98 -35.60
C LYS B 602 34.06 23.57 -34.45
N ALA B 603 33.77 22.41 -33.87
CA ALA B 603 34.52 21.91 -32.72
C ALA B 603 35.71 21.06 -33.14
N ILE B 604 35.52 20.20 -34.13
CA ILE B 604 36.62 19.38 -34.65
C ILE B 604 36.95 19.81 -36.08
N PRO B 605 37.90 20.75 -36.20
CA PRO B 605 38.27 21.26 -37.52
C PRO B 605 39.54 20.62 -38.10
N ASN B 606 40.44 20.12 -37.25
CA ASN B 606 41.70 19.54 -37.74
C ASN B 606 41.61 18.18 -38.41
N VAL B 607 40.71 17.32 -37.91
CA VAL B 607 40.61 15.93 -38.37
C VAL B 607 39.44 15.71 -39.33
N LEU B 608 39.69 14.95 -40.40
CA LEU B 608 38.71 14.68 -41.47
C LEU B 608 37.38 14.19 -40.96
N PHE B 609 36.32 14.50 -41.70
CA PHE B 609 34.96 14.05 -41.33
C PHE B 609 34.43 12.94 -42.25
N GLN B 610 33.98 11.83 -41.64
CA GLN B 610 33.62 10.63 -42.39
C GLN B 610 32.19 10.17 -42.17
N MET B 611 31.51 9.85 -43.27
CA MET B 611 30.18 9.28 -43.21
C MET B 611 30.10 7.91 -43.90
N LEU B 612 28.91 7.31 -43.85
CA LEU B 612 28.63 6.09 -44.58
C LEU B 612 27.49 6.32 -45.56
N LEU B 613 27.62 5.77 -46.76
CA LEU B 613 26.62 5.91 -47.80
C LEU B 613 26.42 4.60 -48.55
N ARG B 614 25.24 4.01 -48.41
CA ARG B 614 24.94 2.69 -48.98
C ARG B 614 24.51 2.75 -50.44
N ALA B 615 25.22 3.57 -51.22
CA ALA B 615 25.03 3.70 -52.66
C ALA B 615 23.70 4.34 -53.06
N SER B 616 22.95 3.68 -53.93
CA SER B 616 21.65 4.17 -54.39
C SER B 616 20.56 4.03 -53.32
N ASN B 617 20.96 3.58 -52.12
CA ASN B 617 20.12 3.62 -50.93
C ASN B 617 20.50 4.84 -50.10
N ALA B 618 21.78 5.20 -50.16
CA ALA B 618 22.29 6.44 -49.56
C ALA B 618 22.38 6.42 -48.03
N VAL B 619 21.28 6.72 -47.35
CA VAL B 619 21.24 6.69 -45.90
C VAL B 619 19.83 6.35 -45.44
N GLY B 620 18.97 6.08 -46.43
CA GLY B 620 17.64 5.56 -46.19
C GLY B 620 17.63 4.05 -46.34
N TYR B 621 16.44 3.48 -46.40
CA TYR B 621 16.25 2.04 -46.54
C TYR B 621 15.97 1.65 -48.00
N LYS B 622 15.09 2.41 -48.66
CA LYS B 622 14.70 2.19 -50.07
C LYS B 622 15.83 2.51 -51.06
N ASN B 623 15.73 1.94 -52.26
CA ASN B 623 16.61 2.35 -53.37
C ASN B 623 15.95 3.55 -54.07
N TYR B 624 16.71 4.62 -54.25
CA TYR B 624 16.17 5.92 -54.69
C TYR B 624 16.45 6.27 -56.16
N PRO B 625 15.85 7.37 -56.66
CA PRO B 625 16.20 7.91 -57.97
C PRO B 625 17.59 8.55 -57.95
N ASP B 626 18.24 8.60 -59.12
CA ASP B 626 19.63 9.09 -59.21
C ASP B 626 19.85 10.47 -58.57
N ASN B 627 19.06 11.46 -59.00
CA ASN B 627 19.22 12.84 -58.53
C ASN B 627 19.13 13.06 -57.00
N VAL B 628 18.42 12.16 -56.32
CA VAL B 628 18.33 12.21 -54.85
C VAL B 628 19.68 11.83 -54.22
N ILE B 629 20.42 10.94 -54.88
CA ILE B 629 21.76 10.55 -54.42
C ILE B 629 22.71 11.73 -54.57
N HIS B 630 22.59 12.43 -55.70
CA HIS B 630 23.35 13.65 -55.96
C HIS B 630 23.04 14.71 -54.89
N LYS B 631 21.76 15.04 -54.75
CA LYS B 631 21.31 16.07 -53.82
C LYS B 631 21.87 15.87 -52.41
N PHE B 632 21.73 14.65 -51.89
CA PHE B 632 22.21 14.32 -50.55
C PHE B 632 23.73 14.39 -50.45
N VAL B 633 24.43 13.94 -51.49
CA VAL B 633 25.87 14.06 -51.51
C VAL B 633 26.24 15.54 -51.45
N GLN B 634 25.78 16.30 -52.45
CA GLN B 634 26.02 17.75 -52.57
C GLN B 634 25.82 18.50 -51.25
N GLU B 635 24.69 18.24 -50.61
CA GLU B 635 24.33 18.93 -49.37
C GLU B 635 25.18 18.49 -48.19
N SER B 636 25.52 17.20 -48.15
CA SER B 636 26.35 16.65 -47.08
C SER B 636 27.73 17.29 -47.05
N ALA B 637 28.39 17.36 -48.20
CA ALA B 637 29.73 17.92 -48.33
C ALA B 637 29.78 19.37 -47.85
N LYS B 638 28.73 20.12 -48.14
CA LYS B 638 28.61 21.53 -47.76
C LYS B 638 28.48 21.64 -46.25
N ALA B 639 27.71 20.72 -45.66
CA ALA B 639 27.46 20.72 -44.23
C ALA B 639 28.65 20.21 -43.42
N GLY B 640 29.69 19.74 -44.12
CA GLY B 640 30.95 19.38 -43.45
C GLY B 640 31.64 18.08 -43.81
N ILE B 641 30.86 17.05 -44.15
CA ILE B 641 31.39 15.72 -44.45
C ILE B 641 32.47 15.74 -45.53
N ASP B 642 33.50 14.91 -45.35
CA ASP B 642 34.69 14.95 -46.18
C ASP B 642 35.10 13.61 -46.82
N VAL B 643 34.85 12.51 -46.13
CA VAL B 643 35.25 11.19 -46.63
C VAL B 643 34.05 10.25 -46.78
N PHE B 644 33.58 10.11 -48.01
CA PHE B 644 32.37 9.33 -48.30
C PHE B 644 32.67 7.86 -48.50
N ARG B 645 32.23 7.01 -47.58
CA ARG B 645 32.40 5.57 -47.76
C ARG B 645 31.16 4.96 -48.40
N ILE B 646 31.28 4.64 -49.68
CA ILE B 646 30.17 4.11 -50.45
C ILE B 646 30.36 2.61 -50.57
N PHE B 647 29.26 1.86 -50.52
CA PHE B 647 29.29 0.42 -50.71
C PHE B 647 27.94 -0.07 -51.25
N ASP B 648 27.96 -1.18 -51.98
CA ASP B 648 26.72 -1.83 -52.37
C ASP B 648 26.40 -3.05 -51.49
N SER B 649 25.15 -3.14 -51.06
CA SER B 649 24.65 -4.27 -50.25
C SER B 649 25.02 -5.68 -50.77
N LEU B 650 25.06 -5.83 -52.09
CA LEU B 650 25.40 -7.12 -52.69
C LEU B 650 26.58 -7.01 -53.68
N ASN B 651 27.32 -5.90 -53.58
CA ASN B 651 28.49 -5.62 -54.41
C ASN B 651 28.18 -5.59 -55.91
N TRP B 652 27.47 -4.54 -56.31
CA TRP B 652 27.12 -4.34 -57.70
C TRP B 652 27.57 -2.97 -58.25
N VAL B 653 28.28 -3.00 -59.38
CA VAL B 653 28.94 -1.83 -59.99
C VAL B 653 28.07 -0.56 -60.08
N ASP B 654 26.99 -0.63 -60.86
CA ASP B 654 26.11 0.51 -61.17
C ASP B 654 25.52 1.24 -59.97
N GLN B 655 25.35 0.55 -58.85
CA GLN B 655 24.75 1.15 -57.65
C GLN B 655 25.67 2.20 -57.02
N MET B 656 26.98 2.02 -57.23
CA MET B 656 28.00 2.88 -56.64
C MET B 656 28.35 4.09 -57.51
N LYS B 657 28.05 4.00 -58.81
CA LYS B 657 28.47 5.00 -59.80
C LYS B 657 27.87 6.39 -59.59
N VAL B 658 26.56 6.43 -59.31
CA VAL B 658 25.83 7.69 -59.12
C VAL B 658 26.39 8.46 -57.93
N ALA B 659 26.71 7.74 -56.86
CA ALA B 659 27.28 8.33 -55.67
C ALA B 659 28.75 8.73 -55.84
N ASN B 660 29.56 7.85 -56.43
CA ASN B 660 30.98 8.11 -56.66
C ASN B 660 31.24 9.38 -57.47
N GLU B 661 30.43 9.56 -58.52
CA GLU B 661 30.52 10.71 -59.44
C GLU B 661 30.17 12.02 -58.73
N ALA B 662 29.14 11.97 -57.88
CA ALA B 662 28.62 13.13 -57.16
C ALA B 662 29.57 13.63 -56.08
N VAL B 663 30.31 12.70 -55.48
CA VAL B 663 31.34 13.02 -54.51
C VAL B 663 32.55 13.62 -55.23
N GLN B 664 32.96 12.93 -56.31
CA GLN B 664 34.07 13.37 -57.15
C GLN B 664 33.92 14.85 -57.47
N GLU B 665 32.85 15.21 -58.18
CA GLU B 665 32.66 16.59 -58.65
C GLU B 665 32.25 17.56 -57.54
N ALA B 666 32.53 17.16 -56.30
CA ALA B 666 32.33 18.00 -55.11
C ALA B 666 33.65 18.12 -54.32
N GLY B 667 34.72 17.61 -54.91
CA GLY B 667 36.07 17.74 -54.36
C GLY B 667 36.38 16.92 -53.11
N LYS B 668 35.51 15.96 -52.79
CA LYS B 668 35.67 15.20 -51.56
C LYS B 668 36.27 13.81 -51.81
N ILE B 669 36.53 13.06 -50.73
CA ILE B 669 37.23 11.78 -50.81
C ILE B 669 36.30 10.57 -50.81
N SER B 670 36.13 9.96 -51.98
CA SER B 670 35.23 8.83 -52.14
C SER B 670 35.94 7.49 -51.95
N GLU B 671 35.26 6.61 -51.21
CA GLU B 671 35.82 5.31 -50.81
C GLU B 671 34.99 4.16 -51.37
N GLY B 672 35.59 3.35 -52.24
CA GLY B 672 34.93 2.17 -52.80
C GLY B 672 35.03 1.01 -51.84
N THR B 673 33.89 0.36 -51.57
CA THR B 673 33.86 -0.68 -50.54
C THR B 673 33.51 -2.06 -51.09
N ILE B 674 34.43 -3.00 -50.93
CA ILE B 674 34.13 -4.41 -51.17
C ILE B 674 33.80 -5.05 -49.82
N CYS B 675 32.56 -5.50 -49.68
CA CYS B 675 32.13 -6.13 -48.43
C CYS B 675 32.58 -7.59 -48.39
N TYR B 676 32.99 -8.05 -47.22
CA TYR B 676 33.54 -9.38 -47.05
C TYR B 676 32.49 -10.38 -46.54
N THR B 677 32.43 -11.55 -47.17
CA THR B 677 31.57 -12.66 -46.73
C THR B 677 32.27 -13.99 -46.97
N GLY B 678 31.71 -15.06 -46.41
CA GLY B 678 32.29 -16.39 -46.54
C GLY B 678 33.68 -16.44 -45.92
N ASP B 679 34.61 -17.04 -46.65
CA ASP B 679 36.00 -17.14 -46.19
C ASP B 679 36.86 -17.58 -47.35
N ILE B 680 38.04 -16.99 -47.43
CA ILE B 680 39.00 -17.32 -48.49
C ILE B 680 39.89 -18.48 -48.03
N LEU B 681 39.96 -18.66 -46.71
CA LEU B 681 40.82 -19.67 -46.09
C LEU B 681 40.26 -21.09 -46.16
N ASN B 682 38.94 -21.21 -46.02
CA ASN B 682 38.26 -22.49 -46.22
C ASN B 682 37.86 -22.67 -47.69
N PRO B 683 38.65 -23.46 -48.45
CA PRO B 683 38.38 -23.64 -49.89
C PRO B 683 37.01 -24.28 -50.16
N GLU B 684 36.59 -25.17 -49.26
CA GLU B 684 35.32 -25.91 -49.42
C GLU B 684 34.13 -25.13 -48.85
N ARG B 685 34.32 -23.83 -48.63
CA ARG B 685 33.26 -22.94 -48.19
C ARG B 685 32.89 -21.91 -49.26
N SER B 686 33.83 -21.63 -50.16
CA SER B 686 33.65 -20.58 -51.15
C SER B 686 33.49 -21.07 -52.59
N ASN B 687 32.50 -20.51 -53.28
CA ASN B 687 32.31 -20.76 -54.70
C ASN B 687 32.29 -19.45 -55.49
N ILE B 688 31.59 -18.46 -54.93
CA ILE B 688 31.45 -17.17 -55.60
C ILE B 688 32.27 -16.08 -54.91
N TYR B 689 32.34 -16.13 -53.58
CA TYR B 689 33.10 -15.14 -52.80
C TYR B 689 34.53 -15.66 -52.53
N THR B 690 35.22 -15.98 -53.62
CA THR B 690 36.56 -16.57 -53.56
C THR B 690 37.64 -15.58 -53.12
N LEU B 691 38.89 -16.06 -53.13
CA LEU B 691 40.08 -15.25 -52.86
C LEU B 691 40.36 -14.23 -53.98
N GLU B 692 39.95 -14.55 -55.21
CA GLU B 692 40.12 -13.67 -56.37
C GLU B 692 38.83 -12.94 -56.78
N TYR B 693 37.79 -13.07 -55.97
CA TYR B 693 36.55 -12.29 -56.16
C TYR B 693 36.82 -10.83 -55.78
N TYR B 694 37.57 -10.65 -54.70
CA TYR B 694 37.87 -9.33 -54.15
C TYR B 694 38.97 -8.60 -54.94
N VAL B 695 39.66 -9.32 -55.81
CA VAL B 695 40.72 -8.73 -56.64
C VAL B 695 40.14 -8.06 -57.90
N LYS B 696 39.22 -8.75 -58.56
CA LYS B 696 38.60 -8.27 -59.79
C LYS B 696 37.65 -7.10 -59.53
N LEU B 697 37.13 -7.05 -58.30
CA LEU B 697 36.15 -6.06 -57.88
C LEU B 697 36.83 -4.77 -57.39
N ALA B 698 38.01 -4.93 -56.81
CA ALA B 698 38.83 -3.79 -56.36
C ALA B 698 39.45 -3.04 -57.52
N LYS B 699 39.99 -3.78 -58.49
CA LYS B 699 40.60 -3.21 -59.69
C LYS B 699 39.58 -2.47 -60.55
N GLU B 700 38.33 -2.93 -60.47
CA GLU B 700 37.20 -2.27 -61.15
C GLU B 700 36.95 -0.87 -60.61
N LEU B 701 37.26 -0.66 -59.32
CA LEU B 701 37.06 0.62 -58.65
C LEU B 701 38.19 1.63 -58.92
N GLU B 702 39.39 1.13 -59.24
CA GLU B 702 40.51 2.00 -59.64
C GLU B 702 40.27 2.58 -61.03
N ARG B 703 39.62 1.79 -61.89
CA ARG B 703 39.17 2.26 -63.20
C ARG B 703 37.88 3.07 -63.05
N GLU B 704 37.20 2.89 -61.92
CA GLU B 704 36.10 3.76 -61.51
C GLU B 704 36.66 5.00 -60.81
N GLY B 705 37.98 5.00 -60.60
CA GLY B 705 38.72 6.17 -60.14
C GLY B 705 38.47 6.54 -58.69
N PHE B 706 38.30 5.53 -57.84
CA PHE B 706 38.18 5.76 -56.41
C PHE B 706 39.52 6.14 -55.79
N HIS B 707 39.48 7.14 -54.91
CA HIS B 707 40.65 7.59 -54.18
C HIS B 707 41.16 6.49 -53.24
N ILE B 708 40.23 5.90 -52.48
CA ILE B 708 40.58 4.92 -51.44
C ILE B 708 39.77 3.60 -51.57
N LEU B 709 40.45 2.47 -51.40
CA LEU B 709 39.77 1.18 -51.35
C LEU B 709 39.38 0.88 -49.90
N ALA B 710 38.16 0.39 -49.72
CA ALA B 710 37.64 0.06 -48.40
C ALA B 710 37.13 -1.36 -48.34
N ILE B 711 37.35 -2.02 -47.19
CA ILE B 711 36.82 -3.37 -46.94
C ILE B 711 35.91 -3.39 -45.71
N LYS B 712 34.60 -3.32 -45.96
CA LYS B 712 33.58 -3.40 -44.92
C LYS B 712 33.40 -4.87 -44.51
N ASP B 713 34.10 -5.27 -43.45
CA ASP B 713 33.99 -6.62 -42.90
C ASP B 713 32.93 -6.56 -41.81
N MET B 714 31.69 -6.60 -42.27
CA MET B 714 30.50 -6.31 -41.45
C MET B 714 30.30 -7.22 -40.25
N ALA B 715 30.63 -8.50 -40.40
CA ALA B 715 30.39 -9.49 -39.34
C ALA B 715 31.70 -10.08 -38.81
N GLY B 716 32.75 -9.26 -38.80
CA GLY B 716 34.04 -9.64 -38.23
C GLY B 716 34.47 -11.02 -38.67
N LEU B 717 34.30 -11.28 -39.97
CA LEU B 717 34.57 -12.58 -40.57
C LEU B 717 36.02 -12.71 -41.03
N LEU B 718 36.73 -11.59 -41.04
CA LEU B 718 38.11 -11.56 -41.52
C LEU B 718 39.04 -12.15 -40.47
N LYS B 719 39.28 -13.45 -40.60
CA LYS B 719 40.15 -14.18 -39.69
C LYS B 719 41.59 -13.65 -39.81
N PRO B 720 42.37 -13.75 -38.72
CA PRO B 720 43.80 -13.41 -38.68
C PRO B 720 44.60 -13.61 -39.99
N LYS B 721 44.78 -14.86 -40.42
CA LYS B 721 45.65 -15.11 -41.59
C LYS B 721 45.01 -14.65 -42.90
N ALA B 722 43.68 -14.65 -42.95
CA ALA B 722 42.96 -14.14 -44.12
C ALA B 722 43.30 -12.67 -44.34
N ALA B 723 43.30 -11.91 -43.24
CA ALA B 723 43.63 -10.48 -43.28
C ALA B 723 45.05 -10.19 -43.78
N TYR B 724 45.96 -11.14 -43.66
CA TYR B 724 47.31 -11.01 -44.23
C TYR B 724 47.29 -11.36 -45.72
N GLU B 725 46.68 -12.50 -46.04
CA GLU B 725 46.58 -12.99 -47.42
C GLU B 725 45.67 -12.14 -48.31
N LEU B 726 44.70 -11.45 -47.70
CA LEU B 726 43.77 -10.63 -48.46
C LEU B 726 44.39 -9.27 -48.80
N ILE B 727 44.74 -8.50 -47.77
CA ILE B 727 45.31 -7.16 -47.94
C ILE B 727 46.74 -7.15 -48.52
N GLY B 728 47.60 -8.03 -48.03
CA GLY B 728 49.00 -8.10 -48.46
C GLY B 728 49.18 -8.48 -49.92
N GLU B 729 48.20 -9.19 -50.46
CA GLU B 729 48.15 -9.53 -51.89
C GLU B 729 47.26 -8.54 -52.66
N LEU B 730 46.93 -7.43 -52.00
CA LEU B 730 46.21 -6.32 -52.61
C LEU B 730 47.01 -5.03 -52.53
N LYS B 731 47.79 -4.89 -51.45
CA LYS B 731 48.64 -3.70 -51.25
C LYS B 731 49.79 -3.69 -52.27
N SER B 732 50.03 -4.85 -52.88
CA SER B 732 51.04 -5.02 -53.91
C SER B 732 50.41 -5.27 -55.30
N ALA B 733 49.09 -5.24 -55.37
CA ALA B 733 48.35 -5.47 -56.62
C ALA B 733 47.61 -4.23 -57.12
N VAL B 734 47.15 -3.39 -56.19
CA VAL B 734 46.51 -2.10 -56.52
C VAL B 734 47.14 -0.91 -55.77
N ASP B 735 47.37 0.17 -56.52
CA ASP B 735 48.10 1.33 -56.03
C ASP B 735 47.27 2.20 -55.08
N LEU B 736 45.98 1.88 -54.97
CA LEU B 736 45.07 2.56 -54.05
C LEU B 736 45.40 2.23 -52.60
N PRO B 737 45.32 3.24 -51.70
CA PRO B 737 45.46 2.95 -50.27
C PRO B 737 44.30 2.08 -49.80
N ILE B 738 44.53 1.32 -48.74
CA ILE B 738 43.54 0.38 -48.26
C ILE B 738 43.00 0.75 -46.87
N HIS B 739 41.68 0.91 -46.79
CA HIS B 739 41.01 1.24 -45.56
C HIS B 739 40.16 0.04 -45.15
N LEU B 740 40.70 -0.78 -44.25
CA LEU B 740 39.95 -1.94 -43.73
C LEU B 740 38.85 -1.45 -42.76
N HIS B 741 37.95 -2.36 -42.37
CA HIS B 741 36.91 -2.10 -41.35
C HIS B 741 36.42 -3.43 -40.81
N THR B 742 36.49 -3.63 -39.49
CA THR B 742 35.97 -4.87 -38.90
C THR B 742 35.20 -4.69 -37.59
N HIS B 743 34.38 -5.68 -37.26
CA HIS B 743 33.66 -5.72 -36.00
C HIS B 743 34.28 -6.80 -35.11
N ASP B 744 34.47 -6.50 -33.83
CA ASP B 744 35.24 -7.39 -32.95
C ASP B 744 34.42 -8.58 -32.47
N THR B 745 33.39 -8.93 -33.25
CA THR B 745 32.38 -9.95 -32.89
C THR B 745 32.88 -11.40 -32.87
N SER B 746 34.18 -11.58 -33.04
CA SER B 746 34.83 -12.90 -32.91
C SER B 746 35.79 -12.87 -31.73
N GLY B 747 36.13 -11.67 -31.29
CA GLY B 747 37.21 -11.42 -30.33
C GLY B 747 38.54 -11.28 -31.06
N ASN B 748 38.53 -11.56 -32.36
CA ASN B 748 39.74 -11.62 -33.19
C ASN B 748 40.04 -10.34 -33.95
N GLY B 749 39.07 -9.43 -34.02
CA GLY B 749 39.28 -8.14 -34.68
C GLY B 749 40.65 -7.57 -34.37
N LEU B 750 41.11 -7.78 -33.13
CA LEU B 750 42.41 -7.30 -32.68
C LEU B 750 43.55 -8.09 -33.32
N LEU B 751 43.44 -9.42 -33.27
CA LEU B 751 44.42 -10.29 -33.92
C LEU B 751 44.34 -10.13 -35.43
N THR B 752 43.17 -9.71 -35.92
CA THR B 752 42.94 -9.43 -37.34
C THR B 752 43.78 -8.25 -37.79
N TYR B 753 43.80 -7.18 -36.99
CA TYR B 753 44.52 -5.96 -37.37
C TYR B 753 46.03 -6.14 -37.41
N LYS B 754 46.63 -6.52 -36.27
CA LYS B 754 48.08 -6.78 -36.22
C LYS B 754 48.53 -7.43 -37.53
N GLN B 755 47.68 -8.31 -38.05
CA GLN B 755 47.95 -9.04 -39.29
C GLN B 755 47.79 -8.20 -40.55
N ALA B 756 46.99 -7.12 -40.45
CA ALA B 756 46.87 -6.14 -41.53
C ALA B 756 48.04 -5.17 -41.53
N ILE B 757 48.44 -4.75 -40.32
CA ILE B 757 49.59 -3.88 -40.09
C ILE B 757 50.91 -4.49 -40.61
N ASP B 758 51.07 -5.80 -40.45
CA ASP B 758 52.24 -6.50 -40.96
C ASP B 758 52.19 -6.64 -42.49
N ALA B 759 50.98 -6.80 -43.03
CA ALA B 759 50.77 -6.89 -44.47
C ALA B 759 50.69 -5.51 -45.09
N GLY B 760 50.92 -4.48 -44.27
CA GLY B 760 51.13 -3.11 -44.76
C GLY B 760 49.91 -2.28 -45.09
N VAL B 761 48.88 -2.32 -44.22
CA VAL B 761 47.64 -1.59 -44.47
C VAL B 761 47.67 -0.13 -44.00
N ASP B 762 47.11 0.75 -44.83
CA ASP B 762 47.22 2.18 -44.65
C ASP B 762 46.32 2.78 -43.56
N ILE B 763 45.09 2.29 -43.42
CA ILE B 763 44.19 2.83 -42.38
C ILE B 763 43.32 1.74 -41.75
N ILE B 764 43.04 1.88 -40.45
CA ILE B 764 42.15 0.95 -39.73
C ILE B 764 41.07 1.66 -38.87
N ASP B 765 39.86 1.10 -38.88
CA ASP B 765 38.75 1.67 -38.12
C ASP B 765 38.82 1.17 -36.69
N THR B 766 38.95 2.10 -35.75
CA THR B 766 39.10 1.72 -34.34
C THR B 766 38.22 2.55 -33.38
N ALA B 767 38.03 2.06 -32.17
CA ALA B 767 37.20 2.77 -31.19
C ALA B 767 37.85 2.91 -29.81
N VAL B 768 37.43 3.94 -29.08
CA VAL B 768 37.84 4.18 -27.71
C VAL B 768 37.46 2.97 -26.86
N ALA B 769 38.41 2.45 -26.10
CA ALA B 769 38.31 1.12 -25.46
C ALA B 769 36.96 0.76 -24.82
N SER B 770 36.40 1.69 -24.06
CA SER B 770 35.11 1.48 -23.37
C SER B 770 33.91 1.39 -24.32
N MET B 771 34.15 1.69 -25.59
CA MET B 771 33.16 1.58 -26.65
C MET B 771 33.65 0.60 -27.71
N SER B 772 34.40 -0.41 -27.25
CA SER B 772 34.97 -1.44 -28.11
C SER B 772 34.67 -2.86 -27.59
N GLY B 773 35.36 -3.87 -28.14
CA GLY B 773 35.06 -5.27 -27.87
C GLY B 773 33.76 -5.68 -28.52
N LEU B 774 33.41 -6.96 -28.42
CA LEU B 774 32.10 -7.48 -28.85
C LEU B 774 31.69 -7.08 -30.28
N THR B 775 30.44 -6.67 -30.42
CA THR B 775 29.85 -6.26 -31.69
C THR B 775 30.60 -5.06 -32.31
N SER B 776 31.24 -4.26 -31.46
CA SER B 776 31.91 -3.01 -31.83
C SER B 776 33.21 -3.17 -32.64
N GLN B 777 33.88 -2.05 -32.89
CA GLN B 777 35.24 -2.01 -33.45
C GLN B 777 36.24 -2.42 -32.37
N PRO B 778 37.46 -2.79 -32.77
CA PRO B 778 38.50 -3.13 -31.81
C PRO B 778 39.04 -1.92 -31.05
N SER B 779 39.45 -2.14 -29.80
CA SER B 779 40.02 -1.11 -28.92
C SER B 779 41.31 -0.52 -29.48
N ALA B 780 41.39 0.81 -29.52
CA ALA B 780 42.62 1.49 -29.95
C ALA B 780 43.62 1.56 -28.82
N ASN B 781 43.11 1.63 -27.59
CA ASN B 781 43.92 1.57 -26.38
C ASN B 781 44.81 0.35 -26.34
N SER B 782 44.25 -0.80 -26.73
CA SER B 782 44.96 -2.07 -26.76
C SER B 782 45.92 -2.18 -27.92
N LEU B 783 45.47 -1.80 -29.11
CA LEU B 783 46.29 -1.88 -30.32
C LEU B 783 47.58 -1.08 -30.19
N TYR B 784 47.51 0.02 -29.45
CA TYR B 784 48.66 0.89 -29.19
C TYR B 784 49.77 0.13 -28.47
N TYR B 785 49.39 -0.61 -27.43
CA TYR B 785 50.33 -1.45 -26.68
C TYR B 785 50.54 -2.83 -27.32
N ALA B 786 49.65 -3.20 -28.25
CA ALA B 786 49.77 -4.48 -28.95
C ALA B 786 50.89 -4.41 -29.98
N LEU B 787 51.11 -3.22 -30.52
CA LEU B 787 52.10 -3.02 -31.57
C LEU B 787 53.54 -2.92 -31.06
N ASN B 788 53.68 -2.72 -29.75
CA ASN B 788 55.00 -2.54 -29.12
C ASN B 788 56.03 -3.58 -29.55
N GLY B 789 57.02 -3.14 -30.31
CA GLY B 789 58.11 -4.01 -30.75
C GLY B 789 58.07 -4.32 -32.24
N PHE B 790 56.86 -4.46 -32.77
CA PHE B 790 56.63 -4.72 -34.19
C PHE B 790 57.09 -3.54 -35.05
N PRO B 791 57.35 -3.78 -36.35
CA PRO B 791 57.91 -2.73 -37.21
C PRO B 791 57.06 -1.45 -37.21
N ARG B 792 55.75 -1.59 -37.12
CA ARG B 792 54.85 -0.45 -37.26
C ARG B 792 54.14 -0.12 -35.95
N HIS B 793 54.20 1.15 -35.55
CA HIS B 793 53.55 1.67 -34.34
C HIS B 793 52.29 2.46 -34.72
N LEU B 794 51.33 2.52 -33.79
CA LEU B 794 50.07 3.24 -34.01
C LEU B 794 50.26 4.76 -33.85
N ARG B 795 49.78 5.53 -34.82
CA ARG B 795 49.87 6.99 -34.73
C ARG B 795 48.63 7.62 -34.08
N THR B 796 48.67 7.70 -32.76
CA THR B 796 47.58 8.29 -31.95
C THR B 796 48.09 8.78 -30.59
N ASP B 797 47.25 9.53 -29.87
CA ASP B 797 47.63 10.16 -28.61
C ASP B 797 48.06 9.17 -27.53
N ILE B 798 49.08 9.57 -26.77
CA ILE B 798 49.68 8.76 -25.70
C ILE B 798 48.67 8.47 -24.58
N GLU B 799 48.37 9.50 -23.78
CA GLU B 799 47.54 9.37 -22.58
C GLU B 799 46.18 10.02 -22.79
N GLY B 800 46.04 10.74 -23.90
CA GLY B 800 44.78 11.37 -24.27
C GLY B 800 43.73 10.35 -24.70
N MET B 801 44.20 9.20 -25.15
CA MET B 801 43.32 8.12 -25.58
C MET B 801 42.67 7.47 -24.36
N GLU B 802 43.47 7.37 -23.28
CA GLU B 802 43.03 6.75 -22.04
C GLU B 802 42.05 7.63 -21.30
N SER B 803 42.26 8.95 -21.38
CA SER B 803 41.38 9.93 -20.74
C SER B 803 40.04 10.00 -21.44
N LEU B 804 40.04 9.66 -22.73
CA LEU B 804 38.79 9.54 -23.49
C LEU B 804 37.95 8.31 -23.15
N SER B 805 38.61 7.19 -22.83
CA SER B 805 37.93 5.93 -22.50
C SER B 805 37.29 5.98 -21.11
N HIS B 806 37.86 6.78 -20.21
CA HIS B 806 37.26 6.98 -18.90
C HIS B 806 36.00 7.83 -18.97
N TYR B 807 35.99 8.81 -19.86
CA TYR B 807 34.83 9.67 -20.06
C TYR B 807 33.63 8.89 -20.56
N TRP B 808 33.85 8.15 -21.64
CA TRP B 808 32.82 7.30 -22.22
C TRP B 808 32.42 6.15 -21.28
N SER B 809 33.36 5.72 -20.44
CA SER B 809 33.08 4.70 -19.40
C SER B 809 31.79 4.97 -18.63
N THR B 810 31.51 6.24 -18.38
CA THR B 810 30.35 6.67 -17.60
C THR B 810 29.13 7.04 -18.46
N VAL B 811 29.38 7.58 -19.66
CA VAL B 811 28.28 7.91 -20.58
C VAL B 811 27.59 6.64 -21.05
N ARG B 812 28.37 5.59 -21.27
CA ARG B 812 27.84 4.29 -21.65
C ARG B 812 26.74 3.88 -20.67
N THR B 813 26.89 4.32 -19.42
CA THR B 813 25.96 3.98 -18.35
C THR B 813 24.63 4.67 -18.54
N TYR B 814 24.60 5.76 -19.31
CA TYR B 814 23.33 6.41 -19.60
C TYR B 814 22.48 5.52 -20.48
N TYR B 815 23.14 4.75 -21.33
CA TYR B 815 22.47 3.92 -22.32
C TYR B 815 22.31 2.45 -21.93
N SER B 816 22.64 2.09 -20.68
CA SER B 816 22.48 0.70 -20.21
C SER B 816 21.25 0.02 -20.82
N ASP B 817 20.16 0.79 -20.92
CA ASP B 817 18.88 0.36 -21.52
C ASP B 817 18.93 -0.01 -23.00
N PHE B 818 20.12 0.00 -23.60
CA PHE B 818 20.25 -0.31 -25.03
C PHE B 818 21.37 -1.31 -25.29
N GLU B 819 21.81 -1.99 -24.24
CA GLU B 819 22.94 -2.92 -24.36
C GLU B 819 22.45 -4.32 -24.70
N SER B 820 22.80 -4.76 -25.92
CA SER B 820 22.24 -5.97 -26.51
C SER B 820 22.60 -7.27 -25.77
N ASP B 821 21.97 -8.36 -26.21
CA ASP B 821 22.13 -9.69 -25.62
C ASP B 821 23.60 -10.11 -25.46
N ILE B 822 24.36 -10.08 -26.54
CA ILE B 822 25.78 -10.44 -26.53
C ILE B 822 26.51 -9.79 -25.36
N LYS B 823 27.16 -10.61 -24.52
CA LYS B 823 28.04 -10.10 -23.46
C LYS B 823 29.42 -10.76 -23.51
N SER B 824 29.54 -11.75 -24.39
CA SER B 824 30.79 -12.48 -24.61
C SER B 824 31.09 -12.63 -26.10
N PRO B 825 32.37 -12.77 -26.45
CA PRO B 825 32.83 -13.05 -27.82
C PRO B 825 32.18 -14.31 -28.41
N ASN B 826 31.31 -14.12 -29.40
CA ASN B 826 30.51 -15.22 -29.97
C ASN B 826 31.00 -15.62 -31.38
N THR B 827 31.83 -16.66 -31.44
CA THR B 827 32.41 -17.09 -32.71
C THR B 827 31.43 -17.86 -33.60
N GLU B 828 30.17 -17.91 -33.20
CA GLU B 828 29.15 -18.55 -34.04
C GLU B 828 28.64 -17.59 -35.13
N ILE B 829 29.44 -16.56 -35.39
CA ILE B 829 29.20 -15.67 -36.51
C ILE B 829 29.75 -16.27 -37.81
N TYR B 830 30.75 -17.14 -37.70
CA TYR B 830 31.20 -17.94 -38.84
C TYR B 830 30.11 -18.93 -39.23
N GLN B 831 29.14 -19.12 -38.32
CA GLN B 831 27.93 -19.87 -38.62
C GLN B 831 26.80 -18.92 -39.10
N HIS B 832 26.20 -18.15 -38.20
CA HIS B 832 25.23 -17.15 -38.64
C HIS B 832 25.86 -15.77 -38.92
N GLU B 833 26.13 -15.52 -40.19
CA GLU B 833 26.91 -14.35 -40.65
C GLU B 833 26.19 -13.00 -40.50
N MET B 834 25.53 -12.77 -39.35
CA MET B 834 24.81 -11.52 -39.10
C MET B 834 25.74 -10.39 -38.63
N PRO B 835 25.71 -9.24 -39.34
CA PRO B 835 26.62 -8.11 -39.11
C PRO B 835 26.42 -7.41 -37.75
N GLY B 836 27.22 -6.36 -37.52
CA GLY B 836 27.09 -5.51 -36.34
C GLY B 836 25.89 -4.59 -36.44
N GLY B 837 26.16 -3.30 -36.69
CA GLY B 837 25.12 -2.31 -36.93
C GLY B 837 24.00 -2.30 -35.90
N LEU B 849 7.09 -12.55 -28.48
CA LEU B 849 7.73 -12.88 -29.75
C LEU B 849 8.15 -14.36 -29.73
N GLY B 850 7.15 -15.25 -29.60
CA GLY B 850 7.37 -16.63 -29.19
C GLY B 850 7.55 -17.75 -30.21
N LEU B 851 8.73 -17.81 -30.80
CA LEU B 851 9.25 -19.04 -31.43
C LEU B 851 10.80 -19.07 -31.33
N GLY B 852 11.34 -18.26 -30.42
CA GLY B 852 12.78 -18.19 -30.15
C GLY B 852 13.25 -19.18 -29.10
N GLU B 853 12.96 -20.47 -29.32
CA GLU B 853 13.42 -21.58 -28.49
C GLU B 853 14.67 -22.24 -29.09
N ARG B 854 15.35 -21.49 -29.97
CA ARG B 854 16.61 -21.88 -30.61
C ARG B 854 16.93 -20.90 -31.74
N PHE B 855 18.15 -20.99 -32.26
CA PHE B 855 18.54 -20.33 -33.50
C PHE B 855 19.28 -21.34 -34.39
N ASP B 856 19.07 -22.63 -34.08
CA ASP B 856 19.71 -23.74 -34.81
C ASP B 856 18.97 -24.09 -36.10
N GLU B 857 17.73 -23.61 -36.22
CA GLU B 857 17.02 -23.58 -37.50
C GLU B 857 17.71 -22.56 -38.41
N VAL B 858 17.92 -21.35 -37.89
CA VAL B 858 18.50 -20.23 -38.66
C VAL B 858 20.02 -20.39 -38.87
N LYS B 859 20.69 -21.13 -37.98
CA LYS B 859 22.15 -21.35 -38.05
C LYS B 859 22.50 -22.25 -39.23
N ASP B 860 21.45 -22.67 -39.93
CA ASP B 860 21.51 -23.59 -41.05
C ASP B 860 20.57 -23.13 -42.18
N MET B 861 19.55 -22.34 -41.81
CA MET B 861 18.56 -21.81 -42.77
C MET B 861 18.76 -20.31 -43.05
N LYS B 874 25.79 -9.85 -47.41
CA LYS B 874 24.76 -9.59 -46.40
C LYS B 874 25.10 -8.42 -45.45
N VAL B 875 25.20 -7.22 -46.02
CA VAL B 875 25.30 -5.99 -45.22
C VAL B 875 23.94 -5.30 -45.29
N THR B 876 23.75 -4.24 -44.49
CA THR B 876 22.55 -3.42 -44.63
C THR B 876 22.61 -2.64 -45.96
N PRO B 877 21.47 -2.53 -46.67
CA PRO B 877 20.10 -2.98 -46.36
C PRO B 877 19.67 -4.31 -47.03
N SER B 878 20.63 -5.20 -47.26
CA SER B 878 20.33 -6.54 -47.77
C SER B 878 20.25 -7.51 -46.61
N SER B 879 20.77 -7.08 -45.46
CA SER B 879 20.76 -7.90 -44.26
C SER B 879 19.56 -7.54 -43.38
N LYS B 880 19.20 -6.26 -43.36
CA LYS B 880 18.05 -5.78 -42.58
C LYS B 880 16.70 -6.36 -43.06
N VAL B 881 16.70 -7.02 -44.22
CA VAL B 881 15.55 -7.82 -44.65
C VAL B 881 15.65 -9.24 -44.05
N VAL B 882 16.85 -9.81 -44.10
CA VAL B 882 17.11 -11.15 -43.58
C VAL B 882 16.93 -11.21 -42.06
N PHE B 915 12.45 -7.79 -51.18
CA PHE B 915 13.71 -8.04 -51.88
C PHE B 915 13.49 -8.66 -53.27
N PHE B 916 12.49 -9.54 -53.35
CA PHE B 916 12.26 -10.39 -54.53
C PHE B 916 11.87 -9.65 -55.82
N LYS B 917 11.49 -8.38 -55.70
CA LYS B 917 11.08 -7.55 -56.85
C LYS B 917 12.28 -6.87 -57.52
N GLY B 918 13.48 -7.35 -57.18
CA GLY B 918 14.72 -6.70 -57.61
C GLY B 918 14.85 -5.37 -56.89
N GLU B 919 14.45 -5.37 -55.63
CA GLU B 919 14.26 -4.15 -54.85
C GLU B 919 15.58 -3.56 -54.36
N ILE B 920 16.37 -4.38 -53.65
CA ILE B 920 17.61 -3.92 -53.04
C ILE B 920 18.83 -4.52 -53.75
N GLY B 921 18.97 -4.15 -55.03
CA GLY B 921 20.11 -4.56 -55.85
C GLY B 921 20.00 -5.93 -56.50
N GLN B 922 21.03 -6.28 -57.26
CA GLN B 922 21.12 -7.59 -57.93
C GLN B 922 22.31 -8.40 -57.41
N PRO B 923 22.03 -9.55 -56.77
CA PRO B 923 23.09 -10.45 -56.26
C PRO B 923 23.92 -11.07 -57.38
N VAL B 924 24.95 -11.84 -57.00
CA VAL B 924 25.85 -12.49 -57.99
C VAL B 924 25.13 -13.53 -58.85
N ASN B 925 24.30 -14.35 -58.23
CA ASN B 925 23.38 -15.24 -58.95
C ASN B 925 21.95 -14.74 -58.85
N GLY B 926 21.22 -14.83 -59.97
CA GLY B 926 19.86 -14.31 -60.07
C GLY B 926 18.83 -15.13 -59.30
N PHE B 927 18.85 -14.98 -57.97
CA PHE B 927 17.95 -15.68 -57.02
C PHE B 927 18.04 -17.22 -57.09
N ASN B 928 18.41 -17.84 -55.96
CA ASN B 928 18.59 -19.30 -55.88
C ASN B 928 17.44 -20.08 -56.50
N LYS B 929 17.73 -20.74 -57.62
CA LYS B 929 16.69 -21.37 -58.44
C LYS B 929 16.57 -22.90 -58.31
N ASP B 930 15.41 -23.34 -57.82
CA ASP B 930 15.01 -24.76 -57.81
C ASP B 930 13.47 -24.81 -57.70
N LEU B 931 12.94 -24.20 -56.65
CA LEU B 931 11.52 -23.82 -56.58
C LEU B 931 11.44 -22.29 -56.43
N GLN B 932 12.17 -21.60 -57.31
CA GLN B 932 12.17 -20.14 -57.41
C GLN B 932 11.07 -19.67 -58.36
N ALA B 933 10.61 -20.59 -59.22
CA ALA B 933 9.41 -20.40 -60.03
C ALA B 933 8.16 -20.28 -59.16
N VAL B 934 8.38 -20.31 -57.84
CA VAL B 934 7.36 -20.04 -56.84
C VAL B 934 7.77 -18.83 -55.98
N ILE B 935 9.06 -18.75 -55.62
CA ILE B 935 9.61 -17.65 -54.78
C ILE B 935 9.16 -16.25 -55.24
N LEU B 936 9.35 -15.97 -56.54
CA LEU B 936 8.93 -14.72 -57.13
C LEU B 936 7.41 -14.54 -57.05
N LYS B 937 6.96 -13.80 -56.04
CA LYS B 937 5.54 -13.50 -55.86
C LYS B 937 5.29 -12.03 -55.49
N GLY B 938 4.47 -11.37 -56.32
CA GLY B 938 4.19 -9.94 -56.20
C GLY B 938 3.63 -9.39 -57.50
N GLN B 939 4.15 -8.23 -57.93
CA GLN B 939 3.76 -7.64 -59.22
C GLN B 939 4.60 -8.15 -60.39
N GLU B 940 5.80 -7.57 -60.59
CA GLU B 940 6.69 -7.96 -61.70
C GLU B 940 8.16 -7.60 -61.45
N ALA B 941 9.06 -8.42 -61.98
CA ALA B 941 10.51 -8.25 -61.78
C ALA B 941 11.09 -7.11 -62.62
N LEU B 942 12.17 -6.49 -62.13
CA LEU B 942 12.90 -5.44 -62.87
C LEU B 942 14.35 -5.84 -63.19
N THR B 943 14.84 -5.41 -64.36
CA THR B 943 16.12 -5.85 -64.94
C THR B 943 17.36 -5.26 -64.27
N ALA B 944 17.74 -4.05 -64.70
CA ALA B 944 18.96 -3.39 -64.23
C ALA B 944 18.65 -2.40 -63.10
N ARG B 945 19.58 -1.49 -62.83
CA ARG B 945 19.50 -0.58 -61.66
C ARG B 945 18.17 0.15 -61.55
N PRO B 946 17.62 0.24 -60.32
CA PRO B 946 16.39 0.98 -60.07
C PRO B 946 16.46 2.43 -60.54
N GLY B 947 17.61 3.08 -60.35
CA GLY B 947 17.84 4.47 -60.78
C GLY B 947 17.86 4.72 -62.29
N GLU B 948 17.36 3.74 -63.06
CA GLU B 948 17.10 3.91 -64.48
C GLU B 948 15.60 4.16 -64.71
N TYR B 949 14.78 3.52 -63.88
CA TYR B 949 13.33 3.51 -64.07
C TYR B 949 12.60 4.39 -63.07
N LEU B 950 13.36 5.03 -62.18
CA LEU B 950 12.77 5.90 -61.20
C LEU B 950 12.85 7.35 -61.64
N GLU B 951 11.73 8.05 -61.48
CA GLU B 951 11.59 9.44 -61.89
C GLU B 951 12.50 10.34 -61.07
N PRO B 952 13.23 11.26 -61.74
CA PRO B 952 14.00 12.28 -61.02
C PRO B 952 13.06 13.21 -60.23
N VAL B 953 12.84 12.88 -58.96
CA VAL B 953 11.88 13.60 -58.11
C VAL B 953 12.09 15.11 -58.21
N ASP B 954 11.03 15.81 -58.62
CA ASP B 954 11.05 17.25 -58.80
C ASP B 954 11.16 17.96 -57.46
N PHE B 955 12.27 18.65 -57.25
CA PHE B 955 12.56 19.32 -55.98
C PHE B 955 11.74 20.59 -55.77
N GLU B 956 11.51 21.35 -56.84
CA GLU B 956 10.73 22.59 -56.78
C GLU B 956 9.23 22.38 -56.54
N LYS B 957 8.73 21.18 -56.87
CA LYS B 957 7.35 20.77 -56.54
C LYS B 957 7.25 20.38 -55.06
N VAL B 958 8.38 19.96 -54.49
CA VAL B 958 8.47 19.61 -53.08
C VAL B 958 8.67 20.86 -52.20
N ARG B 959 9.61 21.73 -52.58
CA ARG B 959 9.90 22.93 -51.78
C ARG B 959 8.64 23.72 -51.39
N GLU B 960 7.86 24.11 -52.41
CA GLU B 960 6.64 24.91 -52.19
C GLU B 960 5.61 24.25 -51.26
N LEU B 961 5.81 22.98 -50.95
CA LEU B 961 4.96 22.24 -49.99
C LEU B 961 5.29 22.65 -48.55
N LEU B 962 6.52 22.42 -48.13
CA LEU B 962 6.95 22.71 -46.76
C LEU B 962 6.98 24.21 -46.46
N GLU B 963 6.37 24.99 -47.35
CA GLU B 963 6.35 26.44 -47.23
C GLU B 963 4.92 27.00 -47.29
N GLU B 964 3.97 26.15 -47.67
CA GLU B 964 2.54 26.44 -47.56
C GLU B 964 1.90 25.54 -46.50
N GLU B 965 2.39 24.30 -46.43
CA GLU B 965 2.05 23.36 -45.36
C GLU B 965 2.54 23.93 -44.04
N GLN B 966 3.80 24.36 -44.02
CA GLN B 966 4.40 25.01 -42.87
C GLN B 966 4.37 26.54 -43.05
N GLN B 967 5.24 27.24 -42.34
CA GLN B 967 5.25 28.71 -42.34
C GLN B 967 6.00 29.33 -43.53
N GLY B 968 7.29 29.01 -43.70
CA GLY B 968 8.11 29.63 -44.74
C GLY B 968 9.58 29.22 -44.91
N PRO B 969 10.46 29.58 -43.94
CA PRO B 969 11.92 29.39 -44.08
C PRO B 969 12.39 27.93 -44.08
N VAL B 970 12.75 27.42 -45.26
CA VAL B 970 13.18 26.04 -45.43
C VAL B 970 14.51 25.96 -46.18
N THR B 971 15.56 25.53 -45.48
CA THR B 971 16.87 25.28 -46.11
C THR B 971 16.86 24.03 -46.98
N GLU B 972 17.84 23.95 -47.89
CA GLU B 972 17.99 22.84 -48.83
C GLU B 972 18.14 21.45 -48.14
N GLN B 973 18.78 21.45 -46.97
CA GLN B 973 18.88 20.25 -46.11
C GLN B 973 17.49 19.73 -45.75
N ASP B 974 16.58 20.66 -45.48
CA ASP B 974 15.22 20.35 -45.09
C ASP B 974 14.35 19.89 -46.27
N ILE B 975 14.89 19.98 -47.49
CA ILE B 975 14.24 19.40 -48.67
C ILE B 975 14.68 17.95 -48.83
N ILE B 976 15.98 17.75 -48.99
CA ILE B 976 16.54 16.41 -49.18
C ILE B 976 16.13 15.46 -48.05
N SER B 977 16.08 15.95 -46.82
CA SER B 977 15.74 15.13 -45.67
C SER B 977 14.35 14.51 -45.79
N TYR B 978 13.40 15.27 -46.33
CA TYR B 978 12.02 14.79 -46.53
C TYR B 978 11.95 13.61 -47.52
N VAL B 979 12.58 13.76 -48.69
CA VAL B 979 12.53 12.74 -49.75
C VAL B 979 13.19 11.42 -49.31
N LEU B 980 14.13 11.50 -48.38
CA LEU B 980 14.80 10.32 -47.82
C LEU B 980 13.94 9.63 -46.76
N TYR B 981 13.31 10.42 -45.90
CA TYR B 981 12.46 9.88 -44.85
C TYR B 981 11.20 10.74 -44.71
N PRO B 982 10.14 10.41 -45.47
CA PRO B 982 8.90 11.20 -45.43
C PRO B 982 8.12 11.13 -44.11
N LYS B 983 7.81 9.93 -43.64
CA LYS B 983 7.02 9.76 -42.40
C LYS B 983 7.82 10.02 -41.12
N VAL B 984 9.14 10.08 -41.25
CA VAL B 984 10.00 10.35 -40.11
C VAL B 984 10.21 11.84 -39.96
N TYR B 985 10.41 12.53 -41.08
CA TYR B 985 10.59 13.97 -41.12
C TYR B 985 9.34 14.72 -40.65
N GLU B 986 8.18 14.37 -41.19
CA GLU B 986 6.91 15.06 -40.88
C GLU B 986 6.49 14.97 -39.42
N GLN B 987 7.04 13.97 -38.72
CA GLN B 987 6.78 13.81 -37.29
C GLN B 987 7.75 14.69 -36.49
N TYR B 988 9.06 14.46 -36.70
CA TYR B 988 10.12 15.23 -36.06
C TYR B 988 9.81 16.73 -36.07
N ILE B 989 9.34 17.23 -37.20
CA ILE B 989 8.94 18.63 -37.32
C ILE B 989 7.96 18.99 -36.21
N GLN B 990 6.84 18.28 -36.14
CA GLN B 990 5.82 18.52 -35.11
C GLN B 990 6.39 18.46 -33.69
N THR B 991 7.33 17.54 -33.47
CA THR B 991 7.98 17.39 -32.16
C THR B 991 8.93 18.56 -31.91
N ARG B 992 9.77 18.87 -32.90
CA ARG B 992 10.66 20.01 -32.79
C ARG B 992 9.88 21.31 -32.63
N ASN B 993 8.61 21.31 -33.01
CA ASN B 993 7.74 22.47 -32.83
C ASN B 993 6.99 22.49 -31.49
N GLN B 994 6.81 21.32 -30.89
CA GLN B 994 6.11 21.17 -29.61
C GLN B 994 7.03 21.38 -28.40
N TYR B 995 8.25 20.83 -28.47
CA TYR B 995 9.20 20.87 -27.34
C TYR B 995 10.47 21.65 -27.66
N GLY B 996 10.61 22.07 -28.92
CA GLY B 996 11.76 22.84 -29.37
C GLY B 996 12.93 21.97 -29.78
N ASN B 997 14.14 22.42 -29.45
CA ASN B 997 15.35 21.65 -29.70
C ASN B 997 15.76 20.84 -28.47
N LEU B 998 15.33 19.58 -28.47
CA LEU B 998 15.61 18.63 -27.41
C LEU B 998 17.09 18.25 -27.34
N SER B 999 17.77 18.34 -28.49
CA SER B 999 19.21 18.10 -28.62
C SER B 999 20.02 18.77 -27.51
N LEU B 1000 19.44 19.82 -26.93
CA LEU B 1000 20.12 20.68 -25.97
C LEU B 1000 20.14 20.13 -24.55
N LEU B 1001 19.09 19.41 -24.17
CA LEU B 1001 19.00 18.76 -22.85
C LEU B 1001 20.13 17.77 -22.69
N ASP B 1002 20.69 17.69 -21.47
CA ASP B 1002 21.64 16.63 -21.15
C ASP B 1002 20.95 15.27 -21.23
N THR B 1003 21.72 14.23 -21.55
CA THR B 1003 21.14 12.90 -21.81
C THR B 1003 20.27 12.26 -20.69
N PRO B 1004 20.73 12.25 -19.41
CA PRO B 1004 19.85 11.65 -18.37
C PRO B 1004 18.46 12.29 -18.18
N THR B 1005 18.33 13.56 -18.50
CA THR B 1005 17.03 14.26 -18.42
C THR B 1005 16.18 14.00 -19.68
N PHE B 1006 16.82 13.60 -20.77
CA PHE B 1006 16.09 13.33 -22.00
C PHE B 1006 15.37 12.00 -21.94
N PHE B 1007 15.96 11.03 -21.26
CA PHE B 1007 15.39 9.67 -21.17
C PHE B 1007 14.47 9.43 -19.97
N PHE B 1008 14.70 10.17 -18.88
CA PHE B 1008 14.03 9.92 -17.61
C PHE B 1008 13.26 11.12 -17.08
N GLY B 1009 13.66 12.31 -17.52
CA GLY B 1009 13.10 13.55 -17.00
C GLY B 1009 13.82 13.89 -15.71
N MET B 1010 13.05 14.30 -14.70
CA MET B 1010 13.60 14.67 -13.40
C MET B 1010 12.95 13.91 -12.25
N ARG B 1011 13.53 14.04 -11.06
CA ARG B 1011 12.90 13.49 -9.86
C ARG B 1011 12.63 14.60 -8.85
N ASN B 1012 11.91 14.24 -7.79
CA ASN B 1012 11.45 15.19 -6.78
C ASN B 1012 12.58 15.74 -5.92
N GLY B 1013 12.74 17.06 -5.96
CA GLY B 1013 13.84 17.73 -5.27
C GLY B 1013 15.10 17.81 -6.11
N GLU B 1014 15.01 17.37 -7.36
CA GLU B 1014 16.15 17.45 -8.26
C GLU B 1014 16.22 18.80 -8.97
N THR B 1015 17.42 19.38 -8.99
CA THR B 1015 17.67 20.59 -9.74
C THR B 1015 18.54 20.23 -10.95
N VAL B 1016 18.06 20.63 -12.11
CA VAL B 1016 18.69 20.30 -13.37
C VAL B 1016 19.04 21.59 -14.10
N GLU B 1017 20.20 21.58 -14.77
CA GLU B 1017 20.64 22.73 -15.55
C GLU B 1017 20.78 22.35 -17.02
N ILE B 1018 19.99 23.00 -17.85
CA ILE B 1018 20.02 22.82 -19.30
C ILE B 1018 20.12 24.20 -19.96
N GLU B 1019 20.83 24.30 -21.09
CA GLU B 1019 20.86 25.58 -21.83
C GLU B 1019 20.44 25.51 -23.29
N ILE B 1020 19.72 26.54 -23.74
CA ILE B 1020 19.34 26.69 -25.15
C ILE B 1020 20.43 27.40 -25.96
N ASP B 1021 20.91 28.51 -25.41
CA ASP B 1021 22.03 29.25 -25.96
C ASP B 1021 22.96 29.53 -24.81
N LYS B 1022 24.23 29.78 -25.09
CA LYS B 1022 25.10 30.30 -24.05
C LYS B 1022 24.51 31.64 -23.58
N GLY B 1023 24.56 31.90 -22.27
CA GLY B 1023 23.94 33.09 -21.68
C GLY B 1023 22.52 32.84 -21.18
N LYS B 1024 21.91 31.75 -21.65
CA LYS B 1024 20.56 31.36 -21.29
C LYS B 1024 20.51 29.96 -20.66
N ARG B 1025 20.69 29.90 -19.34
CA ARG B 1025 20.77 28.62 -18.61
C ARG B 1025 19.59 28.39 -17.66
N LEU B 1026 18.62 27.60 -18.10
CA LEU B 1026 17.45 27.26 -17.28
C LEU B 1026 17.82 26.37 -16.10
N ILE B 1027 17.69 26.92 -14.90
CA ILE B 1027 17.89 26.19 -13.64
C ILE B 1027 16.52 25.67 -13.21
N ILE B 1028 16.36 24.35 -13.21
CA ILE B 1028 15.04 23.76 -12.94
C ILE B 1028 14.99 22.76 -11.76
N LYS B 1029 14.40 23.23 -10.66
CA LYS B 1029 14.14 22.40 -9.50
C LYS B 1029 12.68 21.98 -9.56
N LEU B 1030 12.43 20.68 -9.40
CA LEU B 1030 11.08 20.17 -9.31
C LEU B 1030 10.74 19.96 -7.85
N GLU B 1031 9.47 20.18 -7.51
CA GLU B 1031 9.01 20.18 -6.12
C GLU B 1031 8.21 18.93 -5.76
N THR B 1032 7.10 18.71 -6.48
CA THR B 1032 6.29 17.49 -6.38
C THR B 1032 5.24 17.45 -7.48
N ILE B 1033 4.82 16.23 -7.80
CA ILE B 1033 3.87 15.96 -8.85
C ILE B 1033 2.62 15.47 -8.16
N SER B 1034 1.51 16.18 -8.37
CA SER B 1034 0.23 15.84 -7.74
C SER B 1034 -0.43 14.63 -8.36
N GLU B 1035 -1.51 14.16 -7.75
CA GLU B 1035 -2.33 13.07 -8.30
C GLU B 1035 -3.03 13.47 -9.62
N PRO B 1036 -3.70 12.51 -10.30
CA PRO B 1036 -4.48 12.88 -11.49
C PRO B 1036 -5.94 13.22 -11.19
N ASP B 1037 -6.40 14.35 -11.73
CA ASP B 1037 -7.75 14.86 -11.47
C ASP B 1037 -8.81 14.27 -12.40
N GLU B 1038 -9.94 14.97 -12.54
CA GLU B 1038 -11.09 14.48 -13.33
C GLU B 1038 -10.76 14.19 -14.80
N ASN B 1039 -9.61 14.67 -15.27
CA ASN B 1039 -9.23 14.42 -16.66
C ASN B 1039 -7.99 13.54 -16.79
N GLY B 1040 -7.54 12.98 -15.67
CA GLY B 1040 -6.32 12.17 -15.65
C GLY B 1040 -5.13 13.05 -15.92
N ASN B 1041 -5.25 14.32 -15.53
CA ASN B 1041 -4.18 15.28 -15.67
C ASN B 1041 -3.44 15.46 -14.35
N ARG B 1042 -2.13 15.32 -14.39
CA ARG B 1042 -1.31 15.55 -13.19
C ARG B 1042 -0.69 16.93 -13.24
N THR B 1043 -0.49 17.51 -12.06
CA THR B 1043 -0.01 18.87 -11.93
C THR B 1043 1.39 18.90 -11.33
N ILE B 1044 2.36 19.34 -12.14
CA ILE B 1044 3.78 19.38 -11.77
C ILE B 1044 4.11 20.76 -11.24
N TYR B 1045 4.76 20.80 -10.10
CA TYR B 1045 5.18 22.07 -9.52
C TYR B 1045 6.68 22.27 -9.66
N TYR B 1046 7.04 23.16 -10.58
CA TYR B 1046 8.43 23.45 -10.95
C TYR B 1046 8.97 24.72 -10.28
N ALA B 1047 10.30 24.87 -10.33
CA ALA B 1047 10.97 26.14 -10.02
C ALA B 1047 12.00 26.52 -11.10
N MET B 1048 11.51 27.17 -12.15
CA MET B 1048 12.37 27.60 -13.23
C MET B 1048 12.92 29.00 -12.97
N ASN B 1049 14.20 29.06 -12.61
CA ASN B 1049 14.89 30.28 -12.21
C ASN B 1049 14.17 30.94 -11.04
N GLY B 1050 13.88 30.13 -10.02
CA GLY B 1050 13.26 30.61 -8.79
C GLY B 1050 11.80 31.05 -8.93
N GLN B 1051 11.28 30.91 -10.15
CA GLN B 1051 9.91 31.28 -10.45
C GLN B 1051 9.04 30.03 -10.48
N ALA B 1052 8.00 30.04 -9.65
CA ALA B 1052 7.03 28.96 -9.59
C ALA B 1052 6.41 28.71 -10.96
N ARG B 1053 6.39 27.45 -11.37
CA ARG B 1053 5.80 27.05 -12.64
C ARG B 1053 4.98 25.77 -12.46
N ARG B 1054 3.79 25.75 -13.03
CA ARG B 1054 2.90 24.59 -12.91
C ARG B 1054 2.15 24.23 -14.20
N ILE B 1055 2.74 23.30 -14.95
CA ILE B 1055 2.12 22.78 -16.17
C ILE B 1055 1.38 21.48 -15.90
N TYR B 1056 0.37 21.20 -16.73
CA TYR B 1056 -0.42 19.97 -16.64
C TYR B 1056 0.03 18.93 -17.68
N ILE B 1057 0.36 17.74 -17.18
CA ILE B 1057 0.69 16.59 -18.02
C ILE B 1057 -0.43 15.56 -17.92
N LYS B 1058 -0.95 15.16 -19.09
CA LYS B 1058 -1.98 14.14 -19.19
C LYS B 1058 -1.36 12.76 -18.94
N ASP B 1059 -2.01 11.95 -18.12
CA ASP B 1059 -1.47 10.67 -17.70
C ASP B 1059 -2.17 9.52 -18.40
N GLU B 1060 -1.44 8.42 -18.61
CA GLU B 1060 -1.94 7.25 -19.35
C GLU B 1060 -1.99 5.96 -18.52
N ASN B 1061 -1.92 6.10 -17.21
CA ASN B 1061 -1.87 4.94 -16.30
C ASN B 1061 -3.05 4.97 -15.31
N GLN C 3 21.15 -64.50 -0.06
CA GLN C 3 22.06 -63.66 -0.88
C GLN C 3 21.32 -62.51 -1.61
N ILE C 4 20.08 -62.21 -1.18
CA ILE C 4 19.31 -61.07 -1.73
C ILE C 4 19.54 -59.79 -0.94
N LYS C 5 20.33 -58.89 -1.51
CA LYS C 5 20.63 -57.61 -0.87
C LYS C 5 19.65 -56.52 -1.29
N LYS C 6 19.23 -56.54 -2.56
CA LYS C 6 18.37 -55.48 -3.10
C LYS C 6 17.18 -55.96 -3.94
N LEU C 7 16.03 -55.33 -3.68
CA LEU C 7 14.75 -55.67 -4.28
C LEU C 7 14.05 -54.44 -4.87
N LEU C 8 13.53 -54.58 -6.08
CA LEU C 8 12.73 -53.51 -6.70
C LEU C 8 11.25 -53.87 -6.80
N VAL C 9 10.39 -52.90 -6.53
CA VAL C 9 8.95 -53.08 -6.61
C VAL C 9 8.41 -52.46 -7.89
N ALA C 10 8.21 -53.27 -8.91
CA ALA C 10 7.65 -52.77 -10.16
C ALA C 10 6.13 -52.69 -10.05
N ASN C 11 5.67 -51.93 -9.06
CA ASN C 11 4.27 -51.57 -8.89
C ASN C 11 4.19 -50.23 -8.17
N ARG C 12 3.04 -49.97 -7.54
CA ARG C 12 2.82 -48.71 -6.77
C ARG C 12 1.69 -48.85 -5.75
N GLY C 13 1.41 -47.77 -5.01
CA GLY C 13 0.35 -47.75 -4.00
C GLY C 13 0.55 -48.71 -2.83
N GLU C 14 -0.54 -49.29 -2.36
CA GLU C 14 -0.51 -50.23 -1.23
C GLU C 14 0.44 -51.41 -1.40
N ILE C 15 0.34 -52.12 -2.53
CA ILE C 15 1.14 -53.32 -2.74
C ILE C 15 2.65 -53.06 -2.88
N ALA C 16 3.02 -51.82 -3.17
CA ALA C 16 4.42 -51.43 -3.05
C ALA C 16 4.79 -51.37 -1.57
N ILE C 17 4.16 -50.44 -0.85
CA ILE C 17 4.31 -50.28 0.59
C ILE C 17 4.34 -51.64 1.28
N ARG C 18 3.29 -52.42 1.05
CA ARG C 18 3.21 -53.80 1.51
C ARG C 18 4.53 -54.56 1.31
N ILE C 19 4.94 -54.74 0.05
CA ILE C 19 6.21 -55.43 -0.26
C ILE C 19 7.39 -54.81 0.51
N PHE C 20 7.57 -53.49 0.38
CA PHE C 20 8.64 -52.77 1.08
C PHE C 20 8.61 -53.06 2.58
N ARG C 21 7.42 -52.93 3.19
CA ARG C 21 7.24 -53.27 4.59
C ARG C 21 7.72 -54.70 4.87
N ALA C 22 7.20 -55.69 4.14
CA ALA C 22 7.64 -57.09 4.28
C ALA C 22 9.15 -57.23 4.13
N ALA C 23 9.74 -56.43 3.24
CA ALA C 23 11.14 -56.57 2.89
C ALA C 23 12.10 -55.81 3.78
N ALA C 24 11.59 -54.92 4.61
CA ALA C 24 12.44 -54.17 5.52
C ALA C 24 12.57 -54.93 6.83
N GLU C 25 11.63 -55.82 7.08
CA GLU C 25 11.78 -56.79 8.15
C GLU C 25 13.06 -57.59 7.91
N LEU C 26 13.35 -57.85 6.64
CA LEU C 26 14.45 -58.73 6.26
C LEU C 26 15.85 -58.06 6.12
N ASP C 27 15.92 -56.76 6.42
CA ASP C 27 17.14 -55.95 6.25
C ASP C 27 17.51 -55.69 4.79
N ILE C 28 16.62 -56.07 3.87
CA ILE C 28 16.78 -55.87 2.42
C ILE C 28 16.67 -54.40 1.99
N SER C 29 17.45 -54.03 0.99
CA SER C 29 17.33 -52.68 0.47
C SER C 29 16.18 -52.57 -0.52
N THR C 30 15.13 -51.91 -0.06
CA THR C 30 13.94 -51.60 -0.86
C THR C 30 14.24 -50.60 -2.00
N VAL C 31 13.67 -50.86 -3.18
CA VAL C 31 13.72 -49.96 -4.35
C VAL C 31 12.33 -49.77 -5.00
N ALA C 32 11.93 -48.51 -5.20
CA ALA C 32 10.65 -48.17 -5.85
C ALA C 32 10.83 -47.56 -7.23
N ILE C 33 9.75 -47.55 -8.00
CA ILE C 33 9.65 -46.78 -9.25
C ILE C 33 8.39 -45.92 -9.24
N TYR C 34 8.48 -44.73 -9.83
CA TYR C 34 7.33 -43.84 -9.95
C TYR C 34 7.24 -43.16 -11.30
N SER C 35 6.08 -42.53 -11.51
CA SER C 35 5.82 -41.74 -12.71
C SER C 35 5.80 -40.27 -12.35
N ASN C 36 5.52 -39.43 -13.34
CA ASN C 36 5.33 -38.01 -13.11
C ASN C 36 4.04 -37.77 -12.34
N GLU C 37 3.22 -38.81 -12.26
CA GLU C 37 1.95 -38.77 -11.56
C GLU C 37 2.20 -39.00 -10.08
N ASP C 38 2.80 -40.15 -9.79
CA ASP C 38 3.02 -40.60 -8.44
C ASP C 38 4.33 -40.04 -7.87
N LYS C 39 4.65 -38.81 -8.25
CA LYS C 39 5.68 -38.05 -7.58
C LYS C 39 5.25 -37.87 -6.12
N SER C 40 3.97 -37.57 -5.92
CA SER C 40 3.43 -37.39 -4.58
C SER C 40 2.87 -38.66 -3.94
N SER C 41 2.99 -39.81 -4.62
CA SER C 41 2.54 -41.07 -4.07
C SER C 41 3.35 -41.47 -2.84
N LEU C 42 2.68 -42.05 -1.85
CA LEU C 42 3.33 -42.45 -0.62
C LEU C 42 4.52 -43.38 -0.83
N HIS C 43 4.35 -44.34 -1.72
CA HIS C 43 5.25 -45.51 -1.79
C HIS C 43 6.71 -45.18 -2.12
N ARG C 44 6.94 -44.03 -2.74
CA ARG C 44 8.29 -43.55 -3.03
C ARG C 44 9.22 -43.60 -1.82
N TYR C 45 8.78 -42.98 -0.73
CA TYR C 45 9.60 -42.91 0.47
C TYR C 45 9.33 -44.05 1.47
N LYS C 46 8.83 -45.16 0.95
CA LYS C 46 8.73 -46.40 1.71
C LYS C 46 9.83 -47.35 1.25
N ALA C 47 10.54 -46.91 0.22
CA ALA C 47 11.75 -47.56 -0.27
C ALA C 47 12.96 -46.67 0.04
N ASP C 48 14.11 -47.30 0.25
CA ASP C 48 15.35 -46.57 0.48
C ASP C 48 15.68 -45.74 -0.74
N GLU C 49 15.27 -46.24 -1.91
CA GLU C 49 15.49 -45.56 -3.19
C GLU C 49 14.24 -45.53 -4.04
N SER C 50 14.16 -44.52 -4.90
CA SER C 50 13.10 -44.43 -5.91
C SER C 50 13.50 -43.51 -7.07
N TYR C 51 13.38 -44.03 -8.28
CA TYR C 51 13.73 -43.30 -9.50
C TYR C 51 12.55 -43.22 -10.45
N LEU C 52 12.46 -42.10 -11.17
CA LEU C 52 11.44 -41.93 -12.20
C LEU C 52 11.79 -42.85 -13.35
N VAL C 53 10.80 -43.64 -13.80
CA VAL C 53 11.04 -44.62 -14.84
C VAL C 53 11.48 -43.90 -16.12
N GLY C 54 10.65 -42.97 -16.55
CA GLY C 54 10.98 -42.07 -17.66
C GLY C 54 10.14 -40.81 -17.54
N SER C 55 10.68 -39.69 -18.01
CA SER C 55 9.90 -38.47 -18.10
C SER C 55 8.98 -38.60 -19.31
N ASP C 56 9.58 -39.01 -20.44
CA ASP C 56 8.93 -39.23 -21.72
C ASP C 56 7.88 -40.36 -21.68
N LEU C 57 7.23 -40.51 -20.54
CA LEU C 57 6.44 -41.70 -20.30
C LEU C 57 4.98 -41.41 -19.94
N GLY C 58 4.11 -42.32 -20.39
CA GLY C 58 2.69 -42.24 -20.11
C GLY C 58 2.38 -42.48 -18.65
N PRO C 59 1.25 -41.94 -18.17
CA PRO C 59 0.82 -42.10 -16.79
C PRO C 59 0.76 -43.58 -16.39
N ALA C 60 0.22 -44.43 -17.26
CA ALA C 60 0.12 -45.86 -16.98
C ALA C 60 1.38 -46.60 -17.41
N GLU C 61 1.93 -46.22 -18.57
CA GLU C 61 3.03 -46.93 -19.21
C GLU C 61 4.34 -46.93 -18.40
N SER C 62 4.38 -46.14 -17.35
CA SER C 62 5.54 -46.08 -16.44
C SER C 62 5.77 -47.41 -15.72
N TYR C 63 4.68 -48.08 -15.36
CA TYR C 63 4.78 -49.36 -14.64
C TYR C 63 4.62 -50.53 -15.59
N LEU C 64 4.69 -50.25 -16.89
CA LEU C 64 4.46 -51.25 -17.94
C LEU C 64 5.63 -51.38 -18.90
N ASN C 65 6.48 -50.35 -18.96
CA ASN C 65 7.63 -50.37 -19.84
C ASN C 65 8.70 -51.31 -19.32
N ILE C 66 8.73 -52.52 -19.91
CA ILE C 66 9.63 -53.57 -19.45
C ILE C 66 11.10 -53.14 -19.50
N GLU C 67 11.52 -52.58 -20.63
CA GLU C 67 12.92 -52.20 -20.79
C GLU C 67 13.38 -51.08 -19.87
N ARG C 68 12.54 -50.07 -19.68
CA ARG C 68 12.92 -48.92 -18.86
C ARG C 68 12.97 -49.30 -17.38
N ILE C 69 12.00 -50.09 -16.94
CA ILE C 69 12.00 -50.59 -15.56
C ILE C 69 13.27 -51.41 -15.34
N ILE C 70 13.58 -52.28 -16.31
CA ILE C 70 14.77 -53.13 -16.20
C ILE C 70 16.04 -52.30 -16.10
N ASP C 71 16.11 -51.20 -16.85
CA ASP C 71 17.20 -50.23 -16.74
C ASP C 71 17.33 -49.81 -15.29
N VAL C 72 16.27 -49.25 -14.72
CA VAL C 72 16.28 -48.83 -13.31
C VAL C 72 16.89 -49.93 -12.42
N ALA C 73 16.31 -51.13 -12.50
CA ALA C 73 16.77 -52.31 -11.76
C ALA C 73 18.29 -52.55 -11.82
N LYS C 74 18.81 -53.03 -12.95
CA LYS C 74 20.26 -53.25 -13.08
C LYS C 74 21.08 -52.01 -12.71
N GLN C 75 20.70 -50.86 -13.28
CA GLN C 75 21.36 -49.55 -13.06
C GLN C 75 21.49 -49.14 -11.59
N ALA C 76 20.73 -49.82 -10.72
CA ALA C 76 20.82 -49.59 -9.27
C ALA C 76 21.13 -50.85 -8.46
N ASN C 77 21.72 -51.85 -9.12
CA ASN C 77 22.23 -53.09 -8.49
C ASN C 77 21.15 -53.85 -7.73
N VAL C 78 20.27 -54.52 -8.47
CA VAL C 78 19.08 -55.14 -7.90
C VAL C 78 19.15 -56.66 -8.10
N ASP C 79 18.88 -57.42 -7.05
CA ASP C 79 18.95 -58.89 -7.08
C ASP C 79 17.61 -59.56 -7.47
N ALA C 80 16.51 -58.92 -7.06
CA ALA C 80 15.16 -59.44 -7.28
C ALA C 80 14.17 -58.32 -7.60
N ILE C 81 13.06 -58.66 -8.24
CA ILE C 81 11.95 -57.72 -8.46
C ILE C 81 10.59 -58.29 -8.00
N HIS C 82 9.83 -57.52 -7.23
CA HIS C 82 8.45 -57.91 -6.93
C HIS C 82 7.45 -57.29 -7.91
N PRO C 83 6.74 -58.13 -8.67
CA PRO C 83 5.91 -57.63 -9.76
C PRO C 83 4.58 -57.03 -9.31
N GLY C 84 4.18 -57.30 -8.07
CA GLY C 84 2.95 -56.77 -7.48
C GLY C 84 1.72 -57.57 -7.89
N TYR C 85 0.62 -56.87 -8.16
CA TYR C 85 -0.57 -57.48 -8.75
C TYR C 85 -1.12 -56.65 -9.89
N GLY C 86 -1.67 -57.32 -10.89
CA GLY C 86 -2.39 -56.64 -11.97
C GLY C 86 -1.59 -55.96 -13.06
N PHE C 87 -0.46 -55.32 -12.71
CA PHE C 87 0.30 -54.51 -13.69
C PHE C 87 1.12 -55.39 -14.62
N LEU C 88 2.35 -55.71 -14.23
CA LEU C 88 3.18 -56.67 -14.96
C LEU C 88 3.42 -57.95 -14.17
N SER C 89 2.48 -58.32 -13.32
CA SER C 89 2.64 -59.49 -12.44
C SER C 89 2.26 -60.83 -13.07
N GLU C 90 1.62 -60.77 -14.24
CA GLU C 90 1.16 -61.97 -14.95
C GLU C 90 1.84 -62.05 -16.31
N ASN C 91 2.55 -60.98 -16.67
CA ASN C 91 3.17 -60.83 -17.98
C ASN C 91 4.35 -61.78 -18.21
N GLU C 92 4.24 -62.57 -19.27
CA GLU C 92 5.19 -63.61 -19.58
C GLU C 92 6.57 -63.07 -20.03
N GLN C 93 6.54 -62.02 -20.84
CA GLN C 93 7.76 -61.43 -21.39
C GLN C 93 8.63 -60.78 -20.32
N PHE C 94 8.00 -60.26 -19.26
CA PHE C 94 8.69 -59.61 -18.15
C PHE C 94 9.58 -60.59 -17.37
N ALA C 95 8.97 -61.66 -16.85
CA ALA C 95 9.73 -62.68 -16.11
C ALA C 95 11.00 -63.12 -16.85
N ARG C 96 10.85 -63.49 -18.12
CA ARG C 96 11.98 -63.90 -18.98
C ARG C 96 13.14 -62.93 -18.88
N ARG C 97 12.86 -61.67 -19.18
CA ARG C 97 13.86 -60.61 -19.14
C ARG C 97 14.54 -60.49 -17.79
N CYS C 98 13.79 -60.68 -16.70
CA CYS C 98 14.37 -60.60 -15.36
C CYS C 98 15.59 -61.52 -15.21
N ALA C 99 15.37 -62.82 -15.33
CA ALA C 99 16.45 -63.81 -15.23
C ALA C 99 17.49 -63.65 -16.36
N GLU C 100 17.07 -63.05 -17.47
CA GLU C 100 18.00 -62.71 -18.55
C GLU C 100 19.01 -61.64 -18.11
N GLU C 101 18.76 -61.03 -16.95
CA GLU C 101 19.68 -60.04 -16.38
C GLU C 101 20.28 -60.49 -15.03
N GLY C 102 20.00 -61.73 -14.63
CA GLY C 102 20.50 -62.26 -13.36
C GLY C 102 19.65 -61.79 -12.19
N ILE C 103 18.51 -61.18 -12.51
CA ILE C 103 17.56 -60.67 -11.52
C ILE C 103 16.52 -61.74 -11.28
N LYS C 104 16.09 -61.88 -10.02
CA LYS C 104 15.12 -62.90 -9.69
C LYS C 104 13.70 -62.33 -9.62
N PHE C 105 12.94 -62.58 -10.68
CA PHE C 105 11.51 -62.35 -10.68
C PHE C 105 10.92 -63.03 -9.47
N ILE C 106 10.33 -62.24 -8.58
CA ILE C 106 9.70 -62.78 -7.38
C ILE C 106 8.29 -63.32 -7.67
N GLY C 107 8.27 -64.63 -7.91
CA GLY C 107 7.06 -65.35 -8.27
C GLY C 107 7.41 -66.76 -8.73
N PRO C 108 6.51 -67.40 -9.50
CA PRO C 108 6.70 -68.74 -10.06
C PRO C 108 7.44 -68.72 -11.39
N HIS C 109 7.72 -69.89 -11.96
CA HIS C 109 8.55 -70.02 -13.17
C HIS C 109 7.93 -69.45 -14.44
N LEU C 110 8.72 -69.51 -15.51
CA LEU C 110 8.31 -69.07 -16.85
C LEU C 110 7.14 -69.87 -17.40
N GLU C 111 7.23 -71.21 -17.36
CA GLU C 111 6.16 -72.07 -17.88
C GLU C 111 4.80 -71.88 -17.17
N HIS C 112 4.82 -71.71 -15.85
CA HIS C 112 3.57 -71.47 -15.08
C HIS C 112 2.81 -70.25 -15.56
N LEU C 113 3.55 -69.26 -16.05
CA LEU C 113 2.98 -67.99 -16.48
C LEU C 113 2.11 -68.10 -17.73
N ASP C 114 2.58 -68.85 -18.72
CA ASP C 114 1.87 -69.06 -19.99
C ASP C 114 0.89 -70.22 -19.86
N MET C 115 1.15 -71.07 -18.88
CA MET C 115 0.24 -72.15 -18.51
C MET C 115 -1.05 -71.56 -17.93
N PHE C 116 -0.91 -70.48 -17.15
CA PHE C 116 -2.07 -69.74 -16.67
C PHE C 116 -2.06 -68.30 -17.19
N GLY C 117 -2.03 -68.17 -18.52
CA GLY C 117 -2.03 -66.87 -19.18
C GLY C 117 -3.31 -66.65 -19.98
N ASP C 118 -3.57 -67.55 -20.92
CA ASP C 118 -4.85 -67.61 -21.59
C ASP C 118 -5.80 -68.47 -20.74
N LYS C 119 -7.10 -68.18 -20.84
CA LYS C 119 -8.13 -69.04 -20.23
C LYS C 119 -8.28 -70.39 -20.97
N VAL C 120 -7.69 -70.47 -22.17
CA VAL C 120 -7.71 -71.68 -23.00
C VAL C 120 -6.58 -72.62 -22.59
N LYS C 121 -5.38 -72.07 -22.45
CA LYS C 121 -4.21 -72.83 -22.03
C LYS C 121 -4.32 -73.26 -20.56
N ALA C 122 -5.05 -72.48 -19.76
CA ALA C 122 -5.29 -72.78 -18.34
C ALA C 122 -6.26 -73.93 -18.17
N ARG C 123 -7.35 -73.92 -18.94
CA ARG C 123 -8.32 -75.01 -18.98
C ARG C 123 -7.67 -76.38 -19.24
N THR C 124 -6.80 -76.43 -20.26
CA THR C 124 -6.09 -77.64 -20.68
C THR C 124 -5.17 -78.16 -19.58
N THR C 125 -4.53 -77.25 -18.87
CA THR C 125 -3.72 -77.56 -17.69
C THR C 125 -4.53 -78.31 -16.67
N ALA C 126 -5.75 -77.84 -16.45
CA ALA C 126 -6.65 -78.39 -15.47
C ALA C 126 -7.18 -79.78 -15.87
N ILE C 127 -7.60 -79.93 -17.12
CA ILE C 127 -8.07 -81.22 -17.59
C ILE C 127 -6.96 -82.27 -17.48
N LYS C 128 -5.73 -81.87 -17.79
CA LYS C 128 -4.58 -82.78 -17.70
C LYS C 128 -4.24 -83.09 -16.24
N ALA C 129 -4.47 -82.12 -15.37
CA ALA C 129 -4.26 -82.31 -13.94
C ALA C 129 -5.42 -83.07 -13.30
N ASP C 130 -6.46 -83.30 -14.08
CA ASP C 130 -7.70 -84.00 -13.66
C ASP C 130 -8.50 -83.22 -12.61
N LEU C 131 -8.70 -81.94 -12.92
CA LEU C 131 -9.60 -81.06 -12.19
C LEU C 131 -10.93 -80.97 -12.92
N PRO C 132 -12.00 -80.60 -12.21
CA PRO C 132 -13.23 -80.35 -12.95
C PRO C 132 -13.30 -78.91 -13.48
N VAL C 133 -13.96 -78.72 -14.61
CA VAL C 133 -14.19 -77.39 -15.15
C VAL C 133 -15.57 -77.34 -15.82
N ILE C 134 -16.15 -76.15 -15.93
CA ILE C 134 -17.46 -75.95 -16.55
C ILE C 134 -17.63 -76.80 -17.83
N PRO C 135 -18.68 -77.66 -17.87
CA PRO C 135 -18.87 -78.65 -18.95
C PRO C 135 -19.07 -78.00 -20.33
N GLY C 136 -18.00 -77.95 -21.12
CA GLY C 136 -17.98 -77.28 -22.41
C GLY C 136 -18.21 -78.19 -23.61
N THR C 137 -17.20 -78.26 -24.49
CA THR C 137 -17.16 -79.08 -25.74
C THR C 137 -16.05 -78.59 -26.67
N ASP C 138 -15.87 -77.26 -26.71
CA ASP C 138 -14.82 -76.59 -27.51
C ASP C 138 -13.67 -76.12 -26.63
N GLU C 203 -18.17 -73.48 -22.85
CA GLU C 203 -18.71 -73.68 -21.50
C GLU C 203 -20.27 -73.74 -21.44
N ARG C 204 -20.85 -73.40 -20.27
CA ARG C 204 -22.29 -73.51 -20.03
C ARG C 204 -22.63 -72.99 -18.60
N TYR C 205 -23.85 -72.48 -18.43
CA TYR C 205 -24.17 -71.51 -17.35
C TYR C 205 -24.52 -72.05 -15.97
N ILE C 206 -23.93 -71.45 -14.94
CA ILE C 206 -24.25 -71.77 -13.55
C ILE C 206 -24.98 -70.59 -12.92
N ASP C 207 -26.13 -70.85 -12.30
CA ASP C 207 -26.90 -69.81 -11.60
C ASP C 207 -26.61 -69.75 -10.09
N ASN C 208 -26.66 -68.53 -9.53
CA ASN C 208 -26.01 -68.15 -8.24
C ASN C 208 -25.13 -69.17 -7.50
N PRO C 209 -23.84 -69.22 -7.88
CA PRO C 209 -22.78 -69.98 -7.21
C PRO C 209 -21.96 -69.10 -6.28
N LYS C 210 -20.98 -69.70 -5.61
CA LYS C 210 -20.03 -68.97 -4.79
C LYS C 210 -18.66 -68.85 -5.48
N HIS C 211 -18.02 -67.69 -5.32
CA HIS C 211 -16.65 -67.47 -5.77
C HIS C 211 -15.66 -67.77 -4.63
N ILE C 212 -15.30 -69.05 -4.51
CA ILE C 212 -14.36 -69.48 -3.47
C ILE C 212 -12.98 -69.69 -4.07
N GLU C 213 -11.95 -69.21 -3.39
CA GLU C 213 -10.59 -69.34 -3.91
C GLU C 213 -9.60 -69.75 -2.82
N VAL C 214 -8.53 -70.42 -3.22
CA VAL C 214 -7.62 -71.08 -2.29
C VAL C 214 -6.22 -70.51 -2.38
N GLN C 215 -5.70 -70.04 -1.25
CA GLN C 215 -4.32 -69.56 -1.16
C GLN C 215 -3.34 -70.73 -1.02
N VAL C 216 -2.35 -70.73 -1.91
CA VAL C 216 -1.36 -71.80 -1.99
C VAL C 216 0.03 -71.17 -2.14
N ILE C 217 1.00 -71.72 -1.42
CA ILE C 217 2.39 -71.26 -1.52
C ILE C 217 3.34 -72.45 -1.58
N GLY C 218 4.21 -72.46 -2.60
CA GLY C 218 5.20 -73.50 -2.77
C GLY C 218 6.61 -72.96 -2.72
N ASP C 219 7.55 -73.76 -2.21
CA ASP C 219 8.95 -73.32 -2.25
C ASP C 219 9.55 -73.65 -3.62
N GLU C 220 10.87 -73.56 -3.74
CA GLU C 220 11.53 -73.89 -5.00
C GLU C 220 11.92 -75.36 -5.01
N HIS C 221 11.72 -76.00 -3.85
CA HIS C 221 12.18 -77.37 -3.60
C HIS C 221 11.03 -78.37 -3.57
N GLY C 222 9.93 -78.02 -4.24
CA GLY C 222 8.78 -78.91 -4.39
C GLY C 222 8.01 -79.20 -3.11
N ASN C 223 7.77 -78.16 -2.30
CA ASN C 223 6.84 -78.25 -1.18
C ASN C 223 5.75 -77.22 -1.34
N ILE C 224 4.50 -77.66 -1.20
CA ILE C 224 3.36 -76.74 -1.24
C ILE C 224 2.51 -77.00 -0.01
N VAL C 225 1.95 -75.93 0.53
CA VAL C 225 0.96 -76.02 1.59
C VAL C 225 -0.25 -75.17 1.18
N HIS C 226 -1.41 -75.44 1.76
CA HIS C 226 -2.54 -74.55 1.53
C HIS C 226 -2.87 -73.74 2.78
N LEU C 227 -3.36 -72.52 2.55
CA LEU C 227 -3.79 -71.62 3.61
C LEU C 227 -5.30 -71.38 3.56
N PHE C 228 -6.03 -72.41 3.14
CA PHE C 228 -7.50 -72.42 3.17
C PHE C 228 -8.14 -71.42 2.20
N GLU C 229 -9.43 -71.16 2.40
CA GLU C 229 -10.21 -70.38 1.42
C GLU C 229 -10.19 -68.88 1.66
N ARG C 230 -10.70 -68.18 0.66
CA ARG C 230 -11.16 -66.82 0.75
C ARG C 230 -12.44 -66.76 -0.10
N ASP C 231 -13.50 -66.18 0.48
CA ASP C 231 -14.77 -66.04 -0.20
C ASP C 231 -14.84 -64.68 -0.89
N CYS C 232 -15.19 -64.69 -2.16
CA CYS C 232 -15.15 -63.49 -2.97
C CYS C 232 -16.49 -63.34 -3.66
N SER C 233 -17.54 -63.85 -3.03
CA SER C 233 -18.83 -63.87 -3.68
C SER C 233 -19.47 -62.49 -3.63
N VAL C 234 -18.97 -61.64 -2.75
CA VAL C 234 -19.46 -60.26 -2.70
C VAL C 234 -18.81 -59.52 -3.88
N GLN C 235 -19.46 -59.66 -5.03
CA GLN C 235 -18.96 -59.09 -6.25
C GLN C 235 -20.07 -58.52 -7.09
N ARG C 236 -19.83 -57.31 -7.60
CA ARG C 236 -20.62 -56.76 -8.69
C ARG C 236 -20.03 -57.30 -9.99
N ARG C 237 -20.65 -57.01 -11.13
CA ARG C 237 -20.14 -57.44 -12.44
C ARG C 237 -19.33 -58.75 -12.36
N HIS C 238 -18.00 -58.65 -12.41
CA HIS C 238 -17.10 -59.66 -11.87
C HIS C 238 -15.90 -58.95 -11.25
N GLN C 239 -16.23 -57.92 -10.46
CA GLN C 239 -15.28 -57.12 -9.69
C GLN C 239 -15.49 -57.38 -8.20
N LYS C 240 -14.44 -57.88 -7.54
CA LYS C 240 -14.49 -58.20 -6.11
C LYS C 240 -14.67 -56.94 -5.27
N VAL C 241 -15.58 -57.01 -4.29
CA VAL C 241 -15.88 -55.87 -3.41
C VAL C 241 -15.48 -56.15 -1.96
N VAL C 242 -15.95 -57.28 -1.44
CA VAL C 242 -15.68 -57.73 -0.06
C VAL C 242 -15.31 -59.20 -0.05
N GLU C 243 -14.31 -59.54 0.77
CA GLU C 243 -13.83 -60.91 0.84
C GLU C 243 -13.81 -61.45 2.28
N VAL C 244 -14.22 -62.71 2.44
CA VAL C 244 -14.14 -63.33 3.78
C VAL C 244 -13.19 -64.52 3.82
N ALA C 245 -12.44 -64.64 4.92
CA ALA C 245 -11.62 -65.83 5.23
C ALA C 245 -11.83 -66.25 6.68
N PRO C 246 -12.17 -67.54 6.91
CA PRO C 246 -12.47 -68.50 5.88
C PRO C 246 -13.88 -68.22 5.35
N SER C 247 -14.42 -69.10 4.52
CA SER C 247 -15.79 -68.96 4.05
C SER C 247 -16.78 -69.49 5.07
N VAL C 248 -17.71 -68.63 5.51
CA VAL C 248 -18.95 -69.10 6.19
C VAL C 248 -19.95 -69.59 5.12
N GLY C 249 -20.78 -70.56 5.46
CA GLY C 249 -21.75 -71.10 4.51
C GLY C 249 -21.19 -72.25 3.68
N LEU C 250 -20.01 -72.71 4.08
CA LEU C 250 -19.39 -73.91 3.54
C LEU C 250 -19.16 -74.93 4.66
N SER C 251 -19.44 -76.19 4.36
CA SER C 251 -19.19 -77.28 5.29
C SER C 251 -17.69 -77.51 5.50
N PRO C 252 -17.31 -78.31 6.52
CA PRO C 252 -15.89 -78.68 6.68
C PRO C 252 -15.44 -79.66 5.60
N THR C 253 -16.34 -80.55 5.21
CA THR C 253 -16.10 -81.54 4.18
C THR C 253 -15.78 -80.84 2.86
N LEU C 254 -16.61 -79.87 2.48
CA LEU C 254 -16.47 -79.15 1.21
C LEU C 254 -15.27 -78.19 1.29
N ARG C 255 -15.25 -77.36 2.33
CA ARG C 255 -14.14 -76.44 2.58
C ARG C 255 -12.81 -77.17 2.51
N GLN C 256 -12.86 -78.50 2.43
CA GLN C 256 -11.63 -79.26 2.39
C GLN C 256 -11.35 -79.85 1.02
N ARG C 257 -12.29 -80.60 0.47
CA ARG C 257 -12.13 -81.16 -0.89
C ARG C 257 -11.65 -80.11 -1.90
N ILE C 258 -12.08 -78.86 -1.70
CA ILE C 258 -11.69 -77.76 -2.58
C ILE C 258 -10.20 -77.34 -2.45
N CYS C 259 -9.62 -77.51 -1.27
CA CYS C 259 -8.20 -77.23 -1.06
C CYS C 259 -7.35 -78.34 -1.67
N ASP C 260 -7.75 -79.59 -1.45
CA ASP C 260 -7.11 -80.71 -2.12
C ASP C 260 -7.27 -80.52 -3.62
N ALA C 261 -8.39 -79.93 -4.04
CA ALA C 261 -8.61 -79.71 -5.45
C ALA C 261 -7.59 -78.72 -5.95
N ALA C 262 -7.35 -77.67 -5.15
CA ALA C 262 -6.37 -76.67 -5.48
C ALA C 262 -4.97 -77.26 -5.37
N ILE C 263 -4.63 -77.83 -4.22
CA ILE C 263 -3.30 -78.41 -4.00
C ILE C 263 -2.94 -79.46 -5.06
N GLN C 264 -3.95 -80.15 -5.59
CA GLN C 264 -3.76 -81.17 -6.63
C GLN C 264 -3.24 -80.55 -7.91
N LEU C 265 -3.85 -79.43 -8.30
CA LEU C 265 -3.47 -78.72 -9.51
C LEU C 265 -2.06 -78.21 -9.40
N MET C 266 -1.77 -77.57 -8.27
CA MET C 266 -0.47 -76.95 -8.05
C MET C 266 0.69 -77.96 -7.91
N GLU C 267 0.42 -79.15 -7.39
CA GLU C 267 1.44 -80.21 -7.28
C GLU C 267 1.66 -80.89 -8.64
N ASN C 268 0.58 -81.06 -9.41
CA ASN C 268 0.67 -81.70 -10.72
C ASN C 268 1.71 -81.01 -11.61
N ILE C 269 1.58 -79.70 -11.72
CA ILE C 269 2.48 -78.91 -12.55
C ILE C 269 3.52 -78.16 -11.70
N LYS C 270 3.94 -78.78 -10.60
CA LYS C 270 5.07 -78.30 -9.78
C LYS C 270 5.04 -76.77 -9.60
N TYR C 271 3.97 -76.26 -8.99
CA TYR C 271 3.88 -74.83 -8.75
C TYR C 271 4.89 -74.38 -7.69
N VAL C 272 5.35 -73.14 -7.84
CA VAL C 272 6.41 -72.57 -7.02
C VAL C 272 6.03 -71.14 -6.67
N ASN C 273 6.20 -70.78 -5.40
CA ASN C 273 5.82 -69.47 -4.86
C ASN C 273 4.32 -69.31 -4.56
N ALA C 274 3.88 -68.08 -4.28
CA ALA C 274 2.49 -67.84 -3.89
C ALA C 274 1.60 -67.85 -5.10
N GLY C 275 0.47 -68.53 -5.00
CA GLY C 275 -0.44 -68.67 -6.11
C GLY C 275 -1.84 -68.98 -5.64
N THR C 276 -2.81 -68.75 -6.50
CA THR C 276 -4.19 -68.89 -6.12
C THR C 276 -4.99 -69.66 -7.16
N VAL C 277 -5.82 -70.56 -6.66
CA VAL C 277 -6.67 -71.38 -7.51
C VAL C 277 -8.12 -70.99 -7.23
N GLU C 278 -8.82 -70.55 -8.28
CA GLU C 278 -10.20 -70.05 -8.15
C GLU C 278 -11.24 -71.05 -8.62
N PHE C 279 -12.33 -71.16 -7.85
CA PHE C 279 -13.42 -72.09 -8.14
C PHE C 279 -14.79 -71.43 -8.18
N LEU C 280 -15.67 -71.95 -9.03
CA LEU C 280 -17.10 -71.64 -8.98
C LEU C 280 -17.81 -72.82 -8.29
N VAL C 281 -18.60 -72.50 -7.27
CA VAL C 281 -19.08 -73.53 -6.35
C VAL C 281 -20.61 -73.55 -6.26
N SER C 282 -21.23 -74.50 -6.96
CA SER C 282 -22.68 -74.64 -6.89
C SER C 282 -23.08 -76.07 -6.51
N GLY C 283 -23.93 -76.16 -5.48
CA GLY C 283 -24.33 -77.45 -4.94
C GLY C 283 -23.14 -78.07 -4.24
N ASP C 284 -23.12 -79.40 -4.17
CA ASP C 284 -22.07 -80.08 -3.45
C ASP C 284 -20.94 -80.52 -4.38
N GLU C 285 -20.88 -79.88 -5.54
CA GLU C 285 -19.79 -80.05 -6.49
C GLU C 285 -19.32 -78.69 -6.94
N PHE C 286 -18.18 -78.66 -7.63
CA PHE C 286 -17.49 -77.41 -7.90
C PHE C 286 -16.60 -77.50 -9.15
N PHE C 287 -16.18 -76.35 -9.67
CA PHE C 287 -15.49 -76.28 -10.96
C PHE C 287 -14.36 -75.26 -10.93
N PHE C 288 -13.21 -75.64 -11.51
CA PHE C 288 -12.04 -74.78 -11.59
C PHE C 288 -12.24 -73.63 -12.57
N ILE C 289 -11.75 -72.44 -12.21
CA ILE C 289 -11.99 -71.26 -13.04
C ILE C 289 -10.68 -70.67 -13.59
N GLU C 290 -9.73 -70.40 -12.70
CA GLU C 290 -8.40 -69.92 -13.07
C GLU C 290 -7.37 -70.05 -11.96
N VAL C 291 -6.11 -69.80 -12.32
CA VAL C 291 -5.07 -69.57 -11.35
C VAL C 291 -4.60 -68.13 -11.43
N ASN C 292 -4.52 -67.48 -10.28
CA ASN C 292 -3.83 -66.21 -10.16
C ASN C 292 -2.37 -66.45 -9.77
N PRO C 293 -1.46 -66.29 -10.73
CA PRO C 293 -0.03 -66.62 -10.58
C PRO C 293 0.78 -65.45 -10.00
N ARG C 294 0.34 -64.96 -8.84
CA ARG C 294 0.97 -63.91 -8.04
C ARG C 294 0.13 -63.71 -6.79
N VAL C 295 0.52 -62.80 -5.89
CA VAL C 295 -0.37 -62.47 -4.77
C VAL C 295 -1.64 -61.77 -5.23
N GLN C 296 -2.63 -61.75 -4.32
CA GLN C 296 -3.88 -61.07 -4.60
C GLN C 296 -4.04 -59.93 -3.62
N VAL C 297 -4.78 -58.90 -4.03
CA VAL C 297 -5.11 -57.75 -3.19
C VAL C 297 -5.62 -58.21 -1.80
N GLU C 298 -6.44 -59.27 -1.79
CA GLU C 298 -7.11 -59.70 -0.56
C GLU C 298 -6.34 -60.71 0.29
N HIS C 299 -5.06 -60.90 0.04
CA HIS C 299 -4.26 -61.84 0.85
C HIS C 299 -4.36 -61.55 2.37
N THR C 300 -4.36 -60.26 2.69
CA THR C 300 -4.51 -59.73 4.04
C THR C 300 -5.31 -60.62 4.97
N ILE C 301 -6.51 -60.99 4.55
CA ILE C 301 -7.36 -61.78 5.41
C ILE C 301 -6.76 -63.14 5.71
N THR C 302 -6.24 -63.82 4.68
CA THR C 302 -5.71 -65.19 4.86
C THR C 302 -4.50 -65.21 5.81
N GLU C 303 -3.77 -64.09 5.87
CA GLU C 303 -2.73 -63.91 6.88
C GLU C 303 -3.30 -63.75 8.28
N MET C 304 -4.43 -63.06 8.39
CA MET C 304 -4.98 -62.75 9.71
C MET C 304 -5.58 -63.96 10.42
N VAL C 305 -6.21 -64.85 9.66
CA VAL C 305 -6.69 -66.13 10.20
C VAL C 305 -5.58 -67.19 10.32
N THR C 306 -4.45 -66.99 9.63
CA THR C 306 -3.36 -67.99 9.63
C THR C 306 -2.11 -67.55 10.40
N GLY C 307 -1.74 -66.27 10.29
CA GLY C 307 -0.59 -65.71 11.00
C GLY C 307 0.70 -65.91 10.24
N ILE C 308 0.52 -66.43 9.04
CA ILE C 308 1.58 -66.72 8.10
C ILE C 308 1.74 -65.50 7.18
N ASP C 309 2.95 -64.95 7.10
CA ASP C 309 3.17 -63.74 6.30
C ASP C 309 3.37 -64.19 4.88
N ILE C 310 2.38 -63.92 4.03
CA ILE C 310 2.38 -64.32 2.62
C ILE C 310 3.54 -63.69 1.87
N VAL C 311 3.63 -62.37 1.93
CA VAL C 311 4.61 -61.61 1.15
C VAL C 311 6.04 -61.85 1.64
N LYS C 312 6.22 -61.85 2.96
CA LYS C 312 7.51 -62.16 3.54
C LYS C 312 7.98 -63.55 3.11
N THR C 313 7.02 -64.45 2.90
CA THR C 313 7.35 -65.80 2.43
C THR C 313 7.72 -65.75 0.97
N GLN C 314 6.81 -65.20 0.16
CA GLN C 314 7.05 -64.94 -1.26
C GLN C 314 8.52 -64.66 -1.57
N ILE C 315 9.07 -63.63 -0.94
CA ILE C 315 10.45 -63.21 -1.16
C ILE C 315 11.44 -64.34 -0.80
N LEU C 316 11.34 -64.85 0.43
CA LEU C 316 12.18 -65.94 0.89
C LEU C 316 12.13 -67.18 -0.03
N VAL C 317 10.93 -67.56 -0.47
CA VAL C 317 10.76 -68.61 -1.48
C VAL C 317 11.50 -68.28 -2.79
N ALA C 318 11.47 -67.01 -3.19
CA ALA C 318 12.19 -66.55 -4.39
C ALA C 318 13.71 -66.51 -4.16
N ALA C 319 14.13 -66.65 -2.90
CA ALA C 319 15.54 -66.74 -2.52
C ALA C 319 15.93 -68.20 -2.30
N GLY C 320 14.98 -69.09 -2.57
CA GLY C 320 15.21 -70.53 -2.51
C GLY C 320 15.34 -71.09 -1.11
N ALA C 321 14.57 -70.55 -0.17
CA ALA C 321 14.58 -71.06 1.19
C ALA C 321 13.52 -72.14 1.33
N ASP C 322 13.91 -73.27 1.92
CA ASP C 322 12.98 -74.36 2.18
C ASP C 322 11.79 -73.84 2.99
N LEU C 323 10.58 -74.14 2.51
CA LEU C 323 9.34 -73.74 3.16
C LEU C 323 9.27 -74.15 4.64
N PHE C 324 10.16 -75.06 5.05
CA PHE C 324 10.11 -75.63 6.40
C PHE C 324 11.38 -75.41 7.23
N GLY C 325 12.30 -74.62 6.69
CA GLY C 325 13.52 -74.27 7.41
C GLY C 325 13.34 -73.13 8.38
N GLU C 326 14.45 -72.65 8.94
CA GLU C 326 14.44 -71.54 9.88
C GLU C 326 13.84 -70.31 9.22
N GLU C 327 14.25 -70.11 7.98
CA GLU C 327 14.02 -68.88 7.23
C GLU C 327 12.52 -68.67 7.07
N ILE C 328 11.79 -69.71 6.68
CA ILE C 328 10.34 -69.59 6.58
C ILE C 328 9.60 -69.98 7.86
N ASN C 329 10.05 -71.06 8.51
CA ASN C 329 9.44 -71.54 9.77
C ASN C 329 7.96 -71.94 9.62
N MET C 330 7.43 -71.71 8.42
CA MET C 330 6.12 -72.18 7.99
C MET C 330 5.64 -73.46 8.68
N PRO C 331 4.42 -73.44 9.22
CA PRO C 331 3.87 -74.65 9.81
C PRO C 331 3.69 -75.72 8.73
N GLN C 332 3.85 -76.98 9.09
CA GLN C 332 3.51 -78.05 8.16
C GLN C 332 1.98 -78.17 8.05
N GLN C 333 1.50 -78.64 6.89
CA GLN C 333 0.06 -78.56 6.53
C GLN C 333 -0.87 -78.87 7.70
N LYS C 334 -0.55 -79.95 8.41
CA LYS C 334 -1.40 -80.47 9.46
C LYS C 334 -1.59 -79.48 10.60
N ASP C 335 -0.67 -78.52 10.73
CA ASP C 335 -0.69 -77.52 11.82
C ASP C 335 -1.22 -76.16 11.37
N ILE C 336 -1.33 -76.00 10.05
CA ILE C 336 -2.03 -74.88 9.47
C ILE C 336 -3.48 -74.92 9.94
N THR C 337 -3.96 -73.78 10.41
CA THR C 337 -5.34 -73.64 10.86
C THR C 337 -5.84 -72.24 10.66
N THR C 338 -7.15 -72.11 10.66
CA THR C 338 -7.77 -70.82 10.67
C THR C 338 -8.36 -70.60 12.06
N LEU C 339 -7.83 -69.59 12.75
CA LEU C 339 -8.43 -69.11 13.98
C LEU C 339 -9.31 -67.92 13.61
N GLY C 340 -10.56 -67.94 14.06
CA GLY C 340 -11.50 -66.84 13.81
C GLY C 340 -11.82 -66.52 12.35
N TYR C 341 -12.29 -65.30 12.11
CA TYR C 341 -12.63 -64.85 10.76
C TYR C 341 -12.02 -63.46 10.47
N ALA C 342 -11.79 -63.18 9.18
CA ALA C 342 -11.29 -61.89 8.72
C ALA C 342 -12.13 -61.36 7.57
N ILE C 343 -12.26 -60.03 7.48
CA ILE C 343 -13.02 -59.38 6.40
C ILE C 343 -12.20 -58.27 5.78
N GLN C 344 -12.19 -58.18 4.45
CA GLN C 344 -11.54 -57.05 3.78
C GLN C 344 -12.50 -56.16 3.02
N CYS C 345 -12.43 -54.87 3.33
CA CYS C 345 -13.09 -53.83 2.55
C CYS C 345 -12.02 -52.96 1.85
N ARG C 346 -12.10 -52.84 0.53
CA ARG C 346 -11.35 -51.81 -0.15
C ARG C 346 -12.11 -50.49 -0.10
N ILE C 347 -11.53 -49.51 0.59
CA ILE C 347 -11.99 -48.14 0.47
C ILE C 347 -11.55 -47.55 -0.90
N THR C 348 -12.52 -47.43 -1.82
CA THR C 348 -12.26 -46.85 -3.14
C THR C 348 -13.07 -45.57 -3.34
N THR C 349 -12.76 -44.82 -4.39
CA THR C 349 -13.46 -43.58 -4.67
C THR C 349 -14.61 -43.80 -5.65
N GLU C 350 -15.05 -45.04 -5.81
CA GLU C 350 -16.20 -45.33 -6.66
C GLU C 350 -17.45 -44.66 -6.09
N ASP C 351 -18.27 -44.09 -6.96
CA ASP C 351 -19.50 -43.41 -6.54
C ASP C 351 -20.64 -44.40 -6.64
N PRO C 352 -21.13 -44.89 -5.49
CA PRO C 352 -22.18 -45.91 -5.49
C PRO C 352 -23.50 -45.39 -6.07
N LEU C 353 -23.74 -44.09 -5.92
CA LEU C 353 -24.96 -43.47 -6.46
C LEU C 353 -24.85 -43.06 -7.93
N ASN C 354 -23.64 -42.76 -8.42
CA ASN C 354 -23.44 -42.56 -9.84
C ASN C 354 -22.65 -43.70 -10.46
N ASP C 355 -23.41 -44.63 -11.03
CA ASP C 355 -22.91 -45.92 -11.52
C ASP C 355 -21.42 -46.18 -11.31
N PHE C 356 -21.09 -46.52 -10.07
CA PHE C 356 -19.73 -46.85 -9.60
C PHE C 356 -18.56 -46.05 -10.19
N MET C 357 -18.84 -44.88 -10.78
CA MET C 357 -17.78 -44.02 -11.34
C MET C 357 -16.76 -43.66 -10.27
N PRO C 358 -15.46 -43.87 -10.57
CA PRO C 358 -14.43 -43.49 -9.61
C PRO C 358 -14.20 -41.98 -9.60
N ASP C 359 -14.26 -41.41 -8.40
CA ASP C 359 -14.12 -39.98 -8.20
C ASP C 359 -12.64 -39.56 -8.08
N THR C 360 -12.34 -38.33 -8.45
CA THR C 360 -10.98 -37.79 -8.41
C THR C 360 -10.94 -36.40 -7.79
N GLY C 361 -9.78 -36.04 -7.23
CA GLY C 361 -9.55 -34.71 -6.70
C GLY C 361 -8.66 -34.68 -5.47
N THR C 362 -8.73 -33.58 -4.76
CA THR C 362 -7.93 -33.34 -3.57
C THR C 362 -8.62 -33.92 -2.36
N ILE C 363 -7.94 -34.82 -1.66
CA ILE C 363 -8.40 -35.29 -0.36
C ILE C 363 -8.03 -34.18 0.63
N ILE C 364 -9.04 -33.63 1.29
CA ILE C 364 -8.79 -32.48 2.16
C ILE C 364 -8.79 -32.85 3.64
N ALA C 365 -9.49 -33.92 3.99
CA ALA C 365 -9.50 -34.44 5.38
C ALA C 365 -9.46 -35.96 5.41
N TYR C 366 -8.54 -36.52 6.19
CA TYR C 366 -8.33 -37.98 6.21
C TYR C 366 -7.96 -38.49 7.60
N ARG C 367 -8.90 -39.14 8.30
CA ARG C 367 -8.66 -39.83 9.58
C ARG C 367 -8.91 -41.32 9.42
N SER C 368 -8.07 -42.15 10.04
CA SER C 368 -8.31 -43.60 9.95
C SER C 368 -8.67 -44.23 11.29
N SER C 369 -9.01 -45.52 11.26
CA SER C 369 -9.39 -46.28 12.44
C SER C 369 -8.15 -46.80 13.20
N GLY C 370 -8.18 -48.08 13.58
CA GLY C 370 -7.21 -48.66 14.51
C GLY C 370 -7.84 -49.32 15.73
N GLY C 371 -7.01 -49.77 16.67
CA GLY C 371 -7.49 -50.47 17.87
C GLY C 371 -7.52 -51.97 17.63
N PHE C 372 -7.86 -52.71 18.67
CA PHE C 372 -7.94 -54.19 18.65
C PHE C 372 -8.70 -54.77 17.44
N GLY C 373 -8.09 -55.77 16.80
CA GLY C 373 -8.72 -56.53 15.71
C GLY C 373 -8.77 -55.86 14.35
N VAL C 374 -8.10 -54.71 14.23
CA VAL C 374 -8.12 -53.86 13.04
C VAL C 374 -6.75 -53.85 12.37
N ARG C 375 -6.73 -53.96 11.05
CA ARG C 375 -5.50 -53.78 10.27
C ARG C 375 -5.77 -52.93 9.03
N LEU C 376 -4.81 -52.05 8.69
CA LEU C 376 -4.94 -51.12 7.58
C LEU C 376 -3.69 -51.18 6.69
N ASP C 377 -3.89 -50.97 5.39
CA ASP C 377 -2.87 -51.16 4.38
C ASP C 377 -2.93 -50.00 3.40
N ALA C 378 -2.14 -48.96 3.67
CA ALA C 378 -2.31 -47.65 3.03
C ALA C 378 -2.03 -47.58 1.52
N GLY C 379 -3.06 -47.27 0.73
CA GLY C 379 -2.93 -47.00 -0.70
C GLY C 379 -2.63 -45.53 -1.00
N ASP C 380 -3.44 -44.91 -1.85
CA ASP C 380 -3.26 -43.51 -2.24
C ASP C 380 -3.84 -42.48 -1.27
N GLY C 381 -4.51 -42.96 -0.21
CA GLY C 381 -5.23 -42.06 0.70
C GLY C 381 -4.43 -41.40 1.81
N PHE C 382 -4.38 -40.07 1.79
CA PHE C 382 -3.84 -39.26 2.87
C PHE C 382 -4.24 -37.80 2.68
N GLN C 383 -4.27 -37.01 3.75
CA GLN C 383 -4.65 -35.60 3.68
C GLN C 383 -3.83 -34.94 2.57
N GLY C 384 -4.49 -34.21 1.67
CA GLY C 384 -3.79 -33.58 0.57
C GLY C 384 -3.73 -34.38 -0.71
N ALA C 385 -3.78 -35.71 -0.62
CA ALA C 385 -3.63 -36.58 -1.79
C ALA C 385 -4.49 -36.18 -2.99
N GLU C 386 -3.83 -36.12 -4.14
CA GLU C 386 -4.50 -35.85 -5.41
C GLU C 386 -4.82 -37.20 -6.03
N ILE C 387 -6.09 -37.53 -6.13
CA ILE C 387 -6.46 -38.85 -6.62
C ILE C 387 -6.38 -38.89 -8.13
N SER C 388 -5.48 -39.73 -8.66
CA SER C 388 -5.22 -39.79 -10.09
C SER C 388 -6.35 -40.47 -10.86
N PRO C 389 -6.69 -39.94 -12.04
CA PRO C 389 -7.69 -40.61 -12.88
C PRO C 389 -7.12 -41.82 -13.62
N TYR C 390 -5.82 -42.11 -13.43
CA TYR C 390 -5.13 -43.12 -14.24
C TYR C 390 -4.82 -44.45 -13.53
N TYR C 391 -5.34 -44.63 -12.31
CA TYR C 391 -5.04 -45.84 -11.52
C TYR C 391 -6.24 -46.37 -10.74
N ASP C 392 -6.19 -47.64 -10.36
CA ASP C 392 -7.06 -48.16 -9.31
C ASP C 392 -7.39 -47.04 -8.35
N SER C 393 -8.64 -46.61 -8.31
CA SER C 393 -9.04 -45.78 -7.18
C SER C 393 -9.06 -46.71 -5.96
N LEU C 394 -8.03 -46.60 -5.14
CA LEU C 394 -7.95 -47.36 -3.89
C LEU C 394 -7.10 -46.60 -2.86
N LEU C 395 -7.77 -46.19 -1.79
CA LEU C 395 -7.18 -45.31 -0.78
C LEU C 395 -6.64 -46.08 0.42
N VAL C 396 -7.43 -47.05 0.91
CA VAL C 396 -7.04 -47.94 2.00
C VAL C 396 -7.72 -49.29 1.91
N LYS C 397 -6.99 -50.31 2.32
CA LYS C 397 -7.56 -51.61 2.55
C LYS C 397 -7.74 -51.73 4.05
N LEU C 398 -9.00 -51.64 4.47
CA LEU C 398 -9.36 -51.89 5.87
C LEU C 398 -9.77 -53.37 6.04
N SER C 399 -9.19 -54.00 7.04
CA SER C 399 -9.35 -55.43 7.27
C SER C 399 -9.58 -55.60 8.75
N THR C 400 -10.33 -56.64 9.11
CA THR C 400 -10.66 -56.92 10.51
C THR C 400 -10.63 -58.42 10.78
N HIS C 401 -10.30 -58.77 12.02
CA HIS C 401 -10.22 -60.16 12.47
C HIS C 401 -10.60 -60.29 13.96
N ALA C 402 -11.49 -61.23 14.28
CA ALA C 402 -11.81 -61.56 15.67
C ALA C 402 -12.24 -63.03 15.79
N ILE C 403 -12.72 -63.45 16.97
CA ILE C 403 -13.06 -64.87 17.22
C ILE C 403 -14.25 -65.31 16.39
N SER C 404 -15.33 -64.53 16.48
CA SER C 404 -16.56 -64.83 15.76
C SER C 404 -16.66 -63.98 14.52
N PHE C 405 -17.45 -64.47 13.56
CA PHE C 405 -17.80 -63.71 12.38
C PHE C 405 -18.42 -62.37 12.79
N LYS C 406 -19.23 -62.40 13.85
CA LYS C 406 -19.91 -61.20 14.37
C LYS C 406 -18.94 -60.14 14.88
N GLN C 407 -18.01 -60.55 15.75
CA GLN C 407 -16.99 -59.68 16.31
C GLN C 407 -16.09 -59.02 15.24
N ALA C 408 -16.17 -59.52 14.01
CA ALA C 408 -15.44 -58.94 12.89
C ALA C 408 -16.37 -58.09 12.04
N GLU C 409 -17.65 -58.45 12.01
CA GLU C 409 -18.66 -57.64 11.35
C GLU C 409 -18.79 -56.33 12.14
N GLU C 410 -19.01 -56.45 13.44
CA GLU C 410 -19.17 -55.30 14.33
C GLU C 410 -17.94 -54.39 14.32
N LYS C 411 -16.75 -54.99 14.28
CA LYS C 411 -15.49 -54.24 14.21
C LYS C 411 -15.29 -53.56 12.85
N MET C 412 -15.66 -54.25 11.77
CA MET C 412 -15.62 -53.63 10.43
C MET C 412 -16.51 -52.40 10.30
N VAL C 413 -17.77 -52.52 10.73
CA VAL C 413 -18.74 -51.46 10.56
C VAL C 413 -18.38 -50.21 11.38
N ARG C 414 -18.05 -50.41 12.66
CA ARG C 414 -17.56 -49.34 13.50
C ARG C 414 -16.38 -48.71 12.78
N SER C 415 -15.39 -49.55 12.43
CA SER C 415 -14.19 -49.11 11.71
C SER C 415 -14.48 -48.28 10.47
N LEU C 416 -15.57 -48.57 9.78
CA LEU C 416 -15.93 -47.83 8.57
C LEU C 416 -16.53 -46.47 8.91
N ARG C 417 -17.35 -46.42 9.95
CA ARG C 417 -17.95 -45.18 10.39
C ARG C 417 -16.89 -44.30 11.05
N GLU C 418 -15.86 -44.91 11.64
CA GLU C 418 -14.82 -44.13 12.29
C GLU C 418 -13.91 -43.52 11.27
N MET C 419 -13.68 -44.25 10.17
CA MET C 419 -12.93 -43.74 9.03
C MET C 419 -13.54 -42.41 8.57
N ARG C 420 -12.68 -41.47 8.22
CA ARG C 420 -13.15 -40.19 7.69
C ARG C 420 -12.36 -39.70 6.49
N ILE C 421 -13.08 -39.40 5.41
CA ILE C 421 -12.49 -38.95 4.15
C ILE C 421 -13.32 -37.82 3.57
N ARG C 422 -12.70 -36.65 3.43
CA ARG C 422 -13.36 -35.50 2.79
C ARG C 422 -12.59 -34.99 1.57
N GLY C 423 -13.32 -34.39 0.63
CA GLY C 423 -12.75 -33.85 -0.60
C GLY C 423 -13.20 -34.64 -1.81
N VAL C 424 -13.00 -35.95 -1.78
CA VAL C 424 -13.52 -36.85 -2.80
C VAL C 424 -14.57 -37.78 -2.21
N LYS C 425 -15.36 -38.44 -3.05
CA LYS C 425 -16.37 -39.42 -2.61
C LYS C 425 -15.72 -40.73 -2.17
N THR C 426 -16.50 -41.67 -1.63
CA THR C 426 -16.01 -43.03 -1.30
C THR C 426 -17.08 -44.12 -1.46
N ASN C 427 -16.71 -45.37 -1.25
CA ASN C 427 -17.67 -46.47 -1.26
C ASN C 427 -18.09 -46.96 0.14
N ILE C 428 -17.47 -46.35 1.16
CA ILE C 428 -17.85 -46.57 2.58
C ILE C 428 -19.36 -46.74 2.86
N PRO C 429 -20.20 -45.72 2.57
CA PRO C 429 -21.61 -45.89 2.91
C PRO C 429 -22.18 -47.19 2.34
N PHE C 430 -21.76 -47.52 1.13
CA PHE C 430 -22.19 -48.75 0.49
C PHE C 430 -21.52 -49.97 1.16
N LEU C 431 -20.27 -49.81 1.61
CA LEU C 431 -19.60 -50.89 2.35
C LEU C 431 -20.29 -51.20 3.68
N ILE C 432 -20.53 -50.17 4.49
CA ILE C 432 -21.32 -50.32 5.72
C ILE C 432 -22.54 -51.20 5.46
N ASN C 433 -23.33 -50.83 4.44
CA ASN C 433 -24.58 -51.51 4.13
C ASN C 433 -24.41 -53.00 3.79
N VAL C 434 -23.22 -53.39 3.35
CA VAL C 434 -22.91 -54.79 3.09
C VAL C 434 -22.63 -55.51 4.39
N MET C 435 -22.08 -54.80 5.38
CA MET C 435 -21.87 -55.38 6.70
C MET C 435 -23.18 -55.47 7.48
N LYS C 436 -23.92 -54.35 7.55
CA LYS C 436 -25.22 -54.28 8.23
C LYS C 436 -26.25 -55.32 7.75
N ASN C 437 -26.04 -55.84 6.53
CA ASN C 437 -27.04 -56.63 5.82
C ASN C 437 -27.31 -58.06 6.31
N LYS C 438 -28.59 -58.48 6.28
CA LYS C 438 -28.97 -59.87 6.56
C LYS C 438 -28.19 -60.85 5.68
N LYS C 439 -28.50 -60.85 4.38
CA LYS C 439 -27.99 -61.82 3.40
C LYS C 439 -26.49 -62.07 3.45
N PHE C 440 -25.74 -61.13 4.01
CA PHE C 440 -24.31 -61.27 4.16
C PHE C 440 -23.93 -61.91 5.50
N THR C 441 -24.55 -61.43 6.57
CA THR C 441 -24.28 -61.91 7.94
C THR C 441 -24.77 -63.35 8.16
N SER C 442 -25.63 -63.85 7.27
CA SER C 442 -25.95 -65.28 7.25
C SER C 442 -24.70 -66.06 6.90
N GLY C 443 -24.00 -65.61 5.86
CA GLY C 443 -22.85 -66.33 5.29
C GLY C 443 -23.23 -67.18 4.07
N ASP C 444 -24.52 -67.41 3.91
CA ASP C 444 -25.04 -68.28 2.85
C ASP C 444 -25.10 -67.63 1.47
N TYR C 445 -24.65 -66.38 1.38
CA TYR C 445 -24.84 -65.56 0.19
C TYR C 445 -24.05 -66.09 -1.00
N THR C 446 -24.50 -65.74 -2.19
CA THR C 446 -23.80 -66.13 -3.42
C THR C 446 -23.37 -64.91 -4.22
N THR C 447 -22.78 -65.14 -5.39
CA THR C 447 -22.24 -64.07 -6.24
C THR C 447 -23.30 -63.06 -6.65
N LYS C 448 -24.52 -63.52 -6.86
CA LYS C 448 -25.64 -62.67 -7.29
C LYS C 448 -26.18 -61.77 -6.16
N PHE C 449 -25.46 -61.73 -5.04
CA PHE C 449 -25.81 -60.93 -3.88
C PHE C 449 -26.12 -59.45 -4.18
N ILE C 450 -25.15 -58.74 -4.76
CA ILE C 450 -25.29 -57.28 -4.97
C ILE C 450 -26.52 -56.87 -5.79
N GLU C 451 -26.74 -57.53 -6.92
CA GLU C 451 -27.91 -57.24 -7.77
C GLU C 451 -29.24 -57.71 -7.17
N GLU C 452 -29.18 -58.70 -6.27
CA GLU C 452 -30.38 -59.24 -5.61
C GLU C 452 -30.81 -58.43 -4.37
N THR C 453 -29.96 -57.51 -3.93
CA THR C 453 -30.22 -56.73 -2.72
C THR C 453 -30.24 -55.23 -3.03
N PRO C 454 -31.42 -54.69 -3.40
CA PRO C 454 -31.54 -53.30 -3.81
C PRO C 454 -31.27 -52.30 -2.69
N GLU C 455 -31.52 -52.68 -1.44
CA GLU C 455 -31.36 -51.78 -0.30
C GLU C 455 -29.91 -51.47 0.08
N LEU C 456 -28.94 -52.12 -0.57
CA LEU C 456 -27.55 -51.77 -0.39
C LEU C 456 -27.25 -50.37 -0.91
N PHE C 457 -28.08 -49.92 -1.85
CA PHE C 457 -27.89 -48.64 -2.53
C PHE C 457 -28.65 -47.51 -1.87
N ASP C 458 -29.49 -47.88 -0.90
CA ASP C 458 -30.25 -46.91 -0.16
C ASP C 458 -29.29 -46.18 0.77
N ILE C 459 -28.79 -45.05 0.30
CA ILE C 459 -27.69 -44.39 0.97
C ILE C 459 -28.09 -43.03 1.53
N GLN C 460 -27.80 -42.86 2.83
CA GLN C 460 -28.02 -41.60 3.54
C GLN C 460 -26.73 -40.78 3.45
N PRO C 461 -26.83 -39.51 2.98
CA PRO C 461 -25.63 -38.66 2.83
C PRO C 461 -25.01 -38.20 4.17
N SER C 462 -23.68 -38.06 4.18
CA SER C 462 -22.99 -37.43 5.30
C SER C 462 -23.50 -36.00 5.42
N LEU C 463 -23.72 -35.53 6.64
CA LEU C 463 -24.14 -34.16 6.83
C LEU C 463 -23.02 -33.20 6.46
N ASP C 464 -21.78 -33.56 6.83
CA ASP C 464 -20.58 -32.82 6.40
C ASP C 464 -20.68 -31.40 6.91
N ARG C 465 -20.93 -31.27 8.21
CA ARG C 465 -21.17 -29.95 8.80
C ARG C 465 -19.85 -29.18 8.97
N GLY C 466 -18.76 -29.92 9.21
CA GLY C 466 -17.44 -29.32 9.34
C GLY C 466 -17.08 -28.54 8.10
N THR C 467 -16.77 -29.24 7.03
CA THR C 467 -16.41 -28.62 5.74
C THR C 467 -17.33 -27.43 5.42
N LYS C 468 -18.65 -27.66 5.44
CA LYS C 468 -19.67 -26.63 5.24
C LYS C 468 -19.48 -25.41 6.13
N THR C 469 -19.21 -25.62 7.42
CA THR C 469 -18.95 -24.48 8.32
C THR C 469 -17.72 -23.70 7.82
N LEU C 470 -16.67 -24.42 7.44
CA LEU C 470 -15.45 -23.79 6.91
C LEU C 470 -15.70 -23.11 5.57
N GLU C 471 -16.64 -23.64 4.79
CA GLU C 471 -16.97 -23.11 3.45
C GLU C 471 -17.61 -21.73 3.54
N TYR C 472 -18.52 -21.55 4.51
CA TYR C 472 -19.30 -20.33 4.62
C TYR C 472 -18.44 -19.24 5.19
N ILE C 473 -17.64 -19.61 6.17
CA ILE C 473 -16.72 -18.68 6.80
C ILE C 473 -15.73 -18.23 5.74
N GLY C 474 -15.36 -19.16 4.86
CA GLY C 474 -14.46 -18.85 3.75
C GLY C 474 -15.03 -17.83 2.80
N ASN C 475 -16.21 -18.14 2.28
CA ASN C 475 -16.86 -17.29 1.30
C ASN C 475 -17.11 -15.88 1.85
N VAL C 476 -17.83 -15.84 2.97
CA VAL C 476 -18.15 -14.57 3.61
C VAL C 476 -16.91 -13.78 4.05
N THR C 477 -15.87 -14.47 4.54
CA THR C 477 -14.64 -13.77 4.90
C THR C 477 -14.06 -12.99 3.72
N ILE C 478 -13.95 -13.64 2.56
CA ILE C 478 -13.32 -12.98 1.42
C ILE C 478 -14.27 -12.05 0.64
N ASN C 479 -15.44 -12.55 0.29
CA ASN C 479 -16.36 -11.83 -0.59
C ASN C 479 -17.44 -11.08 0.18
N GLY C 480 -17.23 -10.91 1.47
CA GLY C 480 -18.14 -10.14 2.31
C GLY C 480 -19.54 -10.69 2.30
N PHE C 481 -20.47 -9.90 2.84
CA PHE C 481 -21.84 -10.33 3.02
C PHE C 481 -22.72 -9.24 2.42
N PRO C 482 -23.94 -9.59 1.96
CA PRO C 482 -24.93 -8.61 1.47
C PRO C 482 -25.37 -7.55 2.50
N ASN C 483 -25.25 -6.29 2.09
CA ASN C 483 -25.62 -5.10 2.90
C ASN C 483 -24.70 -4.84 4.10
N VAL C 484 -23.63 -5.62 4.20
CA VAL C 484 -22.70 -5.53 5.31
C VAL C 484 -21.41 -4.91 4.80
N GLU C 485 -21.13 -3.69 5.27
CA GLU C 485 -19.94 -2.90 4.89
C GLU C 485 -18.66 -3.69 5.14
N LYS C 486 -17.82 -3.77 4.11
CA LYS C 486 -16.59 -4.57 4.13
C LYS C 486 -15.48 -3.98 5.02
N ARG C 487 -15.26 -4.64 6.16
CA ARG C 487 -14.12 -4.41 7.06
C ARG C 487 -13.84 -5.72 7.83
N PRO C 488 -12.73 -5.78 8.60
CA PRO C 488 -12.52 -7.02 9.37
C PRO C 488 -13.51 -7.10 10.52
N LYS C 489 -13.92 -8.32 10.88
CA LYS C 489 -14.88 -8.56 11.96
C LYS C 489 -14.60 -7.68 13.17
N PRO C 490 -15.59 -6.91 13.64
CA PRO C 490 -15.27 -6.06 14.77
C PRO C 490 -15.10 -6.89 16.04
N ASP C 491 -14.52 -6.26 17.05
CA ASP C 491 -14.41 -6.84 18.37
C ASP C 491 -15.61 -6.35 19.19
N TYR C 492 -16.46 -7.25 19.66
CA TYR C 492 -17.63 -6.79 20.41
C TYR C 492 -17.44 -7.06 21.89
N GLU C 493 -18.31 -6.44 22.69
CA GLU C 493 -18.33 -6.66 24.12
C GLU C 493 -18.80 -8.09 24.32
N LEU C 494 -18.15 -8.82 25.23
CA LEU C 494 -18.53 -10.19 25.53
C LEU C 494 -19.93 -10.11 26.13
N ALA C 495 -20.79 -11.09 25.84
CA ALA C 495 -22.18 -10.96 26.31
C ALA C 495 -22.65 -12.11 27.20
N SER C 496 -22.69 -11.85 28.52
CA SER C 496 -23.19 -12.84 29.46
C SER C 496 -24.70 -13.05 29.27
N ILE C 497 -25.10 -14.32 29.24
CA ILE C 497 -26.40 -14.75 28.78
C ILE C 497 -27.20 -15.44 29.88
N PRO C 498 -27.88 -14.66 30.73
CA PRO C 498 -28.64 -15.19 31.86
C PRO C 498 -29.44 -16.46 31.54
N THR C 499 -29.15 -17.52 32.30
CA THR C 499 -29.82 -18.83 32.24
C THR C 499 -30.88 -18.95 33.34
N VAL C 500 -31.93 -19.67 33.01
CA VAL C 500 -32.97 -20.08 33.94
C VAL C 500 -33.20 -21.55 33.55
N SER C 501 -32.98 -22.48 34.47
CA SER C 501 -33.00 -23.93 34.15
C SER C 501 -34.28 -24.41 33.49
N SER C 502 -34.14 -25.30 32.51
CA SER C 502 -35.28 -25.92 31.84
C SER C 502 -36.31 -26.36 32.87
N SER C 503 -35.82 -27.01 33.92
CA SER C 503 -36.62 -27.55 35.03
C SER C 503 -37.54 -26.55 35.75
N LYS C 504 -37.02 -25.36 36.04
CA LYS C 504 -37.84 -24.31 36.64
C LYS C 504 -38.94 -23.84 35.68
N ILE C 505 -38.56 -23.52 34.43
CA ILE C 505 -39.54 -23.15 33.38
C ILE C 505 -40.71 -24.15 33.34
N ALA C 506 -40.38 -25.44 33.40
CA ALA C 506 -41.41 -26.48 33.34
C ALA C 506 -42.48 -26.34 34.45
N SER C 507 -42.17 -25.61 35.51
CA SER C 507 -43.10 -25.46 36.63
C SER C 507 -43.87 -24.16 36.52
N PHE C 508 -43.47 -23.32 35.56
CA PHE C 508 -44.21 -22.11 35.26
C PHE C 508 -45.55 -22.44 34.63
N SER C 509 -46.59 -21.76 35.11
CA SER C 509 -47.91 -21.82 34.50
C SER C 509 -48.29 -20.39 34.20
N GLY C 510 -48.53 -20.09 32.93
CA GLY C 510 -48.87 -18.75 32.47
C GLY C 510 -49.97 -18.76 31.43
N THR C 511 -49.94 -17.81 30.49
CA THR C 511 -51.05 -17.67 29.54
C THR C 511 -51.24 -18.90 28.66
N LYS C 512 -50.14 -19.55 28.29
CA LYS C 512 -50.21 -20.68 27.38
C LYS C 512 -50.96 -21.85 28.00
N GLN C 513 -50.70 -22.10 29.28
CA GLN C 513 -51.34 -23.21 29.98
C GLN C 513 -52.84 -22.90 30.14
N LEU C 514 -53.18 -21.62 30.18
CA LEU C 514 -54.56 -21.19 30.36
C LEU C 514 -55.36 -21.45 29.07
N LEU C 515 -54.69 -21.25 27.94
CA LEU C 515 -55.29 -21.58 26.67
C LEU C 515 -55.57 -23.08 26.57
N ASP C 516 -54.70 -23.91 27.15
CA ASP C 516 -54.99 -25.33 27.20
C ASP C 516 -56.07 -25.65 28.23
N GLU C 517 -56.14 -24.89 29.33
CA GLU C 517 -57.14 -25.15 30.35
C GLU C 517 -58.54 -24.72 29.90
N VAL C 518 -58.78 -23.42 29.75
CA VAL C 518 -60.14 -22.93 29.44
C VAL C 518 -60.42 -22.56 27.98
N GLY C 519 -59.36 -22.39 27.17
CA GLY C 519 -59.51 -22.13 25.74
C GLY C 519 -59.60 -20.67 25.31
N PRO C 520 -59.78 -20.42 24.00
CA PRO C 520 -59.70 -19.06 23.42
C PRO C 520 -60.59 -18.02 24.12
N LYS C 521 -61.92 -18.14 23.99
CA LYS C 521 -62.88 -17.23 24.67
C LYS C 521 -62.69 -17.25 26.18
N GLY C 522 -62.25 -18.40 26.68
CA GLY C 522 -61.84 -18.56 28.08
C GLY C 522 -60.74 -17.60 28.48
N VAL C 523 -59.80 -17.33 27.58
CA VAL C 523 -58.71 -16.43 27.91
C VAL C 523 -59.18 -14.98 27.91
N ALA C 524 -59.92 -14.59 26.87
CA ALA C 524 -60.42 -13.21 26.74
C ALA C 524 -61.21 -12.80 27.98
N GLU C 525 -61.95 -13.74 28.54
CA GLU C 525 -62.63 -13.58 29.81
C GLU C 525 -61.67 -13.27 30.96
N TRP C 526 -60.54 -13.96 30.98
CA TRP C 526 -59.51 -13.70 31.98
C TRP C 526 -58.91 -12.30 31.78
N VAL C 527 -58.40 -12.04 30.59
CA VAL C 527 -57.91 -10.71 30.24
C VAL C 527 -58.84 -9.56 30.71
N LYS C 528 -60.13 -9.85 30.87
CA LYS C 528 -61.05 -8.81 31.29
C LYS C 528 -61.04 -8.60 32.80
N LYS C 529 -60.75 -9.68 33.54
CA LYS C 529 -60.67 -9.68 35.00
C LYS C 529 -59.56 -8.78 35.58
N GLN C 530 -58.33 -8.94 35.13
CA GLN C 530 -57.16 -8.34 35.80
C GLN C 530 -57.16 -6.82 35.82
N ASP C 531 -56.83 -6.25 36.97
CA ASP C 531 -56.73 -4.80 37.11
C ASP C 531 -55.47 -4.28 36.40
N ASP C 532 -54.35 -4.98 36.56
CA ASP C 532 -53.11 -4.60 35.89
C ASP C 532 -53.29 -4.55 34.38
N VAL C 533 -52.31 -3.98 33.70
CA VAL C 533 -52.26 -4.06 32.25
C VAL C 533 -51.33 -5.18 31.90
N LEU C 534 -51.84 -6.17 31.18
CA LEU C 534 -51.02 -7.27 30.71
C LEU C 534 -50.18 -6.71 29.57
N LEU C 535 -49.01 -7.29 29.30
CA LEU C 535 -48.22 -6.81 28.17
C LEU C 535 -47.90 -7.89 27.12
N THR C 536 -47.74 -7.45 25.88
CA THR C 536 -47.18 -8.28 24.83
C THR C 536 -45.77 -7.78 24.54
N ASP C 537 -44.81 -8.66 24.46
CA ASP C 537 -43.50 -8.19 24.10
C ASP C 537 -43.26 -8.39 22.63
N THR C 538 -42.52 -7.46 22.06
CA THR C 538 -42.37 -7.41 20.63
C THR C 538 -40.90 -7.24 20.24
N THR C 539 -40.02 -7.59 21.15
CA THR C 539 -38.58 -7.64 20.91
C THR C 539 -38.23 -8.70 19.86
N PHE C 540 -38.94 -9.84 19.87
CA PHE C 540 -38.65 -10.95 18.97
C PHE C 540 -39.21 -10.84 17.53
N ARG C 541 -39.97 -9.78 17.23
CA ARG C 541 -40.54 -9.67 15.89
C ARG C 541 -40.62 -8.24 15.43
N ASP C 542 -41.54 -7.46 15.99
CA ASP C 542 -41.78 -6.10 15.50
C ASP C 542 -40.71 -5.09 15.89
N ALA C 543 -39.96 -5.39 16.95
CA ALA C 543 -38.96 -4.44 17.45
C ALA C 543 -37.81 -4.33 16.49
N HIS C 544 -37.28 -5.49 16.07
CA HIS C 544 -36.14 -5.47 15.14
C HIS C 544 -36.55 -5.17 13.69
N GLN C 545 -37.83 -5.38 13.37
CA GLN C 545 -38.35 -5.05 12.04
C GLN C 545 -38.38 -3.55 11.79
N SER C 546 -38.58 -2.76 12.84
CA SER C 546 -38.58 -1.32 12.70
C SER C 546 -37.16 -0.80 12.72
N LEU C 547 -36.39 -1.26 13.71
CA LEU C 547 -35.06 -0.73 13.98
C LEU C 547 -33.91 -1.36 13.20
N LEU C 548 -34.03 -2.65 12.87
CA LEU C 548 -32.91 -3.44 12.35
C LEU C 548 -33.27 -4.29 11.12
N ALA C 549 -34.11 -3.75 10.25
CA ALA C 549 -34.45 -4.39 8.97
C ALA C 549 -34.84 -5.85 9.14
N THR C 550 -35.46 -6.15 10.26
CA THR C 550 -35.91 -7.52 10.54
C THR C 550 -34.78 -8.58 10.53
N ARG C 551 -33.52 -8.15 10.58
CA ARG C 551 -32.38 -9.08 10.44
C ARG C 551 -31.96 -9.91 11.68
N VAL C 552 -32.65 -9.73 12.81
CA VAL C 552 -32.32 -10.51 14.01
C VAL C 552 -32.54 -12.01 13.79
N ARG C 553 -31.56 -12.81 14.22
CA ARG C 553 -31.52 -14.25 13.91
C ARG C 553 -32.02 -15.14 15.04
N THR C 554 -32.36 -16.39 14.69
CA THR C 554 -32.83 -17.39 15.67
C THR C 554 -31.87 -17.47 16.86
N LYS C 555 -30.58 -17.64 16.55
CA LYS C 555 -29.50 -17.66 17.53
C LYS C 555 -29.74 -16.65 18.64
N ASP C 556 -29.60 -15.37 18.30
CA ASP C 556 -29.65 -14.30 19.29
C ASP C 556 -30.92 -14.32 20.14
N MET C 557 -31.98 -14.95 19.64
CA MET C 557 -33.23 -15.07 20.40
C MET C 557 -33.20 -16.30 21.30
N ILE C 558 -32.94 -17.45 20.70
CA ILE C 558 -33.00 -18.71 21.44
C ILE C 558 -31.97 -18.75 22.60
N ASN C 559 -30.93 -17.93 22.54
CA ASN C 559 -30.04 -17.79 23.68
C ASN C 559 -30.83 -17.28 24.88
N ILE C 560 -31.34 -16.04 24.85
CA ILE C 560 -32.10 -15.54 26.00
C ILE C 560 -33.48 -16.17 26.21
N ALA C 561 -33.83 -17.18 25.42
CA ALA C 561 -35.19 -17.70 25.43
C ALA C 561 -35.61 -18.12 26.84
N SER C 562 -34.80 -18.98 27.44
CA SER C 562 -35.03 -19.46 28.79
C SER C 562 -35.21 -18.28 29.77
N LYS C 563 -34.40 -17.23 29.63
CA LYS C 563 -34.54 -16.03 30.48
C LYS C 563 -35.81 -15.24 30.19
N THR C 564 -36.17 -15.15 28.91
CA THR C 564 -37.40 -14.45 28.51
C THR C 564 -38.60 -15.25 29.01
N ALA C 565 -38.52 -16.57 28.95
CA ALA C 565 -39.57 -17.36 29.58
C ALA C 565 -39.80 -16.95 31.04
N ASP C 566 -38.71 -16.58 31.73
CA ASP C 566 -38.80 -16.17 33.13
C ASP C 566 -39.37 -14.77 33.22
N VAL C 567 -38.71 -13.86 32.50
CA VAL C 567 -38.98 -12.46 32.66
C VAL C 567 -40.45 -12.19 32.41
N PHE C 568 -40.94 -12.67 31.27
CA PHE C 568 -42.34 -12.49 30.89
C PHE C 568 -43.24 -13.68 31.26
N LYS C 569 -43.10 -14.22 32.45
CA LYS C 569 -43.91 -15.36 32.84
C LYS C 569 -45.36 -14.94 33.10
N ASP C 570 -45.53 -13.75 33.66
CA ASP C 570 -46.85 -13.13 33.86
C ASP C 570 -47.20 -12.26 32.65
N GLY C 571 -46.45 -12.42 31.57
CA GLY C 571 -46.74 -11.76 30.29
C GLY C 571 -47.95 -12.36 29.59
N PHE C 572 -48.53 -11.62 28.65
CA PHE C 572 -49.67 -12.12 27.89
C PHE C 572 -49.21 -12.83 26.63
N SER C 573 -48.38 -12.15 25.86
CA SER C 573 -47.84 -12.75 24.66
C SER C 573 -46.46 -12.24 24.33
N LEU C 574 -45.72 -13.05 23.60
CA LEU C 574 -44.55 -12.60 22.86
C LEU C 574 -44.94 -12.72 21.40
N GLU C 575 -44.77 -11.63 20.67
CA GLU C 575 -44.96 -11.60 19.24
C GLU C 575 -43.61 -11.99 18.66
N MET C 576 -43.54 -13.19 18.11
CA MET C 576 -42.26 -13.71 17.68
C MET C 576 -42.29 -14.21 16.22
N TRP C 577 -43.39 -13.91 15.51
CA TRP C 577 -43.56 -14.44 14.16
C TRP C 577 -44.44 -13.57 13.26
N GLY C 578 -44.52 -13.94 11.99
CA GLY C 578 -45.32 -13.21 11.03
C GLY C 578 -44.68 -11.87 10.78
N GLY C 579 -45.40 -10.96 10.14
CA GLY C 579 -44.81 -9.73 9.62
C GLY C 579 -43.75 -10.08 8.57
N ALA C 580 -42.68 -9.30 8.50
CA ALA C 580 -41.65 -9.56 7.53
C ALA C 580 -40.76 -10.75 7.87
N THR C 581 -40.86 -11.27 9.09
CA THR C 581 -39.88 -12.28 9.57
C THR C 581 -39.83 -13.55 8.75
N PHE C 582 -40.96 -13.92 8.16
CA PHE C 582 -41.08 -15.19 7.44
C PHE C 582 -40.22 -15.16 6.16
N ASP C 583 -40.47 -14.18 5.29
CA ASP C 583 -39.70 -14.07 4.07
C ASP C 583 -38.26 -13.68 4.39
N VAL C 584 -38.06 -12.77 5.33
CA VAL C 584 -36.72 -12.22 5.61
C VAL C 584 -35.76 -13.33 6.03
N ALA C 585 -36.28 -14.27 6.84
CA ALA C 585 -35.51 -15.37 7.40
C ALA C 585 -35.06 -16.35 6.34
N TYR C 586 -35.97 -16.73 5.46
CA TYR C 586 -35.66 -17.63 4.36
C TYR C 586 -34.67 -16.98 3.41
N ASN C 587 -34.94 -15.74 3.05
CA ASN C 587 -34.24 -15.08 1.95
C ASN C 587 -32.90 -14.48 2.37
N PHE C 588 -32.93 -13.55 3.32
CA PHE C 588 -31.71 -12.83 3.69
C PHE C 588 -30.88 -13.55 4.73
N LEU C 589 -31.53 -14.02 5.78
CA LEU C 589 -30.85 -14.74 6.84
C LEU C 589 -30.51 -16.15 6.46
N LYS C 590 -31.19 -16.67 5.43
CA LYS C 590 -31.09 -18.05 4.95
C LYS C 590 -31.37 -19.13 6.02
N GLU C 591 -32.42 -18.90 6.81
CA GLU C 591 -32.81 -19.83 7.89
C GLU C 591 -34.33 -20.11 7.93
N ASN C 592 -34.68 -21.28 8.42
CA ASN C 592 -36.07 -21.72 8.40
C ASN C 592 -36.85 -21.06 9.51
N PRO C 593 -37.80 -20.16 9.18
CA PRO C 593 -38.48 -19.53 10.31
C PRO C 593 -39.25 -20.57 11.15
N TRP C 594 -39.72 -21.65 10.51
CA TRP C 594 -40.42 -22.74 11.22
C TRP C 594 -39.63 -23.33 12.37
N GLU C 595 -38.31 -23.45 12.18
CA GLU C 595 -37.37 -23.86 13.23
C GLU C 595 -37.37 -22.86 14.39
N ARG C 596 -37.26 -21.58 14.08
CA ARG C 596 -37.30 -20.48 15.06
C ARG C 596 -38.58 -20.56 15.88
N LEU C 597 -39.67 -20.81 15.19
CA LEU C 597 -40.92 -21.09 15.82
C LEU C 597 -40.73 -22.27 16.75
N GLU C 598 -40.27 -23.40 16.23
CA GLU C 598 -40.31 -24.61 17.03
C GLU C 598 -39.32 -24.55 18.17
N ARG C 599 -38.05 -24.26 17.87
CA ARG C 599 -37.00 -24.11 18.88
C ARG C 599 -37.40 -23.12 19.97
N LEU C 600 -37.83 -21.93 19.58
CA LEU C 600 -38.30 -20.91 20.52
C LEU C 600 -39.50 -21.35 21.35
N ARG C 601 -40.31 -22.24 20.78
CA ARG C 601 -41.53 -22.76 21.42
C ARG C 601 -41.20 -23.73 22.54
N LYS C 602 -40.18 -24.57 22.35
CA LYS C 602 -39.79 -25.52 23.37
C LYS C 602 -39.20 -24.76 24.55
N ALA C 603 -38.38 -23.77 24.24
CA ALA C 603 -37.75 -22.96 25.27
C ALA C 603 -38.77 -22.14 26.08
N ILE C 604 -39.91 -21.80 25.50
CA ILE C 604 -40.88 -20.96 26.21
C ILE C 604 -42.28 -21.57 26.23
N PRO C 605 -42.45 -22.69 26.95
CA PRO C 605 -43.69 -23.44 26.97
C PRO C 605 -44.78 -22.79 27.79
N ASN C 606 -44.54 -21.58 28.28
CA ASN C 606 -45.38 -20.99 29.31
C ASN C 606 -46.13 -19.73 28.92
N VAL C 607 -45.70 -19.08 27.84
CA VAL C 607 -46.33 -17.83 27.42
C VAL C 607 -46.82 -17.97 26.00
N LEU C 608 -48.04 -17.52 25.77
CA LEU C 608 -48.64 -17.46 24.46
C LEU C 608 -47.71 -16.80 23.49
N PHE C 609 -47.39 -17.50 22.40
CA PHE C 609 -46.71 -16.92 21.23
C PHE C 609 -47.74 -16.27 20.30
N GLN C 610 -47.43 -15.07 19.82
CA GLN C 610 -48.33 -14.33 18.94
C GLN C 610 -47.63 -13.95 17.65
N MET C 611 -48.39 -13.79 16.58
CA MET C 611 -47.85 -13.24 15.33
C MET C 611 -48.83 -12.28 14.67
N LEU C 612 -48.33 -11.57 13.66
CA LEU C 612 -49.14 -10.70 12.86
C LEU C 612 -49.44 -11.42 11.56
N LEU C 613 -50.71 -11.41 11.17
CA LEU C 613 -51.14 -12.10 9.98
C LEU C 613 -52.04 -11.18 9.20
N ARG C 614 -51.76 -11.02 7.90
CA ARG C 614 -52.55 -10.12 7.06
C ARG C 614 -53.74 -10.85 6.43
N ALA C 615 -54.88 -10.14 6.38
CA ALA C 615 -56.14 -10.71 5.92
C ALA C 615 -55.98 -11.46 4.62
N SER C 616 -55.43 -10.77 3.62
CA SER C 616 -55.22 -11.33 2.29
C SER C 616 -54.03 -12.28 2.20
N ASN C 617 -52.87 -11.81 2.66
CA ASN C 617 -51.60 -12.48 2.42
C ASN C 617 -51.24 -13.58 3.39
N ALA C 618 -51.81 -13.52 4.58
CA ALA C 618 -51.26 -14.24 5.71
C ALA C 618 -49.82 -13.76 5.93
N VAL C 619 -48.94 -14.08 4.98
CA VAL C 619 -47.50 -13.87 5.19
C VAL C 619 -46.71 -13.69 3.88
N GLY C 620 -47.40 -13.90 2.75
CA GLY C 620 -46.80 -13.74 1.42
C GLY C 620 -46.75 -12.33 0.84
N TYR C 621 -46.55 -12.26 -0.46
CA TYR C 621 -46.29 -11.03 -1.22
C TYR C 621 -47.35 -10.76 -2.33
N LYS C 622 -47.96 -11.83 -2.82
CA LYS C 622 -49.07 -11.71 -3.75
C LYS C 622 -50.32 -12.29 -3.09
N ASN C 623 -51.47 -12.17 -3.75
CA ASN C 623 -52.69 -12.85 -3.29
C ASN C 623 -52.59 -14.34 -3.60
N TYR C 624 -53.09 -15.15 -2.67
CA TYR C 624 -53.14 -16.61 -2.79
C TYR C 624 -54.59 -17.06 -2.68
N PRO C 625 -54.91 -18.26 -3.20
CA PRO C 625 -56.25 -18.82 -2.98
C PRO C 625 -56.43 -19.17 -1.51
N ASP C 626 -57.68 -19.37 -1.09
CA ASP C 626 -58.04 -19.45 0.33
C ASP C 626 -57.49 -20.69 1.03
N ASN C 627 -57.10 -21.70 0.27
CA ASN C 627 -56.56 -22.92 0.85
C ASN C 627 -55.09 -22.79 1.27
N VAL C 628 -54.53 -21.60 1.06
CA VAL C 628 -53.17 -21.29 1.52
C VAL C 628 -53.24 -20.66 2.91
N ILE C 629 -54.12 -19.68 3.07
CA ILE C 629 -54.36 -19.04 4.35
C ILE C 629 -54.79 -20.10 5.37
N HIS C 630 -55.67 -21.01 4.96
CA HIS C 630 -56.09 -22.11 5.85
C HIS C 630 -54.94 -23.00 6.26
N LYS C 631 -54.24 -23.54 5.26
CA LYS C 631 -53.09 -24.39 5.53
C LYS C 631 -52.07 -23.66 6.41
N PHE C 632 -51.73 -22.43 6.05
CA PHE C 632 -50.75 -21.68 6.84
C PHE C 632 -51.14 -21.56 8.31
N VAL C 633 -52.34 -21.05 8.57
CA VAL C 633 -52.84 -20.96 9.91
C VAL C 633 -52.82 -22.32 10.61
N GLN C 634 -53.37 -23.35 9.94
CA GLN C 634 -53.43 -24.71 10.52
C GLN C 634 -52.08 -25.13 11.07
N GLU C 635 -51.06 -25.06 10.21
CA GLU C 635 -49.70 -25.50 10.52
C GLU C 635 -49.03 -24.55 11.53
N SER C 636 -49.34 -23.26 11.42
CA SER C 636 -48.86 -22.25 12.37
C SER C 636 -49.30 -22.53 13.80
N ALA C 637 -50.57 -22.93 13.94
CA ALA C 637 -51.14 -23.27 15.23
C ALA C 637 -50.60 -24.60 15.77
N LYS C 638 -50.28 -25.53 14.87
CA LYS C 638 -49.64 -26.77 15.30
C LYS C 638 -48.18 -26.54 15.78
N ALA C 639 -47.42 -25.71 15.06
CA ALA C 639 -46.01 -25.54 15.42
C ALA C 639 -45.79 -24.55 16.58
N GLY C 640 -46.90 -23.98 17.08
CA GLY C 640 -46.89 -23.32 18.38
C GLY C 640 -47.37 -21.88 18.47
N ILE C 641 -48.05 -21.41 17.43
CA ILE C 641 -48.59 -20.05 17.42
C ILE C 641 -49.98 -20.04 18.04
N ASP C 642 -50.19 -19.11 18.97
CA ASP C 642 -51.40 -19.10 19.79
C ASP C 642 -52.32 -17.93 19.50
N VAL C 643 -51.75 -16.80 19.12
CA VAL C 643 -52.54 -15.59 18.90
C VAL C 643 -52.25 -15.07 17.51
N PHE C 644 -53.27 -15.07 16.66
CA PHE C 644 -53.14 -14.55 15.31
C PHE C 644 -53.77 -13.18 15.25
N ARG C 645 -52.96 -12.14 15.14
CA ARG C 645 -53.48 -10.80 15.01
C ARG C 645 -53.74 -10.52 13.54
N ILE C 646 -55.01 -10.29 13.22
CA ILE C 646 -55.46 -10.18 11.85
C ILE C 646 -55.77 -8.71 11.50
N PHE C 647 -55.03 -8.18 10.53
CA PHE C 647 -55.25 -6.81 10.04
C PHE C 647 -55.52 -6.80 8.55
N ASP C 648 -56.32 -5.84 8.11
CA ASP C 648 -56.50 -5.60 6.67
C ASP C 648 -55.85 -4.28 6.30
N SER C 649 -55.06 -4.31 5.24
CA SER C 649 -54.40 -3.14 4.73
C SER C 649 -55.33 -1.96 4.47
N LEU C 650 -56.61 -2.21 4.21
CA LEU C 650 -57.57 -1.11 4.09
C LEU C 650 -58.71 -1.11 5.09
N ASN C 651 -58.58 -1.88 6.18
CA ASN C 651 -59.64 -2.06 7.17
C ASN C 651 -60.96 -2.55 6.57
N TRP C 652 -60.84 -3.37 5.53
CA TRP C 652 -61.98 -3.90 4.80
C TRP C 652 -62.43 -5.21 5.43
N VAL C 653 -63.34 -5.10 6.40
CA VAL C 653 -63.74 -6.21 7.26
C VAL C 653 -64.01 -7.49 6.50
N ASP C 654 -64.35 -7.34 5.22
CA ASP C 654 -64.68 -8.46 4.36
C ASP C 654 -63.48 -9.38 4.09
N GLN C 655 -62.33 -8.78 3.76
CA GLN C 655 -61.15 -9.55 3.38
C GLN C 655 -60.60 -10.35 4.55
N MET C 656 -61.10 -10.09 5.76
CA MET C 656 -60.52 -10.70 6.97
C MET C 656 -61.34 -11.83 7.62
N LYS C 657 -62.45 -12.21 6.99
CA LYS C 657 -63.28 -13.30 7.49
C LYS C 657 -62.62 -14.66 7.23
N VAL C 658 -61.69 -14.69 6.28
CA VAL C 658 -61.10 -15.94 5.80
C VAL C 658 -60.07 -16.46 6.77
N ALA C 659 -59.07 -15.63 7.08
CA ALA C 659 -58.09 -15.92 8.15
C ALA C 659 -58.78 -16.32 9.47
N ASN C 660 -59.75 -15.50 9.88
CA ASN C 660 -60.55 -15.77 11.07
C ASN C 660 -60.99 -17.23 11.15
N GLU C 661 -61.78 -17.68 10.18
CA GLU C 661 -62.26 -19.07 10.15
C GLU C 661 -61.15 -20.09 10.37
N ALA C 662 -60.00 -19.87 9.74
CA ALA C 662 -58.89 -20.80 9.88
C ALA C 662 -58.47 -20.84 11.34
N VAL C 663 -58.31 -19.67 11.94
CA VAL C 663 -57.92 -19.57 13.36
C VAL C 663 -58.98 -20.22 14.24
N GLN C 664 -60.26 -19.92 13.95
CA GLN C 664 -61.36 -20.51 14.67
C GLN C 664 -61.25 -22.04 14.61
N GLU C 665 -61.06 -22.56 13.40
CA GLU C 665 -60.90 -24.01 13.17
C GLU C 665 -59.72 -24.58 13.97
N ALA C 666 -58.67 -23.78 14.14
CA ALA C 666 -57.46 -24.22 14.84
C ALA C 666 -57.51 -24.10 16.37
N GLY C 667 -58.67 -23.70 16.90
CA GLY C 667 -58.88 -23.52 18.34
C GLY C 667 -57.92 -22.56 19.03
N LYS C 668 -57.34 -21.64 18.27
CA LYS C 668 -56.42 -20.62 18.81
C LYS C 668 -57.08 -19.24 18.86
N ILE C 669 -56.35 -18.26 19.37
CA ILE C 669 -56.93 -16.96 19.72
C ILE C 669 -56.85 -16.06 18.51
N SER C 670 -57.94 -15.36 18.24
CA SER C 670 -58.14 -14.70 16.96
C SER C 670 -58.51 -13.27 17.18
N GLU C 671 -57.52 -12.42 16.88
CA GLU C 671 -57.50 -11.04 17.29
C GLU C 671 -57.82 -10.11 16.12
N GLY C 672 -58.98 -9.47 16.17
CA GLY C 672 -59.44 -8.65 15.05
C GLY C 672 -58.84 -7.26 15.10
N THR C 673 -58.19 -6.84 14.02
CA THR C 673 -57.42 -5.58 14.05
C THR C 673 -58.08 -4.41 13.34
N ILE C 674 -58.08 -3.27 14.03
CA ILE C 674 -58.50 -2.00 13.49
C ILE C 674 -57.24 -1.19 13.24
N CYS C 675 -57.06 -0.71 12.01
CA CYS C 675 -55.96 0.18 11.73
C CYS C 675 -56.37 1.64 11.99
N TYR C 676 -55.66 2.31 12.90
CA TYR C 676 -55.98 3.70 13.24
C TYR C 676 -55.28 4.72 12.33
N THR C 677 -56.07 5.61 11.72
CA THR C 677 -55.55 6.65 10.84
C THR C 677 -56.29 7.97 11.07
N GLY C 678 -55.65 9.06 10.67
CA GLY C 678 -56.25 10.38 10.79
C GLY C 678 -56.05 10.96 12.15
N ASP C 679 -57.13 11.44 12.76
CA ASP C 679 -57.11 12.00 14.09
C ASP C 679 -58.51 12.35 14.56
N ILE C 680 -59.00 11.63 15.56
CA ILE C 680 -60.35 11.85 16.05
C ILE C 680 -60.45 13.11 16.90
N LEU C 681 -59.33 13.73 17.21
CA LEU C 681 -59.31 14.95 18.00
C LEU C 681 -59.61 16.18 17.16
N ASN C 682 -59.61 15.96 15.84
CA ASN C 682 -59.51 16.98 14.81
C ASN C 682 -60.71 16.91 13.87
N PRO C 683 -61.67 17.83 14.05
CA PRO C 683 -62.85 17.87 13.16
C PRO C 683 -62.46 17.98 11.69
N GLU C 684 -61.44 18.79 11.39
CA GLU C 684 -61.04 19.13 10.01
C GLU C 684 -60.24 18.02 9.35
N ARG C 685 -59.72 17.10 10.15
CA ARG C 685 -58.90 16.03 9.60
C ARG C 685 -59.66 15.20 8.58
N SER C 686 -60.68 14.48 9.02
CA SER C 686 -61.43 13.60 8.13
C SER C 686 -62.89 13.64 8.56
N ASN C 687 -63.77 13.10 7.71
CA ASN C 687 -65.18 12.88 8.08
C ASN C 687 -65.58 11.41 7.85
N ILE C 688 -64.57 10.53 7.87
CA ILE C 688 -64.77 9.09 7.81
C ILE C 688 -64.08 8.43 9.01
N TYR C 689 -62.81 8.75 9.20
CA TYR C 689 -62.04 8.16 10.27
C TYR C 689 -62.31 8.84 11.61
N THR C 690 -63.58 8.79 12.02
CA THR C 690 -64.09 9.38 13.27
C THR C 690 -64.26 8.30 14.33
N LEU C 691 -64.39 8.75 15.58
CA LEU C 691 -64.67 7.85 16.69
C LEU C 691 -65.84 6.93 16.39
N GLU C 692 -66.77 7.43 15.57
CA GLU C 692 -67.96 6.69 15.18
C GLU C 692 -67.63 5.53 14.24
N TYR C 693 -66.64 5.72 13.37
CA TYR C 693 -66.19 4.67 12.44
C TYR C 693 -65.59 3.50 13.22
N TYR C 694 -64.73 3.82 14.18
CA TYR C 694 -64.04 2.84 15.02
C TYR C 694 -65.00 2.00 15.86
N VAL C 695 -66.02 2.66 16.43
CA VAL C 695 -67.06 1.93 17.14
C VAL C 695 -67.76 0.92 16.21
N LYS C 696 -68.35 1.44 15.13
CA LYS C 696 -69.01 0.62 14.11
C LYS C 696 -68.12 -0.55 13.70
N LEU C 697 -66.83 -0.27 13.48
CA LEU C 697 -65.90 -1.30 13.07
C LEU C 697 -65.73 -2.37 14.16
N ALA C 698 -65.52 -1.93 15.39
CA ALA C 698 -65.38 -2.83 16.53
C ALA C 698 -66.59 -3.76 16.72
N LYS C 699 -67.80 -3.19 16.83
CA LYS C 699 -69.00 -4.03 16.92
C LYS C 699 -69.05 -5.09 15.82
N GLU C 700 -68.62 -4.71 14.62
CA GLU C 700 -68.65 -5.60 13.46
C GLU C 700 -67.64 -6.73 13.60
N LEU C 701 -66.43 -6.39 14.06
CA LEU C 701 -65.41 -7.41 14.29
C LEU C 701 -65.82 -8.32 15.44
N GLU C 702 -66.54 -7.75 16.41
CA GLU C 702 -67.05 -8.51 17.54
C GLU C 702 -68.05 -9.50 17.00
N ARG C 703 -69.00 -8.99 16.22
CA ARG C 703 -69.98 -9.81 15.52
C ARG C 703 -69.33 -10.91 14.66
N GLU C 704 -68.26 -10.56 13.93
CA GLU C 704 -67.49 -11.55 13.14
C GLU C 704 -66.92 -12.70 13.99
N GLY C 705 -66.94 -12.52 15.30
CA GLY C 705 -66.56 -13.59 16.24
C GLY C 705 -65.09 -13.64 16.59
N PHE C 706 -64.41 -12.50 16.50
CA PHE C 706 -63.03 -12.43 16.98
C PHE C 706 -63.01 -12.44 18.51
N HIS C 707 -61.94 -12.96 19.08
CA HIS C 707 -61.80 -13.05 20.53
C HIS C 707 -61.26 -11.74 21.13
N ILE C 708 -60.37 -11.06 20.40
CA ILE C 708 -59.75 -9.84 20.92
C ILE C 708 -59.74 -8.73 19.87
N LEU C 709 -60.24 -7.55 20.24
CA LEU C 709 -60.10 -6.37 19.39
C LEU C 709 -58.73 -5.74 19.60
N ALA C 710 -58.02 -5.54 18.50
CA ALA C 710 -56.71 -4.89 18.52
C ALA C 710 -56.78 -3.54 17.82
N ILE C 711 -55.92 -2.62 18.26
CA ILE C 711 -55.70 -1.37 17.54
C ILE C 711 -54.28 -1.37 17.00
N LYS C 712 -54.16 -1.36 15.67
CA LYS C 712 -52.86 -1.18 15.01
C LYS C 712 -52.60 0.32 14.75
N ASP C 713 -51.66 0.87 15.48
CA ASP C 713 -51.27 2.21 15.16
C ASP C 713 -49.92 2.09 14.46
N MET C 714 -49.94 1.73 13.18
CA MET C 714 -48.69 1.46 12.47
C MET C 714 -47.88 2.71 12.17
N ALA C 715 -48.43 3.87 12.45
CA ALA C 715 -47.70 5.11 12.22
C ALA C 715 -47.50 5.92 13.51
N GLY C 716 -48.17 5.49 14.58
CA GLY C 716 -48.10 6.20 15.85
C GLY C 716 -48.81 7.53 15.73
N LEU C 717 -50.06 7.51 15.27
CA LEU C 717 -50.85 8.70 15.09
C LEU C 717 -51.80 8.90 16.25
N LEU C 718 -52.15 7.79 16.88
CA LEU C 718 -52.94 7.82 18.09
C LEU C 718 -52.27 8.65 19.20
N LYS C 719 -52.60 9.94 19.23
CA LYS C 719 -52.09 10.86 20.26
C LYS C 719 -52.67 10.57 21.68
N PRO C 720 -51.95 10.98 22.74
CA PRO C 720 -52.44 10.81 24.12
C PRO C 720 -53.97 10.94 24.35
N LYS C 721 -54.53 12.13 24.21
CA LYS C 721 -55.97 12.28 24.42
C LYS C 721 -56.82 11.38 23.52
N ALA C 722 -56.38 11.19 22.27
CA ALA C 722 -57.08 10.32 21.33
C ALA C 722 -57.13 8.89 21.83
N ALA C 723 -56.13 8.50 22.61
CA ALA C 723 -56.05 7.13 23.11
C ALA C 723 -56.97 6.96 24.33
N TYR C 724 -57.24 8.05 25.04
CA TYR C 724 -58.15 7.96 26.18
C TYR C 724 -59.57 7.90 25.68
N GLU C 725 -59.88 8.76 24.72
CA GLU C 725 -61.23 8.80 24.18
C GLU C 725 -61.57 7.57 23.36
N LEU C 726 -60.68 7.16 22.46
CA LEU C 726 -60.97 6.00 21.63
C LEU C 726 -61.20 4.75 22.47
N ILE C 727 -60.21 4.41 23.29
CA ILE C 727 -60.25 3.21 24.14
C ILE C 727 -61.40 3.30 25.14
N GLY C 728 -61.62 4.50 25.66
CA GLY C 728 -62.73 4.72 26.58
C GLY C 728 -64.08 4.31 26.00
N GLU C 729 -64.31 4.68 24.74
CA GLU C 729 -65.55 4.35 24.05
C GLU C 729 -65.64 2.87 23.77
N LEU C 730 -64.56 2.36 23.19
CA LEU C 730 -64.55 1.01 22.69
C LEU C 730 -64.93 0.03 23.80
N LYS C 731 -64.41 0.25 25.01
CA LYS C 731 -64.77 -0.56 26.19
C LYS C 731 -66.30 -0.67 26.41
N SER C 732 -66.99 0.47 26.51
CA SER C 732 -68.43 0.43 26.72
C SER C 732 -69.19 -0.05 25.50
N ALA C 733 -68.66 0.25 24.31
CA ALA C 733 -69.32 -0.16 23.07
C ALA C 733 -69.24 -1.67 22.85
N VAL C 734 -68.06 -2.24 23.04
CA VAL C 734 -67.91 -3.68 22.82
C VAL C 734 -67.47 -4.44 24.07
N ASP C 735 -67.71 -5.75 24.06
CA ASP C 735 -67.39 -6.62 25.20
C ASP C 735 -66.07 -7.36 25.03
N LEU C 736 -65.31 -6.96 24.01
CA LEU C 736 -64.07 -7.61 23.67
C LEU C 736 -62.97 -6.92 24.46
N PRO C 737 -61.97 -7.69 24.93
CA PRO C 737 -60.80 -7.04 25.52
C PRO C 737 -60.02 -6.29 24.47
N ILE C 738 -59.64 -5.06 24.80
CA ILE C 738 -58.92 -4.23 23.84
C ILE C 738 -57.42 -4.35 24.04
N HIS C 739 -56.71 -4.49 22.92
CA HIS C 739 -55.28 -4.72 22.90
C HIS C 739 -54.71 -3.65 21.98
N LEU C 740 -53.88 -2.77 22.52
CA LEU C 740 -53.41 -1.59 21.76
C LEU C 740 -51.94 -1.66 21.42
N HIS C 741 -51.59 -1.29 20.18
CA HIS C 741 -50.23 -1.45 19.64
C HIS C 741 -49.82 -0.24 18.79
N THR C 742 -48.73 0.43 19.18
CA THR C 742 -48.35 1.67 18.51
C THR C 742 -46.86 1.69 18.09
N HIS C 743 -46.39 2.82 17.57
CA HIS C 743 -44.95 3.03 17.36
C HIS C 743 -44.52 4.38 17.93
N ASP C 744 -43.37 4.41 18.59
CA ASP C 744 -42.95 5.58 19.38
C ASP C 744 -42.34 6.68 18.50
N THR C 745 -42.83 6.75 17.26
CA THR C 745 -42.28 7.69 16.29
C THR C 745 -42.41 9.16 16.65
N SER C 746 -43.47 9.49 17.38
CA SER C 746 -43.66 10.84 17.86
C SER C 746 -42.92 11.12 19.16
N GLY C 747 -42.67 10.06 19.94
CA GLY C 747 -42.01 10.18 21.25
C GLY C 747 -43.02 10.19 22.38
N ASN C 748 -44.29 10.18 22.01
CA ASN C 748 -45.38 10.24 22.97
C ASN C 748 -46.03 8.88 23.13
N GLY C 749 -45.37 7.84 22.62
CA GLY C 749 -45.77 6.46 22.85
C GLY C 749 -46.12 6.08 24.28
N LEU C 750 -45.22 6.39 25.22
CA LEU C 750 -45.48 6.19 26.67
C LEU C 750 -46.65 7.01 27.16
N LEU C 751 -46.64 8.30 26.83
CA LEU C 751 -47.76 9.19 27.12
C LEU C 751 -49.08 8.59 26.60
N THR C 752 -49.01 7.92 25.44
CA THR C 752 -50.18 7.27 24.84
C THR C 752 -50.59 6.03 25.63
N TYR C 753 -49.64 5.18 25.98
CA TYR C 753 -50.00 4.00 26.76
C TYR C 753 -50.64 4.33 28.12
N LYS C 754 -50.15 5.37 28.80
CA LYS C 754 -50.66 5.70 30.13
C LYS C 754 -52.14 6.05 29.98
N GLN C 755 -52.42 6.89 28.98
CA GLN C 755 -53.78 7.32 28.67
C GLN C 755 -54.69 6.15 28.36
N ALA C 756 -54.25 5.24 27.48
CA ALA C 756 -54.96 3.98 27.14
C ALA C 756 -55.30 3.14 28.38
N ILE C 757 -54.32 3.06 29.27
CA ILE C 757 -54.45 2.43 30.57
C ILE C 757 -55.51 3.15 31.45
N ASP C 758 -55.47 4.48 31.46
CA ASP C 758 -56.48 5.27 32.17
C ASP C 758 -57.92 4.97 31.68
N ALA C 759 -58.06 4.48 30.45
CA ALA C 759 -59.37 4.22 29.87
C ALA C 759 -59.78 2.73 29.87
N GLY C 760 -58.98 1.89 30.51
CA GLY C 760 -59.34 0.49 30.74
C GLY C 760 -58.87 -0.53 29.71
N VAL C 761 -57.89 -0.14 28.88
CA VAL C 761 -57.28 -1.06 27.92
C VAL C 761 -56.78 -2.27 28.68
N ASP C 762 -56.83 -3.44 28.04
CA ASP C 762 -56.41 -4.64 28.72
C ASP C 762 -54.97 -5.02 28.45
N ILE C 763 -54.53 -4.91 27.19
CA ILE C 763 -53.16 -5.30 26.82
C ILE C 763 -52.52 -4.26 25.91
N ILE C 764 -51.23 -4.04 26.10
CA ILE C 764 -50.47 -3.20 25.21
C ILE C 764 -49.37 -4.04 24.59
N ASP C 765 -48.65 -3.46 23.63
CA ASP C 765 -47.51 -4.11 23.00
C ASP C 765 -46.29 -3.30 23.35
N THR C 766 -45.29 -3.98 23.90
CA THR C 766 -44.08 -3.31 24.38
C THR C 766 -42.79 -4.00 23.94
N ALA C 767 -41.69 -3.27 24.09
CA ALA C 767 -40.37 -3.77 23.72
C ALA C 767 -39.43 -3.48 24.87
N VAL C 768 -38.30 -4.18 24.87
CA VAL C 768 -37.27 -4.06 25.87
C VAL C 768 -36.53 -2.74 25.65
N ALA C 769 -36.07 -2.10 26.73
CA ALA C 769 -35.61 -0.72 26.67
C ALA C 769 -34.62 -0.47 25.52
N SER C 770 -33.59 -1.33 25.42
CA SER C 770 -32.52 -1.11 24.46
C SER C 770 -32.98 -1.44 23.04
N MET C 771 -34.25 -1.80 22.93
CA MET C 771 -34.82 -2.22 21.66
C MET C 771 -36.14 -1.48 21.42
N SER C 772 -36.23 -0.28 21.99
CA SER C 772 -37.48 0.45 22.05
C SER C 772 -37.34 1.86 21.53
N GLY C 773 -38.49 2.51 21.36
CA GLY C 773 -38.51 3.92 21.03
C GLY C 773 -38.49 4.20 19.54
N LEU C 774 -38.70 5.46 19.20
CA LEU C 774 -38.70 5.89 17.80
C LEU C 774 -39.62 4.99 16.93
N THR C 775 -39.12 4.35 15.89
CA THR C 775 -40.00 3.47 15.11
C THR C 775 -40.35 2.12 15.77
N SER C 776 -39.91 1.89 17.01
CA SER C 776 -40.29 0.68 17.75
C SER C 776 -41.48 0.91 18.72
N GLN C 777 -41.76 -0.08 19.56
CA GLN C 777 -42.72 0.08 20.66
C GLN C 777 -42.23 1.06 21.71
N PRO C 778 -43.17 1.62 22.51
CA PRO C 778 -42.82 2.31 23.74
C PRO C 778 -42.11 1.34 24.68
N SER C 779 -41.08 1.84 25.35
CA SER C 779 -40.23 1.04 26.22
C SER C 779 -40.96 0.53 27.46
N ALA C 780 -41.05 -0.79 27.59
CA ALA C 780 -41.63 -1.39 28.78
C ALA C 780 -40.93 -0.84 30.01
N ASN C 781 -39.61 -0.97 30.04
CA ASN C 781 -38.80 -0.51 31.18
C ASN C 781 -39.22 0.84 31.76
N SER C 782 -39.55 1.78 30.89
CA SER C 782 -40.02 3.09 31.31
C SER C 782 -41.44 3.01 31.83
N LEU C 783 -42.32 2.46 31.01
CA LEU C 783 -43.73 2.30 31.33
C LEU C 783 -43.94 1.75 32.73
N TYR C 784 -43.07 0.84 33.15
CA TYR C 784 -43.14 0.25 34.49
C TYR C 784 -43.05 1.30 35.59
N TYR C 785 -42.01 2.13 35.52
CA TYR C 785 -41.84 3.20 36.49
C TYR C 785 -42.77 4.40 36.25
N ALA C 786 -43.20 4.56 35.00
CA ALA C 786 -44.10 5.64 34.64
C ALA C 786 -45.44 5.52 35.38
N LEU C 787 -45.88 4.29 35.58
CA LEU C 787 -47.17 4.00 36.18
C LEU C 787 -47.14 4.13 37.69
N ASN C 788 -45.93 4.11 38.24
CA ASN C 788 -45.74 4.30 39.67
C ASN C 788 -46.49 5.53 40.19
N GLY C 789 -47.38 5.30 41.16
CA GLY C 789 -48.23 6.37 41.71
C GLY C 789 -49.61 6.47 41.07
N PHE C 790 -49.88 5.61 40.10
CA PHE C 790 -51.17 5.62 39.40
C PHE C 790 -51.96 4.35 39.71
N PRO C 791 -53.30 4.37 39.46
CA PRO C 791 -54.22 3.29 39.83
C PRO C 791 -53.99 1.96 39.14
N ARG C 792 -53.31 1.96 38.00
CA ARG C 792 -53.04 0.69 37.35
C ARG C 792 -51.54 0.47 37.11
N HIS C 793 -51.08 -0.73 37.47
CA HIS C 793 -49.68 -1.14 37.44
C HIS C 793 -49.46 -2.06 36.22
N LEU C 794 -48.21 -2.20 35.80
CA LEU C 794 -47.84 -3.08 34.69
C LEU C 794 -47.42 -4.50 35.16
N ARG C 795 -48.15 -5.53 34.73
CA ARG C 795 -47.87 -6.89 35.18
C ARG C 795 -46.65 -7.44 34.47
N THR C 796 -45.50 -7.34 35.15
CA THR C 796 -44.21 -7.75 34.59
C THR C 796 -43.07 -7.66 35.63
N ASP C 797 -41.87 -8.06 35.21
CA ASP C 797 -40.74 -8.26 36.11
C ASP C 797 -39.62 -7.22 35.85
N ILE C 798 -39.74 -6.10 36.54
CA ILE C 798 -38.76 -5.03 36.57
C ILE C 798 -37.34 -5.40 36.18
N GLU C 799 -36.71 -6.16 37.06
CA GLU C 799 -35.28 -6.33 37.06
C GLU C 799 -34.87 -7.22 35.91
N GLY C 800 -35.67 -8.28 35.71
CA GLY C 800 -35.49 -9.17 34.56
C GLY C 800 -35.46 -8.38 33.28
N MET C 801 -36.23 -7.30 33.23
CA MET C 801 -36.30 -6.50 32.03
C MET C 801 -35.14 -5.54 31.87
N GLU C 802 -34.56 -5.09 32.98
CA GLU C 802 -33.29 -4.41 32.92
C GLU C 802 -32.29 -5.42 32.37
N SER C 803 -32.32 -6.64 32.91
CA SER C 803 -31.38 -7.67 32.50
C SER C 803 -31.56 -8.08 31.04
N LEU C 804 -32.80 -8.26 30.61
CA LEU C 804 -33.09 -8.52 29.20
C LEU C 804 -32.54 -7.41 28.31
N SER C 805 -32.65 -6.17 28.79
CA SER C 805 -32.21 -5.02 28.03
C SER C 805 -30.70 -5.00 27.80
N HIS C 806 -29.92 -5.21 28.86
CA HIS C 806 -28.45 -5.18 28.74
C HIS C 806 -28.01 -6.20 27.74
N TYR C 807 -28.58 -7.39 27.83
CA TYR C 807 -28.38 -8.40 26.81
C TYR C 807 -28.61 -7.79 25.41
N TRP C 808 -29.81 -7.27 25.16
CA TRP C 808 -30.15 -6.76 23.84
C TRP C 808 -29.33 -5.57 23.36
N SER C 809 -28.92 -4.71 24.28
CA SER C 809 -28.08 -3.57 23.99
C SER C 809 -26.72 -3.98 23.39
N THR C 810 -26.26 -5.17 23.77
CA THR C 810 -25.04 -5.73 23.24
C THR C 810 -25.29 -6.40 21.89
N VAL C 811 -26.27 -7.30 21.84
CA VAL C 811 -26.63 -7.98 20.60
C VAL C 811 -26.86 -6.98 19.47
N ARG C 812 -27.66 -5.96 19.76
CA ARG C 812 -27.99 -4.89 18.81
C ARG C 812 -26.76 -4.39 18.09
N THR C 813 -25.62 -4.46 18.76
CA THR C 813 -24.36 -4.07 18.16
C THR C 813 -24.01 -4.91 16.94
N TYR C 814 -24.40 -6.18 16.96
CA TYR C 814 -24.02 -7.09 15.87
C TYR C 814 -24.63 -6.61 14.56
N TYR C 815 -25.75 -5.90 14.67
CA TYR C 815 -26.52 -5.42 13.52
C TYR C 815 -26.33 -3.90 13.22
N SER C 816 -25.15 -3.38 13.54
CA SER C 816 -24.84 -1.97 13.31
C SER C 816 -25.12 -1.59 11.86
N ASP C 817 -24.92 -2.54 10.95
CA ASP C 817 -25.07 -2.29 9.52
C ASP C 817 -26.51 -2.08 9.08
N PHE C 818 -27.47 -2.48 9.92
CA PHE C 818 -28.89 -2.37 9.59
C PHE C 818 -29.66 -1.32 10.39
N GLU C 819 -28.95 -0.41 11.04
CA GLU C 819 -29.56 0.73 11.77
C GLU C 819 -30.32 1.67 10.84
N SER C 820 -31.54 1.99 11.25
CA SER C 820 -32.39 3.03 10.67
C SER C 820 -31.66 4.37 10.64
N ASP C 821 -32.12 5.31 9.81
CA ASP C 821 -31.57 6.68 9.83
C ASP C 821 -32.03 7.44 11.06
N ILE C 822 -33.32 7.29 11.36
CA ILE C 822 -33.97 7.84 12.55
C ILE C 822 -33.08 7.79 13.82
N LYS C 823 -32.62 8.95 14.24
CA LYS C 823 -31.96 9.09 15.53
C LYS C 823 -32.86 9.81 16.53
N SER C 824 -33.90 10.49 16.05
CA SER C 824 -34.74 11.33 16.92
C SER C 824 -36.22 11.35 16.58
N PRO C 825 -37.08 11.68 17.57
CA PRO C 825 -38.51 11.75 17.34
C PRO C 825 -38.86 12.62 16.14
N ASN C 826 -39.91 12.22 15.45
CA ASN C 826 -40.33 12.88 14.24
C ASN C 826 -41.83 13.13 14.37
N THR C 827 -42.22 14.40 14.46
CA THR C 827 -43.64 14.73 14.57
C THR C 827 -44.18 15.28 13.26
N GLU C 828 -43.49 14.97 12.16
CA GLU C 828 -44.06 15.26 10.85
C GLU C 828 -44.92 14.08 10.42
N ILE C 829 -44.81 13.03 11.24
CA ILE C 829 -45.80 11.97 11.36
C ILE C 829 -47.19 12.55 11.17
N TYR C 830 -47.58 13.47 12.04
CA TYR C 830 -48.95 13.98 12.06
C TYR C 830 -49.44 14.65 10.76
N GLN C 831 -48.50 15.00 9.89
CA GLN C 831 -48.85 15.53 8.57
C GLN C 831 -49.01 14.41 7.54
N HIS C 832 -47.91 13.72 7.27
CA HIS C 832 -47.86 12.77 6.17
C HIS C 832 -48.39 11.38 6.51
N GLU C 833 -48.23 10.98 7.77
CA GLU C 833 -48.74 9.69 8.27
C GLU C 833 -48.07 8.46 7.65
N MET C 834 -46.80 8.59 7.26
CA MET C 834 -46.05 7.44 6.79
C MET C 834 -45.92 6.46 7.95
N PRO C 835 -46.26 5.19 7.71
CA PRO C 835 -46.15 4.26 8.78
C PRO C 835 -44.68 3.97 8.99
N GLY C 836 -44.33 3.66 10.24
CA GLY C 836 -42.95 3.48 10.67
C GLY C 836 -42.20 2.69 9.63
N GLY C 837 -40.89 2.68 9.74
CA GLY C 837 -40.07 2.08 8.70
C GLY C 837 -40.15 3.13 7.63
N GLN C 838 -40.85 2.78 6.54
CA GLN C 838 -41.02 3.65 5.37
C GLN C 838 -40.23 4.97 5.35
N TYR C 839 -40.65 5.98 6.09
CA TYR C 839 -40.03 7.31 5.94
C TYR C 839 -38.58 7.21 5.44
N SER C 840 -37.76 6.58 6.26
CA SER C 840 -36.36 6.31 5.95
C SER C 840 -36.24 5.71 4.54
N ASN C 841 -36.83 4.53 4.33
CA ASN C 841 -36.79 3.82 3.05
C ASN C 841 -37.01 4.76 1.88
N LEU C 842 -38.11 5.51 1.96
CA LEU C 842 -38.53 6.42 0.90
C LEU C 842 -37.55 7.57 0.70
N SER C 843 -36.55 7.65 1.56
CA SER C 843 -35.50 8.67 1.45
C SER C 843 -34.21 8.05 0.92
N GLN C 844 -34.01 6.77 1.25
CA GLN C 844 -32.90 5.96 0.77
C GLN C 844 -33.27 5.34 -0.58
N GLN C 845 -34.55 5.41 -0.91
CA GLN C 845 -35.05 5.05 -2.23
C GLN C 845 -35.46 6.31 -2.98
N ALA C 846 -35.45 7.44 -2.29
CA ALA C 846 -35.46 8.73 -2.96
C ALA C 846 -34.02 9.07 -3.31
N LYS C 847 -33.07 8.44 -2.61
CA LYS C 847 -31.64 8.62 -2.85
C LYS C 847 -31.20 8.29 -4.29
N SER C 848 -32.10 7.69 -5.07
CA SER C 848 -31.96 7.59 -6.52
C SER C 848 -32.46 8.94 -7.02
N LEU C 849 -31.82 9.99 -6.51
CA LEU C 849 -32.46 11.28 -6.27
C LEU C 849 -32.76 12.17 -7.49
N GLY C 850 -32.08 13.32 -7.56
CA GLY C 850 -32.59 14.48 -8.30
C GLY C 850 -33.65 15.10 -7.40
N LEU C 851 -33.99 14.37 -6.33
CA LEU C 851 -35.08 14.72 -5.43
C LEU C 851 -34.59 14.86 -3.98
N GLY C 852 -33.28 14.67 -3.80
CA GLY C 852 -32.60 14.90 -2.52
C GLY C 852 -32.79 16.31 -1.97
N GLU C 853 -32.65 17.33 -2.82
CA GLU C 853 -32.99 18.70 -2.42
C GLU C 853 -34.49 19.00 -2.63
N ARG C 854 -35.29 17.95 -2.80
CA ARG C 854 -36.72 18.08 -3.09
C ARG C 854 -37.57 17.13 -2.23
N PHE C 855 -36.96 16.50 -1.23
CA PHE C 855 -37.69 15.62 -0.31
C PHE C 855 -38.78 16.36 0.46
N ASP C 856 -38.60 17.67 0.64
CA ASP C 856 -39.67 18.58 1.06
C ASP C 856 -40.94 18.30 0.26
N GLU C 857 -40.82 18.45 -1.06
CA GLU C 857 -41.94 18.31 -2.00
C GLU C 857 -42.50 16.90 -2.04
N VAL C 858 -41.65 15.91 -1.79
CA VAL C 858 -42.10 14.52 -1.69
C VAL C 858 -42.98 14.40 -0.45
N LYS C 859 -42.39 14.64 0.73
CA LYS C 859 -43.13 14.67 2.02
C LYS C 859 -44.56 15.10 1.78
N ASP C 860 -44.70 16.29 1.21
CA ASP C 860 -45.97 16.96 0.96
C ASP C 860 -46.84 16.22 -0.07
N MET C 861 -46.24 15.83 -1.19
CA MET C 861 -46.92 15.09 -2.23
C MET C 861 -47.44 13.77 -1.66
N TYR C 862 -46.77 13.24 -0.64
CA TYR C 862 -47.26 12.04 0.03
C TYR C 862 -48.63 12.28 0.71
N ARG C 863 -48.79 13.42 1.37
CA ARG C 863 -50.06 13.76 2.02
C ARG C 863 -51.11 14.04 0.96
N ARG C 864 -50.71 14.68 -0.14
CA ARG C 864 -51.63 15.00 -1.23
C ARG C 864 -52.22 13.73 -1.84
N VAL C 865 -51.36 12.78 -2.22
CA VAL C 865 -51.79 11.55 -2.88
C VAL C 865 -52.70 10.69 -2.02
N ASN C 866 -52.60 10.84 -0.68
CA ASN C 866 -53.56 10.19 0.23
C ASN C 866 -55.00 10.69 0.01
N PHE C 867 -55.19 12.01 0.00
CA PHE C 867 -56.50 12.62 -0.27
C PHE C 867 -56.97 12.35 -1.69
N LEU C 868 -56.01 12.27 -2.60
CA LEU C 868 -56.26 11.98 -4.00
C LEU C 868 -56.79 10.55 -4.18
N PHE C 869 -56.16 9.60 -3.49
CA PHE C 869 -56.57 8.20 -3.53
C PHE C 869 -57.81 7.98 -2.66
N GLY C 870 -58.19 9.02 -1.92
CA GLY C 870 -59.44 9.04 -1.18
C GLY C 870 -59.32 9.05 0.34
N ASP C 871 -58.10 9.19 0.85
CA ASP C 871 -57.82 9.10 2.28
C ASP C 871 -57.92 7.64 2.66
N ILE C 872 -56.83 6.89 2.44
CA ILE C 872 -56.76 5.45 2.76
C ILE C 872 -55.88 5.11 3.98
N VAL C 873 -56.15 3.96 4.57
CA VAL C 873 -55.35 3.35 5.59
C VAL C 873 -54.04 2.94 4.97
N LYS C 874 -52.92 3.26 5.61
CA LYS C 874 -51.59 3.02 5.01
C LYS C 874 -50.70 2.11 5.85
N VAL C 875 -50.95 0.81 5.85
CA VAL C 875 -49.95 -0.17 6.26
C VAL C 875 -49.38 -0.85 5.03
N THR C 876 -48.38 -1.69 5.21
CA THR C 876 -47.88 -2.49 4.09
C THR C 876 -49.06 -3.37 3.56
N PRO C 877 -49.29 -3.38 2.23
CA PRO C 877 -48.59 -2.67 1.16
C PRO C 877 -49.15 -1.29 0.79
N SER C 878 -50.28 -0.87 1.37
CA SER C 878 -50.95 0.37 0.96
C SER C 878 -50.10 1.63 1.12
N SER C 879 -49.11 1.57 2.00
CA SER C 879 -48.21 2.70 2.19
C SER C 879 -47.17 2.73 1.08
N LYS C 880 -46.81 1.56 0.57
CA LYS C 880 -45.93 1.42 -0.61
C LYS C 880 -46.54 2.07 -1.83
N VAL C 881 -47.86 1.91 -1.97
CA VAL C 881 -48.62 2.41 -3.12
C VAL C 881 -48.65 3.95 -3.16
N VAL C 882 -49.05 4.53 -2.04
CA VAL C 882 -49.00 5.97 -1.83
C VAL C 882 -47.55 6.44 -1.99
N GLY C 883 -46.61 5.64 -1.48
CA GLY C 883 -45.19 5.93 -1.56
C GLY C 883 -44.74 6.03 -3.01
N ASP C 884 -45.07 5.00 -3.76
CA ASP C 884 -44.80 4.96 -5.18
C ASP C 884 -45.39 6.12 -5.94
N MET C 885 -46.64 6.49 -5.63
CA MET C 885 -47.34 7.49 -6.43
C MET C 885 -46.79 8.88 -6.17
N ALA C 886 -46.51 9.18 -4.90
CA ALA C 886 -45.85 10.42 -4.52
C ALA C 886 -44.53 10.50 -5.28
N LEU C 887 -43.67 9.52 -5.03
CA LEU C 887 -42.35 9.44 -5.65
C LEU C 887 -42.44 9.54 -7.18
N TYR C 888 -43.23 8.67 -7.81
CA TYR C 888 -43.39 8.69 -9.26
C TYR C 888 -43.86 10.06 -9.77
N MET C 889 -44.91 10.59 -9.15
CA MET C 889 -45.44 11.91 -9.50
C MET C 889 -44.35 12.96 -9.40
N VAL C 890 -43.62 12.93 -8.29
CA VAL C 890 -42.58 13.93 -8.01
C VAL C 890 -41.72 14.19 -9.26
N GLN C 891 -41.35 13.11 -9.94
CA GLN C 891 -40.57 13.17 -11.19
C GLN C 891 -41.17 14.12 -12.21
N ASN C 892 -42.44 13.92 -12.51
CA ASN C 892 -43.05 14.52 -13.71
C ASN C 892 -43.87 15.79 -13.45
N ASP C 893 -43.75 16.34 -12.26
CA ASP C 893 -44.42 17.59 -11.88
C ASP C 893 -45.92 17.51 -12.10
N LEU C 894 -46.52 16.46 -11.54
CA LEU C 894 -47.96 16.26 -11.64
C LEU C 894 -48.72 16.96 -10.51
N ASP C 895 -50.00 17.20 -10.74
CA ASP C 895 -50.91 17.81 -9.75
C ASP C 895 -52.08 16.86 -9.49
N GLU C 896 -52.94 17.23 -8.54
CA GLU C 896 -54.24 16.57 -8.37
C GLU C 896 -55.02 16.53 -9.68
N GLN C 897 -54.98 17.66 -10.39
CA GLN C 897 -55.69 17.84 -11.66
C GLN C 897 -54.92 17.14 -12.77
N SER C 898 -53.59 17.31 -12.78
CA SER C 898 -52.73 16.94 -13.90
C SER C 898 -52.53 15.44 -14.13
N VAL C 899 -52.71 14.64 -13.09
CA VAL C 899 -52.64 13.20 -13.26
C VAL C 899 -53.81 12.74 -14.14
N ILE C 900 -54.94 13.43 -14.04
CA ILE C 900 -56.12 13.12 -14.85
C ILE C 900 -55.97 13.68 -16.28
N THR C 901 -56.18 14.99 -16.45
CA THR C 901 -56.18 15.62 -17.78
C THR C 901 -54.81 15.68 -18.48
N ASP C 902 -53.95 14.72 -18.17
CA ASP C 902 -52.68 14.55 -18.85
C ASP C 902 -52.13 13.15 -18.60
N GLY C 903 -52.75 12.43 -17.66
CA GLY C 903 -52.35 11.06 -17.34
C GLY C 903 -52.78 10.07 -18.40
N TYR C 904 -52.36 10.33 -19.63
CA TYR C 904 -52.76 9.52 -20.77
C TYR C 904 -51.48 9.03 -21.44
N LYS C 905 -50.56 9.97 -21.69
CA LYS C 905 -49.19 9.67 -22.07
C LYS C 905 -48.41 9.06 -20.88
N LEU C 906 -48.97 9.18 -19.68
CA LEU C 906 -48.31 8.74 -18.47
C LEU C 906 -48.35 7.22 -18.23
N ASP C 907 -47.18 6.68 -17.88
CA ASP C 907 -47.02 5.27 -17.56
C ASP C 907 -46.86 5.13 -16.05
N PHE C 908 -47.72 4.34 -15.43
CA PHE C 908 -47.76 4.26 -13.98
C PHE C 908 -46.97 3.06 -13.41
N PRO C 909 -46.60 3.13 -12.11
CA PRO C 909 -45.85 2.02 -11.51
C PRO C 909 -46.80 0.88 -11.16
N GLU C 910 -46.29 -0.36 -11.13
CA GLU C 910 -47.14 -1.55 -10.99
C GLU C 910 -48.08 -1.58 -9.78
N SER C 911 -47.61 -1.08 -8.63
CA SER C 911 -48.42 -1.11 -7.40
C SER C 911 -49.68 -0.23 -7.45
N VAL C 912 -49.53 0.94 -8.06
CA VAL C 912 -50.65 1.87 -8.23
C VAL C 912 -51.71 1.29 -9.19
N VAL C 913 -51.28 0.68 -10.29
CA VAL C 913 -52.27 0.05 -11.17
C VAL C 913 -52.90 -1.09 -10.41
N SER C 914 -52.09 -1.84 -9.66
CA SER C 914 -52.57 -2.94 -8.82
C SER C 914 -53.58 -2.45 -7.78
N PHE C 915 -53.29 -1.31 -7.16
CA PHE C 915 -54.22 -0.75 -6.20
C PHE C 915 -55.58 -0.43 -6.83
N PHE C 916 -55.56 0.21 -8.00
CA PHE C 916 -56.82 0.60 -8.65
C PHE C 916 -57.55 -0.57 -9.29
N LYS C 917 -56.83 -1.68 -9.52
CA LYS C 917 -57.38 -2.92 -10.11
C LYS C 917 -58.09 -3.76 -9.03
N GLY C 918 -58.10 -3.22 -7.80
CA GLY C 918 -58.79 -3.80 -6.65
C GLY C 918 -58.05 -4.95 -6.04
N GLU C 919 -56.77 -5.08 -6.38
CA GLU C 919 -55.96 -6.26 -6.03
C GLU C 919 -55.48 -6.28 -4.58
N ILE C 920 -55.77 -5.20 -3.86
CA ILE C 920 -55.35 -5.01 -2.46
C ILE C 920 -56.55 -5.14 -1.54
N GLY C 921 -57.74 -5.05 -2.12
CA GLY C 921 -58.95 -4.95 -1.34
C GLY C 921 -59.64 -3.66 -1.74
N GLN C 922 -60.65 -3.27 -0.98
CA GLN C 922 -61.46 -2.08 -1.32
C GLN C 922 -61.28 -0.97 -0.28
N PRO C 923 -60.89 0.24 -0.74
CA PRO C 923 -60.67 1.37 0.18
C PRO C 923 -61.97 1.91 0.80
N VAL C 924 -61.92 2.24 2.08
CA VAL C 924 -63.10 2.70 2.82
C VAL C 924 -64.06 3.44 1.90
N ASN C 925 -63.51 4.41 1.16
CA ASN C 925 -64.31 5.32 0.33
C ASN C 925 -64.33 5.01 -1.17
N GLY C 926 -64.05 3.74 -1.52
CA GLY C 926 -63.97 3.33 -2.93
C GLY C 926 -62.94 4.10 -3.76
N PHE C 927 -63.00 3.95 -5.08
CA PHE C 927 -62.09 4.62 -5.99
C PHE C 927 -62.82 5.73 -6.73
N ASN C 928 -62.07 6.75 -7.14
CA ASN C 928 -62.57 7.80 -8.04
C ASN C 928 -62.57 7.29 -9.48
N LYS C 929 -63.74 7.28 -10.11
CA LYS C 929 -63.88 6.62 -11.42
C LYS C 929 -62.96 7.19 -12.50
N ASP C 930 -62.70 8.50 -12.42
CA ASP C 930 -61.80 9.17 -13.34
C ASP C 930 -60.38 8.64 -13.16
N LEU C 931 -59.71 9.02 -12.06
CA LEU C 931 -58.34 8.59 -11.78
C LEU C 931 -58.09 7.13 -12.16
N GLN C 932 -59.00 6.26 -11.74
CA GLN C 932 -58.90 4.82 -11.97
C GLN C 932 -58.77 4.55 -13.45
N ALA C 933 -59.62 5.22 -14.23
CA ALA C 933 -59.70 5.02 -15.68
C ALA C 933 -58.37 5.30 -16.36
N VAL C 934 -57.84 6.50 -16.16
CA VAL C 934 -56.55 6.89 -16.75
C VAL C 934 -55.36 6.05 -16.26
N ILE C 935 -55.46 5.52 -15.04
CA ILE C 935 -54.39 4.67 -14.51
C ILE C 935 -54.41 3.29 -15.15
N LEU C 936 -55.51 2.57 -14.96
CA LEU C 936 -55.52 1.13 -15.24
C LEU C 936 -56.00 0.70 -16.63
N LYS C 937 -56.39 1.64 -17.49
CA LYS C 937 -57.04 1.22 -18.72
C LYS C 937 -56.12 0.51 -19.70
N GLY C 938 -56.58 -0.67 -20.10
CA GLY C 938 -55.78 -1.71 -20.75
C GLY C 938 -56.27 -3.08 -20.25
N GLN C 939 -56.35 -3.21 -18.92
CA GLN C 939 -57.00 -4.34 -18.24
C GLN C 939 -58.10 -3.78 -17.31
N GLU C 940 -58.86 -4.66 -16.64
CA GLU C 940 -59.98 -4.18 -15.81
C GLU C 940 -59.94 -4.59 -14.34
N ALA C 941 -60.67 -3.85 -13.51
CA ALA C 941 -60.60 -3.96 -12.05
C ALA C 941 -61.34 -5.16 -11.46
N LEU C 942 -60.95 -5.53 -10.24
CA LEU C 942 -61.66 -6.53 -9.45
C LEU C 942 -62.73 -5.85 -8.60
N THR C 943 -63.88 -6.51 -8.45
CA THR C 943 -64.98 -5.96 -7.65
C THR C 943 -65.03 -6.59 -6.26
N ALA C 944 -64.64 -7.87 -6.19
CA ALA C 944 -64.65 -8.66 -4.94
C ALA C 944 -63.25 -8.89 -4.34
N ARG C 945 -63.18 -9.57 -3.20
CA ARG C 945 -61.86 -9.87 -2.63
C ARG C 945 -61.07 -10.78 -3.59
N PRO C 946 -59.78 -10.45 -3.82
CA PRO C 946 -58.95 -11.13 -4.83
C PRO C 946 -58.98 -12.65 -4.82
N GLY C 947 -59.02 -13.25 -3.62
CA GLY C 947 -59.01 -14.71 -3.46
C GLY C 947 -60.16 -15.50 -4.06
N GLU C 948 -61.35 -14.89 -4.08
CA GLU C 948 -62.56 -15.44 -4.69
C GLU C 948 -62.35 -15.81 -6.16
N TYR C 949 -61.61 -14.96 -6.86
CA TYR C 949 -61.36 -15.14 -8.29
C TYR C 949 -60.50 -16.37 -8.63
N LEU C 950 -59.59 -16.76 -7.73
CA LEU C 950 -58.64 -17.84 -8.00
C LEU C 950 -59.04 -19.18 -7.38
N GLU C 951 -58.80 -20.25 -8.13
CA GLU C 951 -59.18 -21.59 -7.66
C GLU C 951 -58.18 -22.12 -6.63
N PRO C 952 -58.52 -23.26 -5.98
CA PRO C 952 -57.58 -23.75 -4.99
C PRO C 952 -56.25 -24.19 -5.59
N VAL C 953 -55.19 -24.15 -4.78
CA VAL C 953 -53.89 -24.74 -5.11
C VAL C 953 -53.95 -26.23 -4.87
N ASP C 954 -53.31 -27.02 -5.73
CA ASP C 954 -53.25 -28.46 -5.50
C ASP C 954 -51.99 -28.88 -4.74
N PHE C 955 -52.12 -28.95 -3.42
CA PHE C 955 -51.02 -29.29 -2.51
C PHE C 955 -50.41 -30.68 -2.74
N GLU C 956 -51.21 -31.64 -3.21
CA GLU C 956 -50.64 -32.94 -3.56
C GLU C 956 -49.77 -32.82 -4.80
N LYS C 957 -50.28 -32.15 -5.85
CA LYS C 957 -49.49 -31.86 -7.05
C LYS C 957 -48.22 -31.10 -6.67
N VAL C 958 -48.33 -30.24 -5.66
CA VAL C 958 -47.15 -29.60 -5.11
C VAL C 958 -46.23 -30.64 -4.42
N ARG C 959 -46.75 -31.40 -3.46
CA ARG C 959 -45.87 -32.29 -2.67
C ARG C 959 -44.97 -33.16 -3.57
N GLU C 960 -45.52 -33.71 -4.65
CA GLU C 960 -44.72 -34.54 -5.56
C GLU C 960 -43.59 -33.79 -6.25
N LEU C 961 -43.84 -32.54 -6.64
CA LEU C 961 -42.80 -31.69 -7.22
C LEU C 961 -41.61 -31.62 -6.27
N LEU C 962 -41.90 -31.20 -5.04
CA LEU C 962 -40.88 -31.02 -4.02
C LEU C 962 -40.22 -32.33 -3.63
N GLU C 963 -41.00 -33.42 -3.65
CA GLU C 963 -40.48 -34.78 -3.46
C GLU C 963 -39.40 -35.05 -4.52
N GLU C 964 -39.81 -34.99 -5.79
CA GLU C 964 -38.99 -35.31 -6.96
C GLU C 964 -37.73 -34.46 -7.01
N GLU C 965 -37.84 -33.24 -6.50
CA GLU C 965 -36.78 -32.25 -6.58
C GLU C 965 -35.65 -32.51 -5.58
N GLN C 966 -36.03 -32.70 -4.31
CA GLN C 966 -35.04 -32.91 -3.24
C GLN C 966 -35.04 -34.33 -2.67
N GLN C 967 -35.41 -35.29 -3.52
CA GLN C 967 -35.16 -36.73 -3.33
C GLN C 967 -35.60 -37.35 -1.99
N GLY C 968 -36.69 -36.86 -1.40
CA GLY C 968 -37.25 -37.48 -0.18
C GLY C 968 -38.01 -36.62 0.84
N PRO C 969 -37.30 -36.03 1.82
CA PRO C 969 -37.91 -35.60 3.08
C PRO C 969 -38.70 -34.30 3.03
N VAL C 970 -40.00 -34.37 2.72
CA VAL C 970 -40.82 -33.15 2.53
C VAL C 970 -42.18 -33.10 3.28
N THR C 971 -42.37 -32.06 4.08
CA THR C 971 -43.48 -31.95 5.04
C THR C 971 -44.55 -30.94 4.62
N GLU C 972 -45.58 -30.78 5.44
CA GLU C 972 -46.60 -29.76 5.19
C GLU C 972 -45.99 -28.38 5.33
N GLN C 973 -45.03 -28.25 6.25
CA GLN C 973 -44.33 -27.00 6.46
C GLN C 973 -43.65 -26.52 5.18
N ASP C 974 -42.97 -27.42 4.48
CA ASP C 974 -42.32 -27.06 3.21
C ASP C 974 -43.38 -26.68 2.16
N ILE C 975 -44.52 -27.37 2.17
CA ILE C 975 -45.56 -27.17 1.14
C ILE C 975 -46.12 -25.74 1.14
N ILE C 976 -46.69 -25.27 2.25
CA ILE C 976 -47.10 -23.85 2.28
C ILE C 976 -45.96 -22.86 2.07
N SER C 977 -44.76 -23.21 2.54
CA SER C 977 -43.59 -22.32 2.42
C SER C 977 -43.16 -22.19 0.98
N TYR C 978 -43.22 -23.30 0.23
CA TYR C 978 -42.97 -23.26 -1.22
C TYR C 978 -44.02 -22.43 -1.89
N VAL C 979 -45.28 -22.65 -1.50
CA VAL C 979 -46.42 -22.05 -2.17
C VAL C 979 -46.44 -20.55 -1.89
N LEU C 980 -45.93 -20.17 -0.73
CA LEU C 980 -45.98 -18.76 -0.35
C LEU C 980 -44.82 -18.00 -0.90
N TYR C 981 -43.66 -18.65 -1.01
CA TYR C 981 -42.47 -17.99 -1.51
C TYR C 981 -41.70 -18.80 -2.54
N PRO C 982 -42.36 -19.14 -3.67
CA PRO C 982 -41.81 -20.15 -4.58
C PRO C 982 -40.32 -19.99 -4.84
N LYS C 983 -39.89 -18.82 -5.29
CA LYS C 983 -38.47 -18.62 -5.63
C LYS C 983 -37.56 -18.59 -4.39
N VAL C 984 -38.01 -17.90 -3.34
CA VAL C 984 -37.20 -17.75 -2.15
C VAL C 984 -37.04 -19.10 -1.41
N TYR C 985 -38.12 -19.88 -1.35
CA TYR C 985 -38.05 -21.22 -0.78
C TYR C 985 -37.06 -22.08 -1.56
N GLU C 986 -37.29 -22.29 -2.87
CA GLU C 986 -36.35 -23.05 -3.71
C GLU C 986 -34.89 -22.68 -3.42
N GLN C 987 -34.64 -21.40 -3.25
CA GLN C 987 -33.29 -20.85 -2.98
C GLN C 987 -32.72 -21.27 -1.62
N TYR C 988 -33.49 -21.06 -0.55
CA TYR C 988 -33.04 -21.48 0.76
C TYR C 988 -32.65 -22.98 0.74
N ILE C 989 -33.45 -23.79 0.06
CA ILE C 989 -33.17 -25.21 -0.08
C ILE C 989 -31.85 -25.42 -0.82
N GLN C 990 -31.47 -24.43 -1.62
CA GLN C 990 -30.18 -24.46 -2.29
C GLN C 990 -29.05 -24.21 -1.28
N THR C 991 -29.24 -23.23 -0.41
CA THR C 991 -28.23 -22.89 0.60
C THR C 991 -28.06 -23.99 1.67
N ARG C 992 -29.14 -24.69 2.02
CA ARG C 992 -29.06 -25.72 3.03
C ARG C 992 -28.38 -27.02 2.53
N ASN C 993 -28.49 -27.28 1.24
CA ASN C 993 -27.68 -28.34 0.65
C ASN C 993 -26.19 -27.94 0.63
N GLN C 994 -25.93 -26.65 0.47
CA GLN C 994 -24.55 -26.14 0.32
C GLN C 994 -23.84 -25.86 1.63
N TYR C 995 -24.57 -25.33 2.61
CA TYR C 995 -23.94 -24.78 3.78
C TYR C 995 -24.49 -25.35 5.08
N GLY C 996 -25.64 -26.02 5.01
CA GLY C 996 -26.26 -26.61 6.20
C GLY C 996 -26.92 -25.58 7.09
N ASN C 997 -27.25 -25.99 8.32
CA ASN C 997 -28.05 -25.15 9.20
C ASN C 997 -27.25 -23.92 9.65
N LEU C 998 -27.26 -22.89 8.81
CA LEU C 998 -26.50 -21.69 9.09
C LEU C 998 -26.98 -20.97 10.33
N SER C 999 -28.29 -20.97 10.56
CA SER C 999 -28.90 -20.27 11.70
C SER C 999 -28.16 -20.54 13.02
N LEU C 1000 -27.48 -21.69 13.09
CA LEU C 1000 -26.70 -22.12 14.25
C LEU C 1000 -25.43 -21.32 14.55
N LEU C 1001 -24.89 -20.61 13.57
CA LEU C 1001 -23.72 -19.74 13.82
C LEU C 1001 -24.01 -18.59 14.78
N ASP C 1002 -23.00 -18.21 15.56
CA ASP C 1002 -23.05 -16.95 16.27
C ASP C 1002 -23.08 -15.79 15.27
N THR C 1003 -23.95 -14.82 15.50
CA THR C 1003 -24.18 -13.73 14.53
C THR C 1003 -22.93 -12.93 14.03
N PRO C 1004 -21.94 -12.67 14.91
CA PRO C 1004 -20.67 -12.12 14.37
C PRO C 1004 -20.03 -12.95 13.25
N THR C 1005 -19.97 -14.26 13.41
CA THR C 1005 -19.34 -15.12 12.39
C THR C 1005 -20.16 -15.12 11.11
N PHE C 1006 -21.48 -15.18 11.27
CA PHE C 1006 -22.42 -15.16 10.15
C PHE C 1006 -22.09 -14.03 9.19
N PHE C 1007 -22.01 -12.82 9.73
CA PHE C 1007 -21.90 -11.62 8.90
C PHE C 1007 -20.50 -11.34 8.44
N PHE C 1008 -19.51 -11.81 9.19
CA PHE C 1008 -18.16 -11.37 8.91
C PHE C 1008 -17.16 -12.44 8.54
N GLY C 1009 -17.52 -13.70 8.77
CA GLY C 1009 -16.60 -14.82 8.62
C GLY C 1009 -15.60 -14.86 9.76
N MET C 1010 -14.30 -14.81 9.44
CA MET C 1010 -13.25 -14.78 10.45
C MET C 1010 -12.08 -13.84 10.13
N ARG C 1011 -11.30 -13.49 11.14
CA ARG C 1011 -9.97 -12.92 10.91
C ARG C 1011 -8.87 -13.89 11.32
N ASN C 1012 -7.77 -13.86 10.59
CA ASN C 1012 -6.59 -14.67 10.87
C ASN C 1012 -6.13 -14.55 12.34
N GLY C 1013 -5.78 -15.67 12.95
CA GLY C 1013 -5.36 -15.69 14.36
C GLY C 1013 -6.56 -15.63 15.31
N GLU C 1014 -7.75 -15.87 14.76
CA GLU C 1014 -8.97 -15.85 15.55
C GLU C 1014 -9.45 -17.29 15.75
N THR C 1015 -9.99 -17.56 16.94
CA THR C 1015 -10.41 -18.90 17.31
C THR C 1015 -11.87 -18.80 17.70
N VAL C 1016 -12.68 -19.52 16.93
CA VAL C 1016 -14.13 -19.41 17.01
C VAL C 1016 -14.71 -20.79 17.28
N GLU C 1017 -15.90 -20.81 17.91
CA GLU C 1017 -16.58 -22.06 18.22
C GLU C 1017 -17.99 -22.14 17.66
N ILE C 1018 -18.30 -23.26 17.01
CA ILE C 1018 -19.61 -23.44 16.41
C ILE C 1018 -20.29 -24.72 16.89
N GLU C 1019 -21.47 -24.56 17.50
CA GLU C 1019 -22.34 -25.64 17.94
C GLU C 1019 -23.23 -26.12 16.81
N ILE C 1020 -22.86 -27.26 16.23
CA ILE C 1020 -23.64 -27.86 15.17
C ILE C 1020 -24.77 -28.70 15.74
N ASP C 1021 -24.59 -29.19 16.98
CA ASP C 1021 -25.59 -29.93 17.77
C ASP C 1021 -25.16 -29.93 19.24
N LYS C 1022 -26.10 -30.20 20.16
CA LYS C 1022 -25.77 -30.25 21.60
C LYS C 1022 -24.64 -31.25 21.93
N GLY C 1023 -23.46 -30.72 22.22
CA GLY C 1023 -22.31 -31.55 22.52
C GLY C 1023 -21.28 -31.58 21.43
N LYS C 1024 -21.66 -31.16 20.23
CA LYS C 1024 -20.74 -31.13 19.11
C LYS C 1024 -20.43 -29.68 18.75
N ARG C 1025 -19.46 -29.08 19.44
CA ARG C 1025 -18.95 -27.77 19.04
C ARG C 1025 -17.52 -27.84 18.48
N LEU C 1026 -17.32 -27.21 17.32
CA LEU C 1026 -16.06 -27.32 16.58
C LEU C 1026 -15.18 -26.10 16.82
N ILE C 1027 -13.91 -26.33 17.13
CA ILE C 1027 -13.01 -25.23 17.41
C ILE C 1027 -12.14 -24.93 16.18
N ILE C 1028 -12.34 -23.74 15.63
CA ILE C 1028 -11.94 -23.39 14.27
C ILE C 1028 -11.08 -22.14 14.29
N LYS C 1029 -9.81 -22.29 13.93
CA LYS C 1029 -8.88 -21.17 13.85
C LYS C 1029 -8.53 -20.89 12.39
N LEU C 1030 -8.65 -19.63 11.98
CA LEU C 1030 -8.16 -19.21 10.69
C LEU C 1030 -6.72 -18.82 10.94
N GLU C 1031 -5.81 -19.55 10.26
CA GLU C 1031 -4.38 -19.30 10.31
C GLU C 1031 -4.12 -18.11 9.43
N THR C 1032 -4.18 -18.36 8.12
CA THR C 1032 -3.97 -17.32 7.10
C THR C 1032 -4.80 -17.55 5.83
N ILE C 1033 -4.80 -16.55 4.96
CA ILE C 1033 -5.37 -16.66 3.63
C ILE C 1033 -4.28 -16.40 2.59
N SER C 1034 -4.28 -17.21 1.53
CA SER C 1034 -3.28 -17.08 0.48
C SER C 1034 -3.62 -15.92 -0.41
N GLU C 1035 -2.67 -15.58 -1.28
CA GLU C 1035 -2.91 -14.68 -2.39
C GLU C 1035 -3.72 -15.45 -3.44
N PRO C 1036 -4.55 -14.75 -4.25
CA PRO C 1036 -5.42 -15.48 -5.18
C PRO C 1036 -4.57 -16.19 -6.23
N ASP C 1037 -4.78 -17.49 -6.39
CA ASP C 1037 -3.89 -18.31 -7.22
C ASP C 1037 -4.00 -18.01 -8.72
N GLU C 1038 -3.33 -18.84 -9.51
CA GLU C 1038 -3.30 -18.79 -10.97
C GLU C 1038 -4.70 -18.62 -11.56
N ASN C 1039 -5.70 -19.12 -10.85
CA ASN C 1039 -7.07 -19.22 -11.35
C ASN C 1039 -8.10 -18.46 -10.50
N GLY C 1040 -7.65 -17.38 -9.87
CA GLY C 1040 -8.51 -16.54 -9.05
C GLY C 1040 -9.04 -17.21 -7.78
N ASN C 1041 -8.26 -18.15 -7.25
CA ASN C 1041 -8.69 -18.89 -6.08
C ASN C 1041 -7.73 -18.83 -4.91
N ARG C 1042 -8.23 -18.27 -3.82
CA ARG C 1042 -7.48 -18.14 -2.58
C ARG C 1042 -7.61 -19.44 -1.79
N THR C 1043 -6.53 -19.87 -1.14
CA THR C 1043 -6.57 -21.07 -0.32
C THR C 1043 -6.60 -20.70 1.17
N ILE C 1044 -7.63 -21.18 1.88
CA ILE C 1044 -7.80 -20.93 3.30
C ILE C 1044 -7.25 -22.05 4.19
N TYR C 1045 -6.22 -21.72 4.95
CA TYR C 1045 -5.63 -22.60 5.92
C TYR C 1045 -6.32 -22.44 7.28
N TYR C 1046 -7.15 -23.43 7.61
CA TYR C 1046 -7.82 -23.51 8.91
C TYR C 1046 -7.19 -24.55 9.82
N ALA C 1047 -7.69 -24.57 11.07
CA ALA C 1047 -7.52 -25.69 11.98
C ALA C 1047 -8.85 -25.93 12.68
N MET C 1048 -9.37 -27.15 12.53
CA MET C 1048 -10.63 -27.56 13.14
C MET C 1048 -10.42 -28.72 14.10
N ASN C 1049 -10.85 -28.55 15.35
CA ASN C 1049 -10.54 -29.48 16.43
C ASN C 1049 -9.10 -29.98 16.32
N GLY C 1050 -8.15 -29.05 16.32
CA GLY C 1050 -6.71 -29.32 16.17
C GLY C 1050 -6.26 -30.03 14.89
N GLN C 1051 -7.16 -30.13 13.92
CA GLN C 1051 -6.90 -30.81 12.64
C GLN C 1051 -6.78 -29.81 11.53
N ALA C 1052 -5.60 -29.71 10.92
CA ALA C 1052 -5.40 -28.86 9.75
C ALA C 1052 -6.41 -29.19 8.64
N ARG C 1053 -7.00 -28.16 8.05
CA ARG C 1053 -7.96 -28.34 6.97
C ARG C 1053 -7.71 -27.24 5.95
N ARG C 1054 -8.21 -27.42 4.73
CA ARG C 1054 -7.75 -26.63 3.59
C ARG C 1054 -8.88 -26.46 2.57
N ILE C 1055 -9.34 -25.23 2.41
CA ILE C 1055 -10.47 -24.93 1.54
C ILE C 1055 -10.05 -23.93 0.46
N TYR C 1056 -10.57 -24.09 -0.76
CA TYR C 1056 -10.40 -23.08 -1.81
C TYR C 1056 -11.67 -22.24 -2.02
N ILE C 1057 -11.52 -20.91 -2.06
CA ILE C 1057 -12.64 -20.00 -2.41
C ILE C 1057 -12.36 -19.12 -3.62
N LYS C 1058 -13.39 -18.95 -4.44
CA LYS C 1058 -13.38 -18.06 -5.60
C LYS C 1058 -13.65 -16.63 -5.14
N ASP C 1059 -12.77 -15.70 -5.53
CA ASP C 1059 -12.83 -14.32 -5.04
C ASP C 1059 -12.94 -13.31 -6.18
N GLU C 1060 -13.87 -12.37 -6.04
CA GLU C 1060 -14.06 -11.28 -7.02
C GLU C 1060 -13.17 -10.11 -6.69
N ASN C 1061 -11.93 -10.17 -7.19
CA ASN C 1061 -10.98 -9.06 -7.07
C ASN C 1061 -10.42 -8.76 -8.46
N GLN D 3 28.66 53.52 -31.11
CA GLN D 3 29.72 52.53 -30.76
C GLN D 3 29.21 51.38 -29.89
N ILE D 4 28.32 51.67 -28.93
CA ILE D 4 27.85 50.66 -27.95
C ILE D 4 26.90 49.61 -28.54
N LYS D 5 27.37 48.37 -28.56
CA LYS D 5 26.62 47.29 -29.16
C LYS D 5 26.34 46.15 -28.15
N LYS D 6 27.09 46.13 -27.05
CA LYS D 6 26.90 45.12 -26.01
C LYS D 6 27.22 45.67 -24.62
N LEU D 7 26.21 45.64 -23.75
CA LEU D 7 26.26 46.26 -22.43
C LEU D 7 26.27 45.21 -21.33
N LEU D 8 27.36 45.18 -20.55
CA LEU D 8 27.42 44.36 -19.35
C LEU D 8 27.08 45.20 -18.12
N VAL D 9 26.33 44.58 -17.21
CA VAL D 9 26.00 45.18 -15.91
C VAL D 9 26.84 44.51 -14.85
N ALA D 10 27.64 45.28 -14.15
CA ALA D 10 28.44 44.73 -13.08
C ALA D 10 27.69 44.81 -11.76
N ASN D 11 26.43 44.37 -11.80
CA ASN D 11 25.59 44.39 -10.63
C ASN D 11 24.55 43.26 -10.60
N ARG D 12 23.66 43.33 -9.60
CA ARG D 12 22.56 42.39 -9.43
C ARG D 12 21.35 43.16 -8.89
N GLY D 13 20.19 42.52 -8.85
CA GLY D 13 18.96 43.14 -8.36
C GLY D 13 18.55 44.46 -9.00
N GLU D 14 17.71 45.22 -8.30
CA GLU D 14 17.07 46.38 -8.89
C GLU D 14 17.92 47.16 -9.91
N ILE D 15 19.06 47.72 -9.51
CA ILE D 15 19.84 48.58 -10.43
C ILE D 15 20.28 47.87 -11.73
N ALA D 16 20.35 46.54 -11.69
CA ALA D 16 20.64 45.76 -12.89
C ALA D 16 19.41 45.76 -13.80
N ILE D 17 18.22 45.61 -13.20
CA ILE D 17 16.95 45.63 -13.93
C ILE D 17 16.75 46.98 -14.61
N ARG D 18 17.08 48.04 -13.86
CA ARG D 18 16.95 49.41 -14.31
C ARG D 18 17.76 49.62 -15.59
N ILE D 19 19.05 49.31 -15.55
CA ILE D 19 19.94 49.41 -16.71
C ILE D 19 19.38 48.69 -17.93
N PHE D 20 19.04 47.41 -17.73
CA PHE D 20 18.57 46.50 -18.78
C PHE D 20 17.36 47.00 -19.53
N ARG D 21 16.52 47.78 -18.83
CA ARG D 21 15.35 48.40 -19.45
C ARG D 21 15.75 49.62 -20.28
N ALA D 22 16.77 50.35 -19.84
CA ALA D 22 17.26 51.50 -20.58
C ALA D 22 18.10 51.03 -21.75
N ALA D 23 19.04 50.14 -21.48
CA ALA D 23 19.92 49.62 -22.52
C ALA D 23 19.08 49.04 -23.67
N ALA D 24 17.97 48.39 -23.31
CA ALA D 24 17.09 47.72 -24.27
C ALA D 24 16.25 48.67 -25.10
N GLU D 25 15.88 49.83 -24.55
CA GLU D 25 15.15 50.85 -25.31
C GLU D 25 16.04 51.33 -26.44
N LEU D 26 17.35 51.36 -26.17
CA LEU D 26 18.35 51.75 -27.17
C LEU D 26 18.85 50.57 -28.01
N ASP D 27 18.12 49.45 -27.97
CA ASP D 27 18.42 48.26 -28.79
C ASP D 27 19.84 47.71 -28.59
N ILE D 28 20.35 47.83 -27.37
CA ILE D 28 21.63 47.25 -27.00
C ILE D 28 21.42 45.79 -26.61
N SER D 29 22.39 44.93 -26.93
CA SER D 29 22.36 43.54 -26.47
C SER D 29 22.84 43.50 -25.02
N THR D 30 22.08 42.89 -24.13
CA THR D 30 22.35 42.98 -22.69
C THR D 30 22.87 41.69 -22.03
N VAL D 31 23.98 41.81 -21.30
CA VAL D 31 24.57 40.69 -20.56
C VAL D 31 24.53 40.96 -19.06
N ALA D 32 23.99 40.00 -18.29
CA ALA D 32 23.92 40.09 -16.83
C ALA D 32 24.88 39.11 -16.19
N ILE D 33 25.47 39.49 -15.06
CA ILE D 33 26.30 38.54 -14.31
C ILE D 33 25.63 38.17 -13.00
N TYR D 34 25.74 36.90 -12.62
CA TYR D 34 25.10 36.41 -11.41
C TYR D 34 26.05 35.57 -10.56
N SER D 35 25.76 35.55 -9.25
CA SER D 35 26.53 34.78 -8.27
C SER D 35 25.81 33.49 -7.88
N ASN D 36 26.50 32.62 -7.13
CA ASN D 36 25.89 31.37 -6.68
C ASN D 36 24.50 31.60 -6.13
N GLU D 37 24.37 32.51 -5.18
CA GLU D 37 23.10 32.72 -4.48
C GLU D 37 22.01 33.34 -5.36
N ASP D 38 22.41 33.97 -6.46
CA ASP D 38 21.47 34.67 -7.33
C ASP D 38 20.96 33.83 -8.49
N LYS D 39 21.13 32.53 -8.45
CA LYS D 39 20.50 31.66 -9.44
C LYS D 39 19.06 32.14 -9.66
N SER D 40 18.36 32.39 -8.56
CA SER D 40 16.94 32.72 -8.54
C SER D 40 16.62 34.16 -8.94
N SER D 41 17.57 35.07 -8.77
CA SER D 41 17.32 36.51 -8.97
C SER D 41 16.58 36.81 -10.28
N LEU D 42 15.76 37.85 -10.24
CA LEU D 42 15.00 38.28 -11.40
C LEU D 42 15.90 38.81 -12.51
N HIS D 43 17.05 39.39 -12.14
CA HIS D 43 17.88 40.10 -13.11
C HIS D 43 18.57 39.18 -14.13
N ARG D 44 18.90 37.98 -13.69
CA ARG D 44 19.43 36.93 -14.56
C ARG D 44 18.79 36.95 -15.94
N TYR D 45 17.46 36.87 -15.97
CA TYR D 45 16.70 36.74 -17.22
C TYR D 45 15.93 37.99 -17.66
N LYS D 46 16.57 39.15 -17.50
CA LYS D 46 16.08 40.41 -18.03
C LYS D 46 17.19 41.03 -18.87
N ALA D 47 18.17 40.19 -19.20
CA ALA D 47 19.21 40.52 -20.14
C ALA D 47 19.28 39.40 -21.17
N ASP D 48 19.80 39.69 -22.36
CA ASP D 48 19.95 38.69 -23.41
C ASP D 48 20.76 37.48 -22.95
N GLU D 49 21.84 37.75 -22.22
CA GLU D 49 22.77 36.72 -21.78
C GLU D 49 23.08 36.88 -20.28
N SER D 50 23.30 35.76 -19.58
CA SER D 50 23.72 35.77 -18.17
C SER D 50 24.81 34.73 -17.93
N TYR D 51 25.70 35.00 -16.97
CA TYR D 51 26.85 34.12 -16.71
C TYR D 51 27.31 34.01 -15.26
N LEU D 52 27.64 32.79 -14.86
CA LEU D 52 28.24 32.50 -13.56
C LEU D 52 29.68 33.00 -13.56
N VAL D 53 30.00 33.85 -12.59
CA VAL D 53 31.34 34.40 -12.46
C VAL D 53 32.20 33.64 -11.45
N GLY D 54 32.55 32.41 -11.80
CA GLY D 54 33.38 31.56 -10.94
C GLY D 54 32.60 31.07 -9.73
N SER D 55 32.14 29.84 -9.81
CA SER D 55 31.29 29.24 -8.78
C SER D 55 31.96 29.08 -7.40
N ASP D 56 33.26 29.31 -7.34
CA ASP D 56 34.05 29.11 -6.12
C ASP D 56 33.77 30.17 -5.07
N LEU D 57 34.19 31.41 -5.34
CA LEU D 57 34.07 32.53 -4.39
C LEU D 57 32.62 32.90 -4.03
N GLY D 58 32.45 33.33 -2.78
CA GLY D 58 31.14 33.48 -2.13
C GLY D 58 30.18 34.45 -2.78
N PRO D 59 28.95 34.56 -2.23
CA PRO D 59 27.95 35.44 -2.82
C PRO D 59 28.41 36.89 -2.75
N ALA D 60 29.09 37.23 -1.66
CA ALA D 60 29.52 38.59 -1.35
C ALA D 60 30.49 39.17 -2.38
N GLU D 61 31.59 38.47 -2.66
CA GLU D 61 32.64 39.00 -3.56
C GLU D 61 32.50 38.66 -5.04
N SER D 62 31.43 37.96 -5.41
CA SER D 62 31.13 37.65 -6.82
C SER D 62 30.80 38.89 -7.65
N TYR D 63 30.73 40.05 -7.00
CA TYR D 63 30.54 41.31 -7.70
C TYR D 63 31.65 42.28 -7.31
N LEU D 64 32.73 41.74 -6.75
CA LEU D 64 33.83 42.54 -6.24
C LEU D 64 35.17 42.11 -6.81
N ASN D 65 35.16 41.05 -7.60
CA ASN D 65 36.41 40.49 -8.14
C ASN D 65 36.70 41.02 -9.54
N ILE D 66 37.54 42.05 -9.58
CA ILE D 66 37.79 42.83 -10.79
C ILE D 66 38.11 41.95 -11.99
N GLU D 67 39.22 41.22 -11.89
CA GLU D 67 39.77 40.47 -13.04
C GLU D 67 38.87 39.34 -13.50
N ARG D 68 37.78 39.12 -12.78
CA ARG D 68 36.89 38.02 -13.08
C ARG D 68 35.68 38.52 -13.87
N ILE D 69 35.06 39.59 -13.39
CA ILE D 69 33.98 40.28 -14.12
C ILE D 69 34.48 40.67 -15.51
N ILE D 70 35.77 40.92 -15.60
CA ILE D 70 36.40 41.32 -16.85
C ILE D 70 36.36 40.22 -17.88
N ASP D 71 36.51 38.97 -17.44
CA ASP D 71 36.52 37.79 -18.33
C ASP D 71 35.20 37.58 -19.03
N VAL D 72 34.13 37.44 -18.24
CA VAL D 72 32.79 37.32 -18.78
C VAL D 72 32.59 38.39 -19.86
N ALA D 73 32.86 39.64 -19.50
CA ALA D 73 32.71 40.77 -20.43
C ALA D 73 33.41 40.51 -21.76
N LYS D 74 34.70 40.20 -21.71
CA LYS D 74 35.48 39.89 -22.93
C LYS D 74 35.02 38.62 -23.66
N GLN D 75 34.74 37.56 -22.90
CA GLN D 75 34.22 36.29 -23.44
C GLN D 75 32.85 36.45 -24.13
N ALA D 76 32.00 37.33 -23.61
CA ALA D 76 30.71 37.65 -24.25
C ALA D 76 30.80 38.72 -25.35
N ASN D 77 32.02 39.20 -25.64
CA ASN D 77 32.26 40.28 -26.61
C ASN D 77 31.66 41.64 -26.22
N VAL D 78 31.61 41.89 -24.90
CA VAL D 78 31.08 43.12 -24.34
C VAL D 78 32.04 44.29 -24.52
N ASP D 79 31.49 45.42 -24.97
CA ASP D 79 32.29 46.59 -25.31
C ASP D 79 32.16 47.75 -24.30
N ALA D 80 31.34 47.56 -23.27
CA ALA D 80 31.20 48.53 -22.17
C ALA D 80 30.59 47.90 -20.92
N ILE D 81 31.00 48.38 -19.75
CA ILE D 81 30.39 47.93 -18.50
C ILE D 81 29.65 49.08 -17.85
N HIS D 82 28.45 48.80 -17.35
CA HIS D 82 27.76 49.75 -16.47
C HIS D 82 28.01 49.30 -15.04
N PRO D 83 28.58 50.20 -14.22
CA PRO D 83 29.04 49.97 -12.86
C PRO D 83 27.91 49.71 -11.87
N GLY D 84 26.81 50.44 -12.01
CA GLY D 84 25.73 50.41 -11.02
C GLY D 84 26.08 51.35 -9.88
N TYR D 85 25.41 51.17 -8.74
CA TYR D 85 25.82 51.77 -7.48
C TYR D 85 26.30 50.65 -6.58
N GLY D 86 27.14 50.98 -5.61
CA GLY D 86 27.72 49.96 -4.73
C GLY D 86 28.86 49.20 -5.40
N PHE D 87 29.11 47.97 -4.92
CA PHE D 87 30.11 47.08 -5.48
C PHE D 87 31.28 47.79 -6.20
N LEU D 88 31.30 47.73 -7.53
CA LEU D 88 32.32 48.43 -8.32
C LEU D 88 31.67 49.54 -9.16
N SER D 89 31.62 50.74 -8.60
CA SER D 89 30.98 51.89 -9.25
C SER D 89 31.77 53.11 -8.88
N GLU D 90 32.67 52.89 -7.94
CA GLU D 90 33.41 53.93 -7.26
C GLU D 90 34.88 53.48 -7.14
N ASN D 91 35.19 52.34 -7.75
CA ASN D 91 36.53 51.76 -7.65
C ASN D 91 37.49 52.16 -8.78
N GLU D 92 38.71 52.54 -8.39
CA GLU D 92 39.73 52.95 -9.33
C GLU D 92 40.18 51.85 -10.28
N GLN D 93 40.50 50.67 -9.73
CA GLN D 93 41.10 49.60 -10.51
C GLN D 93 40.15 49.11 -11.59
N PHE D 94 38.91 48.82 -11.20
CA PHE D 94 37.92 48.25 -12.11
C PHE D 94 37.65 49.15 -13.33
N ALA D 95 37.65 50.46 -13.13
CA ALA D 95 37.55 51.40 -14.25
C ALA D 95 38.83 51.39 -15.07
N ARG D 96 39.96 51.62 -14.40
CA ARG D 96 41.30 51.63 -15.02
C ARG D 96 41.50 50.46 -15.96
N ARG D 97 41.02 49.29 -15.56
CA ARG D 97 41.27 48.05 -16.29
C ARG D 97 40.36 47.88 -17.50
N CYS D 98 39.09 48.26 -17.35
CA CYS D 98 38.14 48.29 -18.46
C CYS D 98 38.69 48.96 -19.72
N ALA D 99 39.23 50.17 -19.56
CA ALA D 99 39.75 50.97 -20.67
C ALA D 99 41.07 50.41 -21.19
N GLU D 100 41.77 49.68 -20.34
CA GLU D 100 42.98 48.96 -20.74
C GLU D 100 42.62 47.68 -21.51
N GLU D 101 41.32 47.41 -21.63
CA GLU D 101 40.82 46.27 -22.40
C GLU D 101 39.78 46.65 -23.46
N GLY D 102 39.68 47.94 -23.75
CA GLY D 102 38.72 48.44 -24.76
C GLY D 102 37.27 48.32 -24.35
N ILE D 103 37.03 48.35 -23.05
CA ILE D 103 35.68 48.35 -22.49
C ILE D 103 35.52 49.71 -21.82
N LYS D 104 34.48 50.46 -22.20
CA LYS D 104 34.33 51.80 -21.66
C LYS D 104 33.45 51.85 -20.40
N PHE D 105 34.11 51.81 -19.24
CA PHE D 105 33.47 52.04 -17.95
C PHE D 105 32.45 53.18 -18.11
N ILE D 106 31.16 52.86 -17.95
CA ILE D 106 30.10 53.87 -18.14
C ILE D 106 29.98 54.75 -16.90
N GLY D 107 30.92 55.66 -16.77
CA GLY D 107 30.87 56.68 -15.73
C GLY D 107 31.81 57.82 -16.06
N PRO D 108 32.24 58.54 -15.01
CA PRO D 108 33.13 59.67 -15.24
C PRO D 108 34.55 59.15 -15.53
N HIS D 109 35.48 60.06 -15.83
CA HIS D 109 36.85 59.67 -16.12
C HIS D 109 37.53 59.10 -14.87
N LEU D 110 38.69 58.50 -15.08
CA LEU D 110 39.44 57.79 -14.06
C LEU D 110 39.79 58.63 -12.83
N GLU D 111 40.23 59.87 -13.05
CA GLU D 111 40.65 60.71 -11.94
C GLU D 111 39.48 61.39 -11.24
N HIS D 112 38.32 61.39 -11.90
CA HIS D 112 37.08 61.86 -11.27
C HIS D 112 36.80 61.03 -10.04
N LEU D 113 36.89 59.70 -10.19
CA LEU D 113 36.71 58.76 -9.09
C LEU D 113 37.81 58.95 -8.05
N ASP D 114 39.01 59.24 -8.55
CA ASP D 114 40.17 59.44 -7.70
C ASP D 114 39.91 60.50 -6.65
N MET D 115 39.45 61.68 -7.09
CA MET D 115 39.31 62.82 -6.18
C MET D 115 38.12 62.76 -5.24
N PHE D 116 37.21 61.81 -5.45
CA PHE D 116 36.04 61.63 -4.57
C PHE D 116 35.94 60.25 -3.92
N GLY D 117 36.91 59.38 -4.18
CA GLY D 117 36.95 58.06 -3.55
C GLY D 117 37.49 58.08 -2.13
N ASP D 118 37.44 59.25 -1.49
CA ASP D 118 38.15 59.53 -0.25
C ASP D 118 37.56 60.78 0.43
N LYS D 119 37.45 60.76 1.76
CA LYS D 119 36.97 61.92 2.53
C LYS D 119 37.98 63.07 2.50
N VAL D 120 39.24 62.74 2.82
CA VAL D 120 40.33 63.71 2.91
C VAL D 120 40.59 64.40 1.56
N LYS D 121 40.67 63.61 0.49
CA LYS D 121 40.94 64.13 -0.85
C LYS D 121 39.78 64.96 -1.39
N ALA D 122 38.54 64.47 -1.21
CA ALA D 122 37.35 65.20 -1.65
C ALA D 122 37.21 66.55 -0.94
N ARG D 123 37.45 66.56 0.37
CA ARG D 123 37.35 67.77 1.20
C ARG D 123 38.32 68.87 0.75
N THR D 124 39.32 68.47 -0.03
CA THR D 124 40.31 69.39 -0.56
C THR D 124 39.93 69.81 -1.98
N THR D 125 39.46 68.84 -2.76
CA THR D 125 38.95 69.09 -4.11
C THR D 125 37.90 70.20 -4.05
N ALA D 126 37.10 70.18 -2.98
CA ALA D 126 36.07 71.19 -2.73
C ALA D 126 36.67 72.56 -2.38
N ILE D 127 37.65 72.58 -1.48
CA ILE D 127 38.27 73.83 -1.04
C ILE D 127 39.02 74.50 -2.19
N LYS D 128 39.67 73.69 -3.02
CA LYS D 128 40.32 74.16 -4.25
C LYS D 128 39.29 74.74 -5.23
N ALA D 129 38.09 74.17 -5.22
CA ALA D 129 36.98 74.64 -6.06
C ALA D 129 36.00 75.51 -5.27
N ASP D 130 36.52 76.24 -4.28
CA ASP D 130 35.81 77.29 -3.52
C ASP D 130 34.36 76.97 -3.11
N LEU D 131 34.21 75.89 -2.33
CA LEU D 131 32.94 75.50 -1.74
C LEU D 131 33.12 75.36 -0.23
N PRO D 132 32.16 75.87 0.56
CA PRO D 132 32.25 75.85 2.03
C PRO D 132 32.24 74.43 2.64
N VAL D 133 32.80 74.28 3.84
CA VAL D 133 32.88 72.97 4.53
C VAL D 133 32.97 72.99 6.07
N ILE D 134 33.39 74.12 6.63
CA ILE D 134 33.99 74.19 8.00
C ILE D 134 33.31 73.41 9.16
N PRO D 135 34.13 72.94 10.14
CA PRO D 135 33.74 72.41 11.47
C PRO D 135 32.57 73.13 12.20
N ILE D 206 27.25 71.74 13.52
CA ILE D 206 25.97 71.94 12.85
C ILE D 206 24.82 71.49 13.73
N ASP D 207 23.59 71.91 13.39
CA ASP D 207 22.42 71.55 14.17
C ASP D 207 21.15 71.61 13.33
N ASN D 208 20.24 70.66 13.56
CA ASN D 208 19.01 70.53 12.78
C ASN D 208 19.25 70.67 11.25
N PRO D 209 20.30 70.00 10.73
CA PRO D 209 20.61 70.27 9.34
C PRO D 209 19.77 69.42 8.40
N LYS D 210 19.62 69.89 7.17
CA LYS D 210 18.95 69.10 6.15
C LYS D 210 20.00 68.49 5.21
N HIS D 211 19.82 67.20 4.92
CA HIS D 211 20.62 66.53 3.92
C HIS D 211 19.97 66.78 2.58
N ILE D 212 20.64 67.56 1.72
CA ILE D 212 20.08 67.92 0.42
C ILE D 212 21.13 67.69 -0.65
N GLU D 213 20.83 66.81 -1.61
CA GLU D 213 21.77 66.50 -2.69
C GLU D 213 21.29 66.98 -4.06
N VAL D 214 22.22 67.37 -4.93
CA VAL D 214 21.91 67.88 -6.28
C VAL D 214 22.45 66.95 -7.36
N GLN D 215 21.58 66.48 -8.25
CA GLN D 215 22.00 65.56 -9.32
C GLN D 215 22.48 66.35 -10.53
N VAL D 216 23.67 65.98 -10.99
CA VAL D 216 24.37 66.62 -12.12
C VAL D 216 24.72 65.58 -13.19
N ILE D 217 24.47 65.92 -14.46
CA ILE D 217 24.93 65.11 -15.60
C ILE D 217 25.72 65.96 -16.60
N GLY D 218 26.96 65.56 -16.83
CA GLY D 218 27.81 66.20 -17.83
C GLY D 218 28.20 65.21 -18.89
N ASP D 219 28.47 65.69 -20.10
CA ASP D 219 28.86 64.78 -21.18
C ASP D 219 30.36 64.88 -21.50
N GLU D 220 30.75 64.36 -22.66
CA GLU D 220 32.16 64.37 -23.01
C GLU D 220 32.42 65.40 -24.12
N HIS D 221 31.76 66.55 -23.99
CA HIS D 221 31.85 67.65 -24.96
C HIS D 221 31.77 69.06 -24.36
N GLY D 222 32.03 69.20 -23.06
CA GLY D 222 31.96 70.51 -22.40
C GLY D 222 30.67 70.86 -21.65
N ASN D 223 29.52 70.54 -22.22
CA ASN D 223 28.22 70.89 -21.62
C ASN D 223 27.96 70.08 -20.35
N ILE D 224 27.31 70.72 -19.37
CA ILE D 224 26.85 70.08 -18.10
C ILE D 224 25.57 70.78 -17.64
N VAL D 225 24.61 69.99 -17.16
CA VAL D 225 23.34 70.51 -16.60
C VAL D 225 23.00 69.83 -15.27
N HIS D 226 22.19 70.50 -14.45
CA HIS D 226 21.64 69.88 -13.22
C HIS D 226 20.16 69.58 -13.34
N LEU D 227 19.75 68.45 -12.75
CA LEU D 227 18.36 68.04 -12.72
C LEU D 227 17.73 68.29 -11.34
N PHE D 228 18.13 69.41 -10.74
CA PHE D 228 17.67 69.86 -9.42
C PHE D 228 18.10 68.93 -8.28
N GLU D 229 17.34 68.96 -7.19
CA GLU D 229 17.83 68.41 -5.93
C GLU D 229 16.87 67.41 -5.26
N ARG D 230 17.36 66.72 -4.24
CA ARG D 230 16.56 65.75 -3.53
C ARG D 230 16.73 65.91 -2.04
N ASP D 231 15.62 65.81 -1.31
CA ASP D 231 15.64 65.91 0.13
C ASP D 231 15.80 64.51 0.72
N CYS D 232 16.92 64.29 1.40
CA CYS D 232 17.23 62.97 1.95
C CYS D 232 17.32 63.07 3.46
N SER D 233 16.58 64.02 4.05
CA SER D 233 16.68 64.28 5.47
C SER D 233 15.94 63.23 6.30
N VAL D 234 15.06 62.45 5.66
CA VAL D 234 14.41 61.31 6.34
C VAL D 234 15.39 60.14 6.42
N GLN D 235 16.15 60.11 7.50
CA GLN D 235 17.16 59.09 7.72
C GLN D 235 17.18 58.60 9.16
N ARG D 236 17.58 57.34 9.34
CA ARG D 236 17.48 56.67 10.63
C ARG D 236 18.72 56.80 11.50
N ARG D 237 19.87 56.42 10.94
CA ARG D 237 21.16 56.41 11.64
C ARG D 237 22.27 56.48 10.60
N HIS D 238 22.55 55.34 9.97
CA HIS D 238 23.58 55.26 8.92
C HIS D 238 23.00 54.97 7.53
N GLN D 239 21.82 55.52 7.24
CA GLN D 239 21.16 55.35 5.95
C GLN D 239 19.94 56.24 5.79
N LYS D 240 19.59 56.53 4.54
CA LYS D 240 18.35 57.21 4.16
C LYS D 240 17.20 56.19 4.11
N VAL D 241 16.00 56.61 4.54
CA VAL D 241 14.80 55.78 4.46
C VAL D 241 13.83 56.29 3.40
N VAL D 242 13.60 57.61 3.43
CA VAL D 242 12.66 58.31 2.53
C VAL D 242 13.28 59.58 1.93
N GLU D 243 13.14 59.71 0.61
CA GLU D 243 13.64 60.86 -0.11
C GLU D 243 12.50 61.53 -0.85
N VAL D 244 12.54 62.86 -0.91
CA VAL D 244 11.55 63.63 -1.65
C VAL D 244 12.29 64.50 -2.65
N ALA D 245 11.73 64.62 -3.86
CA ALA D 245 12.27 65.52 -4.88
C ALA D 245 11.17 66.37 -5.55
N PRO D 246 11.35 67.71 -5.60
CA PRO D 246 12.39 68.46 -4.93
C PRO D 246 12.04 68.65 -3.46
N SER D 247 12.98 69.13 -2.66
CA SER D 247 12.73 69.37 -1.26
C SER D 247 11.58 70.35 -1.06
N VAL D 248 10.70 70.04 -0.11
CA VAL D 248 9.68 71.00 0.36
C VAL D 248 10.30 71.85 1.49
N GLY D 249 9.85 73.09 1.64
CA GLY D 249 10.33 73.90 2.78
C GLY D 249 11.68 74.61 2.58
N LEU D 250 12.34 74.31 1.47
CA LEU D 250 13.43 75.16 1.02
C LEU D 250 12.91 76.29 0.12
N SER D 251 13.44 77.48 0.36
CA SER D 251 13.02 78.69 -0.33
C SER D 251 13.57 78.74 -1.76
N PRO D 252 13.15 79.74 -2.57
CA PRO D 252 13.58 79.84 -3.99
C PRO D 252 15.08 80.08 -4.17
N THR D 253 15.59 81.17 -3.60
CA THR D 253 17.01 81.50 -3.70
C THR D 253 17.91 80.38 -3.18
N LEU D 254 17.39 79.56 -2.26
CA LEU D 254 18.23 78.63 -1.52
C LEU D 254 18.57 77.36 -2.28
N ARG D 255 17.59 76.73 -2.93
CA ARG D 255 17.91 75.61 -3.82
C ARG D 255 18.68 76.09 -5.03
N GLN D 256 18.28 77.24 -5.55
CA GLN D 256 19.06 77.90 -6.58
C GLN D 256 20.54 78.07 -6.21
N ARG D 257 20.82 78.74 -5.10
CA ARG D 257 22.20 78.98 -4.67
C ARG D 257 22.95 77.67 -4.51
N ILE D 258 22.27 76.69 -3.87
CA ILE D 258 22.83 75.34 -3.70
C ILE D 258 23.12 74.69 -5.05
N CYS D 259 22.15 74.69 -5.95
CA CYS D 259 22.31 74.13 -7.31
C CYS D 259 23.43 74.80 -8.12
N ASP D 260 23.56 76.11 -8.01
CA ASP D 260 24.67 76.84 -8.64
C ASP D 260 26.03 76.37 -8.09
N ALA D 261 26.11 76.22 -6.77
CA ALA D 261 27.29 75.67 -6.11
C ALA D 261 27.58 74.22 -6.58
N ALA D 262 26.54 73.46 -6.86
CA ALA D 262 26.72 72.14 -7.44
C ALA D 262 27.32 72.26 -8.86
N ILE D 263 26.68 73.08 -9.69
CA ILE D 263 27.22 73.41 -11.01
C ILE D 263 28.69 73.83 -10.89
N GLN D 264 28.96 74.79 -10.00
CA GLN D 264 30.28 75.36 -9.75
C GLN D 264 31.42 74.36 -9.65
N LEU D 265 31.14 73.22 -8.99
CA LEU D 265 32.16 72.22 -8.68
C LEU D 265 32.47 71.30 -9.85
N MET D 266 31.41 70.74 -10.43
CA MET D 266 31.52 69.86 -11.58
C MET D 266 31.88 70.66 -12.85
N GLU D 267 31.62 71.97 -12.85
CA GLU D 267 32.11 72.83 -13.91
C GLU D 267 33.57 73.20 -13.66
N ASN D 268 34.01 73.12 -12.41
CA ASN D 268 35.39 73.37 -12.04
C ASN D 268 36.34 72.24 -12.44
N ILE D 269 35.89 71.00 -12.27
CA ILE D 269 36.71 69.83 -12.59
C ILE D 269 36.23 69.09 -13.83
N LYS D 270 35.51 69.80 -14.71
CA LYS D 270 34.98 69.22 -15.96
C LYS D 270 34.46 67.78 -15.75
N TYR D 271 33.45 67.61 -14.90
CA TYR D 271 32.89 66.29 -14.61
C TYR D 271 32.24 65.68 -15.86
N VAL D 272 32.19 64.34 -15.92
CA VAL D 272 31.55 63.63 -17.04
C VAL D 272 30.49 62.66 -16.51
N ASN D 273 29.39 62.51 -17.25
CA ASN D 273 28.31 61.56 -16.92
C ASN D 273 27.53 61.96 -15.65
N ALA D 274 27.01 60.97 -14.93
CA ALA D 274 26.07 61.21 -13.85
C ALA D 274 26.76 61.16 -12.50
N GLY D 275 26.64 62.23 -11.74
CA GLY D 275 27.22 62.36 -10.42
C GLY D 275 26.34 63.17 -9.50
N THR D 276 26.71 63.23 -8.22
CA THR D 276 25.88 63.89 -7.22
C THR D 276 26.69 64.63 -6.18
N VAL D 277 26.38 65.91 -6.03
CA VAL D 277 27.01 66.76 -5.04
C VAL D 277 26.14 66.80 -3.78
N GLU D 278 26.67 66.26 -2.67
CA GLU D 278 25.94 66.19 -1.42
C GLU D 278 26.27 67.37 -0.54
N PHE D 279 25.28 67.80 0.24
CA PHE D 279 25.38 69.01 1.04
C PHE D 279 24.69 68.86 2.40
N LEU D 280 25.20 69.55 3.40
CA LEU D 280 24.45 69.81 4.62
C LEU D 280 23.87 71.22 4.50
N VAL D 281 22.62 71.41 4.94
CA VAL D 281 21.96 72.72 4.86
C VAL D 281 21.38 73.07 6.22
N SER D 282 21.72 74.27 6.73
CA SER D 282 21.29 74.68 8.07
C SER D 282 20.84 76.15 8.13
N GLY D 283 19.55 76.37 7.84
CA GLY D 283 19.03 77.72 7.66
C GLY D 283 19.39 78.19 6.26
N ASP D 284 20.05 79.35 6.20
CA ASP D 284 20.58 79.88 4.94
C ASP D 284 22.01 79.41 4.64
N GLU D 285 22.50 78.54 5.53
CA GLU D 285 23.83 77.98 5.44
C GLU D 285 23.81 76.66 4.67
N PHE D 286 24.84 76.43 3.87
CA PHE D 286 25.03 75.14 3.24
C PHE D 286 26.49 74.76 3.02
N PHE D 287 26.77 73.46 3.12
CA PHE D 287 28.13 72.95 3.10
C PHE D 287 28.25 71.65 2.32
N PHE D 288 29.40 71.48 1.66
CA PHE D 288 29.73 70.29 0.90
C PHE D 288 29.96 69.12 1.84
N ILE D 289 29.41 67.96 1.48
CA ILE D 289 29.65 66.71 2.20
C ILE D 289 30.48 65.74 1.35
N GLU D 290 29.91 65.30 0.24
CA GLU D 290 30.58 64.34 -0.62
C GLU D 290 30.05 64.37 -2.05
N VAL D 291 30.74 63.67 -2.93
CA VAL D 291 30.24 63.40 -4.26
C VAL D 291 30.02 61.90 -4.43
N ASN D 292 28.93 61.58 -5.10
CA ASN D 292 28.59 60.21 -5.45
C ASN D 292 28.80 60.05 -6.95
N PRO D 293 30.01 59.62 -7.35
CA PRO D 293 30.44 59.65 -8.74
C PRO D 293 29.71 58.62 -9.64
N ARG D 294 28.44 58.35 -9.35
CA ARG D 294 27.65 57.34 -10.06
C ARG D 294 26.19 57.55 -9.79
N VAL D 295 25.35 56.69 -10.36
CA VAL D 295 23.91 56.64 -10.07
C VAL D 295 23.64 56.52 -8.58
N GLN D 296 22.48 57.00 -8.14
CA GLN D 296 22.01 56.76 -6.78
C GLN D 296 20.67 56.05 -6.85
N VAL D 297 20.41 55.17 -5.88
CA VAL D 297 19.10 54.49 -5.76
C VAL D 297 17.92 55.45 -5.93
N GLU D 298 18.02 56.64 -5.33
CA GLU D 298 16.96 57.64 -5.42
C GLU D 298 17.10 58.51 -6.68
N HIS D 299 17.56 57.91 -7.77
CA HIS D 299 17.60 58.60 -9.06
C HIS D 299 16.18 58.74 -9.62
N THR D 300 15.27 58.02 -8.98
CA THR D 300 13.97 57.73 -9.55
C THR D 300 13.03 58.94 -9.55
N ILE D 301 13.04 59.67 -8.45
CA ILE D 301 12.14 60.80 -8.28
C ILE D 301 12.53 61.96 -9.21
N THR D 302 13.83 62.17 -9.34
CA THR D 302 14.42 63.20 -10.21
C THR D 302 14.04 62.98 -11.68
N GLU D 303 13.80 61.72 -12.03
CA GLU D 303 13.35 61.36 -13.34
C GLU D 303 11.90 61.74 -13.50
N MET D 304 11.08 61.48 -12.49
CA MET D 304 9.65 61.73 -12.62
C MET D 304 9.28 63.20 -12.62
N VAL D 305 9.99 64.01 -11.84
CA VAL D 305 9.68 65.43 -11.73
C VAL D 305 10.31 66.30 -12.81
N THR D 306 11.46 65.88 -13.35
CA THR D 306 12.08 66.61 -14.45
C THR D 306 11.64 65.98 -15.77
N GLY D 307 11.51 64.65 -15.75
CA GLY D 307 11.05 63.87 -16.92
C GLY D 307 12.21 63.32 -17.75
N ILE D 308 13.41 63.43 -17.18
CA ILE D 308 14.67 63.08 -17.81
C ILE D 308 15.12 61.67 -17.40
N ASP D 309 15.54 60.87 -18.38
CA ASP D 309 15.97 59.50 -18.11
C ASP D 309 17.46 59.51 -17.80
N ILE D 310 17.78 59.44 -16.52
CA ILE D 310 19.18 59.49 -16.08
C ILE D 310 20.00 58.36 -16.68
N VAL D 311 19.63 57.12 -16.37
CA VAL D 311 20.36 55.93 -16.85
C VAL D 311 20.48 55.82 -18.38
N LYS D 312 19.38 55.89 -19.11
CA LYS D 312 19.47 55.89 -20.58
C LYS D 312 20.42 56.99 -21.07
N THR D 313 20.26 58.23 -20.58
CA THR D 313 21.18 59.35 -20.87
C THR D 313 22.62 59.03 -20.49
N GLN D 314 22.78 58.52 -19.26
CA GLN D 314 24.03 57.98 -18.74
C GLN D 314 24.72 57.08 -19.78
N ILE D 315 23.99 56.06 -20.23
CA ILE D 315 24.45 55.12 -21.27
C ILE D 315 24.82 55.83 -22.58
N LEU D 316 23.97 56.76 -23.03
CA LEU D 316 24.24 57.53 -24.25
C LEU D 316 25.51 58.39 -24.18
N VAL D 317 25.73 59.06 -23.05
CA VAL D 317 26.94 59.88 -22.78
C VAL D 317 28.23 59.07 -22.93
N ALA D 318 28.19 57.83 -22.43
CA ALA D 318 29.34 56.91 -22.51
C ALA D 318 29.58 56.40 -23.94
N ALA D 319 28.57 56.49 -24.80
CA ALA D 319 28.75 56.30 -26.24
C ALA D 319 29.08 57.65 -26.89
N GLY D 320 29.39 58.64 -26.06
CA GLY D 320 29.87 59.96 -26.50
C GLY D 320 28.91 60.70 -27.41
N ALA D 321 27.95 61.41 -26.81
CA ALA D 321 26.93 62.11 -27.57
C ALA D 321 26.67 63.49 -27.01
N ASP D 322 26.76 64.53 -27.85
CA ASP D 322 26.44 65.86 -27.37
C ASP D 322 25.06 65.83 -26.71
N LEU D 323 25.06 66.01 -25.39
CA LEU D 323 23.88 66.14 -24.56
C LEU D 323 22.69 66.77 -25.31
N PHE D 324 22.88 68.01 -25.76
CA PHE D 324 21.83 68.78 -26.43
C PHE D 324 21.64 68.37 -27.89
N GLY D 325 22.18 67.20 -28.24
CA GLY D 325 22.14 66.69 -29.61
C GLY D 325 20.91 65.85 -29.86
N GLU D 326 20.98 65.02 -30.89
CA GLU D 326 19.84 64.23 -31.33
C GLU D 326 19.67 62.93 -30.51
N GLU D 327 20.78 62.35 -30.07
CA GLU D 327 20.74 61.06 -29.36
C GLU D 327 20.15 61.24 -27.95
N ILE D 328 20.74 62.14 -27.16
CA ILE D 328 20.26 62.42 -25.78
C ILE D 328 19.09 63.41 -25.76
N ASN D 329 19.22 64.49 -26.53
CA ASN D 329 18.15 65.48 -26.65
C ASN D 329 17.78 66.00 -25.27
N MET D 330 18.82 66.22 -24.48
CA MET D 330 18.72 66.78 -23.14
C MET D 330 18.21 68.19 -23.32
N PRO D 331 17.30 68.63 -22.45
CA PRO D 331 16.93 70.04 -22.47
C PRO D 331 18.07 70.96 -22.00
N GLN D 332 18.10 72.19 -22.54
CA GLN D 332 18.94 73.26 -21.98
C GLN D 332 18.49 73.55 -20.56
N GLN D 333 19.40 74.08 -19.73
CA GLN D 333 19.07 74.38 -18.34
C GLN D 333 17.81 75.24 -18.25
N LYS D 334 17.75 76.26 -19.09
CA LYS D 334 16.61 77.18 -19.13
C LYS D 334 15.24 76.50 -19.32
N ASP D 335 15.27 75.26 -19.78
CA ASP D 335 14.04 74.52 -20.09
C ASP D 335 13.76 73.34 -19.13
N ILE D 336 14.77 72.99 -18.32
CA ILE D 336 14.61 71.99 -17.27
C ILE D 336 13.67 72.53 -16.19
N THR D 337 12.56 71.84 -15.99
CA THR D 337 11.58 72.26 -15.01
C THR D 337 11.54 71.26 -13.86
N THR D 338 10.70 71.56 -12.86
CA THR D 338 10.21 70.55 -11.95
C THR D 338 8.69 70.64 -12.02
N LEU D 339 8.05 69.52 -12.37
CA LEU D 339 6.60 69.42 -12.27
C LEU D 339 6.26 68.50 -11.13
N GLY D 340 5.49 69.03 -10.17
CA GLY D 340 5.03 68.27 -9.02
C GLY D 340 6.07 67.92 -7.99
N TYR D 341 5.78 66.84 -7.27
CA TYR D 341 6.69 66.25 -6.31
C TYR D 341 6.62 64.76 -6.45
N ALA D 342 7.73 64.11 -6.13
CA ALA D 342 7.81 62.68 -6.05
C ALA D 342 8.52 62.31 -4.75
N ILE D 343 8.12 61.17 -4.19
CA ILE D 343 8.67 60.62 -2.96
C ILE D 343 9.11 59.20 -3.27
N GLN D 344 10.22 58.78 -2.66
CA GLN D 344 10.65 57.38 -2.76
C GLN D 344 10.65 56.70 -1.40
N CYS D 345 10.21 55.45 -1.40
CA CYS D 345 10.28 54.55 -0.26
C CYS D 345 10.99 53.32 -0.75
N ARG D 346 11.94 52.81 0.04
CA ARG D 346 12.55 51.53 -0.24
C ARG D 346 11.90 50.49 0.67
N ILE D 347 11.09 49.62 0.08
CA ILE D 347 10.45 48.55 0.83
C ILE D 347 11.50 47.47 1.08
N THR D 348 11.81 47.24 2.36
CA THR D 348 12.88 46.33 2.79
C THR D 348 12.40 45.33 3.85
N THR D 349 13.24 44.35 4.16
CA THR D 349 12.93 43.38 5.21
C THR D 349 13.56 43.72 6.56
N GLU D 350 14.13 44.92 6.66
CA GLU D 350 14.66 45.34 7.94
C GLU D 350 13.49 45.54 8.92
N ASP D 351 13.59 44.89 10.08
CA ASP D 351 12.55 44.88 11.11
C ASP D 351 12.56 46.17 11.94
N PRO D 352 11.53 47.03 11.80
CA PRO D 352 11.41 48.26 12.59
C PRO D 352 11.24 48.00 14.09
N LEU D 353 10.87 46.77 14.43
CA LEU D 353 10.62 46.35 15.81
C LEU D 353 11.81 45.59 16.41
N ASN D 354 12.96 45.66 15.76
CA ASN D 354 14.11 44.86 16.14
C ASN D 354 15.42 45.55 15.77
N ASP D 355 15.40 46.88 15.81
CA ASP D 355 16.52 47.72 15.34
C ASP D 355 16.96 47.35 13.92
N PHE D 356 15.97 47.27 13.02
CA PHE D 356 16.16 47.11 11.59
C PHE D 356 17.02 45.91 11.18
N MET D 357 17.01 44.86 12.01
CA MET D 357 17.74 43.63 11.70
C MET D 357 17.11 42.98 10.48
N PRO D 358 17.85 43.00 9.35
CA PRO D 358 17.25 42.70 8.06
C PRO D 358 16.77 41.27 8.03
N ASP D 359 15.46 41.08 8.12
CA ASP D 359 14.90 39.73 8.13
C ASP D 359 15.18 38.99 6.81
N THR D 360 15.01 37.68 6.85
CA THR D 360 15.45 36.84 5.78
C THR D 360 14.48 35.66 5.66
N GLY D 361 14.50 34.97 4.54
CA GLY D 361 13.59 33.83 4.32
C GLY D 361 12.86 33.83 2.99
N THR D 362 11.81 33.01 2.93
CA THR D 362 11.06 32.75 1.70
C THR D 362 9.73 33.52 1.62
N ILE D 363 9.64 34.45 0.66
CA ILE D 363 8.47 35.29 0.45
C ILE D 363 7.29 34.50 -0.11
N ILE D 364 6.23 34.37 0.69
CA ILE D 364 5.10 33.53 0.31
C ILE D 364 4.17 34.23 -0.69
N ALA D 365 3.51 35.28 -0.23
CA ALA D 365 2.72 36.12 -1.10
C ALA D 365 3.55 37.32 -1.48
N TYR D 366 3.35 37.83 -2.70
CA TYR D 366 3.91 39.11 -3.10
C TYR D 366 2.99 39.74 -4.12
N ARG D 367 2.34 40.81 -3.70
CA ARG D 367 1.33 41.47 -4.50
C ARG D 367 1.68 42.95 -4.57
N SER D 368 1.42 43.57 -5.73
CA SER D 368 1.95 44.89 -6.05
C SER D 368 0.86 45.95 -6.05
N SER D 369 1.27 47.22 -6.11
CA SER D 369 0.36 48.33 -6.36
C SER D 369 0.67 48.90 -7.74
N GLY D 370 -0.35 49.24 -8.50
CA GLY D 370 -0.16 49.88 -9.81
C GLY D 370 -0.75 51.27 -9.79
N GLY D 371 -1.24 51.72 -10.96
CA GLY D 371 -2.11 52.90 -11.03
C GLY D 371 -1.48 54.25 -11.30
N PHE D 372 -2.33 55.20 -11.66
CA PHE D 372 -1.93 56.58 -11.89
C PHE D 372 -0.91 57.03 -10.86
N GLY D 373 0.18 57.63 -11.32
CA GLY D 373 1.15 58.27 -10.44
C GLY D 373 2.11 57.36 -9.72
N VAL D 374 1.94 56.05 -9.87
CA VAL D 374 2.79 55.06 -9.19
C VAL D 374 3.89 54.50 -10.10
N ARG D 375 5.04 54.17 -9.51
CA ARG D 375 6.18 53.56 -10.23
C ARG D 375 6.87 52.48 -9.37
N LEU D 376 7.32 51.41 -10.01
CA LEU D 376 7.98 50.33 -9.28
C LEU D 376 9.26 49.88 -9.98
N ASP D 377 10.36 49.88 -9.22
CA ASP D 377 11.61 49.25 -9.67
C ASP D 377 11.86 47.96 -8.87
N ALA D 378 11.43 46.84 -9.45
CA ALA D 378 11.40 45.55 -8.78
C ALA D 378 12.81 45.04 -8.48
N GLY D 379 13.14 44.95 -7.19
CA GLY D 379 14.44 44.48 -6.74
C GLY D 379 14.50 42.98 -6.63
N ASP D 380 14.30 42.46 -5.43
CA ASP D 380 14.48 41.05 -5.13
C ASP D 380 13.19 40.37 -4.65
N GLY D 381 12.14 41.15 -4.47
CA GLY D 381 10.89 40.60 -3.97
C GLY D 381 9.99 40.10 -5.10
N PHE D 382 9.50 38.88 -4.94
CA PHE D 382 8.55 38.28 -5.88
C PHE D 382 7.92 36.97 -5.35
N GLN D 383 6.75 36.64 -5.92
CA GLN D 383 6.12 35.30 -5.85
C GLN D 383 6.65 34.34 -4.78
N GLY D 384 7.89 33.90 -4.92
CA GLY D 384 8.47 32.93 -4.01
C GLY D 384 9.95 33.07 -3.75
N ALA D 385 10.45 34.31 -3.79
CA ALA D 385 11.88 34.59 -3.59
C ALA D 385 12.43 34.01 -2.28
N GLU D 386 13.74 33.74 -2.27
CA GLU D 386 14.46 33.36 -1.05
C GLU D 386 15.40 34.52 -0.77
N ILE D 387 15.24 35.15 0.40
CA ILE D 387 15.97 36.38 0.71
C ILE D 387 17.27 36.06 1.44
N SER D 388 18.39 36.44 0.82
CA SER D 388 19.73 36.12 1.28
C SER D 388 20.19 37.03 2.42
N PRO D 389 20.95 36.48 3.37
CA PRO D 389 21.52 37.34 4.40
C PRO D 389 22.79 38.08 3.93
N TYR D 390 23.28 37.79 2.73
CA TYR D 390 24.52 38.43 2.24
C TYR D 390 24.31 39.62 1.26
N TYR D 391 23.06 40.05 1.10
CA TYR D 391 22.76 41.15 0.22
C TYR D 391 22.01 42.28 0.91
N ASP D 392 22.28 43.51 0.43
CA ASP D 392 21.59 44.73 0.85
C ASP D 392 20.08 44.57 0.73
N SER D 393 19.48 43.97 1.77
CA SER D 393 18.08 43.54 1.73
C SER D 393 17.17 44.72 1.46
N LEU D 394 16.42 44.61 0.37
CA LEU D 394 15.67 45.69 -0.27
C LEU D 394 14.82 45.05 -1.36
N LEU D 395 13.52 44.92 -1.10
CA LEU D 395 12.63 44.14 -1.97
C LEU D 395 12.10 44.87 -3.21
N VAL D 396 11.60 46.09 -3.01
CA VAL D 396 11.29 47.03 -4.10
C VAL D 396 11.46 48.47 -3.66
N LYS D 397 11.57 49.34 -4.65
CA LYS D 397 11.46 50.77 -4.44
C LYS D 397 10.17 51.21 -5.11
N LEU D 398 9.25 51.71 -4.29
CA LEU D 398 7.94 52.18 -4.73
C LEU D 398 7.97 53.68 -4.54
N SER D 399 7.73 54.41 -5.63
CA SER D 399 7.76 55.87 -5.60
C SER D 399 6.55 56.49 -6.29
N THR D 400 6.08 57.61 -5.77
CA THR D 400 4.88 58.25 -6.29
C THR D 400 5.17 59.66 -6.78
N HIS D 401 4.47 60.07 -7.84
CA HIS D 401 4.53 61.43 -8.34
C HIS D 401 3.12 62.04 -8.22
N ALA D 402 3.02 63.36 -8.30
CA ALA D 402 1.74 64.08 -8.34
C ALA D 402 2.05 65.56 -8.32
N ILE D 403 1.17 66.35 -8.92
CA ILE D 403 1.31 67.81 -8.94
C ILE D 403 1.62 68.40 -7.57
N SER D 404 0.88 67.98 -6.56
CA SER D 404 1.01 68.50 -5.20
C SER D 404 1.61 67.50 -4.21
N PHE D 405 2.37 68.01 -3.24
CA PHE D 405 3.02 67.16 -2.23
C PHE D 405 2.08 66.23 -1.48
N LYS D 406 1.00 66.78 -0.92
CA LYS D 406 0.07 65.97 -0.12
C LYS D 406 -0.56 64.86 -0.97
N GLN D 407 -0.82 65.15 -2.24
CA GLN D 407 -1.40 64.16 -3.13
C GLN D 407 -0.40 63.04 -3.39
N ALA D 408 0.87 63.41 -3.45
CA ALA D 408 1.97 62.44 -3.58
C ALA D 408 1.99 61.47 -2.38
N GLU D 409 1.76 62.02 -1.19
CA GLU D 409 1.72 61.28 0.06
C GLU D 409 0.52 60.35 0.12
N GLU D 410 -0.62 60.84 -0.37
CA GLU D 410 -1.84 60.07 -0.37
C GLU D 410 -1.67 58.85 -1.26
N LYS D 411 -1.05 59.04 -2.42
CA LYS D 411 -0.75 57.93 -3.31
C LYS D 411 0.26 56.99 -2.70
N MET D 412 1.23 57.54 -1.99
CA MET D 412 2.21 56.68 -1.32
C MET D 412 1.57 55.86 -0.21
N VAL D 413 0.81 56.50 0.68
CA VAL D 413 0.10 55.80 1.77
C VAL D 413 -0.73 54.66 1.20
N ARG D 414 -1.62 55.01 0.27
CA ARG D 414 -2.48 54.03 -0.40
C ARG D 414 -1.61 52.95 -1.03
N SER D 415 -0.54 53.36 -1.71
CA SER D 415 0.33 52.38 -2.34
C SER D 415 0.98 51.44 -1.33
N LEU D 416 1.33 51.97 -0.16
CA LEU D 416 1.96 51.21 0.89
C LEU D 416 1.03 50.17 1.51
N ARG D 417 -0.21 50.56 1.77
CA ARG D 417 -1.21 49.67 2.34
C ARG D 417 -1.59 48.62 1.29
N GLU D 418 -1.65 49.05 0.04
CA GLU D 418 -2.03 48.15 -1.04
C GLU D 418 -0.94 47.10 -1.27
N MET D 419 0.33 47.53 -1.30
CA MET D 419 1.48 46.59 -1.38
C MET D 419 1.30 45.49 -0.33
N ARG D 420 1.56 44.26 -0.73
CA ARG D 420 1.41 43.12 0.15
C ARG D 420 2.61 42.18 0.05
N ILE D 421 3.32 41.96 1.16
CA ILE D 421 4.46 41.03 1.23
C ILE D 421 4.42 40.13 2.47
N ARG D 422 4.11 38.86 2.25
CA ARG D 422 3.97 37.86 3.33
C ARG D 422 5.13 36.86 3.34
N GLY D 423 5.57 36.50 4.54
CA GLY D 423 6.58 35.45 4.75
C GLY D 423 7.82 35.94 5.49
N VAL D 424 8.46 36.95 4.91
CA VAL D 424 9.56 37.66 5.54
C VAL D 424 8.96 38.85 6.28
N LYS D 425 9.77 39.67 6.93
CA LYS D 425 9.26 40.92 7.54
C LYS D 425 9.38 42.07 6.55
N THR D 426 8.80 43.24 6.85
CA THR D 426 8.97 44.42 6.00
C THR D 426 9.02 45.71 6.81
N ASN D 427 9.63 46.75 6.25
CA ASN D 427 9.57 48.07 6.88
C ASN D 427 8.34 48.89 6.47
N ILE D 428 7.43 48.28 5.72
CA ILE D 428 6.19 48.94 5.28
C ILE D 428 5.40 49.69 6.37
N PRO D 429 5.08 49.04 7.52
CA PRO D 429 4.40 49.79 8.58
C PRO D 429 5.12 51.09 8.97
N PHE D 430 6.45 51.05 9.00
CA PHE D 430 7.27 52.23 9.32
C PHE D 430 7.13 53.35 8.28
N LEU D 431 7.19 52.97 7.01
CA LEU D 431 7.02 53.94 5.95
C LEU D 431 5.61 54.58 5.99
N ILE D 432 4.57 53.77 6.16
CA ILE D 432 3.21 54.30 6.31
C ILE D 432 3.20 55.37 7.40
N ASN D 433 3.81 55.06 8.54
CA ASN D 433 3.80 55.98 9.68
C ASN D 433 4.46 57.31 9.41
N VAL D 434 5.52 57.29 8.58
CA VAL D 434 6.20 58.52 8.18
C VAL D 434 5.28 59.41 7.34
N MET D 435 4.59 58.80 6.37
CA MET D 435 3.70 59.54 5.48
C MET D 435 2.60 60.24 6.28
N LYS D 436 2.10 59.56 7.31
CA LYS D 436 1.09 60.16 8.19
C LYS D 436 1.61 61.41 8.88
N ASN D 437 2.87 61.39 9.30
CA ASN D 437 3.34 62.28 10.36
C ASN D 437 3.34 63.79 10.08
N LYS D 438 2.81 64.55 11.04
CA LYS D 438 2.65 66.00 10.90
C LYS D 438 3.93 66.74 10.52
N LYS D 439 5.07 66.28 11.02
CA LYS D 439 6.34 66.95 10.73
C LYS D 439 6.83 66.63 9.31
N PHE D 440 6.53 65.43 8.82
CA PHE D 440 6.86 65.07 7.43
C PHE D 440 6.07 65.89 6.40
N THR D 441 4.75 65.86 6.55
CA THR D 441 3.86 66.63 5.70
C THR D 441 4.21 68.12 5.68
N SER D 442 4.56 68.64 6.86
CA SER D 442 5.00 70.02 7.02
C SER D 442 6.06 70.46 5.99
N GLY D 443 6.83 69.48 5.48
CA GLY D 443 8.00 69.73 4.63
C GLY D 443 9.24 70.17 5.42
N ASP D 444 9.03 70.66 6.64
CA ASP D 444 10.10 71.27 7.44
C ASP D 444 10.91 70.31 8.31
N TYR D 445 10.90 69.03 7.97
CA TYR D 445 11.63 68.02 8.75
C TYR D 445 13.16 68.13 8.59
N THR D 446 13.88 67.65 9.61
CA THR D 446 15.35 67.57 9.57
C THR D 446 15.82 66.11 9.60
N THR D 447 17.14 65.88 9.59
CA THR D 447 17.69 64.53 9.75
C THR D 447 17.44 63.98 11.16
N LYS D 448 17.06 64.87 12.08
CA LYS D 448 16.72 64.53 13.46
C LYS D 448 15.37 63.83 13.52
N PHE D 449 14.50 64.18 12.59
CA PHE D 449 13.12 63.66 12.52
C PHE D 449 12.91 62.30 13.20
N ILE D 450 13.54 61.26 12.68
CA ILE D 450 13.29 59.90 13.17
C ILE D 450 13.58 59.76 14.66
N GLU D 451 14.70 60.31 15.09
CA GLU D 451 15.10 60.22 16.49
C GLU D 451 14.35 61.19 17.41
N GLU D 452 13.59 62.10 16.82
CA GLU D 452 12.80 63.06 17.57
C GLU D 452 11.31 62.69 17.59
N THR D 453 10.97 61.62 16.89
CA THR D 453 9.57 61.31 16.59
C THR D 453 9.20 59.89 16.98
N PRO D 454 8.82 59.69 18.26
CA PRO D 454 8.59 58.35 18.83
C PRO D 454 7.37 57.65 18.26
N GLU D 455 6.31 58.41 18.00
CA GLU D 455 5.04 57.88 17.50
C GLU D 455 5.21 57.06 16.23
N LEU D 456 6.27 57.36 15.48
CA LEU D 456 6.64 56.59 14.30
C LEU D 456 6.78 55.09 14.57
N PHE D 457 7.42 54.75 15.70
CA PHE D 457 7.68 53.33 16.02
C PHE D 457 6.51 52.60 16.69
N ASP D 458 5.36 53.26 16.77
CA ASP D 458 4.12 52.60 17.17
C ASP D 458 3.52 51.89 15.96
N ILE D 459 3.85 50.61 15.81
CA ILE D 459 3.24 49.74 14.80
C ILE D 459 2.23 48.81 15.49
N GLN D 460 1.40 48.17 14.67
CA GLN D 460 0.34 47.31 15.17
C GLN D 460 0.21 46.09 14.25
N PRO D 461 0.33 44.86 14.82
CA PRO D 461 0.46 43.65 14.00
C PRO D 461 -0.78 43.40 13.16
N SER D 462 -0.59 43.31 11.85
CA SER D 462 -1.70 43.08 10.94
C SER D 462 -2.05 41.60 10.98
N LEU D 463 -2.99 41.22 11.84
CA LEU D 463 -3.12 39.82 12.25
C LEU D 463 -3.25 38.76 11.15
N ASP D 464 -3.04 39.16 9.89
CA ASP D 464 -2.78 38.22 8.78
C ASP D 464 -3.74 37.05 8.72
N ARG D 465 -5.02 37.33 8.53
CA ARG D 465 -6.05 36.32 8.66
C ARG D 465 -6.05 35.33 7.49
N GLY D 466 -5.38 35.70 6.41
CA GLY D 466 -5.15 34.81 5.27
C GLY D 466 -4.21 33.67 5.62
N THR D 467 -2.96 34.01 5.92
CA THR D 467 -1.95 33.01 6.30
C THR D 467 -2.41 32.11 7.45
N LYS D 468 -3.07 32.71 8.43
CA LYS D 468 -3.41 32.01 9.66
C LYS D 468 -4.48 30.94 9.44
N THR D 469 -5.44 31.25 8.57
CA THR D 469 -6.45 30.26 8.17
C THR D 469 -5.81 29.05 7.44
N LEU D 470 -4.78 29.32 6.63
CA LEU D 470 -4.07 28.26 5.94
C LEU D 470 -3.19 27.47 6.91
N GLU D 471 -2.45 28.20 7.75
CA GLU D 471 -1.58 27.57 8.73
C GLU D 471 -2.39 26.71 9.72
N TYR D 472 -3.63 27.09 10.00
CA TYR D 472 -4.50 26.23 10.84
C TYR D 472 -5.03 25.04 10.08
N ILE D 473 -5.63 25.29 8.92
CA ILE D 473 -6.28 24.25 8.14
C ILE D 473 -5.30 23.13 7.80
N GLY D 474 -4.10 23.52 7.36
CA GLY D 474 -3.06 22.56 7.00
C GLY D 474 -2.65 21.67 8.16
N ASN D 475 -2.60 22.27 9.35
CA ASN D 475 -2.18 21.58 10.56
C ASN D 475 -3.14 20.48 11.05
N VAL D 476 -4.43 20.76 10.97
CA VAL D 476 -5.45 19.78 11.29
C VAL D 476 -5.56 18.75 10.16
N THR D 477 -5.39 19.21 8.92
CA THR D 477 -5.44 18.32 7.76
C THR D 477 -4.46 17.17 7.92
N ILE D 478 -3.22 17.48 8.33
CA ILE D 478 -2.13 16.47 8.36
C ILE D 478 -1.96 15.82 9.73
N ASN D 479 -2.06 16.60 10.80
CA ASN D 479 -1.85 16.06 12.14
C ASN D 479 -3.17 15.88 12.88
N GLY D 480 -4.25 16.34 12.27
CA GLY D 480 -5.61 16.07 12.75
C GLY D 480 -6.04 16.73 14.05
N PHE D 481 -7.35 16.73 14.28
CA PHE D 481 -7.94 17.26 15.49
C PHE D 481 -7.80 16.29 16.67
N PRO D 482 -7.80 16.82 17.91
CA PRO D 482 -7.69 15.89 19.02
C PRO D 482 -9.07 15.41 19.48
N ASN D 483 -9.16 14.09 19.73
CA ASN D 483 -10.40 13.40 20.11
C ASN D 483 -11.31 13.05 18.92
N VAL D 484 -10.70 13.04 17.74
CA VAL D 484 -11.39 12.70 16.51
C VAL D 484 -10.87 11.34 15.98
N GLU D 485 -10.95 11.16 14.67
CA GLU D 485 -10.25 10.12 13.97
C GLU D 485 -9.53 10.74 12.78
N LYS D 486 -8.29 10.34 12.55
CA LYS D 486 -7.55 10.73 11.34
C LYS D 486 -8.12 10.04 10.08
N ARG D 487 -9.42 10.22 9.82
CA ARG D 487 -10.05 9.76 8.58
C ARG D 487 -10.06 10.93 7.57
N PRO D 488 -10.43 10.67 6.29
CA PRO D 488 -10.73 11.78 5.35
C PRO D 488 -11.82 12.71 5.90
N LYS D 489 -12.59 13.39 5.04
CA LYS D 489 -13.55 14.41 5.53
C LYS D 489 -14.93 14.31 4.88
N PRO D 490 -15.95 13.98 5.68
CA PRO D 490 -17.27 13.65 5.13
C PRO D 490 -18.28 14.81 5.03
N ASP D 491 -19.37 14.70 5.82
CA ASP D 491 -20.50 15.68 5.97
C ASP D 491 -21.20 16.11 4.67
N TYR D 492 -22.02 15.21 4.15
CA TYR D 492 -22.49 15.27 2.77
C TYR D 492 -23.92 15.74 2.53
N GLU D 493 -24.63 16.05 3.63
CA GLU D 493 -25.87 16.76 3.48
C GLU D 493 -25.62 18.23 3.82
N LEU D 494 -25.54 19.05 2.78
CA LEU D 494 -25.37 20.48 2.94
C LEU D 494 -26.78 21.06 3.11
N ALA D 495 -27.28 21.01 4.35
CA ALA D 495 -28.61 21.53 4.64
C ALA D 495 -28.57 23.05 4.71
N SER D 496 -29.42 23.71 3.94
CA SER D 496 -29.43 25.17 4.03
C SER D 496 -29.99 25.67 5.36
N ILE D 497 -29.83 26.96 5.56
CA ILE D 497 -30.08 27.56 6.83
C ILE D 497 -31.20 28.54 6.62
N PRO D 498 -32.43 28.13 6.95
CA PRO D 498 -33.48 29.13 6.85
C PRO D 498 -33.14 30.27 7.81
N THR D 499 -33.25 31.50 7.33
CA THR D 499 -32.91 32.71 8.08
C THR D 499 -34.07 33.70 8.01
N VAL D 500 -33.99 34.77 8.81
CA VAL D 500 -35.06 35.77 8.90
C VAL D 500 -34.51 37.20 8.94
N SER D 501 -34.97 38.02 8.00
CA SER D 501 -34.56 39.42 7.88
C SER D 501 -34.48 40.06 9.25
N SER D 502 -33.34 40.67 9.53
CA SER D 502 -33.06 41.22 10.84
C SER D 502 -33.95 42.42 11.18
N SER D 503 -34.45 43.09 10.14
CA SER D 503 -35.40 44.19 10.32
C SER D 503 -36.71 43.68 10.90
N LYS D 504 -37.14 42.50 10.47
CA LYS D 504 -38.35 41.84 11.00
C LYS D 504 -38.18 41.55 12.46
N ILE D 505 -36.98 41.05 12.79
CA ILE D 505 -36.59 40.77 14.17
C ILE D 505 -36.65 42.04 15.01
N ALA D 506 -35.98 43.10 14.59
CA ALA D 506 -35.94 44.35 15.34
C ALA D 506 -37.34 44.87 15.71
N SER D 507 -38.36 44.10 15.34
CA SER D 507 -39.77 44.49 15.47
C SER D 507 -40.55 43.47 16.29
N PHE D 508 -39.95 42.31 16.52
CA PHE D 508 -40.47 41.40 17.53
C PHE D 508 -40.33 42.06 18.88
N SER D 509 -41.15 41.61 19.81
CA SER D 509 -41.23 42.21 21.12
C SER D 509 -41.79 41.15 22.05
N GLY D 510 -40.87 40.49 22.76
CA GLY D 510 -41.18 39.43 23.71
C GLY D 510 -40.49 39.73 25.02
N THR D 511 -39.99 38.70 25.70
CA THR D 511 -39.48 38.86 27.08
C THR D 511 -38.33 39.85 27.28
N LYS D 512 -37.34 39.85 26.40
CA LYS D 512 -36.23 40.81 26.54
C LYS D 512 -36.82 42.21 26.64
N GLN D 513 -37.83 42.46 25.83
CA GLN D 513 -38.53 43.74 25.82
C GLN D 513 -39.27 43.90 27.12
N LEU D 514 -39.94 42.82 27.54
CA LEU D 514 -40.74 42.83 28.76
C LEU D 514 -39.86 43.17 29.98
N LEU D 515 -38.73 42.49 30.09
CA LEU D 515 -37.79 42.75 31.17
C LEU D 515 -37.31 44.22 31.23
N ASP D 516 -37.26 44.89 30.08
CA ASP D 516 -36.87 46.30 30.09
C ASP D 516 -38.01 47.17 30.58
N GLU D 517 -39.26 46.79 30.32
CA GLU D 517 -40.38 47.65 30.71
C GLU D 517 -40.73 47.53 32.19
N VAL D 518 -40.72 46.30 32.73
CA VAL D 518 -41.33 46.03 34.04
C VAL D 518 -40.42 45.30 35.03
N GLY D 519 -39.17 45.12 34.66
CA GLY D 519 -38.17 44.50 35.54
C GLY D 519 -38.41 43.04 35.84
N PRO D 520 -37.55 42.43 36.69
CA PRO D 520 -37.63 41.04 37.07
C PRO D 520 -38.97 40.68 37.72
N LYS D 521 -39.27 41.33 38.85
CA LYS D 521 -40.52 41.13 39.58
C LYS D 521 -41.73 41.17 38.66
N GLY D 522 -41.77 42.18 37.80
CA GLY D 522 -42.87 42.38 36.83
C GLY D 522 -42.89 41.38 35.68
N VAL D 523 -41.75 40.79 35.34
CA VAL D 523 -41.73 39.71 34.38
C VAL D 523 -42.34 38.48 35.02
N ALA D 524 -41.96 38.23 36.28
CA ALA D 524 -42.42 37.05 37.03
C ALA D 524 -43.93 37.10 37.28
N GLU D 525 -44.48 38.31 37.48
CA GLU D 525 -45.94 38.53 37.55
C GLU D 525 -46.63 38.23 36.23
N TRP D 526 -45.99 38.59 35.12
CA TRP D 526 -46.49 38.26 33.78
C TRP D 526 -46.52 36.74 33.52
N VAL D 527 -45.44 36.06 33.88
CA VAL D 527 -45.43 34.60 33.79
C VAL D 527 -46.64 33.99 34.50
N LYS D 528 -46.91 34.42 35.74
CA LYS D 528 -48.04 33.91 36.53
C LYS D 528 -49.38 33.95 35.80
N LYS D 529 -49.69 35.07 35.14
CA LYS D 529 -50.94 35.24 34.38
C LYS D 529 -51.19 34.18 33.28
N GLN D 530 -50.11 33.73 32.61
CA GLN D 530 -50.21 32.92 31.39
C GLN D 530 -50.89 31.59 31.59
N ASP D 531 -51.83 31.26 30.72
CA ASP D 531 -52.48 29.95 30.78
C ASP D 531 -51.58 28.88 30.18
N ASP D 532 -51.04 29.17 29.00
CA ASP D 532 -50.15 28.27 28.28
C ASP D 532 -48.95 27.95 29.12
N VAL D 533 -48.23 26.90 28.76
CA VAL D 533 -46.95 26.64 29.39
C VAL D 533 -45.89 27.31 28.55
N LEU D 534 -45.18 28.27 29.14
CA LEU D 534 -44.03 28.90 28.49
C LEU D 534 -42.84 27.95 28.54
N LEU D 535 -42.09 27.86 27.46
CA LEU D 535 -40.91 26.99 27.45
C LEU D 535 -39.56 27.74 27.38
N THR D 536 -38.54 27.08 27.92
CA THR D 536 -37.17 27.51 27.77
C THR D 536 -36.44 26.54 26.85
N ASP D 537 -35.84 27.04 25.79
CA ASP D 537 -35.11 26.13 24.95
C ASP D 537 -33.71 25.93 25.47
N THR D 538 -33.28 24.68 25.52
CA THR D 538 -31.93 24.38 26.01
C THR D 538 -31.01 23.95 24.89
N THR D 539 -31.40 24.25 23.66
CA THR D 539 -30.63 23.76 22.53
C THR D 539 -29.23 24.29 22.57
N PHE D 540 -29.06 25.58 22.82
CA PHE D 540 -27.72 26.14 22.70
C PHE D 540 -26.79 25.70 23.81
N ARG D 541 -27.34 25.26 24.95
CA ARG D 541 -26.49 24.91 26.07
C ARG D 541 -26.63 23.44 26.48
N ASP D 542 -27.72 23.11 27.16
CA ASP D 542 -27.80 21.86 27.92
C ASP D 542 -27.99 20.62 27.03
N ALA D 543 -28.77 20.78 25.96
CA ALA D 543 -28.96 19.74 24.96
C ALA D 543 -27.63 19.12 24.54
N HIS D 544 -26.81 19.87 23.82
CA HIS D 544 -25.51 19.32 23.39
C HIS D 544 -24.53 19.04 24.54
N GLN D 545 -24.73 19.66 25.71
CA GLN D 545 -23.83 19.36 26.82
C GLN D 545 -24.11 17.96 27.29
N SER D 546 -25.37 17.57 27.21
CA SER D 546 -25.75 16.18 27.44
C SER D 546 -25.29 15.25 26.30
N LEU D 547 -25.66 15.58 25.05
CA LEU D 547 -25.47 14.65 23.92
C LEU D 547 -24.13 14.66 23.18
N LEU D 548 -23.47 15.81 23.14
CA LEU D 548 -22.31 15.97 22.30
C LEU D 548 -21.16 16.59 23.08
N ALA D 549 -20.92 16.07 24.28
CA ALA D 549 -19.85 16.53 25.17
C ALA D 549 -19.61 18.04 25.16
N THR D 550 -20.71 18.80 25.14
CA THR D 550 -20.68 20.26 25.14
C THR D 550 -19.97 20.88 23.92
N ARG D 551 -19.75 20.08 22.88
CA ARG D 551 -18.86 20.48 21.79
C ARG D 551 -19.35 21.54 20.78
N VAL D 552 -20.63 21.91 20.83
CA VAL D 552 -21.21 22.73 19.77
C VAL D 552 -20.56 24.11 19.72
N ARG D 553 -20.17 24.51 18.50
CA ARG D 553 -19.40 25.72 18.31
C ARG D 553 -20.34 26.88 18.12
N THR D 554 -19.80 28.08 18.26
CA THR D 554 -20.55 29.29 17.99
C THR D 554 -21.08 29.32 16.54
N LYS D 555 -20.23 29.02 15.56
CA LYS D 555 -20.64 29.19 14.15
C LYS D 555 -21.96 28.53 13.80
N ASP D 556 -22.16 27.29 14.28
CA ASP D 556 -23.43 26.58 14.10
C ASP D 556 -24.61 27.28 14.77
N MET D 557 -24.51 27.54 16.07
CA MET D 557 -25.52 28.33 16.80
C MET D 557 -25.84 29.64 16.09
N ILE D 558 -24.83 30.44 15.77
CA ILE D 558 -25.09 31.75 15.18
C ILE D 558 -25.53 31.67 13.73
N ASN D 559 -25.24 30.55 13.06
CA ASN D 559 -25.78 30.35 11.72
C ASN D 559 -27.30 30.30 11.71
N ILE D 560 -27.91 30.04 12.87
CA ILE D 560 -29.33 29.77 12.96
C ILE D 560 -30.01 30.74 13.92
N ALA D 561 -29.27 31.76 14.32
CA ALA D 561 -29.79 32.78 15.26
C ALA D 561 -30.99 33.53 14.71
N SER D 562 -30.95 33.94 13.45
CA SER D 562 -32.10 34.56 12.80
C SER D 562 -33.40 33.72 12.91
N LYS D 563 -33.26 32.39 12.74
CA LYS D 563 -34.42 31.52 12.67
C LYS D 563 -34.98 31.29 14.05
N THR D 564 -34.09 31.05 15.00
CA THR D 564 -34.42 30.86 16.41
C THR D 564 -35.20 32.03 17.02
N ALA D 565 -34.86 33.26 16.63
CA ALA D 565 -35.52 34.43 17.19
C ALA D 565 -36.99 34.44 16.79
N ASP D 566 -37.28 34.06 15.54
CA ASP D 566 -38.66 34.02 15.07
C ASP D 566 -39.37 32.76 15.58
N VAL D 567 -38.63 31.66 15.68
CA VAL D 567 -39.23 30.39 16.12
C VAL D 567 -39.63 30.44 17.61
N PHE D 568 -38.73 30.93 18.48
CA PHE D 568 -39.07 31.12 19.89
C PHE D 568 -39.47 32.57 20.25
N LYS D 569 -40.25 33.21 19.37
CA LYS D 569 -40.65 34.61 19.56
C LYS D 569 -41.49 34.83 20.81
N ASP D 570 -42.19 33.77 21.21
CA ASP D 570 -43.08 33.77 22.37
C ASP D 570 -42.57 32.81 23.45
N GLY D 571 -41.31 32.38 23.29
CA GLY D 571 -40.61 31.59 24.30
C GLY D 571 -40.32 32.42 25.55
N PHE D 572 -40.05 31.77 26.67
CA PHE D 572 -39.69 32.52 27.89
C PHE D 572 -38.24 32.92 27.86
N SER D 573 -37.35 31.93 27.66
CA SER D 573 -35.90 32.17 27.62
C SER D 573 -35.12 31.27 26.65
N LEU D 574 -33.89 31.63 26.36
CA LEU D 574 -32.98 30.69 25.75
C LEU D 574 -31.87 30.37 26.75
N GLU D 575 -31.64 29.07 26.97
CA GLU D 575 -30.51 28.59 27.77
C GLU D 575 -29.36 28.41 26.77
N MET D 576 -28.37 29.30 26.88
CA MET D 576 -27.30 29.36 25.91
C MET D 576 -25.98 29.77 26.55
N TRP D 577 -25.81 29.40 27.82
CA TRP D 577 -24.59 29.71 28.56
C TRP D 577 -24.61 28.99 29.91
N GLY D 578 -23.53 29.14 30.69
CA GLY D 578 -23.39 28.43 31.95
C GLY D 578 -23.10 26.96 31.69
N GLY D 579 -23.07 26.17 32.76
CA GLY D 579 -22.68 24.76 32.66
C GLY D 579 -21.23 24.64 32.22
N ALA D 580 -20.98 23.74 31.27
CA ALA D 580 -19.62 23.47 30.83
C ALA D 580 -19.16 24.41 29.71
N THR D 581 -20.08 25.21 29.17
CA THR D 581 -19.81 25.92 27.92
C THR D 581 -18.63 26.89 27.99
N PHE D 582 -18.49 27.56 29.13
CA PHE D 582 -17.52 28.62 29.33
C PHE D 582 -16.13 28.05 29.21
N ASP D 583 -15.87 27.06 30.06
CA ASP D 583 -14.65 26.28 30.02
C ASP D 583 -14.40 25.66 28.63
N VAL D 584 -15.35 24.86 28.14
CA VAL D 584 -15.14 24.08 26.92
C VAL D 584 -14.85 24.94 25.67
N ALA D 585 -15.55 26.06 25.53
CA ALA D 585 -15.32 26.99 24.41
C ALA D 585 -13.90 27.52 24.39
N TYR D 586 -13.45 28.09 25.52
CA TYR D 586 -12.09 28.60 25.66
C TYR D 586 -11.08 27.52 25.36
N ASN D 587 -11.38 26.33 25.88
CA ASN D 587 -10.42 25.25 25.90
C ASN D 587 -10.44 24.35 24.67
N PHE D 588 -11.49 23.54 24.54
CA PHE D 588 -11.53 22.54 23.48
C PHE D 588 -11.83 23.22 22.15
N LEU D 589 -12.64 24.27 22.21
CA LEU D 589 -13.08 24.97 21.00
C LEU D 589 -12.23 26.17 20.62
N LYS D 590 -11.40 26.63 21.56
CA LYS D 590 -10.53 27.80 21.37
C LYS D 590 -11.29 29.01 20.83
N GLU D 591 -12.48 29.24 21.37
CA GLU D 591 -13.29 30.41 21.09
C GLU D 591 -13.73 31.13 22.38
N ASN D 592 -13.87 32.46 22.30
CA ASN D 592 -14.23 33.28 23.45
C ASN D 592 -15.73 33.17 23.69
N PRO D 593 -16.14 32.68 24.88
CA PRO D 593 -17.55 32.49 25.14
C PRO D 593 -18.26 33.82 25.09
N TRP D 594 -17.62 34.83 25.67
CA TRP D 594 -18.14 36.19 25.73
C TRP D 594 -18.56 36.72 24.37
N GLU D 595 -17.84 36.28 23.32
CA GLU D 595 -18.21 36.54 21.92
C GLU D 595 -19.53 35.84 21.53
N ARG D 596 -19.60 34.52 21.69
CA ARG D 596 -20.84 33.77 21.49
C ARG D 596 -22.03 34.46 22.17
N LEU D 597 -21.84 34.80 23.44
CA LEU D 597 -22.82 35.59 24.14
C LEU D 597 -23.12 36.83 23.31
N GLU D 598 -22.13 37.69 23.13
CA GLU D 598 -22.38 39.01 22.52
C GLU D 598 -23.09 38.93 21.16
N ARG D 599 -22.61 38.03 20.30
CA ARG D 599 -23.10 37.82 18.95
C ARG D 599 -24.52 37.30 18.97
N LEU D 600 -24.75 36.20 19.69
CA LEU D 600 -26.11 35.69 19.85
C LEU D 600 -27.08 36.74 20.37
N ARG D 601 -26.55 37.60 21.24
CA ARG D 601 -27.27 38.76 21.75
C ARG D 601 -27.89 39.65 20.65
N LYS D 602 -27.10 39.97 19.63
CA LYS D 602 -27.57 40.92 18.63
C LYS D 602 -28.54 40.27 17.65
N ALA D 603 -28.30 38.99 17.38
CA ALA D 603 -29.18 38.22 16.54
C ALA D 603 -30.55 37.97 17.17
N ILE D 604 -30.61 37.95 18.50
CA ILE D 604 -31.84 37.61 19.20
C ILE D 604 -32.16 38.65 20.26
N PRO D 605 -32.63 39.84 19.84
CA PRO D 605 -32.74 40.96 20.77
C PRO D 605 -34.11 41.00 21.38
N ASN D 606 -34.89 39.95 21.15
CA ASN D 606 -36.26 39.86 21.65
C ASN D 606 -36.46 38.93 22.83
N VAL D 607 -35.56 37.96 23.00
CA VAL D 607 -35.76 36.87 23.97
C VAL D 607 -34.77 36.90 25.14
N LEU D 608 -35.31 36.75 26.36
CA LEU D 608 -34.48 36.51 27.55
C LEU D 608 -33.39 35.46 27.31
N PHE D 609 -32.18 35.72 27.80
CA PHE D 609 -31.09 34.72 27.78
C PHE D 609 -30.85 34.18 29.20
N GLN D 610 -30.43 32.93 29.31
CA GLN D 610 -30.31 32.25 30.60
C GLN D 610 -29.16 31.28 30.67
N MET D 611 -28.48 31.31 31.81
CA MET D 611 -27.37 30.38 32.07
C MET D 611 -27.62 29.56 33.32
N LEU D 612 -26.83 28.50 33.45
CA LEU D 612 -26.79 27.74 34.69
C LEU D 612 -25.60 28.29 35.48
N LEU D 613 -25.88 28.84 36.65
CA LEU D 613 -24.85 29.42 37.49
C LEU D 613 -24.74 28.61 38.77
N ARG D 614 -23.59 27.97 38.98
CA ARG D 614 -23.36 27.18 40.21
C ARG D 614 -23.12 28.14 41.38
N ALA D 615 -23.88 27.96 42.46
CA ALA D 615 -23.81 28.86 43.63
C ALA D 615 -22.38 29.15 44.02
N SER D 616 -21.64 28.09 44.33
CA SER D 616 -20.29 28.20 44.87
C SER D 616 -19.35 28.97 43.95
N ASN D 617 -19.22 28.54 42.71
CA ASN D 617 -18.16 29.06 41.84
C ASN D 617 -18.62 29.55 40.47
N ALA D 618 -19.91 29.84 40.37
CA ALA D 618 -20.52 30.35 39.15
C ALA D 618 -20.35 29.35 38.04
N VAL D 619 -19.17 29.39 37.43
CA VAL D 619 -18.88 28.67 36.21
C VAL D 619 -17.44 28.13 36.23
N GLY D 620 -16.72 28.44 37.31
CA GLY D 620 -15.32 28.05 37.49
C GLY D 620 -15.14 26.59 37.85
N TYR D 621 -13.99 26.26 38.45
CA TYR D 621 -13.59 24.86 38.70
C TYR D 621 -13.05 24.61 40.10
N LYS D 622 -12.61 25.66 40.77
CA LYS D 622 -12.16 25.56 42.16
C LYS D 622 -13.09 26.41 43.06
N ASN D 623 -12.62 26.84 44.23
CA ASN D 623 -13.33 27.85 45.01
C ASN D 623 -12.79 29.27 44.84
N TYR D 624 -13.68 30.25 44.96
CA TYR D 624 -13.35 31.65 44.72
C TYR D 624 -13.94 32.58 45.76
N PRO D 625 -13.24 33.71 46.06
CA PRO D 625 -13.75 34.77 46.93
C PRO D 625 -15.00 35.44 46.34
N ASP D 626 -15.88 35.93 47.21
CA ASP D 626 -17.17 36.50 46.77
C ASP D 626 -17.04 37.35 45.53
N ASN D 627 -16.24 38.41 45.61
CA ASN D 627 -16.07 39.38 44.52
C ASN D 627 -15.66 38.84 43.14
N VAL D 628 -15.36 37.54 43.03
CA VAL D 628 -15.19 36.93 41.73
C VAL D 628 -16.56 36.52 41.23
N ILE D 629 -17.45 36.22 42.17
CA ILE D 629 -18.81 35.90 41.82
C ILE D 629 -19.52 37.17 41.42
N HIS D 630 -19.30 38.23 42.19
CA HIS D 630 -19.86 39.52 41.81
C HIS D 630 -19.45 39.94 40.40
N LYS D 631 -18.15 40.21 40.20
CA LYS D 631 -17.58 40.47 38.88
C LYS D 631 -18.23 39.65 37.76
N PHE D 632 -18.19 38.32 37.91
CA PHE D 632 -18.68 37.45 36.85
C PHE D 632 -20.14 37.76 36.53
N VAL D 633 -21.03 37.68 37.51
CA VAL D 633 -22.42 38.01 37.31
C VAL D 633 -22.59 39.39 36.66
N GLN D 634 -21.92 40.39 37.23
CA GLN D 634 -22.04 41.76 36.73
C GLN D 634 -21.80 41.79 35.21
N GLU D 635 -20.70 41.16 34.77
CA GLU D 635 -20.29 41.10 33.38
C GLU D 635 -21.30 40.38 32.51
N SER D 636 -21.78 39.25 33.01
CA SER D 636 -22.75 38.40 32.32
C SER D 636 -24.01 39.18 31.94
N ALA D 637 -24.52 39.92 32.92
CA ALA D 637 -25.74 40.69 32.78
C ALA D 637 -25.50 41.95 31.95
N LYS D 638 -24.29 42.48 32.08
CA LYS D 638 -23.87 43.61 31.28
C LYS D 638 -23.78 43.23 29.78
N ALA D 639 -23.54 41.95 29.47
CA ALA D 639 -23.29 41.58 28.08
C ALA D 639 -24.39 40.77 27.39
N GLY D 640 -25.51 40.56 28.08
CA GLY D 640 -26.66 39.88 27.48
C GLY D 640 -27.50 38.92 28.32
N ILE D 641 -26.85 38.11 29.14
CA ILE D 641 -27.58 37.22 30.06
C ILE D 641 -28.63 37.96 30.89
N ASP D 642 -29.84 37.39 30.93
CA ASP D 642 -31.01 37.99 31.54
C ASP D 642 -31.53 37.27 32.79
N VAL D 643 -31.58 35.94 32.72
CA VAL D 643 -32.00 35.08 33.83
C VAL D 643 -30.74 34.39 34.35
N PHE D 644 -30.66 34.16 35.65
CA PHE D 644 -29.57 33.35 36.22
C PHE D 644 -30.17 32.23 37.05
N ARG D 645 -30.19 31.02 36.49
CA ARG D 645 -30.59 29.86 37.28
C ARG D 645 -29.44 29.53 38.22
N ILE D 646 -29.67 29.76 39.51
CA ILE D 646 -28.62 29.62 40.50
C ILE D 646 -28.90 28.37 41.33
N PHE D 647 -28.00 27.40 41.22
CA PHE D 647 -28.14 26.12 41.93
C PHE D 647 -26.94 25.85 42.83
N ASP D 648 -27.17 25.09 43.90
CA ASP D 648 -26.10 24.55 44.74
C ASP D 648 -25.99 23.03 44.56
N SER D 649 -24.77 22.54 44.41
CA SER D 649 -24.55 21.11 44.22
C SER D 649 -25.21 20.30 45.34
N LEU D 650 -25.37 20.91 46.51
CA LEU D 650 -25.97 20.20 47.65
C LEU D 650 -27.24 20.82 48.29
N ASN D 651 -28.00 21.63 47.53
CA ASN D 651 -29.16 22.37 48.06
C ASN D 651 -28.87 23.16 49.39
N TRP D 652 -27.66 23.68 49.51
CA TRP D 652 -27.26 24.40 50.69
C TRP D 652 -27.47 25.91 50.54
N VAL D 653 -28.60 26.38 51.07
CA VAL D 653 -29.12 27.73 50.88
C VAL D 653 -28.11 28.84 51.16
N ASP D 654 -27.34 28.71 52.23
CA ASP D 654 -26.40 29.77 52.61
C ASP D 654 -25.37 30.03 51.50
N GLN D 655 -25.21 29.06 50.59
CA GLN D 655 -24.19 29.16 49.57
C GLN D 655 -24.67 29.90 48.33
N MET D 656 -25.96 30.19 48.25
CA MET D 656 -26.49 30.82 47.06
C MET D 656 -26.92 32.27 47.27
N LYS D 657 -26.63 32.81 48.45
CA LYS D 657 -26.95 34.21 48.79
C LYS D 657 -26.06 35.24 48.08
N VAL D 658 -24.78 34.91 47.91
CA VAL D 658 -23.85 35.77 47.16
C VAL D 658 -24.27 35.94 45.69
N ALA D 659 -24.41 34.82 44.98
CA ALA D 659 -24.88 34.87 43.60
C ALA D 659 -26.18 35.66 43.54
N ASN D 660 -27.05 35.41 44.53
CA ASN D 660 -28.33 36.10 44.60
C ASN D 660 -28.19 37.62 44.68
N GLU D 661 -27.29 38.09 45.54
CA GLU D 661 -27.14 39.53 45.72
C GLU D 661 -26.57 40.19 44.47
N ALA D 662 -25.67 39.46 43.80
CA ALA D 662 -25.05 39.90 42.56
C ALA D 662 -26.08 40.04 41.45
N VAL D 663 -26.86 38.98 41.22
CA VAL D 663 -27.96 38.99 40.24
C VAL D 663 -28.98 40.07 40.56
N GLN D 664 -29.41 40.13 41.83
CA GLN D 664 -30.33 41.17 42.29
C GLN D 664 -29.78 42.59 42.01
N GLU D 665 -28.51 42.84 42.34
CA GLU D 665 -27.93 44.12 41.97
C GLU D 665 -28.07 44.37 40.46
N ALA D 666 -27.55 43.44 39.66
CA ALA D 666 -27.56 43.52 38.19
C ALA D 666 -28.91 43.91 37.56
N GLY D 667 -29.97 43.95 38.36
CA GLY D 667 -31.34 44.20 37.88
C GLY D 667 -31.92 43.09 37.02
N LYS D 668 -31.32 41.90 37.07
CA LYS D 668 -31.74 40.78 36.25
C LYS D 668 -32.56 39.74 37.00
N ILE D 669 -32.82 38.59 36.39
CA ILE D 669 -33.78 37.64 36.94
C ILE D 669 -33.09 36.49 37.67
N SER D 670 -33.38 36.37 38.96
CA SER D 670 -32.75 35.39 39.85
C SER D 670 -33.63 34.17 40.07
N GLU D 671 -33.07 33.01 39.76
CA GLU D 671 -33.86 31.80 39.78
C GLU D 671 -33.27 30.82 40.79
N GLY D 672 -34.03 30.61 41.86
CA GLY D 672 -33.67 29.71 42.94
C GLY D 672 -33.98 28.27 42.57
N THR D 673 -32.96 27.43 42.59
CA THR D 673 -33.10 26.04 42.14
C THR D 673 -33.13 25.06 43.29
N ILE D 674 -33.97 24.04 43.15
CA ILE D 674 -34.00 22.93 44.08
C ILE D 674 -33.71 21.63 43.36
N CYS D 675 -32.50 21.12 43.56
CA CYS D 675 -32.15 19.87 42.92
C CYS D 675 -32.97 18.75 43.54
N TYR D 676 -33.60 17.97 42.67
CA TYR D 676 -34.44 16.87 43.10
C TYR D 676 -33.64 15.59 43.08
N THR D 677 -33.69 14.84 44.19
CA THR D 677 -33.31 13.41 44.24
C THR D 677 -34.37 12.71 45.05
N GLY D 678 -34.15 11.43 45.28
CA GLY D 678 -35.09 10.61 46.01
C GLY D 678 -36.31 10.35 45.15
N ASP D 679 -37.43 10.05 45.80
CA ASP D 679 -38.71 9.79 45.16
C ASP D 679 -39.82 9.97 46.22
N ILE D 680 -40.50 11.12 46.14
CA ILE D 680 -41.53 11.51 47.09
C ILE D 680 -42.76 10.59 47.04
N LEU D 681 -42.79 9.69 46.06
CA LEU D 681 -43.87 8.70 45.95
C LEU D 681 -43.60 7.54 46.89
N ASN D 682 -42.32 7.19 46.97
CA ASN D 682 -41.86 6.09 47.79
C ASN D 682 -41.41 6.61 49.17
N PRO D 683 -42.20 6.33 50.22
CA PRO D 683 -41.84 6.86 51.53
C PRO D 683 -40.78 6.01 52.24
N GLU D 684 -40.38 4.90 51.62
CA GLU D 684 -39.27 4.07 52.12
C GLU D 684 -37.92 4.53 51.55
N ARG D 685 -37.99 5.43 50.58
CA ARG D 685 -36.81 5.91 49.86
C ARG D 685 -35.98 6.81 50.74
N SER D 686 -36.67 7.65 51.50
CA SER D 686 -36.03 8.66 52.34
C SER D 686 -37.03 9.40 53.21
N ASN D 687 -36.69 9.55 54.48
CA ASN D 687 -37.42 10.45 55.37
C ASN D 687 -36.68 11.78 55.62
N ILE D 688 -35.89 12.19 54.63
CA ILE D 688 -35.37 13.56 54.57
C ILE D 688 -35.81 14.25 53.27
N TYR D 689 -35.60 13.58 52.13
CA TYR D 689 -35.95 14.14 50.82
C TYR D 689 -37.43 13.91 50.53
N THR D 690 -38.21 14.52 51.41
CA THR D 690 -39.65 14.36 51.56
C THR D 690 -40.40 15.48 50.84
N LEU D 691 -41.72 15.32 50.69
CA LEU D 691 -42.57 16.36 50.12
C LEU D 691 -42.49 17.63 50.96
N GLU D 692 -42.30 17.47 52.28
CA GLU D 692 -42.17 18.62 53.17
C GLU D 692 -40.78 19.27 53.02
N TYR D 693 -39.74 18.46 52.78
CA TYR D 693 -38.41 19.00 52.55
C TYR D 693 -38.43 20.09 51.49
N TYR D 694 -39.00 19.73 50.34
CA TYR D 694 -39.08 20.58 49.13
C TYR D 694 -39.99 21.79 49.30
N VAL D 695 -41.09 21.60 50.04
CA VAL D 695 -42.00 22.70 50.32
C VAL D 695 -41.31 23.79 51.13
N LYS D 696 -40.72 23.40 52.27
CA LYS D 696 -39.97 24.31 53.14
C LYS D 696 -38.84 25.00 52.40
N LEU D 697 -38.05 24.22 51.66
CA LEU D 697 -36.94 24.73 50.86
C LEU D 697 -37.37 25.81 49.87
N ALA D 698 -38.41 25.51 49.10
CA ALA D 698 -39.05 26.49 48.26
C ALA D 698 -39.43 27.73 49.07
N LYS D 699 -40.17 27.52 50.16
CA LYS D 699 -40.67 28.62 50.96
C LYS D 699 -39.50 29.50 51.42
N GLU D 700 -38.36 28.86 51.71
CA GLU D 700 -37.16 29.53 52.14
C GLU D 700 -36.57 30.40 51.03
N LEU D 701 -36.53 29.85 49.82
CA LEU D 701 -35.90 30.57 48.72
C LEU D 701 -36.70 31.81 48.37
N GLU D 702 -38.03 31.72 48.48
CA GLU D 702 -38.92 32.86 48.23
C GLU D 702 -38.61 33.99 49.19
N ARG D 703 -38.21 33.62 50.39
CA ARG D 703 -37.85 34.56 51.45
C ARG D 703 -36.51 35.21 51.12
N GLU D 704 -35.66 34.51 50.37
CA GLU D 704 -34.40 35.08 49.89
C GLU D 704 -34.63 36.01 48.71
N GLY D 705 -35.82 35.91 48.12
CA GLY D 705 -36.23 36.88 47.11
C GLY D 705 -35.89 36.46 45.70
N PHE D 706 -35.82 35.15 45.47
CA PHE D 706 -35.70 34.68 44.11
C PHE D 706 -36.98 34.99 43.36
N HIS D 707 -36.84 35.37 42.09
CA HIS D 707 -37.96 35.80 41.27
C HIS D 707 -38.74 34.62 40.75
N ILE D 708 -38.02 33.55 40.44
CA ILE D 708 -38.59 32.33 39.89
C ILE D 708 -38.06 31.15 40.67
N LEU D 709 -38.92 30.22 41.03
CA LEU D 709 -38.47 28.97 41.63
C LEU D 709 -38.25 27.99 40.53
N ALA D 710 -37.02 27.49 40.43
CA ALA D 710 -36.65 26.46 39.48
C ALA D 710 -36.56 25.13 40.16
N ILE D 711 -36.93 24.08 39.44
CA ILE D 711 -36.62 22.72 39.86
C ILE D 711 -35.72 22.08 38.79
N LYS D 712 -34.67 21.43 39.26
CA LYS D 712 -33.64 20.90 38.41
C LYS D 712 -33.56 19.47 38.84
N ASP D 713 -34.32 18.62 38.16
CA ASP D 713 -34.18 17.21 38.29
C ASP D 713 -33.09 16.80 37.32
N MET D 714 -31.84 16.75 37.80
CA MET D 714 -30.68 16.60 36.92
C MET D 714 -30.49 15.17 36.42
N ALA D 715 -31.13 14.23 37.11
CA ALA D 715 -30.96 12.82 36.84
C ALA D 715 -32.24 12.19 36.32
N GLY D 716 -33.26 13.02 36.08
CA GLY D 716 -34.52 12.55 35.49
C GLY D 716 -35.32 11.62 36.38
N LEU D 717 -35.27 11.89 37.68
CA LEU D 717 -35.83 11.04 38.71
C LEU D 717 -37.25 11.45 39.08
N LEU D 718 -37.67 12.59 38.57
CA LEU D 718 -38.99 13.14 38.88
C LEU D 718 -40.05 12.42 38.07
N LYS D 719 -40.42 11.24 38.57
CA LYS D 719 -41.49 10.44 37.98
C LYS D 719 -42.79 11.23 37.81
N PRO D 720 -43.52 11.02 36.69
CA PRO D 720 -44.77 11.75 36.39
C PRO D 720 -45.64 12.04 37.61
N LYS D 721 -46.03 11.02 38.36
CA LYS D 721 -46.88 11.24 39.52
C LYS D 721 -46.24 12.10 40.59
N ALA D 722 -44.95 11.90 40.83
CA ALA D 722 -44.24 12.74 41.78
C ALA D 722 -44.21 14.20 41.30
N ALA D 723 -44.27 14.41 40.00
CA ALA D 723 -44.19 15.76 39.46
C ALA D 723 -45.55 16.42 39.57
N TYR D 724 -46.62 15.66 39.41
CA TYR D 724 -47.95 16.20 39.65
C TYR D 724 -48.13 16.67 41.09
N GLU D 725 -47.79 15.78 42.03
CA GLU D 725 -47.91 16.06 43.44
C GLU D 725 -46.96 17.15 43.87
N LEU D 726 -45.72 17.08 43.40
CA LEU D 726 -44.72 18.07 43.79
C LEU D 726 -45.16 19.46 43.38
N ILE D 727 -45.16 19.73 42.07
CA ILE D 727 -45.58 21.02 41.49
C ILE D 727 -46.91 21.50 42.09
N GLY D 728 -47.87 20.59 42.21
CA GLY D 728 -49.16 20.93 42.78
C GLY D 728 -48.94 21.57 44.12
N GLU D 729 -48.26 20.84 44.99
CA GLU D 729 -47.86 21.31 46.33
C GLU D 729 -47.20 22.70 46.37
N LEU D 730 -46.33 22.99 45.40
CA LEU D 730 -45.51 24.21 45.48
C LEU D 730 -46.24 25.49 45.07
N LYS D 731 -47.09 25.40 44.04
CA LYS D 731 -47.94 26.51 43.61
C LYS D 731 -48.77 27.13 44.74
N SER D 732 -49.26 26.30 45.66
CA SER D 732 -50.12 26.80 46.73
C SER D 732 -49.32 27.01 48.02
N ALA D 733 -48.07 26.58 47.98
CA ALA D 733 -47.16 26.77 49.10
C ALA D 733 -46.43 28.09 48.98
N VAL D 734 -46.08 28.45 47.75
CA VAL D 734 -45.27 29.61 47.45
C VAL D 734 -45.90 30.39 46.29
N ASP D 735 -45.52 31.64 46.10
CA ASP D 735 -46.07 32.40 44.99
C ASP D 735 -45.21 32.51 43.73
N LEU D 736 -43.90 32.32 43.86
CA LEU D 736 -43.01 32.37 42.70
C LEU D 736 -43.54 31.51 41.56
N PRO D 737 -43.39 31.96 40.30
CA PRO D 737 -43.68 31.02 39.19
C PRO D 737 -42.74 29.83 39.27
N ILE D 738 -43.20 28.64 38.89
CA ILE D 738 -42.31 27.47 38.97
C ILE D 738 -41.78 27.07 37.59
N HIS D 739 -40.45 26.88 37.55
CA HIS D 739 -39.71 26.53 36.34
C HIS D 739 -39.16 25.11 36.49
N LEU D 740 -39.74 24.15 35.79
CA LEU D 740 -39.28 22.77 35.92
C LEU D 740 -38.34 22.40 34.80
N HIS D 741 -37.25 21.72 35.14
CA HIS D 741 -36.28 21.22 34.17
C HIS D 741 -35.92 19.77 34.52
N THR D 742 -35.79 18.91 33.51
CA THR D 742 -35.52 17.47 33.72
C THR D 742 -34.75 16.82 32.54
N HIS D 743 -34.40 15.54 32.65
CA HIS D 743 -33.71 14.84 31.55
C HIS D 743 -34.42 13.57 31.13
N ASP D 744 -34.63 13.40 29.82
CA ASP D 744 -35.46 12.33 29.32
C ASP D 744 -34.69 11.02 29.46
N THR D 745 -33.77 11.00 30.43
CA THR D 745 -32.93 9.84 30.66
C THR D 745 -33.75 8.56 30.87
N SER D 746 -34.92 8.68 31.50
CA SER D 746 -35.76 7.51 31.76
C SER D 746 -36.71 7.14 30.63
N GLY D 747 -36.86 8.03 29.64
CA GLY D 747 -37.89 7.90 28.61
C GLY D 747 -39.24 8.51 29.01
N ASN D 748 -39.36 8.92 30.26
CA ASN D 748 -40.61 9.46 30.79
C ASN D 748 -40.65 11.00 30.89
N GLY D 749 -39.63 11.66 30.36
CA GLY D 749 -39.52 13.12 30.45
C GLY D 749 -40.76 13.85 29.98
N LEU D 750 -41.32 13.40 28.85
CA LEU D 750 -42.59 13.92 28.36
C LEU D 750 -43.72 13.74 29.36
N LEU D 751 -43.82 12.53 29.90
CA LEU D 751 -44.91 12.17 30.78
C LEU D 751 -44.86 13.06 32.03
N THR D 752 -43.69 13.12 32.64
CA THR D 752 -43.38 14.06 33.72
C THR D 752 -43.83 15.50 33.40
N TYR D 753 -43.49 15.98 32.21
CA TYR D 753 -43.85 17.32 31.80
C TYR D 753 -45.36 17.49 31.70
N LYS D 754 -46.01 16.54 31.03
CA LYS D 754 -47.45 16.60 30.87
C LYS D 754 -48.06 16.74 32.27
N GLN D 755 -47.79 15.78 33.15
CA GLN D 755 -48.30 15.83 34.54
C GLN D 755 -48.01 17.17 35.22
N ALA D 756 -46.79 17.67 35.04
CA ALA D 756 -46.37 18.95 35.63
C ALA D 756 -47.28 20.09 35.19
N ILE D 757 -47.65 20.04 33.91
CA ILE D 757 -48.59 20.98 33.30
C ILE D 757 -49.99 20.81 33.90
N ASP D 758 -50.45 19.59 34.04
CA ASP D 758 -51.70 19.40 34.75
C ASP D 758 -51.67 20.15 36.08
N ALA D 759 -50.53 20.06 36.76
CA ALA D 759 -50.40 20.57 38.13
C ALA D 759 -50.17 22.08 38.17
N GLY D 760 -50.27 22.72 37.02
CA GLY D 760 -50.26 24.17 36.93
C GLY D 760 -48.90 24.82 36.74
N VAL D 761 -47.88 24.01 36.43
CA VAL D 761 -46.51 24.50 36.20
C VAL D 761 -46.45 25.69 35.22
N ASP D 762 -45.42 26.52 35.37
CA ASP D 762 -45.29 27.76 34.59
C ASP D 762 -44.29 27.67 33.44
N ILE D 763 -43.10 27.14 33.68
CA ILE D 763 -42.10 27.04 32.63
C ILE D 763 -41.45 25.65 32.58
N ILE D 764 -41.21 25.15 31.36
CA ILE D 764 -40.51 23.89 31.14
C ILE D 764 -39.28 24.12 30.25
N ASP D 765 -38.29 23.25 30.37
CA ASP D 765 -37.08 23.30 29.56
C ASP D 765 -37.24 22.28 28.43
N THR D 766 -36.89 22.66 27.21
CA THR D 766 -36.92 21.70 26.12
C THR D 766 -35.74 21.84 25.14
N ALA D 767 -35.84 21.14 24.02
CA ALA D 767 -34.83 21.12 22.97
C ALA D 767 -35.50 20.59 21.72
N VAL D 768 -35.10 21.11 20.56
CA VAL D 768 -35.68 20.69 19.30
C VAL D 768 -35.51 19.17 19.13
N ALA D 769 -36.48 18.53 18.48
CA ALA D 769 -36.57 17.08 18.48
C ALA D 769 -35.21 16.42 18.27
N SER D 770 -34.47 16.83 17.24
CA SER D 770 -33.21 16.20 16.83
C SER D 770 -32.06 16.43 17.80
N MET D 771 -32.34 17.19 18.86
CA MET D 771 -31.35 17.47 19.90
C MET D 771 -31.86 17.17 21.31
N SER D 772 -32.78 16.22 21.38
CA SER D 772 -33.46 15.93 22.63
C SER D 772 -33.59 14.44 22.87
N GLY D 773 -34.33 14.10 23.91
CA GLY D 773 -34.53 12.72 24.28
C GLY D 773 -33.31 12.17 24.99
N LEU D 774 -33.43 10.96 25.53
CA LEU D 774 -32.36 10.38 26.34
C LEU D 774 -31.81 11.36 27.38
N THR D 775 -30.50 11.51 27.46
CA THR D 775 -29.87 12.39 28.47
C THR D 775 -30.18 13.88 28.28
N SER D 776 -30.86 14.23 27.20
CA SER D 776 -31.22 15.60 26.92
C SER D 776 -32.54 15.94 27.62
N GLN D 777 -33.16 17.08 27.31
CA GLN D 777 -34.49 17.35 27.83
C GLN D 777 -35.53 16.66 26.95
N PRO D 778 -36.80 16.58 27.43
CA PRO D 778 -37.92 16.19 26.57
C PRO D 778 -37.99 17.07 25.34
N SER D 779 -38.34 16.46 24.19
CA SER D 779 -38.50 17.18 22.90
C SER D 779 -39.70 18.13 22.87
N ALA D 780 -39.41 19.41 22.68
CA ALA D 780 -40.45 20.40 22.40
C ALA D 780 -41.44 19.89 21.31
N ASN D 781 -40.92 19.49 20.15
CA ASN D 781 -41.78 18.97 19.08
C ASN D 781 -42.79 17.96 19.60
N SER D 782 -42.30 16.84 20.17
CA SER D 782 -43.15 15.82 20.79
C SER D 782 -44.20 16.42 21.74
N LEU D 783 -43.75 17.19 22.73
CA LEU D 783 -44.65 17.81 23.71
C LEU D 783 -45.80 18.59 23.06
N TYR D 784 -45.51 19.35 22.01
CA TYR D 784 -46.50 20.22 21.37
C TYR D 784 -47.78 19.51 20.91
N TYR D 785 -47.63 18.36 20.25
CA TYR D 785 -48.77 17.52 19.91
C TYR D 785 -49.23 16.65 21.08
N ALA D 786 -48.30 16.25 21.94
CA ALA D 786 -48.66 15.44 23.11
C ALA D 786 -49.82 16.03 23.95
N LEU D 787 -50.00 17.35 23.86
CA LEU D 787 -50.94 18.05 24.71
C LEU D 787 -52.21 18.33 23.94
N ASN D 788 -52.28 17.85 22.70
CA ASN D 788 -53.45 18.11 21.89
C ASN D 788 -54.68 17.55 22.57
N GLY D 789 -55.71 18.39 22.63
CA GLY D 789 -56.97 17.99 23.24
C GLY D 789 -56.88 17.97 24.75
N PHE D 790 -55.89 18.72 25.26
CA PHE D 790 -55.71 18.93 26.70
C PHE D 790 -55.82 20.42 27.03
N PRO D 791 -56.28 20.75 28.27
CA PRO D 791 -56.57 22.12 28.74
C PRO D 791 -55.48 23.16 28.48
N ARG D 792 -54.21 22.85 28.75
CA ARG D 792 -53.13 23.81 28.52
C ARG D 792 -52.18 23.40 27.39
N HIS D 793 -51.79 24.36 26.58
CA HIS D 793 -50.98 24.10 25.40
C HIS D 793 -49.61 24.72 25.53
N LEU D 794 -48.74 24.35 24.60
CA LEU D 794 -47.40 24.89 24.51
C LEU D 794 -47.42 26.17 23.68
N ARG D 795 -47.10 27.30 24.32
CA ARG D 795 -46.93 28.59 23.65
C ARG D 795 -45.66 28.57 22.83
N THR D 796 -45.77 28.11 21.58
CA THR D 796 -44.64 28.03 20.64
C THR D 796 -45.14 27.79 19.24
N ASP D 797 -44.23 27.42 18.34
CA ASP D 797 -44.47 27.37 16.88
C ASP D 797 -43.86 26.11 16.26
N ILE D 798 -44.66 25.05 16.14
CA ILE D 798 -44.17 23.74 15.70
C ILE D 798 -43.51 23.73 14.35
N GLU D 799 -44.09 24.50 13.44
CA GLU D 799 -43.66 24.55 12.04
C GLU D 799 -42.28 25.16 11.92
N GLY D 800 -42.02 26.17 12.76
CA GLY D 800 -40.71 26.79 12.84
C GLY D 800 -39.76 25.87 13.57
N MET D 801 -40.29 25.22 14.59
CA MET D 801 -39.58 24.21 15.34
C MET D 801 -39.18 22.99 14.50
N GLU D 802 -40.04 22.57 13.56
CA GLU D 802 -39.74 21.44 12.71
C GLU D 802 -38.50 21.77 11.86
N SER D 803 -38.46 23.01 11.38
CA SER D 803 -37.36 23.46 10.57
C SER D 803 -36.08 23.38 11.36
N LEU D 804 -36.17 23.75 12.63
CA LEU D 804 -35.01 23.77 13.51
C LEU D 804 -34.54 22.35 13.67
N SER D 805 -35.47 21.47 14.00
CA SER D 805 -35.10 20.08 14.18
C SER D 805 -34.37 19.55 12.95
N HIS D 806 -34.87 19.89 11.77
CA HIS D 806 -34.24 19.46 10.52
C HIS D 806 -32.81 19.95 10.42
N TYR D 807 -32.60 21.25 10.65
CA TYR D 807 -31.27 21.88 10.65
C TYR D 807 -30.33 21.16 11.61
N TRP D 808 -30.68 21.21 12.89
CA TRP D 808 -29.84 20.66 13.95
C TRP D 808 -29.47 19.19 13.74
N SER D 809 -30.36 18.46 13.08
CA SER D 809 -30.13 17.11 12.64
C SER D 809 -28.92 17.03 11.71
N THR D 810 -28.89 17.93 10.73
CA THR D 810 -27.78 17.94 9.78
C THR D 810 -26.53 18.46 10.45
N VAL D 811 -26.69 19.36 11.41
CA VAL D 811 -25.56 19.90 12.12
C VAL D 811 -25.00 18.88 13.12
N ARG D 812 -25.90 18.09 13.71
CA ARG D 812 -25.46 17.07 14.65
C ARG D 812 -24.42 16.17 13.99
N THR D 813 -24.52 16.02 12.67
CA THR D 813 -23.65 15.13 11.93
C THR D 813 -22.17 15.53 12.03
N TYR D 814 -21.92 16.83 12.18
CA TYR D 814 -20.57 17.39 12.25
C TYR D 814 -19.90 16.96 13.54
N TYR D 815 -20.72 16.59 14.52
CA TYR D 815 -20.25 16.24 15.85
C TYR D 815 -20.28 14.73 16.13
N SER D 816 -20.20 13.93 15.07
CA SER D 816 -20.31 12.47 15.17
C SER D 816 -19.34 11.83 16.18
N ASP D 817 -18.14 12.38 16.27
CA ASP D 817 -17.09 11.87 17.16
C ASP D 817 -17.36 12.02 18.66
N PHE D 818 -18.20 12.99 19.02
CA PHE D 818 -18.57 13.29 20.40
C PHE D 818 -19.91 12.71 20.81
N GLU D 819 -20.51 11.89 19.94
CA GLU D 819 -21.75 11.16 20.24
C GLU D 819 -21.60 10.23 21.44
N SER D 820 -22.36 10.49 22.49
CA SER D 820 -22.18 9.74 23.72
C SER D 820 -22.74 8.32 23.58
N ASP D 821 -22.30 7.44 24.49
CA ASP D 821 -22.64 6.00 24.50
C ASP D 821 -24.13 5.67 24.46
N ILE D 822 -24.92 6.42 25.24
CA ILE D 822 -26.31 6.08 25.56
C ILE D 822 -27.22 6.05 24.33
N LYS D 823 -27.67 4.85 23.97
CA LYS D 823 -28.55 4.66 22.79
C LYS D 823 -30.04 4.41 23.11
N SER D 824 -30.38 4.41 24.39
CA SER D 824 -31.73 4.11 24.79
C SER D 824 -31.94 4.45 26.26
N PRO D 825 -33.20 4.63 26.67
CA PRO D 825 -33.48 5.01 28.04
C PRO D 825 -33.00 3.94 29.06
N ASN D 826 -32.75 4.42 30.27
CA ASN D 826 -32.18 3.58 31.30
C ASN D 826 -32.90 3.91 32.56
N THR D 827 -33.59 2.89 33.07
CA THR D 827 -34.48 3.09 34.18
C THR D 827 -33.81 2.73 35.51
N GLU D 828 -32.61 2.15 35.42
CA GLU D 828 -31.78 1.88 36.62
C GLU D 828 -31.37 3.15 37.38
N ILE D 829 -31.41 4.28 36.70
CA ILE D 829 -31.26 5.58 37.33
C ILE D 829 -32.13 5.74 38.57
N TYR D 830 -33.17 4.92 38.72
CA TYR D 830 -34.10 5.01 39.86
C TYR D 830 -33.54 4.23 41.03
N GLN D 831 -32.53 3.43 40.78
CA GLN D 831 -31.84 2.84 41.90
C GLN D 831 -30.55 3.64 42.17
N HIS D 832 -29.59 3.58 41.26
CA HIS D 832 -28.28 4.17 41.51
C HIS D 832 -28.22 5.72 41.47
N GLU D 833 -29.11 6.34 40.70
CA GLU D 833 -29.26 7.81 40.68
C GLU D 833 -28.12 8.65 40.07
N MET D 834 -27.40 8.10 39.09
CA MET D 834 -26.31 8.82 38.43
C MET D 834 -26.90 9.87 37.48
N PRO D 835 -26.49 11.16 37.62
CA PRO D 835 -27.05 12.13 36.70
C PRO D 835 -26.60 11.96 35.23
N GLY D 836 -27.48 12.32 34.31
CA GLY D 836 -27.25 12.29 32.88
C GLY D 836 -26.01 11.55 32.43
N GLY D 837 -24.88 12.25 32.37
CA GLY D 837 -23.63 11.67 31.91
C GLY D 837 -23.14 10.62 32.88
N GLN D 838 -22.34 11.05 33.87
CA GLN D 838 -21.86 10.18 34.97
C GLN D 838 -21.89 8.66 34.73
N TYR D 839 -23.04 8.04 34.45
CA TYR D 839 -23.00 6.59 34.16
C TYR D 839 -22.28 6.26 32.85
N SER D 840 -21.97 7.28 32.07
CA SER D 840 -21.12 7.05 30.92
C SER D 840 -19.68 7.08 31.40
N ASN D 841 -19.19 8.26 31.76
CA ASN D 841 -17.81 8.43 32.25
C ASN D 841 -17.38 7.33 33.22
N LEU D 842 -18.26 7.00 34.15
CA LEU D 842 -17.99 5.96 35.12
C LEU D 842 -17.62 4.67 34.42
N SER D 843 -18.39 4.29 33.40
CA SER D 843 -18.16 3.06 32.69
C SER D 843 -16.87 3.06 31.85
N GLN D 844 -16.54 4.23 31.27
CA GLN D 844 -15.28 4.42 30.57
C GLN D 844 -14.14 4.33 31.58
N GLN D 845 -14.41 4.82 32.80
CA GLN D 845 -13.45 4.84 33.87
C GLN D 845 -13.35 3.45 34.45
N ALA D 846 -14.50 2.85 34.74
CA ALA D 846 -14.54 1.47 35.22
C ALA D 846 -13.68 0.56 34.35
N LYS D 847 -13.98 0.54 33.04
CA LYS D 847 -13.21 -0.22 32.04
C LYS D 847 -11.72 0.15 31.99
N SER D 848 -11.44 1.41 32.34
CA SER D 848 -10.09 1.96 32.37
C SER D 848 -9.28 1.46 33.57
N LEU D 849 -9.93 1.36 34.73
CA LEU D 849 -9.30 0.83 35.94
C LEU D 849 -9.43 -0.70 36.02
N GLY D 850 -9.76 -1.31 34.89
CA GLY D 850 -9.78 -2.77 34.75
C GLY D 850 -10.97 -3.45 35.40
N LEU D 851 -12.09 -2.73 35.48
CA LEU D 851 -13.31 -3.23 36.13
C LEU D 851 -14.48 -3.27 35.15
N GLY D 852 -14.16 -3.51 33.87
CA GLY D 852 -15.17 -3.52 32.81
C GLY D 852 -16.30 -4.50 33.05
N GLU D 853 -15.95 -5.72 33.40
CA GLU D 853 -16.94 -6.79 33.59
C GLU D 853 -17.64 -6.76 34.95
N ARG D 854 -17.07 -5.99 35.89
CA ARG D 854 -17.66 -5.88 37.25
C ARG D 854 -18.51 -4.64 37.45
N PHE D 855 -18.84 -3.96 36.36
CA PHE D 855 -19.53 -2.69 36.42
C PHE D 855 -20.85 -2.74 37.21
N ASP D 856 -21.46 -3.92 37.27
CA ASP D 856 -22.70 -4.12 38.04
C ASP D 856 -22.47 -3.87 39.53
N GLU D 857 -21.28 -4.26 40.03
CA GLU D 857 -20.90 -4.02 41.41
C GLU D 857 -20.51 -2.54 41.62
N VAL D 858 -19.92 -1.93 40.60
CA VAL D 858 -19.61 -0.50 40.63
C VAL D 858 -20.88 0.31 40.80
N LYS D 859 -21.87 0.08 39.94
CA LYS D 859 -23.24 0.58 40.10
C LYS D 859 -23.70 0.43 41.56
N ASP D 860 -23.66 -0.81 42.03
CA ASP D 860 -24.16 -1.16 43.35
C ASP D 860 -23.48 -0.30 44.42
N MET D 861 -22.16 -0.20 44.37
CA MET D 861 -21.44 0.61 45.34
C MET D 861 -21.78 2.08 45.16
N TYR D 862 -22.23 2.47 43.98
CA TYR D 862 -22.59 3.86 43.77
C TYR D 862 -23.77 4.22 44.71
N ARG D 863 -24.86 3.46 44.61
CA ARG D 863 -26.04 3.64 45.47
C ARG D 863 -25.69 3.54 46.96
N ARG D 864 -24.78 2.60 47.27
CA ARG D 864 -24.30 2.37 48.64
C ARG D 864 -23.53 3.58 49.21
N VAL D 865 -22.47 3.99 48.52
CA VAL D 865 -21.73 5.21 48.89
C VAL D 865 -22.64 6.40 49.15
N ASN D 866 -23.69 6.55 48.34
CA ASN D 866 -24.67 7.62 48.58
C ASN D 866 -25.13 7.60 50.04
N PHE D 867 -25.62 6.44 50.48
CA PHE D 867 -26.14 6.27 51.83
C PHE D 867 -25.05 6.27 52.90
N LEU D 868 -23.87 5.82 52.50
CA LEU D 868 -22.70 5.89 53.35
C LEU D 868 -22.35 7.37 53.63
N PHE D 869 -22.55 8.22 52.64
CA PHE D 869 -22.29 9.66 52.78
C PHE D 869 -23.49 10.40 53.36
N GLY D 870 -24.51 9.62 53.73
CA GLY D 870 -25.72 10.14 54.37
C GLY D 870 -26.82 10.54 53.41
N ASP D 871 -26.76 10.01 52.19
CA ASP D 871 -27.77 10.26 51.17
C ASP D 871 -27.74 11.74 50.80
N ILE D 872 -26.90 12.06 49.81
CA ILE D 872 -26.64 13.43 49.40
C ILE D 872 -27.19 13.72 47.99
N VAL D 873 -27.51 14.98 47.72
CA VAL D 873 -27.95 15.42 46.39
C VAL D 873 -26.77 15.18 45.45
N LYS D 874 -27.02 14.61 44.28
CA LYS D 874 -25.93 14.19 43.40
C LYS D 874 -25.84 14.89 42.05
N VAL D 875 -25.56 16.21 42.06
CA VAL D 875 -25.21 16.95 40.83
C VAL D 875 -23.71 17.07 40.82
N THR D 876 -23.17 17.84 39.88
CA THR D 876 -21.74 18.05 39.86
C THR D 876 -21.46 19.23 40.79
N PRO D 877 -20.28 19.27 41.43
CA PRO D 877 -19.19 18.28 41.41
C PRO D 877 -19.35 17.14 42.42
N SER D 878 -20.55 17.01 43.00
CA SER D 878 -20.78 16.09 44.09
C SER D 878 -21.13 14.66 43.62
N SER D 879 -21.36 14.52 42.32
CA SER D 879 -21.66 13.21 41.71
C SER D 879 -20.37 12.48 41.36
N LYS D 880 -19.31 13.25 41.12
CA LYS D 880 -17.97 12.69 40.92
C LYS D 880 -17.42 12.17 42.24
N VAL D 881 -17.76 12.88 43.33
CA VAL D 881 -17.37 12.42 44.65
C VAL D 881 -17.94 11.02 44.83
N VAL D 882 -19.26 10.90 44.75
CA VAL D 882 -19.90 9.60 44.92
C VAL D 882 -19.44 8.61 43.83
N GLY D 883 -19.18 9.14 42.63
CA GLY D 883 -18.51 8.38 41.57
C GLY D 883 -17.19 7.78 42.04
N ASP D 884 -16.28 8.62 42.50
CA ASP D 884 -14.94 8.19 42.85
C ASP D 884 -14.87 7.19 43.98
N MET D 885 -15.71 7.35 45.00
CA MET D 885 -15.70 6.42 46.15
C MET D 885 -16.07 5.02 45.70
N ALA D 886 -17.20 4.90 45.01
CA ALA D 886 -17.66 3.60 44.52
C ALA D 886 -16.54 2.95 43.71
N LEU D 887 -16.05 3.71 42.72
CA LEU D 887 -14.93 3.31 41.92
C LEU D 887 -13.71 2.87 42.76
N TYR D 888 -13.39 3.63 43.80
CA TYR D 888 -12.27 3.29 44.70
C TYR D 888 -12.56 2.14 45.67
N MET D 889 -13.81 2.05 46.09
CA MET D 889 -14.23 1.06 47.07
C MET D 889 -14.34 -0.32 46.43
N VAL D 890 -14.80 -0.35 45.18
CA VAL D 890 -14.86 -1.61 44.43
C VAL D 890 -13.44 -2.04 44.02
N GLN D 891 -12.58 -1.06 43.74
CA GLN D 891 -11.19 -1.31 43.36
C GLN D 891 -10.39 -1.94 44.51
N ASN D 892 -10.59 -1.44 45.73
CA ASN D 892 -9.84 -1.94 46.91
C ASN D 892 -10.65 -2.92 47.74
N ASP D 893 -11.66 -3.51 47.10
CA ASP D 893 -12.53 -4.54 47.69
C ASP D 893 -13.11 -4.15 49.05
N LEU D 894 -13.57 -2.92 49.19
CA LEU D 894 -14.03 -2.40 50.50
C LEU D 894 -15.54 -2.50 50.75
N ASP D 895 -15.88 -2.74 52.01
CA ASP D 895 -17.25 -2.97 52.46
C ASP D 895 -17.85 -1.67 52.94
N GLU D 896 -19.05 -1.75 53.50
CA GLU D 896 -19.68 -0.62 54.17
C GLU D 896 -18.94 -0.35 55.49
N GLN D 897 -18.59 -1.43 56.19
CA GLN D 897 -17.95 -1.36 57.51
C GLN D 897 -16.43 -1.29 57.48
N SER D 898 -15.81 -1.86 56.46
CA SER D 898 -14.35 -1.90 56.42
C SER D 898 -13.74 -0.65 55.79
N VAL D 899 -14.59 0.26 55.34
CA VAL D 899 -14.14 1.58 54.94
C VAL D 899 -13.70 2.35 56.18
N ILE D 900 -14.40 2.13 57.30
CA ILE D 900 -14.00 2.68 58.61
C ILE D 900 -12.85 1.86 59.22
N THR D 901 -13.10 0.58 59.48
CA THR D 901 -12.11 -0.35 59.98
C THR D 901 -10.74 -0.09 59.36
N ASP D 902 -10.66 -0.21 58.03
CA ASP D 902 -9.37 -0.17 57.36
C ASP D 902 -8.87 1.22 56.99
N GLY D 903 -9.67 2.25 57.27
CA GLY D 903 -9.38 3.62 56.83
C GLY D 903 -7.98 4.18 57.01
N TYR D 904 -7.47 4.12 58.23
CA TYR D 904 -6.21 4.80 58.59
C TYR D 904 -5.00 4.46 57.71
N LYS D 905 -5.10 3.39 56.91
CA LYS D 905 -4.05 3.03 55.94
C LYS D 905 -4.38 3.40 54.48
N LEU D 906 -5.67 3.60 54.19
CA LEU D 906 -6.21 3.63 52.81
C LEU D 906 -5.87 4.83 51.90
N ASP D 907 -5.91 6.06 52.42
CA ASP D 907 -5.65 7.29 51.63
C ASP D 907 -6.62 7.45 50.46
N PHE D 908 -7.74 8.12 50.72
CA PHE D 908 -8.89 8.09 49.84
C PHE D 908 -8.75 9.04 48.66
N PRO D 909 -9.67 8.96 47.67
CA PRO D 909 -9.54 9.84 46.51
C PRO D 909 -9.69 11.30 46.90
N GLU D 910 -8.83 12.15 46.34
CA GLU D 910 -8.84 13.59 46.59
C GLU D 910 -10.26 14.14 46.64
N SER D 911 -11.05 13.80 45.63
CA SER D 911 -12.42 14.30 45.51
C SER D 911 -13.27 14.01 46.74
N VAL D 912 -13.12 12.79 47.28
CA VAL D 912 -13.78 12.39 48.51
C VAL D 912 -13.26 13.21 49.71
N VAL D 913 -11.96 13.10 50.02
CA VAL D 913 -11.39 13.93 51.09
C VAL D 913 -11.81 15.40 50.97
N SER D 914 -11.80 15.95 49.76
CA SER D 914 -12.23 17.33 49.55
C SER D 914 -13.66 17.54 50.06
N PHE D 915 -14.55 16.61 49.72
CA PHE D 915 -15.97 16.68 50.10
C PHE D 915 -16.13 16.81 51.62
N PHE D 916 -15.38 15.98 52.35
CA PHE D 916 -15.41 15.92 53.80
C PHE D 916 -14.72 17.10 54.50
N LYS D 917 -13.94 17.87 53.77
CA LYS D 917 -13.41 19.13 54.26
C LYS D 917 -14.50 20.22 54.23
N GLY D 918 -15.60 19.93 53.53
CA GLY D 918 -16.68 20.90 53.30
C GLY D 918 -16.32 21.91 52.23
N GLU D 919 -15.45 21.50 51.31
CA GLU D 919 -14.97 22.35 50.22
C GLU D 919 -16.02 22.50 49.12
N ILE D 920 -17.15 21.81 49.31
CA ILE D 920 -18.26 21.82 48.37
C ILE D 920 -19.53 22.19 49.14
N GLY D 921 -19.35 22.65 50.37
CA GLY D 921 -20.47 23.06 51.20
C GLY D 921 -20.81 22.03 52.23
N GLN D 922 -22.02 22.15 52.78
CA GLN D 922 -22.48 21.24 53.84
C GLN D 922 -23.73 20.52 53.36
N PRO D 923 -23.67 19.16 53.31
CA PRO D 923 -24.80 18.32 52.90
C PRO D 923 -25.98 18.38 53.87
N VAL D 924 -27.19 18.15 53.36
CA VAL D 924 -28.44 18.40 54.08
C VAL D 924 -28.55 17.70 55.43
N ASN D 925 -27.98 16.51 55.52
CA ASN D 925 -28.03 15.66 56.73
C ASN D 925 -26.88 15.96 57.72
N GLY D 926 -25.66 16.01 57.18
CA GLY D 926 -24.44 16.28 57.95
C GLY D 926 -23.36 15.31 57.51
N PHE D 927 -22.20 15.34 58.17
CA PHE D 927 -21.12 14.36 57.94
C PHE D 927 -21.08 13.34 59.07
N ASN D 928 -21.03 12.04 58.76
CA ASN D 928 -20.87 11.02 59.81
C ASN D 928 -19.51 11.17 60.44
N LYS D 929 -19.50 11.42 61.75
CA LYS D 929 -18.28 11.78 62.46
C LYS D 929 -17.17 10.74 62.37
N ASP D 930 -17.53 9.45 62.40
CA ASP D 930 -16.56 8.39 62.17
C ASP D 930 -15.92 8.54 60.78
N LEU D 931 -16.76 8.44 59.75
CA LEU D 931 -16.33 8.47 58.35
C LEU D 931 -15.51 9.70 57.97
N GLN D 932 -15.81 10.84 58.57
CA GLN D 932 -15.05 12.05 58.32
C GLN D 932 -13.64 11.93 58.91
N ALA D 933 -13.55 11.55 60.18
CA ALA D 933 -12.29 11.39 60.86
C ALA D 933 -11.29 10.55 60.07
N VAL D 934 -11.74 9.36 59.60
CA VAL D 934 -10.84 8.41 58.92
C VAL D 934 -10.33 8.93 57.58
N ILE D 935 -11.19 9.67 56.89
CA ILE D 935 -10.84 10.19 55.58
C ILE D 935 -9.90 11.38 55.70
N LEU D 936 -10.21 12.31 56.60
CA LEU D 936 -9.43 13.53 56.77
C LEU D 936 -8.05 13.28 57.35
N LYS D 937 -7.97 12.32 58.25
CA LYS D 937 -6.76 11.98 58.99
C LYS D 937 -6.14 13.27 59.48
N GLY D 938 -6.83 13.92 60.41
CA GLY D 938 -6.30 15.09 61.07
C GLY D 938 -6.63 16.43 60.45
N GLN D 939 -6.76 16.46 59.12
CA GLN D 939 -7.00 17.69 58.34
C GLN D 939 -8.11 18.60 58.88
N GLU D 940 -7.94 19.91 58.68
CA GLU D 940 -8.93 20.91 59.11
C GLU D 940 -10.16 20.91 58.20
N ALA D 941 -11.34 20.69 58.78
CA ALA D 941 -12.59 20.74 58.02
C ALA D 941 -13.21 22.13 58.12
N LEU D 942 -13.81 22.61 57.04
CA LEU D 942 -14.37 23.96 57.01
C LEU D 942 -15.75 24.03 57.65
N THR D 943 -15.98 25.09 58.43
CA THR D 943 -17.27 25.32 59.08
C THR D 943 -18.28 25.94 58.10
N ALA D 944 -18.01 27.17 57.69
CA ALA D 944 -18.87 27.90 56.77
C ALA D 944 -18.46 27.67 55.32
N ARG D 945 -19.33 28.02 54.38
CA ARG D 945 -18.99 28.06 52.96
C ARG D 945 -17.60 28.61 52.67
N PRO D 946 -16.87 27.97 51.74
CA PRO D 946 -15.46 28.27 51.49
C PRO D 946 -15.17 29.70 51.03
N GLY D 947 -16.21 30.41 50.58
CA GLY D 947 -16.10 31.79 50.15
C GLY D 947 -15.52 32.76 51.18
N GLU D 948 -15.95 32.65 52.43
CA GLU D 948 -15.49 33.57 53.48
C GLU D 948 -14.22 33.06 54.18
N TYR D 949 -13.57 32.08 53.55
CA TYR D 949 -12.27 31.61 53.96
C TYR D 949 -11.22 32.19 53.03
N LEU D 950 -11.69 32.67 51.88
CA LEU D 950 -10.81 33.16 50.83
C LEU D 950 -10.69 34.68 50.85
N GLU D 951 -9.49 35.15 50.57
CA GLU D 951 -9.24 36.58 50.45
C GLU D 951 -9.70 37.09 49.07
N PRO D 952 -10.28 38.30 49.02
CA PRO D 952 -10.76 38.91 47.77
C PRO D 952 -9.62 39.12 46.77
N VAL D 953 -9.96 39.03 45.48
CA VAL D 953 -8.96 39.16 44.42
C VAL D 953 -8.64 40.62 44.11
N ASP D 954 -7.36 40.94 43.94
CA ASP D 954 -6.96 42.27 43.53
C ASP D 954 -7.06 42.41 42.01
N PHE D 955 -8.25 42.79 41.52
CA PHE D 955 -8.45 42.87 40.08
C PHE D 955 -7.41 43.75 39.36
N GLU D 956 -7.13 44.94 39.90
CA GLU D 956 -6.13 45.83 39.24
C GLU D 956 -4.72 45.23 39.16
N LYS D 957 -4.44 44.20 39.98
CA LYS D 957 -3.19 43.44 39.87
C LYS D 957 -3.25 42.47 38.69
N VAL D 958 -4.44 41.93 38.42
CA VAL D 958 -4.65 41.08 37.24
C VAL D 958 -4.59 41.95 35.97
N ARG D 959 -5.27 43.10 36.01
CA ARG D 959 -5.12 44.12 35.00
C ARG D 959 -3.62 44.36 34.77
N GLU D 960 -2.92 44.74 35.82
CA GLU D 960 -1.47 45.01 35.79
C GLU D 960 -0.69 43.90 35.04
N LEU D 961 -0.97 42.64 35.40
CA LEU D 961 -0.30 41.48 34.81
C LEU D 961 -0.70 41.19 33.34
N LEU D 962 -2.00 41.23 33.05
CA LEU D 962 -2.47 40.93 31.71
C LEU D 962 -2.16 42.02 30.67
N GLU D 963 -2.03 43.27 31.14
CA GLU D 963 -1.67 44.41 30.28
C GLU D 963 -0.24 44.26 29.82
N GLU D 964 0.60 43.81 30.75
CA GLU D 964 2.01 43.63 30.48
C GLU D 964 2.18 42.43 29.57
N GLU D 965 1.49 41.33 29.91
CA GLU D 965 1.64 40.07 29.20
C GLU D 965 1.27 40.16 27.74
N GLN D 966 0.18 40.88 27.45
CA GLN D 966 -0.22 41.16 26.08
C GLN D 966 0.38 42.48 25.58
N GLN D 967 -0.15 43.00 24.47
CA GLN D 967 0.36 44.27 23.93
C GLN D 967 -0.21 45.48 24.70
N GLY D 968 -1.45 45.36 25.16
CA GLY D 968 -2.13 46.43 25.93
C GLY D 968 -3.67 46.55 25.88
N PRO D 969 -4.37 45.56 25.28
CA PRO D 969 -5.84 45.66 25.34
C PRO D 969 -6.40 45.42 26.75
N VAL D 970 -7.03 44.25 26.93
CA VAL D 970 -7.56 43.76 28.23
C VAL D 970 -8.81 44.47 28.74
N THR D 971 -9.88 43.71 28.91
CA THR D 971 -11.19 44.27 29.28
C THR D 971 -11.63 43.75 30.66
N GLU D 972 -12.83 44.10 31.10
CA GLU D 972 -13.29 43.53 32.35
C GLU D 972 -13.60 42.04 32.18
N GLN D 973 -14.01 41.63 30.98
CA GLN D 973 -14.33 40.23 30.69
C GLN D 973 -13.06 39.41 30.57
N ASP D 974 -11.96 40.07 30.22
CA ASP D 974 -10.67 39.42 30.19
C ASP D 974 -10.23 39.07 31.61
N ILE D 975 -10.43 40.03 32.53
CA ILE D 975 -10.03 39.85 33.93
C ILE D 975 -10.74 38.69 34.64
N ILE D 976 -12.08 38.67 34.74
CA ILE D 976 -12.73 37.58 35.50
C ILE D 976 -12.45 36.24 34.84
N SER D 977 -11.97 36.30 33.61
CA SER D 977 -11.85 35.10 32.80
C SER D 977 -10.54 34.33 33.08
N TYR D 978 -9.48 35.10 33.33
CA TYR D 978 -8.22 34.52 33.75
C TYR D 978 -8.35 34.07 35.19
N VAL D 979 -9.07 34.84 35.99
CA VAL D 979 -9.22 34.48 37.37
C VAL D 979 -9.94 33.12 37.44
N LEU D 980 -11.06 32.98 36.76
CA LEU D 980 -11.80 31.72 36.75
C LEU D 980 -10.98 30.55 36.22
N TYR D 981 -10.43 30.68 35.02
CA TYR D 981 -9.55 29.66 34.44
C TYR D 981 -8.18 30.20 34.05
N PRO D 982 -7.23 30.29 35.01
CA PRO D 982 -5.86 30.75 34.74
C PRO D 982 -5.17 30.05 33.56
N LYS D 983 -4.91 28.76 33.66
CA LYS D 983 -4.24 27.99 32.57
C LYS D 983 -4.96 28.03 31.24
N VAL D 984 -6.28 27.79 31.25
CA VAL D 984 -7.06 27.71 30.02
C VAL D 984 -7.13 29.07 29.30
N TYR D 985 -7.28 30.14 30.06
CA TYR D 985 -7.28 31.47 29.44
C TYR D 985 -5.95 31.84 28.77
N GLU D 986 -4.82 31.61 29.45
CA GLU D 986 -3.50 31.88 28.86
C GLU D 986 -3.31 31.09 27.56
N GLN D 987 -3.81 29.86 27.57
CA GLN D 987 -3.71 28.97 26.41
C GLN D 987 -4.61 29.39 25.25
N TYR D 988 -5.80 29.88 25.57
CA TYR D 988 -6.62 30.51 24.57
C TYR D 988 -5.85 31.66 23.88
N ILE D 989 -5.33 32.62 24.65
CA ILE D 989 -4.65 33.79 24.08
C ILE D 989 -3.51 33.41 23.12
N GLN D 990 -2.74 32.38 23.46
CA GLN D 990 -1.66 31.94 22.58
C GLN D 990 -2.22 31.40 21.26
N THR D 991 -3.39 30.77 21.35
CA THR D 991 -4.05 30.24 20.16
C THR D 991 -4.67 31.38 19.34
N ARG D 992 -5.33 32.31 20.02
CA ARG D 992 -5.83 33.52 19.37
C ARG D 992 -4.68 34.28 18.73
N ASN D 993 -3.51 34.21 19.33
CA ASN D 993 -2.30 34.76 18.71
C ASN D 993 -1.82 33.93 17.54
N GLN D 994 -1.93 32.60 17.65
CA GLN D 994 -1.46 31.72 16.59
C GLN D 994 -2.36 31.74 15.34
N TYR D 995 -3.67 31.55 15.53
CA TYR D 995 -4.57 31.27 14.41
C TYR D 995 -5.66 32.31 14.20
N GLY D 996 -5.62 33.38 14.98
CA GLY D 996 -6.65 34.43 14.94
C GLY D 996 -7.94 33.94 15.60
N ASN D 997 -9.09 34.34 15.01
CA ASN D 997 -10.42 34.01 15.52
C ASN D 997 -11.03 32.76 14.90
N LEU D 998 -10.64 31.59 15.43
CA LEU D 998 -11.01 30.28 14.88
C LEU D 998 -12.50 30.04 14.74
N SER D 999 -13.28 30.55 15.69
CA SER D 999 -14.73 30.31 15.76
C SER D 999 -15.41 30.64 14.44
N LEU D 1000 -14.78 31.52 13.67
CA LEU D 1000 -15.24 31.90 12.35
C LEU D 1000 -15.23 30.77 11.28
N LEU D 1001 -14.41 29.73 11.50
CA LEU D 1001 -14.34 28.57 10.60
C LEU D 1001 -15.62 27.74 10.66
N ASP D 1002 -16.01 27.11 9.58
CA ASP D 1002 -17.17 26.25 9.69
C ASP D 1002 -16.76 24.98 10.42
N THR D 1003 -17.72 24.35 11.09
CA THR D 1003 -17.44 23.18 11.94
C THR D 1003 -16.63 22.05 11.27
N PRO D 1004 -17.10 21.50 10.13
CA PRO D 1004 -16.37 20.40 9.46
C PRO D 1004 -14.92 20.68 9.09
N THR D 1005 -14.60 21.91 8.69
CA THR D 1005 -13.23 22.30 8.35
C THR D 1005 -12.41 22.44 9.63
N PHE D 1006 -13.08 22.83 10.71
CA PHE D 1006 -12.46 22.99 12.02
C PHE D 1006 -11.92 21.67 12.55
N PHE D 1007 -12.73 20.60 12.41
CA PHE D 1007 -12.35 19.26 12.87
C PHE D 1007 -11.55 18.45 11.86
N PHE D 1008 -11.58 18.83 10.59
CA PHE D 1008 -11.01 17.93 9.58
C PHE D 1008 -10.01 18.55 8.64
N GLY D 1009 -10.00 19.87 8.56
CA GLY D 1009 -9.14 20.58 7.59
C GLY D 1009 -9.76 20.44 6.22
N MET D 1010 -9.02 19.88 5.27
CA MET D 1010 -9.51 19.71 3.90
C MET D 1010 -9.01 18.43 3.23
N ARG D 1011 -9.62 18.09 2.10
CA ARG D 1011 -9.19 16.97 1.27
C ARG D 1011 -8.56 17.56 0.04
N ASN D 1012 -7.78 16.75 -0.70
CA ASN D 1012 -7.16 17.25 -1.93
C ASN D 1012 -8.20 17.71 -2.95
N GLY D 1013 -8.04 18.94 -3.44
CA GLY D 1013 -8.87 19.45 -4.52
C GLY D 1013 -10.21 19.98 -4.05
N GLU D 1014 -10.31 20.23 -2.76
CA GLU D 1014 -11.52 20.75 -2.20
C GLU D 1014 -11.44 22.27 -2.16
N THR D 1015 -12.56 22.93 -2.44
CA THR D 1015 -12.66 24.36 -2.28
C THR D 1015 -13.57 24.66 -1.10
N VAL D 1016 -13.06 25.40 -0.12
CA VAL D 1016 -13.92 25.88 0.96
C VAL D 1016 -13.91 27.42 1.03
N GLU D 1017 -14.96 27.96 1.61
CA GLU D 1017 -15.04 29.37 1.80
C GLU D 1017 -15.12 29.64 3.28
N ILE D 1018 -14.11 30.35 3.77
CA ILE D 1018 -14.03 30.69 5.19
C ILE D 1018 -14.28 32.18 5.32
N GLU D 1019 -15.32 32.54 6.09
CA GLU D 1019 -15.72 33.94 6.22
C GLU D 1019 -15.13 34.59 7.46
N ILE D 1020 -14.24 35.55 7.22
CA ILE D 1020 -13.32 36.08 8.20
C ILE D 1020 -13.86 37.35 8.80
N ASP D 1021 -14.98 37.83 8.25
CA ASP D 1021 -15.54 39.15 8.52
C ASP D 1021 -16.53 39.42 7.38
N LYS D 1022 -17.70 39.98 7.69
CA LYS D 1022 -18.72 40.25 6.67
C LYS D 1022 -18.17 41.14 5.51
N GLY D 1023 -17.94 40.51 4.38
CA GLY D 1023 -17.37 41.19 3.24
C GLY D 1023 -16.08 40.52 2.81
N LYS D 1024 -15.42 39.85 3.74
CA LYS D 1024 -14.15 39.18 3.49
C LYS D 1024 -14.24 37.66 3.65
N ARG D 1025 -14.54 36.98 2.53
CA ARG D 1025 -14.60 35.52 2.43
C ARG D 1025 -13.40 34.99 1.63
N LEU D 1026 -12.64 34.08 2.23
CA LEU D 1026 -11.43 33.55 1.62
C LEU D 1026 -11.73 32.24 0.90
N ILE D 1027 -11.76 32.30 -0.43
CA ILE D 1027 -12.00 31.13 -1.22
C ILE D 1027 -10.66 30.39 -1.36
N ILE D 1028 -10.57 29.25 -0.68
CA ILE D 1028 -9.36 28.47 -0.59
C ILE D 1028 -9.54 27.14 -1.34
N LYS D 1029 -8.47 26.66 -1.97
CA LYS D 1029 -8.47 25.36 -2.64
C LYS D 1029 -7.18 24.63 -2.28
N LEU D 1030 -7.30 23.42 -1.76
CA LEU D 1030 -6.13 22.61 -1.43
C LEU D 1030 -5.81 21.74 -2.64
N GLU D 1031 -4.73 22.08 -3.35
CA GLU D 1031 -4.41 21.43 -4.62
C GLU D 1031 -3.71 20.13 -4.34
N THR D 1032 -2.63 20.19 -3.56
CA THR D 1032 -1.87 19.02 -3.14
C THR D 1032 -1.08 19.22 -1.84
N ILE D 1033 -0.43 18.16 -1.38
CA ILE D 1033 0.42 18.19 -0.20
C ILE D 1033 1.55 17.27 -0.50
N SER D 1034 2.77 17.68 -0.18
CA SER D 1034 3.97 16.91 -0.48
C SER D 1034 4.38 15.97 0.66
N GLU D 1035 5.17 14.95 0.31
CA GLU D 1035 5.79 14.06 1.28
C GLU D 1035 6.79 14.86 2.12
N PRO D 1036 7.00 14.47 3.40
CA PRO D 1036 7.82 15.32 4.29
C PRO D 1036 9.27 15.33 3.84
N ASP D 1037 10.01 16.34 4.27
CA ASP D 1037 11.40 16.50 3.87
C ASP D 1037 12.35 16.06 4.99
N GLU D 1038 13.64 16.32 4.79
CA GLU D 1038 14.68 16.16 5.80
C GLU D 1038 14.28 16.51 7.25
N ASN D 1039 13.22 17.33 7.39
CA ASN D 1039 12.80 17.84 8.70
C ASN D 1039 11.50 17.23 9.22
N GLY D 1040 10.67 16.72 8.31
CA GLY D 1040 9.34 16.26 8.67
C GLY D 1040 8.39 17.41 8.42
N ASN D 1041 8.89 18.39 7.66
CA ASN D 1041 8.11 19.49 7.20
C ASN D 1041 7.47 19.15 5.86
N ARG D 1042 6.14 19.21 5.82
CA ARG D 1042 5.38 18.99 4.59
C ARG D 1042 4.98 20.30 3.96
N THR D 1043 4.85 20.29 2.63
CA THR D 1043 4.54 21.51 1.88
C THR D 1043 3.14 21.46 1.25
N ILE D 1044 2.29 22.38 1.70
CA ILE D 1044 0.90 22.43 1.24
C ILE D 1044 0.73 23.55 0.23
N TYR D 1045 0.39 23.16 -1.00
CA TYR D 1045 0.13 24.10 -2.07
C TYR D 1045 -1.37 24.40 -2.13
N TYR D 1046 -1.77 25.52 -1.53
CA TYR D 1046 -3.13 26.05 -1.66
C TYR D 1046 -3.25 27.00 -2.85
N ALA D 1047 -4.50 27.33 -3.17
CA ALA D 1047 -4.84 28.51 -3.95
C ALA D 1047 -5.87 29.30 -3.14
N MET D 1048 -5.57 30.56 -2.90
CA MET D 1048 -6.43 31.41 -2.11
C MET D 1048 -6.78 32.64 -2.93
N ASN D 1049 -8.07 32.76 -3.25
CA ASN D 1049 -8.58 33.88 -4.04
C ASN D 1049 -7.79 34.04 -5.33
N GLY D 1050 -7.65 32.92 -6.03
CA GLY D 1050 -6.91 32.89 -7.29
C GLY D 1050 -5.39 32.97 -7.22
N GLN D 1051 -4.85 33.30 -6.04
CA GLN D 1051 -3.40 33.32 -5.83
C GLN D 1051 -2.98 32.02 -5.14
N ALA D 1052 -1.87 31.44 -5.62
CA ALA D 1052 -1.25 30.28 -4.99
C ALA D 1052 -0.52 30.67 -3.70
N ARG D 1053 -0.52 29.78 -2.72
CA ARG D 1053 0.09 30.05 -1.42
C ARG D 1053 0.93 28.85 -0.99
N ARG D 1054 1.86 29.03 -0.06
CA ARG D 1054 2.81 27.98 0.33
C ARG D 1054 3.02 27.87 1.84
N ILE D 1055 2.61 26.74 2.39
CA ILE D 1055 2.63 26.58 3.84
C ILE D 1055 3.48 25.40 4.29
N TYR D 1056 4.27 25.62 5.33
CA TYR D 1056 5.11 24.58 5.89
C TYR D 1056 4.58 24.06 7.23
N ILE D 1057 4.21 22.78 7.23
CA ILE D 1057 3.58 22.13 8.39
C ILE D 1057 4.46 20.99 8.88
N LYS D 1058 4.94 21.14 10.12
CA LYS D 1058 5.71 20.11 10.80
C LYS D 1058 4.77 18.94 11.06
N ASP D 1059 5.10 17.77 10.52
CA ASP D 1059 4.30 16.57 10.78
C ASP D 1059 4.77 15.90 12.07
N GLU D 1060 3.87 15.85 13.06
CA GLU D 1060 4.16 15.17 14.32
C GLU D 1060 4.48 13.69 14.09
N ASN D 1061 3.62 13.01 13.33
CA ASN D 1061 3.84 11.62 12.89
C ASN D 1061 2.92 10.65 13.63
N1A COA E . 12.65 -40.84 -2.16
C2A COA E . 12.44 -39.55 -1.92
N3A COA E . 12.48 -39.05 -0.70
C4A COA E . 12.72 -39.86 0.36
C5A COA E . 12.94 -41.21 0.16
C6A COA E . 12.89 -41.69 -1.14
N6A COA E . 13.08 -42.98 -1.36
N7A COA E . 13.15 -41.78 1.33
C8A COA E . 13.07 -40.81 2.26
N9A COA E . 12.81 -39.64 1.67
C1B COA E . 12.64 -38.35 2.33
C2B COA E . 11.86 -38.49 3.65
O2B COA E . 10.67 -37.68 3.61
C3B COA E . 12.83 -37.98 4.72
O3B COA E . 12.22 -37.01 5.57
P3B COA E . 10.99 -37.37 6.56
O7A COA E . 11.36 -38.75 7.28
O8A COA E . 11.08 -36.35 7.81
O9A COA E . 9.68 -37.35 5.87
C4B COA E . 13.90 -37.28 3.87
O4B COA E . 13.97 -38.07 2.68
C5B COA E . 15.28 -37.30 4.54
O5B COA E . 15.68 -38.62 4.85
P1A COA E . 16.86 -38.82 5.90
O1A COA E . 17.72 -37.65 5.73
O2A COA E . 17.44 -40.16 5.73
O3A COA E . 16.17 -38.81 7.38
P2A COA E . 16.51 -39.95 8.52
O4A COA E . 15.73 -39.67 9.75
O5A COA E . 17.97 -40.12 8.60
O6A COA E . 15.85 -41.32 7.92
CBP COA E . 15.68 -43.48 6.94
CCP COA E . 16.54 -42.56 7.78
CDP COA E . 14.40 -43.81 7.72
CEP COA E . 16.43 -44.77 6.66
CAP COA E . 15.33 -42.76 5.59
OAP COA E . 16.43 -42.87 4.66
C9P COA E . 14.03 -43.27 4.90
O9P COA E . 12.95 -42.71 5.12
N8P COA E . 14.23 -44.33 4.10
C7P COA E . 13.25 -45.06 3.27
C6P COA E . 11.87 -45.30 3.90
C5P COA E . 11.88 -45.84 5.33
O5P COA E . 11.52 -45.10 6.24
N4P COA E . 12.27 -47.11 5.47
C3P COA E . 12.36 -47.83 6.76
C2P COA E . 10.96 -48.32 7.21
S1P COA E . 10.05 -49.34 5.98
MN MN F . 45.34 -16.07 -13.16
N1A COA G . 19.23 33.94 -18.65
C2A COA G . 18.54 32.95 -18.13
N3A COA G . 17.33 32.65 -18.56
C4A COA G . 16.75 33.35 -19.53
C5A COA G . 17.42 34.41 -20.10
C6A COA G . 18.70 34.69 -19.62
N6A COA G . 19.40 35.71 -20.13
N7A COA G . 16.63 34.96 -21.03
C8A COA G . 15.49 34.25 -21.04
N9A COA G . 15.55 33.28 -20.13
C1B COA G . 14.50 32.27 -19.83
C2B COA G . 13.05 32.82 -19.66
O2B COA G . 12.39 32.26 -18.51
C3B COA G . 12.36 32.40 -20.96
O3B COA G . 11.00 31.95 -20.78
P3B COA G . 9.87 32.87 -20.08
O7A COA G . 9.89 34.27 -20.84
O8A COA G . 8.48 32.27 -20.48
O9A COA G . 10.04 32.95 -18.61
C4B COA G . 13.21 31.22 -21.40
O4B COA G . 14.56 31.54 -21.05
C5B COA G . 13.21 31.13 -22.92
O5B COA G . 13.66 32.37 -23.50
P1A COA G . 13.24 32.68 -25.00
O1A COA G . 13.18 31.43 -25.78
O2A COA G . 14.12 33.78 -25.44
O3A COA G . 11.72 33.22 -24.95
P2A COA G . 11.13 33.82 -26.32
O4A COA G . 9.75 34.36 -26.15
O5A COA G . 11.37 32.81 -27.36
O6A COA G . 12.17 35.04 -26.59
CBP COA G . 13.36 37.19 -26.45
CCP COA G . 12.05 36.42 -26.15
CDP COA G . 13.14 38.67 -26.18
CEP COA G . 13.70 37.01 -27.93
CAP COA G . 14.53 36.58 -25.61
OAP COA G . 15.82 37.18 -25.92
C9P COA G . 14.31 36.60 -24.09
O9P COA G . 13.68 35.70 -23.56
N8P COA G . 14.94 37.58 -23.43
C7P COA G . 14.89 37.76 -21.97
C6P COA G . 13.96 38.95 -21.63
C5P COA G . 14.48 40.26 -22.24
O5P COA G . 15.53 40.77 -21.84
N4P COA G . 13.70 40.79 -23.21
C3P COA G . 14.03 42.04 -23.92
C2P COA G . 13.41 43.27 -23.21
S1P COA G . 13.42 43.22 -21.37
MN MN H . 30.31 -1.37 -39.52
N1A COA I . -17.18 -32.74 19.24
C2A COA I . -16.72 -31.85 18.37
N3A COA I . -16.80 -32.03 17.06
C4A COA I . -17.37 -33.14 16.58
C5A COA I . -17.86 -34.10 17.45
C6A COA I . -17.76 -33.88 18.82
N6A COA I . -18.22 -34.76 19.73
N7A COA I . -18.37 -35.07 16.71
C8A COA I . -18.19 -34.76 15.43
N9A COA I . -17.57 -33.59 15.35
C1B COA I . -17.21 -32.90 14.13
C2B COA I . -16.37 -33.78 13.21
O2B COA I . -15.07 -33.21 13.14
C3B COA I . -17.07 -33.67 11.86
O3B COA I . -16.18 -33.21 10.84
P3B COA I . -15.10 -34.21 10.17
O7A COA I . -15.90 -35.55 9.80
O8A COA I . -14.71 -33.63 8.72
O9A COA I . -13.90 -34.32 11.02
C4B COA I . -18.12 -32.60 12.11
O4B COA I . -18.45 -32.78 13.47
C5B COA I . -19.42 -32.89 11.37
O5B COA I . -19.94 -34.15 11.78
P1A COA I . -21.26 -34.71 11.08
O1A COA I . -22.02 -33.50 10.63
O2A COA I . -21.94 -35.71 11.94
O3A COA I . -20.63 -35.46 9.82
P2A COA I . -21.34 -36.75 9.19
O4A COA I . -20.71 -36.99 7.88
O5A COA I . -22.82 -36.62 9.27
O6A COA I . -20.86 -37.91 10.22
CBP COA I . -21.00 -39.12 12.34
CCP COA I . -21.76 -38.64 11.10
CDP COA I . -19.87 -40.00 11.85
CEP COA I . -21.93 -39.94 13.23
CAP COA I . -20.50 -37.87 13.14
OAP COA I . -21.47 -37.48 14.12
C9P COA I . -19.12 -38.08 13.82
O9P COA I . -18.09 -38.12 13.15
N8P COA I . -19.17 -38.20 15.16
C7P COA I . -17.97 -38.43 15.99
C6P COA I . -17.24 -39.71 15.51
C5P COA I . -18.12 -40.95 15.74
O5P COA I . -19.05 -40.88 16.54
N4P COA I . -17.79 -42.05 15.05
C3P COA I . -18.55 -43.32 15.18
C2P COA I . -17.71 -44.47 15.78
S1P COA I . -16.02 -44.06 16.41
MN MN J . -46.18 -2.40 13.87
C11 BTI K . -21.96 -13.21 -0.14
O11 BTI K . -21.51 -12.71 -1.16
C10 BTI K . -21.30 -14.43 0.46
C9 BTI K . -22.00 -15.70 -0.06
C8 BTI K . -22.72 -16.42 1.08
C7 BTI K . -24.24 -16.23 1.02
C2 BTI K . -24.83 -15.67 2.31
S1 BTI K . -26.01 -16.79 2.97
C6 BTI K . -26.78 -15.56 3.97
C5 BTI K . -26.67 -14.25 3.21
N3 BTI K . -27.90 -14.17 2.44
C3 BTI K . -27.64 -14.36 1.15
O3 BTI K . -28.57 -14.41 0.19
N2 BTI K . -26.35 -14.48 0.92
C4 BTI K . -25.57 -14.36 2.14
N1A COA L . -12.41 39.80 0.09
C2A COA L . -11.73 38.67 0.22
N3A COA L . -10.56 38.61 0.85
C4A COA L . -10.04 39.72 1.37
C5A COA L . -10.72 40.93 1.26
C6A COA L . -11.92 40.94 0.60
N6A COA L . -12.58 42.09 0.47
N7A COA L . -10.00 41.87 1.84
C8A COA L . -8.90 41.27 2.30
N9A COA L . -8.92 39.97 2.01
C1B COA L . -7.90 38.97 2.36
C2B COA L . -6.43 39.28 1.98
O2B COA L . -5.99 38.24 1.11
C3B COA L . -5.67 39.18 3.31
O3B COA L . -4.51 38.34 3.20
P3B COA L . -3.20 38.73 2.28
O7A COA L . -2.52 39.99 3.01
O8A COA L . -2.10 37.56 2.48
O9A COA L . -3.53 38.82 0.84
C4B COA L . -6.70 38.47 4.19
O4B COA L . -7.92 39.04 3.77
C5B COA L . -6.76 38.90 5.63
O5B COA L . -7.00 40.29 5.74
P1A COA L . -6.31 40.95 7.01
O1A COA L . -5.97 39.84 7.92
O2A COA L . -7.09 42.10 7.50
O3A COA L . -4.88 41.46 6.43
P2A COA L . -4.11 42.56 7.29
O4A COA L . -2.73 42.83 6.80
O5A COA L . -4.30 42.21 8.70
O6A COA L . -5.07 43.85 7.07
CBP COA L . -6.47 44.97 5.44
CCP COA L . -5.04 44.69 5.92
CDP COA L . -6.42 46.29 4.68
CEP COA L . -7.43 45.20 6.61
CAP COA L . -6.89 43.73 4.57
OAP COA L . -7.99 42.99 5.17
C9P COA L . -7.10 43.97 3.04
O9P COA L . -6.40 43.37 2.24
N8P COA L . -8.06 44.83 2.67
C7P COA L . -8.36 45.20 1.26
C6P COA L . -7.09 45.75 0.54
C5P COA L . -6.65 47.13 1.02
O5P COA L . -7.18 47.66 1.99
N4P COA L . -5.71 47.74 0.30
C3P COA L . -5.22 49.10 0.66
C2P COA L . -5.87 50.15 -0.25
S1P COA L . -6.29 49.43 -1.88
MN MN M . -29.60 19.76 32.97
C11 BTI N . -3.12 19.29 16.99
O11 BTI N . -3.13 18.08 16.84
C10 BTI N . -2.95 20.17 15.78
C9 BTI N . -3.45 21.59 16.05
C8 BTI N . -4.98 21.68 16.11
C7 BTI N . -5.39 22.65 17.22
C2 BTI N . -6.88 22.62 17.58
S1 BTI N . -7.44 24.23 18.02
C6 BTI N . -8.87 23.60 18.83
C5 BTI N . -8.46 22.29 19.49
N3 BTI N . -7.96 22.67 20.80
C3 BTI N . -6.68 22.38 20.92
O3 BTI N . -6.02 22.50 22.07
N2 BTI N . -6.17 21.92 19.80
C4 BTI N . -7.21 21.74 18.79
#